data_6PIJ
#
_entry.id   6PIJ
#
_cell.length_a   1.00
_cell.length_b   1.00
_cell.length_c   1.00
_cell.angle_alpha   90.00
_cell.angle_beta   90.00
_cell.angle_gamma   90.00
#
_symmetry.space_group_name_H-M   'P 1'
#
loop_
_entity.id
_entity.type
_entity.pdbx_description
1 polymer 'cas7 type I-F CRISPR-associated protein Csy3'
2 polymer 'cas5_8 naturally occurring fusion protein'
3 polymer 'type I-F CRISPR-associated endoribonuclease Cas6/Csy4'
4 polymer 'TniQ monomer I'
5 polymer 'TniQ monomer 2'
6 polymer 'guide RNA'
7 polymer 'Targeting strand ssDNA'
8 polymer 'Non-targeting strand ssDNA'
#
loop_
_entity_poly.entity_id
_entity_poly.type
_entity_poly.pdbx_seq_one_letter_code
_entity_poly.pdbx_strand_id
1 'polypeptide(L)'
;KLPTNLAYERSIDPSDVCFFVVWPDDRKTPLTYNSRTLLGQMEAKSLAYDVSGQPIKSATAEALAQGNPHQVDFCHVPYG
ASHIECSFSVSFSSELRQPYKCNSSKVKQTLVQLVELYETKIGWTELATRYLMNICNGKWLWKNTRKAYCWNIVLTPWPW
NGEKVGFEDIRTNYTSRQDFKNNKNWSAIVEMIKTAFSSTDGLAIFEVRATLHLPTNAMVRPSQVFTEKEAAAAAAAATQ
NSRVFQSTTIDGERSPILGAFKTGAAIATIDDWYPEATEPLRVGRFGVHREDVTCYRHPSTGKDFFSILQQAEHYIEVLS
ANKTPAQETINDMHFLMANLIKGGMFQHKGD
;
A,B,C,D,E,F
2 'polypeptide(L)'
;LKEIIASNPDDLTTELKRAFRPLTPHIAIDGNEIDALTILVNLTDKAKCKQKLRDEKWWASCINCVNYRQSHNPKFPDIR
SEGVIRTQALGELPSFLLSSSKIPPYHWSYSHDSKYVNKSAFLTNEFCWDGEISCLGELLKDADHPLWNTLKKLGCSQKT
CKAMAKQLADITLTTINVTLAPNYLTQISLPDSDTSYISLSPVASLSMQSHFHQRLQDENRHSAITRFSRTTNMGVTAMT
CGGAFRMLKSGAKFSSPPHHRLNNGSFLVLPNIRVCGATALSSPVTVGIPSLTAFFGFVHAFERNINRTTSSFRVESFAI
CVHQLHVEKRGLTAEFVEKGDGTISAPATRDDWQCDVVFSLILNTNFAQHIDQDTLVTSLPKRLARGSAKIAIDDFKHIN
SFSTLETAIESLPIEAGRWLSLYAQSNNNLSDLLAAMTEDHQLMASCVGYHLLEEPKDKPNSLRGYKHAIAECIIGLINS
ITFSSETDPNTIFWSLKNYQNYLVVQPRSIN
;
G
3 'polypeptide(L)'
;KWYYKTITFLPELCNNESLAAKCLRVLHGFNYQYETRNIGVSFPLWCDATVGKKISFVSKNKIELDLLLKQHYFVQMEQL
QYFHISNTVLVPEDCTYVSFRRCQSIDKLTAAGLARKIRRLEKRALSRGEAFDPSSFAQKEHTAIAHYHSLGESSKQTNR
NFRLNIRMLSEQPREGNSIFSSYGLANSENSFQPVPL
;
H
4 'polypeptide(L)'
;AMFLQRPKPYSDESLESFFIRVANKNGYGDVHRFLEATKRFLQDIDHNGYQTFPTDITRINPYSAKNSSSARTASFLKLA
QLTFNEPPELLGLAINRTNMKYSPSTSAVVRGAEVFPRSLLRTHSIPCCPLCLRENGYASYLWHFQGYEYCHSHNVPLIT
TCSGHEAACTVSNWLAGHESKPLPNLPKSYRWGLVHWWMGIKDSDHFSFVQFFSNWPRSFHSIIEDEVEFNLEHAVVSTS
ELRLKDLLGRLFFGSIRLPERNLQHNIILGELLCYLENRLWQDKGLIANLKMNALEATVMLNCSLDQIASMVEQRILKPN
RKSKDVTDYLFHFGDIFCLWLAEFQSDEFNRSFYVSRW
;
I
5 'polypeptide(L)'
;AMFLQRPKPYSDESLESFFIRVANKNGYGDVHRFLEATKRFLQDIDHNGYQTFPTDITRINPYSAKNSSSARTASFLKLA
QLTFNEPPELLGLAINRTNMKYSPSTSAVVRGAEVFPRSLLRTHSIPCCPLCLRENGYASYLWHFQGYEYCHSHNVPLIT
TCSCGKEFDYRVSEAACTVSNWLAGHESKPLPNLPKSYRWGLVHWWMGIKDDHFSFVQFFSNWPRSFHSIIEDEVEFNLE
HAVVSTSELRLKDLLGRLFFGSIRLPERNLQHNIILGELLCYLENRLWQDKGLIANLKMNALEATVMLNCSLDQIASMVE
QRILKPNAAAAAAAAADVTDYLFHFGDIFCLWLAAFQSDEFNRSFYVSR
;
J
6 'polyribonucleotide' CUGAUAACUUACAGGACGCUUUGGCUUCAUUGCUUUUCAGGUGAACUGCCGAGUAGGUAG 1
7 'polydeoxyribonucleotide'
;(DA)(DT)(DG)(DA)(DA)(DG)(DC)(DC)(DA)(DA)(DG)(DG)(DC)(DG)(DT)(DC)(DC)(DT)(DG)(DT)
(DA)(DA)(DG)(DG)(DC)(DG)(DG)
;
2
8 'polydeoxyribonucleotide' (DC)(DC)(DG)(DC)(DC)(DT)(DT)(DA)(DC) 3
#
# COMPACT_ATOMS: atom_id res chain seq x y z
N LYS A 1 38.72 25.39 64.53
CA LYS A 1 38.70 24.97 63.08
C LYS A 1 37.77 23.77 62.90
N LEU A 2 37.51 23.39 61.64
CA LEU A 2 36.63 22.27 61.22
C LEU A 2 35.26 22.44 61.90
N PRO A 3 34.40 23.37 61.42
CA PRO A 3 33.13 23.64 62.09
C PRO A 3 32.18 22.43 62.03
N THR A 4 31.15 22.43 62.88
CA THR A 4 30.21 21.29 63.10
C THR A 4 29.36 21.03 61.84
N ASN A 5 29.40 21.92 60.84
CA ASN A 5 28.77 21.70 59.51
C ASN A 5 29.54 22.48 58.43
N LEU A 6 30.47 21.82 57.74
CA LEU A 6 31.16 22.29 56.50
C LEU A 6 31.02 21.22 55.42
N ALA A 7 30.66 21.62 54.20
CA ALA A 7 30.38 20.74 53.04
C ALA A 7 30.72 21.46 51.72
N TYR A 8 30.71 20.69 50.62
CA TYR A 8 31.17 21.07 49.26
C TYR A 8 30.39 20.22 48.24
N GLU A 9 29.97 20.82 47.13
CA GLU A 9 29.43 20.09 45.95
C GLU A 9 30.60 19.78 45.01
N ARG A 10 30.64 18.56 44.46
CA ARG A 10 31.70 18.10 43.52
C ARG A 10 31.68 18.99 42.27
N SER A 11 32.86 19.26 41.71
CA SER A 11 33.09 20.10 40.50
C SER A 11 32.94 19.24 39.24
N ILE A 12 33.50 18.03 39.25
CA ILE A 12 33.44 17.05 38.12
C ILE A 12 32.17 16.20 38.30
N ASP A 13 31.26 16.26 37.31
CA ASP A 13 29.92 15.61 37.35
C ASP A 13 29.76 14.76 36.10
N PRO A 14 30.36 13.55 36.04
CA PRO A 14 30.11 12.60 34.96
C PRO A 14 28.91 11.72 35.28
N SER A 15 28.26 11.14 34.27
CA SER A 15 27.16 10.17 34.45
C SER A 15 26.98 9.30 33.20
N ASP A 16 27.58 8.10 33.23
CA ASP A 16 27.20 6.85 32.50
C ASP A 16 28.24 6.48 31.44
N VAL A 17 28.27 5.19 31.10
CA VAL A 17 28.89 4.62 29.87
C VAL A 17 27.87 3.68 29.22
N CYS A 18 26.94 4.23 28.43
CA CYS A 18 25.96 3.47 27.62
C CYS A 18 26.71 2.81 26.45
N PHE A 19 26.61 1.48 26.34
CA PHE A 19 27.24 0.65 25.29
C PHE A 19 26.29 0.49 24.11
N PHE A 20 26.82 0.49 22.90
CA PHE A 20 26.10 0.24 21.62
C PHE A 20 26.94 -0.68 20.73
N VAL A 21 26.27 -1.64 20.07
CA VAL A 21 26.86 -2.51 19.02
C VAL A 21 26.70 -1.82 17.67
N VAL A 22 27.75 -1.80 16.85
CA VAL A 22 27.72 -1.28 15.45
C VAL A 22 28.08 -2.42 14.50
N TRP A 23 27.20 -2.70 13.54
CA TRP A 23 27.32 -3.77 12.52
C TRP A 23 28.01 -3.16 11.30
N PRO A 24 28.64 -3.94 10.40
CA PRO A 24 29.43 -3.37 9.30
C PRO A 24 28.58 -2.36 8.51
N ASP A 25 27.47 -2.84 7.94
CA ASP A 25 26.17 -2.14 7.80
C ASP A 25 26.00 -1.16 8.98
N ASP A 26 26.60 0.03 8.87
CA ASP A 26 26.77 1.02 9.99
C ASP A 26 25.39 1.42 10.54
N ARG A 27 24.91 0.68 11.53
CA ARG A 27 23.71 1.01 12.36
C ARG A 27 23.99 0.57 13.80
N LYS A 28 23.53 1.35 14.79
CA LYS A 28 23.77 1.09 16.24
C LYS A 28 22.56 0.37 16.84
N THR A 29 22.80 -0.60 17.72
CA THR A 29 21.78 -1.23 18.60
C THR A 29 22.29 -1.24 20.04
N PRO A 30 21.41 -1.14 21.06
CA PRO A 30 21.79 -1.39 22.45
C PRO A 30 22.40 -2.78 22.64
N LEU A 31 23.53 -2.87 23.35
CA LEU A 31 24.17 -4.16 23.74
C LEU A 31 23.30 -4.81 24.82
N THR A 32 22.93 -6.08 24.62
CA THR A 32 22.05 -6.87 25.52
C THR A 32 22.86 -7.96 26.23
N TYR A 33 22.39 -8.39 27.40
CA TYR A 33 22.96 -9.51 28.21
C TYR A 33 21.84 -10.48 28.59
N ASN A 34 22.22 -11.72 28.92
CA ASN A 34 21.31 -12.80 29.34
C ASN A 34 21.80 -13.39 30.67
N SER A 35 20.87 -13.76 31.55
CA SER A 35 21.11 -14.56 32.77
C SER A 35 21.43 -16.00 32.36
N ARG A 36 22.59 -16.50 32.77
CA ARG A 36 23.16 -17.81 32.36
C ARG A 36 23.49 -18.60 33.63
N THR A 37 22.86 -19.77 33.81
CA THR A 37 23.17 -20.73 34.91
C THR A 37 24.28 -21.66 34.42
N LEU A 38 25.29 -21.87 35.27
CA LEU A 38 26.53 -22.62 34.95
C LEU A 38 26.89 -23.53 36.13
N LEU A 39 27.61 -24.61 35.83
CA LEU A 39 27.94 -25.70 36.79
C LEU A 39 29.45 -25.67 37.10
N GLY A 40 29.82 -24.99 38.19
CA GLY A 40 31.19 -25.02 38.75
C GLY A 40 31.43 -26.30 39.54
N GLN A 41 32.59 -26.39 40.20
CA GLN A 41 32.97 -27.50 41.11
C GLN A 41 33.26 -26.91 42.50
N MET A 42 33.16 -27.74 43.54
CA MET A 42 33.25 -27.32 44.97
C MET A 42 34.71 -26.94 45.27
N GLU A 43 35.02 -25.64 45.23
CA GLU A 43 36.41 -25.11 45.19
C GLU A 43 36.75 -24.23 46.39
N ALA A 44 35.76 -23.79 47.19
CA ALA A 44 35.96 -22.95 48.39
C ALA A 44 36.74 -23.76 49.45
N LYS A 45 37.68 -23.11 50.14
CA LYS A 45 38.52 -23.71 51.21
C LYS A 45 37.64 -24.13 52.39
N SER A 46 36.54 -23.40 52.63
CA SER A 46 35.56 -23.63 53.73
C SER A 46 34.91 -25.02 53.63
N LEU A 47 34.72 -25.54 52.40
CA LEU A 47 33.96 -26.79 52.15
C LEU A 47 34.80 -28.03 52.49
N ALA A 48 36.13 -27.91 52.58
CA ALA A 48 37.08 -29.03 52.87
C ALA A 48 38.00 -28.72 54.06
N TYR A 49 37.73 -27.65 54.83
CA TYR A 49 38.51 -27.23 56.03
C TYR A 49 37.56 -26.46 56.97
N ASP A 50 37.47 -26.87 58.25
CA ASP A 50 36.66 -26.18 59.28
C ASP A 50 37.52 -25.07 59.90
N VAL A 51 38.18 -25.31 61.04
CA VAL A 51 39.17 -24.40 61.68
C VAL A 51 40.27 -25.25 62.31
N SER A 52 41.56 -25.04 61.96
CA SER A 52 42.02 -24.34 60.78
C SER A 52 42.43 -25.37 59.70
N GLY A 53 42.33 -26.67 60.02
CA GLY A 53 42.69 -27.80 59.14
C GLY A 53 41.49 -28.66 58.81
N GLN A 54 41.70 -29.98 58.71
CA GLN A 54 40.77 -30.95 58.06
C GLN A 54 39.53 -31.13 58.91
N PRO A 55 38.33 -31.31 58.30
CA PRO A 55 37.15 -31.83 59.01
C PRO A 55 37.16 -33.37 59.01
N ILE A 56 36.33 -33.98 59.86
CA ILE A 56 35.98 -35.43 59.78
C ILE A 56 35.16 -35.60 58.48
N LYS A 57 35.41 -36.67 57.73
CA LYS A 57 35.03 -36.83 56.30
C LYS A 57 33.50 -36.75 56.14
N SER A 58 32.95 -35.54 56.26
CA SER A 58 31.63 -35.11 55.71
C SER A 58 31.86 -34.56 54.30
N ALA A 59 33.00 -33.87 54.10
CA ALA A 59 33.54 -33.45 52.79
C ALA A 59 34.47 -34.54 52.25
N THR A 60 33.92 -35.73 52.00
CA THR A 60 34.63 -36.91 51.43
C THR A 60 35.00 -36.63 49.97
N ALA A 61 35.83 -37.49 49.38
CA ALA A 61 36.40 -37.36 48.02
C ALA A 61 35.29 -37.34 46.96
N GLU A 62 34.14 -37.97 47.24
CA GLU A 62 32.93 -37.96 46.37
C GLU A 62 32.15 -36.66 46.57
N ALA A 63 31.97 -36.21 47.82
CA ALA A 63 31.16 -35.03 48.21
C ALA A 63 31.80 -33.73 47.69
N LEU A 64 33.13 -33.72 47.52
CA LEU A 64 33.89 -32.56 46.97
C LEU A 64 33.83 -32.54 45.43
N ALA A 65 33.26 -33.57 44.79
CA ALA A 65 33.21 -33.74 43.32
C ALA A 65 31.78 -33.56 42.78
N GLN A 66 30.80 -33.23 43.63
CA GLN A 66 29.41 -32.89 43.20
C GLN A 66 29.43 -31.47 42.61
N GLY A 67 29.06 -31.31 41.34
CA GLY A 67 29.07 -30.02 40.63
C GLY A 67 28.06 -29.05 41.23
N ASN A 68 28.53 -27.89 41.72
CA ASN A 68 27.66 -26.86 42.34
C ASN A 68 27.20 -25.89 41.24
N PRO A 69 25.88 -25.84 40.94
CA PRO A 69 25.35 -24.88 39.96
C PRO A 69 25.16 -23.49 40.56
N HIS A 70 25.54 -22.45 39.78
CA HIS A 70 25.29 -21.02 40.10
C HIS A 70 24.69 -20.33 38.87
N GLN A 71 24.34 -19.05 39.01
CA GLN A 71 23.73 -18.23 37.93
C GLN A 71 24.45 -16.87 37.88
N VAL A 72 24.84 -16.44 36.69
CA VAL A 72 25.55 -15.15 36.44
C VAL A 72 24.91 -14.43 35.24
N ASP A 73 24.91 -13.10 35.26
CA ASP A 73 24.58 -12.26 34.07
C ASP A 73 25.78 -12.32 33.10
N PHE A 74 25.54 -12.68 31.84
CA PHE A 74 26.60 -12.83 30.80
C PHE A 74 26.34 -11.82 29.67
N CYS A 75 27.29 -10.90 29.48
CA CYS A 75 27.32 -9.90 28.37
C CYS A 75 28.58 -10.14 27.52
N HIS A 76 28.43 -10.18 26.20
CA HIS A 76 29.53 -10.35 25.21
C HIS A 76 29.16 -9.64 23.91
N VAL A 77 30.13 -9.46 23.00
CA VAL A 77 29.92 -8.83 21.67
C VAL A 77 29.19 -9.85 20.79
N PRO A 78 28.04 -9.50 20.18
CA PRO A 78 27.34 -10.43 19.28
C PRO A 78 28.17 -10.73 18.02
N TYR A 79 27.99 -11.91 17.44
CA TYR A 79 28.76 -12.39 16.25
C TYR A 79 28.38 -11.54 15.04
N GLY A 80 29.40 -11.11 14.27
CA GLY A 80 29.24 -10.33 13.03
C GLY A 80 29.20 -8.83 13.27
N ALA A 81 29.42 -8.38 14.51
CA ALA A 81 29.48 -6.95 14.89
C ALA A 81 30.88 -6.40 14.59
N SER A 82 30.98 -5.11 14.22
CA SER A 82 32.23 -4.42 13.85
C SER A 82 33.00 -4.03 15.11
N HIS A 83 32.36 -3.30 16.03
CA HIS A 83 32.96 -2.81 17.30
C HIS A 83 31.88 -2.34 18.29
N ILE A 84 32.30 -1.95 19.50
CA ILE A 84 31.44 -1.38 20.57
C ILE A 84 31.66 0.13 20.61
N GLU A 85 30.57 0.91 20.54
CA GLU A 85 30.54 2.38 20.74
C GLU A 85 30.06 2.67 22.16
N CYS A 86 30.93 3.25 22.99
CA CYS A 86 30.67 3.60 24.42
C CYS A 86 30.45 5.11 24.54
N SER A 87 29.22 5.53 24.87
CA SER A 87 28.80 6.96 24.99
C SER A 87 28.81 7.38 26.47
N PHE A 88 29.29 8.58 26.77
CA PHE A 88 29.63 9.08 28.13
C PHE A 88 29.73 10.61 28.10
N SER A 89 29.29 11.29 29.16
CA SER A 89 29.26 12.77 29.26
C SER A 89 29.89 13.24 30.58
N VAL A 90 30.64 14.35 30.54
CA VAL A 90 31.21 15.06 31.73
C VAL A 90 30.83 16.55 31.64
N SER A 91 30.67 17.20 32.79
CA SER A 91 30.50 18.66 32.94
C SER A 91 31.34 19.16 34.13
N PHE A 92 32.47 19.84 33.85
CA PHE A 92 33.35 20.49 34.85
C PHE A 92 32.80 21.89 35.17
N SER A 93 32.77 22.26 36.45
CA SER A 93 32.32 23.58 36.96
C SER A 93 33.17 24.02 38.16
N SER A 94 32.81 25.15 38.78
CA SER A 94 33.54 25.80 39.91
C SER A 94 32.62 25.89 41.13
N GLU A 95 32.40 24.76 41.81
CA GLU A 95 31.71 24.68 43.13
C GLU A 95 32.75 24.75 44.26
N LEU A 96 34.02 24.43 43.97
CA LEU A 96 35.16 24.50 44.94
C LEU A 96 35.43 25.94 45.39
N ARG A 97 34.91 26.94 44.67
CA ARG A 97 35.11 28.39 44.98
C ARG A 97 34.36 28.79 46.27
N GLN A 98 33.29 28.07 46.65
CA GLN A 98 32.46 28.40 47.84
C GLN A 98 32.09 27.11 48.59
N PRO A 99 32.24 27.06 49.93
CA PRO A 99 31.63 26.00 50.74
C PRO A 99 30.10 25.95 50.58
N TYR A 100 29.55 24.74 50.42
CA TYR A 100 28.10 24.45 50.32
C TYR A 100 27.40 24.82 51.64
N LYS A 101 28.09 24.69 52.78
CA LYS A 101 27.55 24.90 54.15
C LYS A 101 28.22 26.11 54.82
N CYS A 102 27.88 26.38 56.08
CA CYS A 102 28.07 27.67 56.81
C CYS A 102 28.81 27.43 58.15
N ASN A 103 28.55 28.28 59.15
CA ASN A 103 28.84 28.06 60.60
C ASN A 103 30.28 28.49 60.96
N SER A 104 31.06 29.03 60.02
CA SER A 104 32.42 29.56 60.28
C SER A 104 32.84 30.54 59.18
N SER A 105 32.55 31.84 59.39
CA SER A 105 32.97 32.98 58.52
C SER A 105 34.49 32.96 58.34
N LYS A 106 35.23 32.65 59.41
CA LYS A 106 36.72 32.55 59.42
C LYS A 106 37.17 31.47 58.42
N VAL A 107 36.73 30.22 58.64
CA VAL A 107 37.11 29.04 57.80
C VAL A 107 36.61 29.28 56.36
N LYS A 108 35.40 29.82 56.20
CA LYS A 108 34.78 30.15 54.89
C LYS A 108 35.69 31.12 54.11
N GLN A 109 36.10 32.23 54.73
CA GLN A 109 36.97 33.26 54.10
C GLN A 109 38.40 32.70 53.93
N THR A 110 38.84 31.82 54.83
CA THR A 110 40.16 31.13 54.74
C THR A 110 40.20 30.23 53.49
N LEU A 111 39.17 29.39 53.30
CA LEU A 111 39.12 28.39 52.19
C LEU A 111 39.00 29.12 50.84
N VAL A 112 38.13 30.12 50.71
CA VAL A 112 37.96 30.91 49.45
C VAL A 112 39.27 31.68 49.16
N GLN A 113 39.93 32.22 50.19
CA GLN A 113 41.25 32.88 50.06
C GLN A 113 42.28 31.86 49.55
N LEU A 114 42.33 30.67 50.16
CA LEU A 114 43.30 29.60 49.80
C LEU A 114 43.11 29.17 48.33
N VAL A 115 41.86 28.96 47.90
CA VAL A 115 41.51 28.59 46.49
C VAL A 115 42.05 29.67 45.55
N GLU A 116 41.78 30.94 45.84
CA GLU A 116 42.20 32.11 45.04
C GLU A 116 43.74 32.21 45.00
N LEU A 117 44.41 32.06 46.15
CA LEU A 117 45.90 32.16 46.24
C LEU A 117 46.54 30.97 45.51
N TYR A 118 46.03 29.75 45.71
CA TYR A 118 46.47 28.52 44.99
C TYR A 118 46.37 28.78 43.48
N GLU A 119 45.17 29.13 43.00
CA GLU A 119 44.86 29.44 41.58
C GLU A 119 45.93 30.36 41.00
N THR A 120 46.20 31.48 41.66
CA THR A 120 47.14 32.54 41.20
C THR A 120 48.59 32.05 41.27
N LYS A 121 49.00 31.39 42.36
CA LYS A 121 50.42 31.04 42.61
C LYS A 121 50.83 29.84 41.75
N ILE A 122 50.02 28.78 41.73
CA ILE A 122 50.24 27.58 40.87
C ILE A 122 48.93 27.23 40.16
N GLY A 123 48.90 27.35 38.83
CA GLY A 123 47.69 27.29 37.99
C GLY A 123 47.01 25.93 38.03
N TRP A 124 45.84 25.83 37.38
CA TRP A 124 44.97 24.62 37.33
C TRP A 124 45.55 23.55 36.39
N THR A 125 46.58 23.90 35.60
CA THR A 125 47.22 23.05 34.56
C THR A 125 47.43 21.62 35.07
N GLU A 126 48.03 21.45 36.27
CA GLU A 126 48.43 20.13 36.83
C GLU A 126 47.19 19.24 37.02
N LEU A 127 46.20 19.71 37.79
CA LEU A 127 44.95 18.96 38.08
C LEU A 127 44.13 18.78 36.80
N ALA A 128 44.03 19.82 35.97
CA ALA A 128 43.29 19.80 34.68
C ALA A 128 43.85 18.69 33.77
N THR A 129 45.18 18.72 33.53
CA THR A 129 45.91 17.71 32.72
C THR A 129 45.70 16.31 33.30
N ARG A 130 45.79 16.17 34.62
CA ARG A 130 45.61 14.88 35.34
C ARG A 130 44.17 14.36 35.14
N TYR A 131 43.16 15.22 35.26
CA TYR A 131 41.73 14.85 35.09
C TYR A 131 41.39 14.61 33.61
N LEU A 132 42.07 15.27 32.67
CA LEU A 132 41.76 15.13 31.21
C LEU A 132 42.57 13.98 30.59
N MET A 133 43.74 13.64 31.16
CA MET A 133 44.62 12.53 30.68
C MET A 133 43.86 11.19 30.76
N ASN A 134 43.10 10.97 31.84
CA ASN A 134 42.38 9.70 32.10
C ASN A 134 41.00 9.70 31.43
N ILE A 135 40.48 10.86 31.01
CA ILE A 135 39.22 10.97 30.21
C ILE A 135 39.50 10.66 28.74
N CYS A 136 40.72 10.91 28.25
CA CYS A 136 41.10 10.79 26.82
C CYS A 136 41.95 9.54 26.56
N ASN A 137 42.16 8.66 27.56
CA ASN A 137 42.98 7.42 27.44
C ASN A 137 42.16 6.17 27.77
N GLY A 138 40.84 6.29 27.97
CA GLY A 138 39.91 5.16 28.21
C GLY A 138 40.11 4.49 29.57
N LYS A 139 40.48 5.26 30.59
CA LYS A 139 40.55 4.82 32.02
C LYS A 139 39.14 4.47 32.52
N TRP A 140 38.13 5.15 31.98
CA TRP A 140 36.69 5.11 32.39
C TRP A 140 35.98 3.88 31.83
N LEU A 141 36.62 3.12 30.92
CA LEU A 141 36.13 1.81 30.41
C LEU A 141 36.50 0.70 31.41
N TRP A 142 37.48 0.96 32.28
CA TRP A 142 37.83 0.19 33.50
C TRP A 142 38.61 -1.08 33.14
N LYS A 143 37.97 -2.07 32.54
CA LYS A 143 38.59 -3.37 32.17
C LYS A 143 38.34 -3.75 30.70
N ASN A 144 37.49 -3.01 29.97
CA ASN A 144 37.05 -3.35 28.60
C ASN A 144 38.18 -3.06 27.61
N THR A 145 39.13 -2.19 27.97
CA THR A 145 40.33 -1.84 27.16
C THR A 145 41.32 -3.01 27.17
N ARG A 146 41.43 -3.72 28.31
CA ARG A 146 42.31 -4.91 28.47
C ARG A 146 41.77 -6.04 27.58
N LYS A 147 42.66 -6.69 26.82
CA LYS A 147 42.34 -7.79 25.86
C LYS A 147 41.51 -7.26 24.68
N ALA A 148 41.61 -5.95 24.38
CA ALA A 148 41.03 -5.29 23.18
C ALA A 148 42.16 -5.04 22.18
N TYR A 149 41.85 -5.00 20.89
CA TYR A 149 42.83 -4.74 19.80
C TYR A 149 43.19 -3.25 19.79
N CYS A 150 42.16 -2.40 19.70
CA CYS A 150 42.28 -0.93 19.50
C CYS A 150 41.03 -0.23 20.09
N TRP A 151 41.22 0.98 20.63
CA TRP A 151 40.10 1.89 21.02
C TRP A 151 40.47 3.35 20.75
N ASN A 152 39.50 4.11 20.24
CA ASN A 152 39.63 5.52 19.82
C ASN A 152 38.62 6.38 20.58
N ILE A 153 39.09 7.46 21.21
CA ILE A 153 38.26 8.46 21.93
C ILE A 153 37.95 9.61 20.96
N VAL A 154 36.71 10.11 20.98
CA VAL A 154 36.26 11.35 20.30
C VAL A 154 35.40 12.12 21.29
N LEU A 155 35.82 13.32 21.69
CA LEU A 155 35.07 14.16 22.67
C LEU A 155 34.63 15.46 21.98
N THR A 156 33.35 15.79 22.15
CA THR A 156 32.69 17.04 21.66
C THR A 156 32.69 18.06 22.80
N PRO A 157 33.60 19.06 22.81
CA PRO A 157 33.64 20.05 23.89
C PRO A 157 32.49 21.07 23.81
N TRP A 158 32.30 21.85 24.89
CA TRP A 158 31.34 22.98 24.94
C TRP A 158 31.70 23.91 26.09
N PRO A 159 31.77 25.26 25.90
CA PRO A 159 31.51 25.92 24.63
C PRO A 159 32.76 25.90 23.73
N TRP A 160 32.58 25.69 22.43
CA TRP A 160 33.67 25.31 21.49
C TRP A 160 33.24 25.54 20.04
N ASN A 161 34.12 26.15 19.24
CA ASN A 161 33.98 26.34 17.77
C ASN A 161 35.14 25.61 17.08
N GLY A 162 34.82 24.64 16.21
CA GLY A 162 35.81 23.83 15.47
C GLY A 162 35.27 22.45 15.14
N GLU A 163 36.06 21.40 15.42
CA GLU A 163 35.73 19.97 15.14
C GLU A 163 35.93 19.15 16.42
N LYS A 164 35.29 17.98 16.48
CA LYS A 164 35.39 17.02 17.62
C LYS A 164 36.85 16.55 17.73
N VAL A 165 37.49 16.81 18.87
CA VAL A 165 38.94 16.45 19.09
C VAL A 165 39.00 14.93 19.31
N GLY A 166 39.88 14.25 18.57
CA GLY A 166 39.94 12.77 18.47
C GLY A 166 41.31 12.25 18.85
N PHE A 167 41.35 11.09 19.54
CA PHE A 167 42.55 10.34 19.97
C PHE A 167 42.51 8.94 19.36
N GLU A 168 43.46 8.62 18.47
CA GLU A 168 43.58 7.33 17.75
C GLU A 168 44.16 6.26 18.69
N ASP A 169 44.39 5.03 18.17
CA ASP A 169 44.90 3.84 18.90
C ASP A 169 45.77 4.26 20.09
N ILE A 170 45.23 4.15 21.31
CA ILE A 170 45.78 4.75 22.56
C ILE A 170 46.86 3.84 23.16
N ARG A 171 46.71 2.52 23.04
CA ARG A 171 47.71 1.50 23.50
C ARG A 171 49.12 1.89 23.02
N THR A 172 49.25 2.39 21.78
CA THR A 172 50.53 2.66 21.08
C THR A 172 50.82 4.16 21.02
N ASN A 173 49.90 4.96 20.45
CA ASN A 173 50.13 6.39 20.08
C ASN A 173 50.26 7.23 21.36
N TYR A 174 49.26 7.17 22.25
CA TYR A 174 49.13 8.04 23.45
C TYR A 174 49.39 7.21 24.72
N THR A 175 50.67 7.10 25.11
CA THR A 175 51.15 6.34 26.29
C THR A 175 51.52 7.30 27.43
N SER A 176 52.42 8.24 27.16
CA SER A 176 53.01 9.19 28.15
C SER A 176 52.27 10.53 28.12
N ARG A 177 52.50 11.35 29.16
CA ARG A 177 51.95 12.72 29.35
C ARG A 177 52.33 13.62 28.14
N GLN A 178 53.51 13.41 27.57
CA GLN A 178 54.05 14.15 26.39
C GLN A 178 53.19 13.85 25.14
N ASP A 179 52.88 12.57 24.89
CA ASP A 179 52.15 12.09 23.67
C ASP A 179 50.77 12.75 23.57
N PHE A 180 50.10 12.97 24.71
CA PHE A 180 48.81 13.70 24.81
C PHE A 180 49.01 15.21 24.59
N LYS A 181 50.22 15.72 24.83
CA LYS A 181 50.52 17.18 24.91
C LYS A 181 50.81 17.76 23.50
N ASN A 182 51.19 16.92 22.53
CA ASN A 182 51.70 17.35 21.19
C ASN A 182 50.71 16.94 20.09
N ASN A 183 49.40 17.13 20.33
CA ASN A 183 48.35 17.23 19.28
C ASN A 183 47.65 18.59 19.46
N LYS A 184 47.18 19.17 18.36
CA LYS A 184 46.96 20.64 18.19
C LYS A 184 45.79 21.17 19.03
N ASN A 185 44.98 20.32 19.69
CA ASN A 185 43.77 20.73 20.45
C ASN A 185 43.96 20.61 21.97
N TRP A 186 45.02 19.92 22.45
CA TRP A 186 45.26 19.65 23.89
C TRP A 186 45.21 20.95 24.71
N SER A 187 45.89 22.00 24.24
CA SER A 187 45.98 23.35 24.89
C SER A 187 44.58 23.89 25.17
N ALA A 188 43.74 23.97 24.13
CA ALA A 188 42.39 24.58 24.14
C ALA A 188 41.48 23.91 25.17
N ILE A 189 41.48 22.57 25.24
CA ILE A 189 40.59 21.76 26.14
C ILE A 189 41.10 21.83 27.59
N VAL A 190 42.43 21.88 27.80
CA VAL A 190 43.02 22.11 29.15
C VAL A 190 42.66 23.53 29.59
N GLU A 191 42.71 24.51 28.67
CA GLU A 191 42.42 25.94 28.95
C GLU A 191 40.94 26.14 29.32
N MET A 192 40.00 25.45 28.67
CA MET A 192 38.54 25.59 28.95
C MET A 192 38.19 24.91 30.29
N ILE A 193 38.97 23.91 30.73
CA ILE A 193 38.87 23.33 32.11
C ILE A 193 39.40 24.38 33.11
N LYS A 194 40.55 24.99 32.83
CA LYS A 194 41.17 26.05 33.68
C LYS A 194 40.21 27.23 33.81
N THR A 195 39.58 27.64 32.70
CA THR A 195 38.49 28.65 32.64
C THR A 195 37.35 28.23 33.59
N ALA A 196 36.87 26.99 33.45
CA ALA A 196 35.73 26.42 34.23
C ALA A 196 36.02 26.51 35.73
N PHE A 197 37.24 26.15 36.16
CA PHE A 197 37.66 26.15 37.59
C PHE A 197 37.92 27.58 38.07
N SER A 198 38.63 28.40 37.27
CA SER A 198 39.07 29.78 37.65
C SER A 198 37.86 30.73 37.71
N SER A 199 36.97 30.69 36.71
CA SER A 199 35.80 31.60 36.58
C SER A 199 34.69 31.19 37.55
N THR A 200 33.87 32.15 37.98
CA THR A 200 32.58 31.95 38.69
C THR A 200 31.49 31.68 37.65
N ASP A 201 30.56 30.77 37.96
CA ASP A 201 29.53 30.25 37.02
C ASP A 201 30.24 29.66 35.80
N GLY A 202 31.34 28.93 36.03
CA GLY A 202 32.12 28.24 34.98
C GLY A 202 31.48 26.92 34.60
N LEU A 203 31.58 26.55 33.31
CA LEU A 203 31.00 25.30 32.76
C LEU A 203 31.83 24.85 31.55
N ALA A 204 32.37 23.63 31.60
CA ALA A 204 33.07 22.95 30.49
C ALA A 204 32.48 21.55 30.32
N ILE A 205 31.61 21.38 29.31
CA ILE A 205 30.93 20.08 28.99
C ILE A 205 31.78 19.33 27.95
N PHE A 206 32.00 18.04 28.20
CA PHE A 206 32.67 17.08 27.27
C PHE A 206 31.74 15.88 27.05
N GLU A 207 31.19 15.77 25.83
CA GLU A 207 30.46 14.55 25.37
C GLU A 207 31.46 13.63 24.68
N VAL A 208 31.90 12.59 25.41
CA VAL A 208 32.95 11.61 25.02
C VAL A 208 32.27 10.40 24.38
N ARG A 209 32.91 9.81 23.37
CA ARG A 209 32.43 8.59 22.67
C ARG A 209 33.63 7.74 22.28
N ALA A 210 33.72 6.51 22.82
CA ALA A 210 34.86 5.58 22.61
C ALA A 210 34.46 4.47 21.64
N THR A 211 35.16 4.35 20.52
CA THR A 211 35.13 3.16 19.62
C THR A 211 36.08 2.11 20.22
N LEU A 212 35.61 0.88 20.42
CA LEU A 212 36.36 -0.21 21.10
C LEU A 212 36.26 -1.50 20.27
N HIS A 213 37.39 -1.91 19.64
CA HIS A 213 37.49 -3.11 18.77
C HIS A 213 37.98 -4.31 19.61
N LEU A 214 37.06 -5.22 19.94
CA LEU A 214 37.33 -6.44 20.75
C LEU A 214 37.42 -7.64 19.81
N PRO A 215 38.08 -8.76 20.22
CA PRO A 215 38.09 -9.98 19.42
C PRO A 215 36.70 -10.65 19.30
N THR A 216 36.64 -11.78 18.58
CA THR A 216 35.39 -12.52 18.23
C THR A 216 34.73 -13.04 19.52
N ASN A 217 33.42 -12.74 19.69
CA ASN A 217 32.58 -13.17 20.84
C ASN A 217 33.18 -12.69 22.17
N ALA A 218 33.95 -11.59 22.16
CA ALA A 218 34.70 -11.07 23.33
C ALA A 218 33.71 -10.64 24.42
N MET A 219 34.08 -10.85 25.69
CA MET A 219 33.21 -10.63 26.87
C MET A 219 33.29 -9.16 27.28
N VAL A 220 32.14 -8.55 27.59
CA VAL A 220 32.00 -7.15 28.08
C VAL A 220 31.87 -7.19 29.61
N ARG A 221 32.53 -6.25 30.31
CA ARG A 221 32.61 -6.16 31.79
C ARG A 221 31.98 -4.84 32.25
N PRO A 222 30.63 -4.77 32.38
CA PRO A 222 30.00 -3.60 32.98
C PRO A 222 30.07 -3.64 34.52
N SER A 223 29.46 -2.64 35.17
CA SER A 223 29.42 -2.48 36.65
C SER A 223 28.34 -3.41 37.21
N GLN A 224 28.43 -3.75 38.50
CA GLN A 224 27.55 -4.72 39.19
C GLN A 224 26.83 -4.04 40.36
N VAL A 225 25.67 -4.56 40.72
CA VAL A 225 24.79 -4.04 41.82
C VAL A 225 25.35 -4.50 43.16
N PHE A 226 24.93 -3.86 44.26
CA PHE A 226 25.33 -4.19 45.65
C PHE A 226 24.36 -5.23 46.22
N THR A 227 23.09 -4.86 46.38
CA THR A 227 21.95 -5.73 46.81
C THR A 227 22.32 -6.53 48.07
N GLU A 228 22.27 -5.88 49.24
CA GLU A 228 22.18 -6.54 50.58
C GLU A 228 21.02 -7.54 50.51
N LYS A 229 21.31 -8.84 50.66
CA LYS A 229 20.32 -9.93 50.39
C LYS A 229 20.50 -11.08 51.40
N GLU A 230 19.39 -11.47 52.03
CA GLU A 230 19.26 -12.69 52.90
C GLU A 230 17.80 -12.81 53.37
N ALA A 231 17.21 -13.99 53.20
CA ALA A 231 15.88 -14.40 53.73
C ALA A 231 16.05 -15.61 54.65
N ALA A 232 16.63 -16.69 54.11
CA ALA A 232 17.02 -17.94 54.81
C ALA A 232 17.91 -18.76 53.87
N ALA A 233 18.09 -20.05 54.16
CA ALA A 233 18.97 -20.92 53.34
C ALA A 233 18.13 -21.96 52.58
N ALA A 234 17.30 -22.73 53.30
CA ALA A 234 16.47 -23.76 52.63
C ALA A 234 15.01 -23.31 52.58
N ALA A 235 14.47 -23.17 51.36
CA ALA A 235 15.25 -22.54 50.26
C ALA A 235 14.47 -21.34 49.70
N ALA A 236 15.04 -20.13 49.79
CA ALA A 236 14.38 -18.93 49.24
C ALA A 236 14.26 -19.09 47.72
N ALA A 237 15.35 -19.56 47.10
CA ALA A 237 15.47 -19.79 45.64
C ALA A 237 16.80 -20.49 45.35
N ALA A 238 16.75 -21.72 44.84
CA ALA A 238 17.98 -22.49 44.50
C ALA A 238 18.94 -21.62 43.67
N THR A 239 18.42 -20.64 42.92
CA THR A 239 19.16 -19.85 41.90
C THR A 239 20.10 -18.85 42.59
N GLN A 240 19.53 -17.85 43.29
CA GLN A 240 20.22 -16.66 43.90
C GLN A 240 21.32 -16.16 42.96
N ASN A 241 20.94 -15.34 41.98
CA ASN A 241 21.81 -14.84 40.86
C ASN A 241 23.02 -14.10 41.42
N SER A 242 24.22 -14.66 41.21
CA SER A 242 25.54 -13.98 41.45
C SER A 242 25.87 -13.12 40.24
N ARG A 243 26.64 -12.05 40.42
CA ARG A 243 27.06 -11.11 39.34
C ARG A 243 25.82 -10.63 38.58
N VAL A 244 24.99 -9.80 39.24
CA VAL A 244 23.87 -9.04 38.62
C VAL A 244 24.45 -7.71 38.13
N PHE A 245 24.11 -7.30 36.90
CA PHE A 245 24.61 -6.06 36.24
C PHE A 245 23.68 -4.88 36.53
N GLN A 246 24.26 -3.68 36.67
CA GLN A 246 23.53 -2.38 36.65
C GLN A 246 23.14 -2.11 35.19
N SER A 247 21.84 -1.88 34.93
CA SER A 247 21.28 -1.75 33.56
C SER A 247 20.33 -0.55 33.47
N THR A 248 20.10 -0.07 32.24
CA THR A 248 19.04 0.91 31.87
C THR A 248 18.38 0.45 30.56
N THR A 249 17.14 0.89 30.32
CA THR A 249 16.35 0.58 29.10
C THR A 249 16.64 1.63 28.02
N ILE A 250 17.39 1.25 26.98
CA ILE A 250 17.68 2.10 25.78
C ILE A 250 16.87 1.52 24.60
N ASP A 251 16.09 2.38 23.92
CA ASP A 251 15.24 2.03 22.75
C ASP A 251 14.26 0.90 23.13
N GLY A 252 13.81 0.86 24.40
CA GLY A 252 12.82 -0.10 24.90
C GLY A 252 13.40 -1.44 25.35
N GLU A 253 14.72 -1.64 25.23
CA GLU A 253 15.41 -2.91 25.65
C GLU A 253 16.52 -2.59 26.64
N ARG A 254 16.74 -3.49 27.61
CA ARG A 254 17.70 -3.29 28.73
C ARG A 254 19.13 -3.45 28.21
N SER A 255 20.07 -2.71 28.80
CA SER A 255 21.52 -2.71 28.45
C SER A 255 22.35 -2.41 29.69
N PRO A 256 23.57 -3.00 29.83
CA PRO A 256 24.46 -2.67 30.93
C PRO A 256 25.05 -1.27 30.75
N ILE A 257 25.39 -0.59 31.86
CA ILE A 257 25.63 0.89 31.87
C ILE A 257 27.01 1.28 32.42
N LEU A 258 27.77 0.36 33.05
CA LEU A 258 29.11 0.63 33.64
C LEU A 258 29.05 1.86 34.56
N GLY A 259 28.08 1.87 35.48
CA GLY A 259 27.97 2.81 36.62
C GLY A 259 27.82 4.25 36.20
N ALA A 260 27.79 5.15 37.20
CA ALA A 260 27.91 6.63 37.06
C ALA A 260 28.97 7.15 38.05
N PHE A 261 28.90 6.69 39.31
CA PHE A 261 29.92 6.93 40.37
C PHE A 261 31.22 6.21 40.02
N LYS A 262 31.13 5.01 39.42
CA LYS A 262 32.29 4.21 38.97
C LYS A 262 33.09 5.03 37.94
N THR A 263 32.42 5.59 36.94
CA THR A 263 33.00 6.50 35.91
C THR A 263 33.71 7.68 36.61
N GLY A 264 33.01 8.34 37.54
CA GLY A 264 33.53 9.44 38.37
C GLY A 264 34.78 9.05 39.14
N ALA A 265 34.80 7.82 39.68
CA ALA A 265 35.95 7.23 40.42
C ALA A 265 37.14 7.04 39.47
N ALA A 266 36.90 6.75 38.19
CA ALA A 266 37.94 6.53 37.14
C ALA A 266 38.66 7.85 36.83
N ILE A 267 37.93 8.96 36.72
CA ILE A 267 38.47 10.29 36.34
C ILE A 267 39.35 10.82 37.48
N ALA A 268 38.93 10.60 38.74
CA ALA A 268 39.58 11.12 39.97
C ALA A 268 40.63 10.14 40.51
N THR A 269 41.21 9.28 39.65
CA THR A 269 42.34 8.37 39.98
C THR A 269 43.66 9.08 39.60
N ILE A 270 43.97 10.17 40.31
CA ILE A 270 45.10 11.10 40.00
C ILE A 270 46.11 11.17 41.15
N ASP A 271 45.72 10.74 42.36
CA ASP A 271 46.47 10.96 43.62
C ASP A 271 47.68 10.02 43.69
N ASP A 272 48.86 10.51 43.30
CA ASP A 272 50.16 9.80 43.43
C ASP A 272 51.12 10.66 44.26
N TRP A 273 50.57 11.38 45.26
CA TRP A 273 51.32 12.33 46.13
C TRP A 273 51.31 11.83 47.59
N TYR A 274 51.17 10.52 47.80
CA TYR A 274 51.04 9.90 49.15
C TYR A 274 52.39 9.33 49.57
N PRO A 275 52.65 9.13 50.89
CA PRO A 275 53.99 8.85 51.42
C PRO A 275 54.99 8.02 50.58
N GLU A 276 54.52 7.01 49.84
CA GLU A 276 55.38 6.09 49.05
C GLU A 276 55.16 6.33 47.55
N ALA A 277 53.91 6.24 47.08
CA ALA A 277 53.45 6.54 45.70
C ALA A 277 54.13 5.63 44.67
N THR A 278 53.54 4.45 44.43
CA THR A 278 53.84 3.53 43.29
C THR A 278 52.89 3.83 42.13
N GLU A 279 51.58 3.79 42.41
CA GLU A 279 50.48 3.94 41.43
C GLU A 279 49.56 5.08 41.87
N PRO A 280 48.76 5.69 40.98
CA PRO A 280 47.79 6.71 41.38
C PRO A 280 46.62 6.10 42.17
N LEU A 281 46.16 6.81 43.21
CA LEU A 281 44.98 6.43 44.03
C LEU A 281 43.75 7.24 43.59
N ARG A 282 42.57 6.65 43.78
CA ARG A 282 41.27 7.37 43.85
C ARG A 282 41.42 8.50 44.88
N VAL A 283 41.33 9.75 44.44
CA VAL A 283 41.31 10.96 45.34
C VAL A 283 40.21 10.72 46.38
N GLY A 284 40.60 10.63 47.65
CA GLY A 284 39.69 10.45 48.80
C GLY A 284 40.25 11.09 50.05
N ARG A 285 39.62 10.82 51.19
CA ARG A 285 39.99 11.41 52.51
C ARG A 285 41.17 10.65 53.11
N PHE A 286 41.11 9.31 53.10
CA PHE A 286 42.08 8.40 53.75
C PHE A 286 42.91 7.64 52.71
N GLY A 287 42.97 8.13 51.45
CA GLY A 287 43.72 7.53 50.33
C GLY A 287 43.63 6.02 50.31
N VAL A 288 42.41 5.48 50.39
CA VAL A 288 42.14 4.01 50.51
C VAL A 288 42.35 3.35 49.15
N HIS A 289 43.11 2.24 49.12
CA HIS A 289 43.26 1.32 47.96
C HIS A 289 42.21 0.22 48.10
N ARG A 290 41.21 0.20 47.21
CA ARG A 290 40.03 -0.71 47.26
C ARG A 290 40.51 -2.17 47.22
N GLU A 291 41.18 -2.56 46.13
CA GLU A 291 42.00 -3.80 46.04
C GLU A 291 43.22 -3.62 46.94
N ASP A 292 43.80 -4.71 47.46
CA ASP A 292 44.90 -4.68 48.46
C ASP A 292 44.44 -3.80 49.63
N VAL A 293 43.57 -4.34 50.49
CA VAL A 293 42.69 -3.56 51.41
C VAL A 293 43.56 -2.93 52.50
N THR A 294 43.98 -1.68 52.28
CA THR A 294 44.74 -0.83 53.23
C THR A 294 44.45 0.65 52.94
N CYS A 295 44.99 1.54 53.77
CA CYS A 295 44.81 3.02 53.65
C CYS A 295 46.17 3.73 53.77
N TYR A 296 46.75 4.10 52.63
CA TYR A 296 47.85 5.10 52.53
C TYR A 296 47.22 6.48 52.75
N ARG A 297 47.86 7.34 53.55
CA ARG A 297 47.23 8.53 54.20
C ARG A 297 46.26 8.05 55.29
N HIS A 298 46.68 7.09 56.12
CA HIS A 298 46.00 6.74 57.40
C HIS A 298 46.12 7.96 58.33
N PRO A 299 45.09 8.30 59.13
CA PRO A 299 45.17 9.48 60.01
C PRO A 299 46.09 9.30 61.24
N SER A 300 47.24 8.62 61.05
CA SER A 300 48.38 8.53 61.99
C SER A 300 49.66 9.02 61.30
N THR A 301 49.77 8.83 59.97
CA THR A 301 50.81 9.43 59.09
C THR A 301 50.72 10.96 59.17
N GLY A 302 49.53 11.51 59.41
CA GLY A 302 49.27 12.96 59.46
C GLY A 302 49.26 13.58 58.06
N LYS A 303 48.92 12.77 57.05
CA LYS A 303 48.87 13.17 55.62
C LYS A 303 47.46 12.96 55.03
N ASP A 304 46.47 12.62 55.87
CA ASP A 304 45.04 12.55 55.47
C ASP A 304 44.51 13.98 55.30
N PHE A 305 43.30 14.12 54.75
CA PHE A 305 42.73 15.42 54.32
C PHE A 305 42.34 16.28 55.54
N PHE A 306 42.10 15.69 56.72
CA PHE A 306 41.68 16.43 57.94
C PHE A 306 42.89 16.95 58.72
N SER A 307 44.05 16.30 58.60
CA SER A 307 45.36 16.84 59.08
C SER A 307 45.78 18.00 58.18
N ILE A 308 45.71 17.81 56.85
CA ILE A 308 46.22 18.75 55.82
C ILE A 308 45.38 20.05 55.82
N LEU A 309 44.05 19.94 55.90
CA LEU A 309 43.11 21.12 55.87
C LEU A 309 43.28 21.95 57.15
N GLN A 310 43.79 21.37 58.24
CA GLN A 310 44.05 22.08 59.52
C GLN A 310 45.38 22.86 59.45
N GLN A 311 46.16 22.70 58.37
CA GLN A 311 47.36 23.53 58.05
C GLN A 311 47.06 24.44 56.85
N ALA A 312 45.81 24.87 56.67
CA ALA A 312 45.36 25.75 55.56
C ALA A 312 45.89 27.17 55.79
N GLU A 313 45.63 27.73 56.99
CA GLU A 313 46.12 29.06 57.45
C GLU A 313 47.65 29.11 57.33
N HIS A 314 48.34 27.97 57.47
CA HIS A 314 49.80 27.82 57.19
C HIS A 314 50.05 28.07 55.70
N TYR A 315 49.34 27.39 54.80
CA TYR A 315 49.56 27.45 53.33
C TYR A 315 49.29 28.86 52.79
N ILE A 316 48.43 29.65 53.46
CA ILE A 316 48.15 31.09 53.12
C ILE A 316 49.48 31.87 53.21
N GLU A 317 50.23 31.69 54.30
CA GLU A 317 51.50 32.44 54.58
C GLU A 317 52.71 31.76 53.93
N VAL A 318 52.50 30.69 53.14
CA VAL A 318 53.52 30.02 52.29
C VAL A 318 53.27 30.35 50.81
N LEU A 319 52.00 30.52 50.39
CA LEU A 319 51.64 30.95 49.00
C LEU A 319 51.87 32.46 48.82
N SER A 320 52.12 33.22 49.90
CA SER A 320 52.37 34.69 49.86
C SER A 320 53.85 34.97 49.59
N ALA A 321 54.76 34.29 50.31
CA ALA A 321 56.22 34.43 50.19
C ALA A 321 56.74 33.72 48.93
N ASN A 322 58.02 33.87 48.62
CA ASN A 322 58.68 33.34 47.39
C ASN A 322 59.81 32.39 47.78
N LYS A 323 59.87 31.18 47.19
CA LYS A 323 58.86 30.63 46.29
C LYS A 323 58.61 29.17 46.67
N THR A 324 57.37 28.71 46.48
CA THR A 324 56.86 27.39 46.95
C THR A 324 57.68 26.28 46.33
N PRO A 325 58.34 25.41 47.15
CA PRO A 325 59.25 24.39 46.63
C PRO A 325 58.50 23.22 45.96
N ALA A 326 59.11 22.63 44.93
CA ALA A 326 58.58 21.50 44.13
C ALA A 326 58.44 20.22 44.99
N GLN A 327 59.01 20.21 46.20
CA GLN A 327 58.87 19.13 47.22
C GLN A 327 57.44 19.15 47.81
N GLU A 328 57.21 18.34 48.85
CA GLU A 328 55.89 17.83 49.35
C GLU A 328 54.78 18.90 49.40
N THR A 329 55.11 20.16 49.74
CA THR A 329 54.11 21.22 50.07
C THR A 329 53.23 21.53 48.85
N ILE A 330 53.78 21.56 47.62
CA ILE A 330 52.97 21.76 46.38
C ILE A 330 52.01 20.56 46.22
N ASN A 331 52.49 19.35 46.53
CA ASN A 331 51.72 18.08 46.46
C ASN A 331 50.58 18.13 47.48
N ASP A 332 50.85 18.64 48.68
CA ASP A 332 49.83 18.83 49.77
C ASP A 332 48.74 19.79 49.28
N MET A 333 49.13 20.93 48.68
CA MET A 333 48.18 21.92 48.07
C MET A 333 47.36 21.24 46.97
N HIS A 334 48.02 20.48 46.08
CA HIS A 334 47.37 19.70 44.99
C HIS A 334 46.31 18.75 45.58
N PHE A 335 46.70 17.95 46.58
CA PHE A 335 45.84 16.93 47.26
C PHE A 335 44.64 17.61 47.92
N LEU A 336 44.87 18.70 48.66
CA LEU A 336 43.81 19.52 49.33
C LEU A 336 42.78 19.96 48.28
N MET A 337 43.25 20.55 47.18
CA MET A 337 42.40 21.09 46.09
C MET A 337 41.64 19.96 45.38
N ALA A 338 42.33 18.86 45.06
CA ALA A 338 41.72 17.62 44.49
C ALA A 338 40.56 17.15 45.37
N ASN A 339 40.68 17.30 46.69
CA ASN A 339 39.63 16.92 47.68
C ASN A 339 38.49 17.94 47.68
N LEU A 340 38.78 19.25 47.59
CA LEU A 340 37.74 20.31 47.47
C LEU A 340 37.00 20.15 46.14
N ILE A 341 37.66 19.60 45.11
CA ILE A 341 37.07 19.36 43.76
C ILE A 341 36.05 18.21 43.82
N LYS A 342 36.17 17.24 44.74
CA LYS A 342 35.27 16.05 44.80
C LYS A 342 34.33 16.11 46.01
N GLY A 343 34.86 16.35 47.21
CA GLY A 343 34.25 15.95 48.49
C GLY A 343 33.23 16.94 48.98
N GLY A 344 32.76 16.77 50.22
CA GLY A 344 31.83 17.70 50.89
C GLY A 344 31.17 17.14 52.13
N MET A 345 31.95 16.57 53.05
CA MET A 345 31.53 16.20 54.43
C MET A 345 32.73 16.42 55.35
N PHE A 346 33.34 17.62 55.28
CA PHE A 346 34.60 17.99 55.96
C PHE A 346 34.28 18.48 57.37
N GLN A 347 33.72 17.57 58.18
CA GLN A 347 32.87 17.91 59.35
C GLN A 347 33.33 17.19 60.62
N HIS A 348 34.00 16.02 60.50
CA HIS A 348 33.96 14.87 61.45
C HIS A 348 33.16 15.23 62.72
N LYS A 349 33.82 15.54 63.85
CA LYS A 349 33.20 15.93 65.14
C LYS A 349 31.92 15.13 65.40
N GLY A 350 31.90 13.85 65.06
CA GLY A 350 30.70 12.99 65.04
C GLY A 350 30.28 12.65 63.62
N ASP A 351 29.93 13.67 62.81
CA ASP A 351 29.45 13.52 61.41
C ASP A 351 30.64 13.31 60.48
N LYS B 1 48.70 -16.92 56.86
CA LYS B 1 48.38 -17.62 55.58
C LYS B 1 46.86 -17.61 55.35
N LEU B 2 46.45 -17.60 54.07
CA LEU B 2 45.02 -17.54 53.62
C LEU B 2 44.34 -16.34 54.30
N PRO B 3 44.66 -15.10 53.86
CA PRO B 3 44.30 -13.90 54.61
C PRO B 3 42.91 -13.31 54.31
N THR B 4 41.86 -14.14 54.42
CA THR B 4 40.40 -13.79 54.52
C THR B 4 39.88 -13.05 53.27
N ASN B 5 40.73 -12.42 52.44
CA ASN B 5 40.34 -11.72 51.19
C ASN B 5 41.49 -11.81 50.17
N LEU B 6 41.66 -12.97 49.55
CA LEU B 6 42.72 -13.24 48.53
C LEU B 6 42.05 -13.74 47.24
N ALA B 7 42.02 -12.90 46.20
CA ALA B 7 41.44 -13.18 44.87
C ALA B 7 42.52 -13.08 43.79
N TYR B 8 42.36 -13.86 42.71
CA TYR B 8 43.10 -13.74 41.43
C TYR B 8 42.08 -13.66 40.29
N GLU B 9 42.43 -12.97 39.20
CA GLU B 9 41.62 -12.91 37.95
C GLU B 9 42.12 -13.98 36.98
N ARG B 10 41.42 -14.16 35.86
CA ARG B 10 41.80 -15.08 34.76
C ARG B 10 43.05 -14.57 34.06
N SER B 11 43.89 -15.48 33.56
CA SER B 11 45.01 -15.21 32.63
C SER B 11 44.72 -15.81 31.24
N ILE B 12 43.82 -16.80 31.13
CA ILE B 12 43.27 -17.32 29.84
C ILE B 12 41.78 -16.94 29.78
N ASP B 13 41.34 -16.31 28.69
CA ASP B 13 39.94 -15.82 28.51
C ASP B 13 39.40 -16.33 27.17
N PRO B 14 38.69 -17.49 27.14
CA PRO B 14 38.00 -17.94 25.94
C PRO B 14 36.61 -17.30 25.78
N SER B 15 35.89 -17.68 24.73
CA SER B 15 34.54 -17.16 24.36
C SER B 15 33.63 -18.32 23.91
N ASP B 16 32.39 -18.01 23.52
CA ASP B 16 31.42 -18.95 22.89
C ASP B 16 31.99 -19.43 21.55
N VAL B 17 31.71 -20.68 21.16
CA VAL B 17 32.16 -21.27 19.86
C VAL B 17 30.97 -21.28 18.90
N CYS B 18 30.85 -20.24 18.07
CA CYS B 18 29.76 -20.08 17.07
C CYS B 18 29.94 -21.10 15.95
N PHE B 19 28.93 -21.95 15.72
CA PHE B 19 28.88 -22.97 14.64
C PHE B 19 28.27 -22.35 13.37
N PHE B 20 28.76 -22.81 12.21
CA PHE B 20 28.25 -22.42 10.86
C PHE B 20 28.26 -23.65 9.94
N VAL B 21 27.26 -23.74 9.05
CA VAL B 21 27.21 -24.74 7.95
C VAL B 21 27.80 -24.09 6.70
N VAL B 22 28.83 -24.72 6.12
CA VAL B 22 29.47 -24.29 4.84
C VAL B 22 28.92 -25.16 3.72
N TRP B 23 28.40 -24.54 2.65
CA TRP B 23 27.83 -25.22 1.46
C TRP B 23 28.89 -25.25 0.35
N PRO B 24 28.77 -26.17 -0.65
CA PRO B 24 29.70 -26.20 -1.79
C PRO B 24 29.74 -24.92 -2.64
N ASP B 25 28.74 -24.04 -2.54
CA ASP B 25 28.72 -22.67 -3.12
C ASP B 25 29.72 -21.76 -2.38
N ASP B 26 30.20 -22.16 -1.20
CA ASP B 26 31.16 -21.43 -0.34
C ASP B 26 30.42 -20.26 0.34
N ARG B 27 29.11 -20.42 0.58
CA ARG B 27 28.29 -19.52 1.45
C ARG B 27 28.14 -20.20 2.82
N LYS B 28 27.93 -19.39 3.87
CA LYS B 28 27.85 -19.85 5.28
C LYS B 28 26.48 -19.45 5.86
N THR B 29 25.81 -20.39 6.52
CA THR B 29 24.56 -20.15 7.31
C THR B 29 24.77 -20.61 8.74
N PRO B 30 24.20 -19.88 9.74
CA PRO B 30 24.21 -20.34 11.13
C PRO B 30 23.51 -21.70 11.27
N LEU B 31 24.14 -22.65 11.99
CA LEU B 31 23.56 -23.98 12.30
C LEU B 31 22.34 -23.79 13.20
N THR B 32 21.25 -24.51 12.92
CA THR B 32 19.96 -24.46 13.66
C THR B 32 19.60 -25.86 14.17
N TYR B 33 18.92 -25.92 15.31
CA TYR B 33 18.39 -27.17 15.92
C TYR B 33 16.88 -27.06 16.10
N ASN B 34 16.23 -28.18 16.43
CA ASN B 34 14.76 -28.29 16.61
C ASN B 34 14.45 -29.21 17.80
N SER B 35 13.49 -28.83 18.65
CA SER B 35 13.00 -29.61 19.81
C SER B 35 11.96 -30.62 19.34
N ARG B 36 12.39 -31.86 19.05
CA ARG B 36 11.50 -32.98 18.62
C ARG B 36 11.19 -33.87 19.83
N THR B 37 10.01 -34.49 19.83
CA THR B 37 9.53 -35.42 20.88
C THR B 37 9.62 -36.85 20.34
N LEU B 38 9.94 -37.80 21.21
CA LEU B 38 10.24 -39.22 20.84
C LEU B 38 9.66 -40.17 21.90
N LEU B 39 9.53 -41.45 21.51
CA LEU B 39 8.94 -42.53 22.35
C LEU B 39 10.04 -43.56 22.69
N GLY B 40 10.30 -43.75 23.98
CA GLY B 40 11.23 -44.79 24.49
C GLY B 40 10.49 -45.83 25.32
N GLN B 41 11.20 -46.89 25.73
CA GLN B 41 10.69 -47.94 26.65
C GLN B 41 10.83 -47.47 28.10
N MET B 42 10.10 -48.12 29.01
CA MET B 42 10.23 -47.97 30.48
C MET B 42 11.49 -48.74 30.92
N GLU B 43 12.63 -48.05 31.05
CA GLU B 43 13.99 -48.66 31.16
C GLU B 43 14.69 -48.29 32.47
N ALA B 44 14.04 -47.52 33.36
CA ALA B 44 14.59 -47.14 34.68
C ALA B 44 14.45 -48.34 35.64
N LYS B 45 15.51 -48.65 36.40
CA LYS B 45 15.55 -49.73 37.42
C LYS B 45 14.50 -49.45 38.50
N SER B 46 14.38 -48.19 38.94
CA SER B 46 13.41 -47.72 39.97
C SER B 46 12.01 -47.53 39.37
N LEU B 47 11.63 -48.38 38.40
CA LEU B 47 10.29 -48.43 37.76
C LEU B 47 9.78 -49.89 37.77
N ALA B 48 10.66 -50.87 37.59
CA ALA B 48 10.38 -52.32 37.71
C ALA B 48 10.68 -52.83 39.11
N TYR B 49 11.64 -52.22 39.83
CA TYR B 49 12.09 -52.60 41.20
C TYR B 49 11.83 -51.46 42.19
N ASP B 50 11.69 -51.81 43.48
CA ASP B 50 11.63 -50.87 44.63
C ASP B 50 13.05 -50.58 45.11
N VAL B 51 13.20 -49.99 46.31
CA VAL B 51 14.51 -49.86 47.03
C VAL B 51 15.14 -51.26 47.14
N SER B 52 16.46 -51.33 46.92
CA SER B 52 17.26 -52.55 46.59
C SER B 52 16.58 -53.82 47.13
N GLY B 53 15.64 -54.37 46.36
CA GLY B 53 14.86 -55.57 46.70
C GLY B 53 14.45 -56.37 45.47
N GLN B 54 13.16 -56.32 45.12
CA GLN B 54 12.50 -57.21 44.12
C GLN B 54 11.47 -56.42 43.32
N PRO B 55 10.87 -56.97 42.23
CA PRO B 55 9.76 -56.32 41.54
C PRO B 55 8.69 -55.74 42.48
N ILE B 56 8.10 -54.60 42.09
CA ILE B 56 7.28 -53.71 42.96
C ILE B 56 6.06 -54.52 43.43
N LYS B 57 4.94 -54.44 42.72
CA LYS B 57 3.96 -55.54 42.49
C LYS B 57 3.15 -55.27 41.20
N SER B 58 3.09 -54.02 40.73
CA SER B 58 2.19 -53.51 39.68
C SER B 58 2.93 -53.26 38.35
N ALA B 59 4.27 -53.20 38.36
CA ALA B 59 5.10 -53.23 37.13
C ALA B 59 4.94 -54.62 36.48
N THR B 60 3.81 -54.84 35.81
CA THR B 60 3.45 -56.09 35.10
C THR B 60 4.06 -56.06 33.70
N ALA B 61 4.00 -57.18 32.98
CA ALA B 61 4.58 -57.38 31.64
C ALA B 61 3.95 -56.42 30.61
N GLU B 62 2.69 -56.02 30.83
CA GLU B 62 1.94 -55.06 29.96
C GLU B 62 2.28 -53.62 30.36
N ALA B 63 2.39 -53.34 31.67
CA ALA B 63 2.68 -51.99 32.23
C ALA B 63 4.09 -51.53 31.84
N LEU B 64 5.05 -52.47 31.75
CA LEU B 64 6.46 -52.19 31.40
C LEU B 64 6.65 -52.04 29.88
N ALA B 65 5.62 -52.33 29.08
CA ALA B 65 5.66 -52.29 27.60
C ALA B 65 4.98 -51.03 27.05
N GLN B 66 4.31 -50.23 27.90
CA GLN B 66 3.76 -48.89 27.52
C GLN B 66 4.95 -47.95 27.29
N GLY B 67 5.07 -47.39 26.08
CA GLY B 67 6.20 -46.52 25.69
C GLY B 67 6.08 -45.15 26.35
N ASN B 68 7.11 -44.69 27.06
CA ASN B 68 7.11 -43.36 27.73
C ASN B 68 7.65 -42.33 26.74
N PRO B 69 6.89 -41.25 26.43
CA PRO B 69 7.36 -40.19 25.55
C PRO B 69 8.22 -39.15 26.28
N HIS B 70 9.23 -38.60 25.59
CA HIS B 70 10.12 -37.53 26.07
C HIS B 70 10.35 -36.50 24.94
N GLN B 71 11.02 -35.39 25.27
CA GLN B 71 11.30 -34.27 24.33
C GLN B 71 12.78 -33.89 24.44
N VAL B 72 13.49 -33.81 23.31
CA VAL B 72 14.94 -33.49 23.24
C VAL B 72 15.18 -32.46 22.13
N ASP B 73 16.16 -31.56 22.34
CA ASP B 73 16.69 -30.65 21.29
C ASP B 73 17.60 -31.47 20.37
N PHE B 74 17.44 -31.30 19.06
CA PHE B 74 18.07 -32.13 18.00
C PHE B 74 18.82 -31.24 17.02
N CYS B 75 20.16 -31.32 17.04
CA CYS B 75 21.08 -30.60 16.13
C CYS B 75 21.85 -31.61 15.27
N HIS B 76 21.58 -31.60 13.96
CA HIS B 76 22.31 -32.40 12.93
C HIS B 76 22.81 -31.46 11.84
N VAL B 77 23.75 -31.91 11.01
CA VAL B 77 24.24 -31.16 9.81
C VAL B 77 23.13 -31.23 8.77
N PRO B 78 22.68 -30.11 8.14
CA PRO B 78 21.70 -30.18 7.06
C PRO B 78 22.26 -30.92 5.85
N TYR B 79 21.38 -31.61 5.10
CA TYR B 79 21.74 -32.50 3.96
C TYR B 79 22.36 -31.67 2.83
N GLY B 80 23.42 -32.19 2.21
CA GLY B 80 24.12 -31.58 1.06
C GLY B 80 25.07 -30.46 1.48
N ALA B 81 25.33 -30.31 2.78
CA ALA B 81 26.31 -29.34 3.33
C ALA B 81 27.73 -29.87 3.08
N SER B 82 28.68 -28.98 2.79
CA SER B 82 30.10 -29.31 2.54
C SER B 82 30.76 -29.73 3.86
N HIS B 83 30.70 -28.87 4.88
CA HIS B 83 31.32 -29.09 6.22
C HIS B 83 30.79 -28.07 7.25
N ILE B 84 31.14 -28.31 8.52
CA ILE B 84 30.83 -27.42 9.67
C ILE B 84 32.06 -26.54 9.94
N GLU B 85 31.84 -25.28 10.34
CA GLU B 85 32.92 -24.32 10.71
C GLU B 85 32.64 -23.76 12.10
N CYS B 86 33.62 -23.89 13.02
CA CYS B 86 33.55 -23.44 14.44
C CYS B 86 34.55 -22.31 14.66
N SER B 87 34.11 -21.17 15.24
CA SER B 87 34.93 -19.95 15.43
C SER B 87 34.80 -19.43 16.87
N PHE B 88 35.93 -19.11 17.50
CA PHE B 88 36.03 -18.42 18.83
C PHE B 88 37.41 -17.75 18.97
N SER B 89 37.59 -17.01 20.07
CA SER B 89 38.81 -16.23 20.39
C SER B 89 39.31 -16.56 21.81
N VAL B 90 40.63 -16.62 22.00
CA VAL B 90 41.32 -16.78 23.31
C VAL B 90 42.24 -15.57 23.54
N SER B 91 42.39 -15.16 24.80
CA SER B 91 43.27 -14.05 25.25
C SER B 91 44.15 -14.54 26.41
N PHE B 92 45.48 -14.49 26.24
CA PHE B 92 46.50 -14.82 27.26
C PHE B 92 47.07 -13.51 27.84
N SER B 93 46.93 -13.31 29.15
CA SER B 93 47.32 -12.10 29.91
C SER B 93 48.22 -12.47 31.10
N SER B 94 49.04 -11.51 31.55
CA SER B 94 49.88 -11.58 32.78
C SER B 94 49.11 -10.99 33.96
N GLU B 95 48.14 -11.75 34.49
CA GLU B 95 47.34 -11.37 35.69
C GLU B 95 47.59 -12.35 36.85
N LEU B 96 48.38 -13.41 36.60
CA LEU B 96 48.93 -14.32 37.64
C LEU B 96 50.12 -13.68 38.39
N ARG B 97 50.65 -12.56 37.89
CA ARG B 97 51.88 -11.90 38.40
C ARG B 97 51.69 -11.52 39.87
N GLN B 98 50.64 -10.74 40.16
CA GLN B 98 50.26 -10.27 41.52
C GLN B 98 48.75 -10.49 41.70
N PRO B 99 48.27 -10.78 42.93
CA PRO B 99 46.86 -11.02 43.18
C PRO B 99 45.98 -9.79 42.91
N TYR B 100 44.73 -10.02 42.50
CA TYR B 100 43.71 -8.98 42.20
C TYR B 100 43.44 -8.18 43.49
N LYS B 101 42.98 -8.87 44.54
CA LYS B 101 42.89 -8.37 45.94
C LYS B 101 43.62 -9.36 46.85
N CYS B 102 44.30 -8.88 47.89
CA CYS B 102 45.14 -9.72 48.80
C CYS B 102 44.83 -9.48 50.29
N ASN B 103 44.60 -8.23 50.72
CA ASN B 103 44.19 -7.87 52.11
C ASN B 103 45.35 -8.08 53.10
N SER B 104 46.54 -8.42 52.61
CA SER B 104 47.72 -8.84 53.43
C SER B 104 49.00 -8.56 52.64
N SER B 105 49.81 -7.60 53.12
CA SER B 105 51.05 -7.11 52.46
C SER B 105 52.12 -8.20 52.40
N LYS B 106 52.05 -9.20 53.30
CA LYS B 106 53.06 -10.29 53.45
C LYS B 106 52.79 -11.41 52.43
N VAL B 107 51.56 -11.94 52.39
CA VAL B 107 51.16 -13.06 51.49
C VAL B 107 51.25 -12.58 50.03
N LYS B 108 50.91 -11.31 49.77
CA LYS B 108 51.06 -10.67 48.44
C LYS B 108 52.53 -10.81 47.97
N GLN B 109 53.46 -10.25 48.75
CA GLN B 109 54.91 -10.15 48.39
C GLN B 109 55.50 -11.56 48.25
N THR B 110 55.02 -12.52 49.05
CA THR B 110 55.37 -13.97 48.96
C THR B 110 54.97 -14.50 47.58
N LEU B 111 53.71 -14.32 47.19
CA LEU B 111 53.14 -14.86 45.92
C LEU B 111 53.76 -14.15 44.71
N VAL B 112 54.00 -12.83 44.80
CA VAL B 112 54.69 -12.05 43.72
C VAL B 112 56.12 -12.62 43.54
N GLN B 113 56.84 -12.85 44.65
CA GLN B 113 58.21 -13.41 44.66
C GLN B 113 58.21 -14.83 44.08
N LEU B 114 57.21 -15.64 44.44
CA LEU B 114 57.10 -17.06 44.00
C LEU B 114 56.90 -17.13 42.48
N VAL B 115 56.00 -16.31 41.93
CA VAL B 115 55.73 -16.22 40.46
C VAL B 115 57.02 -15.78 39.74
N GLU B 116 57.70 -14.76 40.29
CA GLU B 116 59.00 -14.25 39.77
C GLU B 116 60.03 -15.39 39.76
N LEU B 117 60.21 -16.09 40.88
CA LEU B 117 61.22 -17.19 41.01
C LEU B 117 60.86 -18.35 40.07
N TYR B 118 59.56 -18.71 39.97
CA TYR B 118 59.06 -19.73 39.01
C TYR B 118 59.50 -19.34 37.61
N GLU B 119 59.12 -18.14 37.14
CA GLU B 119 59.43 -17.60 35.79
C GLU B 119 60.93 -17.73 35.50
N THR B 120 61.78 -17.34 36.45
CA THR B 120 63.26 -17.34 36.29
C THR B 120 63.81 -18.76 36.28
N LYS B 121 63.40 -19.60 37.24
CA LYS B 121 63.96 -20.98 37.42
C LYS B 121 63.42 -21.91 36.34
N ILE B 122 62.09 -22.09 36.28
CA ILE B 122 61.37 -22.97 35.32
C ILE B 122 60.64 -22.06 34.30
N GLY B 123 61.01 -22.16 33.02
CA GLY B 123 60.38 -21.38 31.93
C GLY B 123 58.89 -21.68 31.79
N TRP B 124 58.15 -20.78 31.14
CA TRP B 124 56.69 -20.91 30.86
C TRP B 124 56.45 -21.93 29.72
N THR B 125 57.51 -22.53 29.17
CA THR B 125 57.49 -23.41 27.97
C THR B 125 56.50 -24.56 28.20
N GLU B 126 56.56 -25.21 29.36
CA GLU B 126 55.72 -26.40 29.72
C GLU B 126 54.23 -26.02 29.73
N LEU B 127 53.85 -25.05 30.57
CA LEU B 127 52.43 -24.59 30.71
C LEU B 127 51.94 -24.01 29.37
N ALA B 128 52.72 -23.12 28.75
CA ALA B 128 52.38 -22.47 27.45
C ALA B 128 52.17 -23.54 26.38
N THR B 129 53.09 -24.50 26.28
CA THR B 129 53.00 -25.68 25.37
C THR B 129 51.72 -26.46 25.66
N ARG B 130 51.49 -26.80 26.94
CA ARG B 130 50.31 -27.61 27.39
C ARG B 130 49.00 -26.92 27.00
N TYR B 131 48.89 -25.60 27.22
CA TYR B 131 47.67 -24.81 26.89
C TYR B 131 47.49 -24.72 25.38
N LEU B 132 48.55 -24.39 24.63
CA LEU B 132 48.51 -24.24 23.15
C LEU B 132 48.21 -25.58 22.48
N MET B 133 48.72 -26.68 23.06
CA MET B 133 48.64 -28.05 22.46
C MET B 133 47.16 -28.48 22.26
N ASN B 134 46.25 -28.07 23.15
CA ASN B 134 44.82 -28.47 23.10
C ASN B 134 43.93 -27.28 22.68
N ILE B 135 44.52 -26.25 22.06
CA ILE B 135 43.83 -25.23 21.20
C ILE B 135 44.09 -25.59 19.73
N CYS B 136 45.20 -26.27 19.44
CA CYS B 136 45.66 -26.63 18.06
C CYS B 136 45.31 -28.08 17.70
N ASN B 137 44.83 -28.90 18.67
CA ASN B 137 44.34 -30.28 18.42
C ASN B 137 42.81 -30.34 18.54
N GLY B 138 42.13 -29.20 18.79
CA GLY B 138 40.66 -29.07 18.78
C GLY B 138 39.99 -29.85 19.88
N LYS B 139 40.54 -29.82 21.10
CA LYS B 139 39.92 -30.47 22.30
C LYS B 139 38.66 -29.70 22.73
N TRP B 140 38.61 -28.40 22.42
CA TRP B 140 37.48 -27.48 22.74
C TRP B 140 36.20 -27.86 21.98
N LEU B 141 36.26 -28.77 21.00
CA LEU B 141 35.09 -29.33 20.28
C LEU B 141 34.45 -30.47 21.09
N TRP B 142 35.24 -31.12 21.96
CA TRP B 142 34.81 -32.08 23.02
C TRP B 142 34.45 -33.44 22.42
N LYS B 143 33.32 -33.54 21.71
CA LYS B 143 32.78 -34.83 21.16
C LYS B 143 32.53 -34.76 19.66
N ASN B 144 32.66 -33.59 19.02
CA ASN B 144 32.35 -33.37 17.58
C ASN B 144 33.46 -33.95 16.70
N THR B 145 34.68 -34.10 17.25
CA THR B 145 35.86 -34.68 16.55
C THR B 145 35.77 -36.21 16.54
N ARG B 146 35.14 -36.81 17.56
CA ARG B 146 34.79 -38.26 17.59
C ARG B 146 33.68 -38.51 16.57
N LYS B 147 33.83 -39.56 15.74
CA LYS B 147 32.94 -39.90 14.60
C LYS B 147 32.94 -38.75 13.59
N ALA B 148 34.12 -38.20 13.28
CA ALA B 148 34.37 -37.20 12.22
C ALA B 148 35.49 -37.71 11.31
N TYR B 149 35.39 -37.44 10.00
CA TYR B 149 36.38 -37.85 8.98
C TYR B 149 37.69 -37.09 9.20
N CYS B 150 37.60 -35.76 9.30
CA CYS B 150 38.74 -34.82 9.30
C CYS B 150 38.33 -33.51 9.99
N TRP B 151 39.25 -32.90 10.75
CA TRP B 151 39.08 -31.51 11.26
C TRP B 151 40.42 -30.75 11.17
N ASN B 152 40.36 -29.54 10.59
CA ASN B 152 41.52 -28.64 10.33
C ASN B 152 41.32 -27.36 11.14
N ILE B 153 42.38 -26.88 11.81
CA ILE B 153 42.37 -25.69 12.70
C ILE B 153 43.31 -24.62 12.12
N VAL B 154 42.85 -23.37 12.12
CA VAL B 154 43.57 -22.17 11.61
C VAL B 154 43.58 -21.09 12.69
N LEU B 155 44.78 -20.71 13.17
CA LEU B 155 45.01 -19.63 14.16
C LEU B 155 45.38 -18.34 13.41
N THR B 156 44.71 -17.22 13.76
CA THR B 156 45.15 -15.83 13.43
C THR B 156 45.51 -15.15 14.75
N PRO B 157 46.80 -15.18 15.16
CA PRO B 157 47.24 -14.57 16.41
C PRO B 157 47.45 -13.05 16.33
N TRP B 158 47.77 -12.43 17.47
CA TRP B 158 47.96 -10.96 17.64
C TRP B 158 48.70 -10.70 18.95
N PRO B 159 49.74 -9.81 19.00
CA PRO B 159 50.26 -9.10 17.83
C PRO B 159 51.10 -10.02 16.92
N TRP B 160 50.96 -9.86 15.61
CA TRP B 160 51.47 -10.81 14.58
C TRP B 160 51.88 -10.07 13.30
N ASN B 161 52.91 -10.60 12.61
CA ASN B 161 53.25 -10.26 11.20
C ASN B 161 53.63 -11.55 10.46
N GLY B 162 52.95 -11.82 9.34
CA GLY B 162 53.00 -13.10 8.62
C GLY B 162 51.60 -13.61 8.27
N GLU B 163 51.52 -14.80 7.67
CA GLU B 163 50.26 -15.46 7.24
C GLU B 163 49.79 -16.42 8.35
N LYS B 164 48.48 -16.69 8.39
CA LYS B 164 47.78 -17.46 9.45
C LYS B 164 48.47 -18.80 9.70
N VAL B 165 48.43 -19.30 10.95
CA VAL B 165 49.02 -20.62 11.33
C VAL B 165 47.97 -21.69 11.05
N GLY B 166 48.38 -22.81 10.43
CA GLY B 166 47.48 -23.88 9.97
C GLY B 166 47.90 -25.25 10.49
N PHE B 167 46.94 -26.02 11.03
CA PHE B 167 47.09 -27.44 11.42
C PHE B 167 46.07 -28.26 10.62
N GLU B 168 46.56 -29.05 9.65
CA GLU B 168 45.76 -29.93 8.77
C GLU B 168 45.35 -31.18 9.56
N ASP B 169 44.55 -32.07 8.93
CA ASP B 169 43.95 -33.30 9.51
C ASP B 169 44.64 -33.68 10.83
N ILE B 170 43.97 -33.45 11.96
CA ILE B 170 44.52 -33.64 13.33
C ILE B 170 44.10 -35.02 13.85
N ARG B 171 44.48 -36.07 13.12
CA ARG B 171 44.34 -37.49 13.53
C ARG B 171 45.57 -38.28 13.06
N THR B 172 46.01 -38.06 11.81
CA THR B 172 47.22 -38.66 11.20
C THR B 172 48.46 -37.79 11.48
N ASN B 173 48.35 -36.47 11.29
CA ASN B 173 49.49 -35.52 11.36
C ASN B 173 49.86 -35.25 12.83
N TYR B 174 48.99 -34.54 13.56
CA TYR B 174 49.27 -33.95 14.90
C TYR B 174 48.67 -34.83 15.99
N THR B 175 49.36 -35.96 16.27
CA THR B 175 49.00 -36.96 17.30
C THR B 175 49.76 -36.66 18.60
N SER B 176 51.10 -36.56 18.51
CA SER B 176 52.05 -36.44 19.65
C SER B 176 52.48 -34.97 19.84
N ARG B 177 53.38 -34.74 20.82
CA ARG B 177 53.93 -33.41 21.19
C ARG B 177 55.02 -32.99 20.20
N GLN B 178 55.80 -33.94 19.69
CA GLN B 178 56.90 -33.70 18.71
C GLN B 178 56.32 -33.34 17.33
N ASP B 179 55.10 -33.78 17.03
CA ASP B 179 54.36 -33.46 15.78
C ASP B 179 54.06 -31.95 15.72
N PHE B 180 53.89 -31.31 16.89
CA PHE B 180 53.55 -29.86 17.01
C PHE B 180 54.80 -28.99 16.88
N LYS B 181 55.98 -29.46 17.33
CA LYS B 181 57.26 -28.70 17.28
C LYS B 181 57.80 -28.66 15.84
N ASN B 182 57.00 -29.01 14.83
CA ASN B 182 57.43 -29.20 13.42
C ASN B 182 57.28 -27.88 12.65
N ASN B 183 57.13 -27.95 11.33
CA ASN B 183 57.82 -27.09 10.32
C ASN B 183 58.13 -25.70 10.88
N LYS B 184 57.16 -24.77 10.86
CA LYS B 184 57.43 -23.31 10.83
C LYS B 184 57.05 -22.63 12.16
N ASN B 185 55.75 -22.45 12.42
CA ASN B 185 55.21 -21.32 13.24
C ASN B 185 55.11 -21.67 14.73
N TRP B 186 55.37 -22.91 15.16
CA TRP B 186 55.12 -23.39 16.55
C TRP B 186 55.87 -22.54 17.58
N SER B 187 57.20 -22.48 17.47
CA SER B 187 58.12 -21.79 18.42
C SER B 187 57.75 -20.29 18.51
N ALA B 188 57.31 -19.69 17.42
CA ALA B 188 56.96 -18.25 17.29
C ALA B 188 55.63 -17.91 17.99
N ILE B 189 54.79 -18.91 18.27
CA ILE B 189 53.46 -18.72 18.95
C ILE B 189 53.48 -19.29 20.37
N VAL B 190 54.37 -20.26 20.68
CA VAL B 190 54.66 -20.67 22.09
C VAL B 190 55.37 -19.49 22.78
N GLU B 191 56.39 -18.93 22.14
CA GLU B 191 56.89 -17.56 22.43
C GLU B 191 55.79 -16.56 22.05
N MET B 192 55.61 -15.51 22.85
CA MET B 192 54.50 -14.50 22.82
C MET B 192 53.42 -14.90 23.83
N ILE B 193 53.26 -16.19 24.15
CA ILE B 193 52.47 -16.68 25.32
C ILE B 193 53.35 -16.58 26.57
N LYS B 194 54.63 -16.99 26.47
CA LYS B 194 55.65 -16.84 27.54
C LYS B 194 55.85 -15.35 27.82
N THR B 195 55.94 -14.53 26.76
CA THR B 195 55.99 -13.04 26.81
C THR B 195 54.72 -12.51 27.49
N ALA B 196 53.54 -13.07 27.14
CA ALA B 196 52.22 -12.70 27.69
C ALA B 196 52.14 -13.01 29.19
N PHE B 197 52.85 -14.04 29.68
CA PHE B 197 52.90 -14.43 31.11
C PHE B 197 54.13 -13.81 31.81
N SER B 198 55.09 -13.24 31.06
CA SER B 198 56.35 -12.63 31.59
C SER B 198 56.17 -11.13 31.81
N SER B 199 55.73 -10.40 30.77
CA SER B 199 55.64 -8.91 30.76
C SER B 199 54.39 -8.46 31.51
N THR B 200 54.52 -7.44 32.38
CA THR B 200 53.39 -6.66 32.96
C THR B 200 52.65 -5.95 31.83
N ASP B 201 51.32 -6.05 31.82
CA ASP B 201 50.43 -5.65 30.69
C ASP B 201 50.86 -6.42 29.42
N GLY B 202 51.26 -7.68 29.58
CA GLY B 202 51.63 -8.59 28.47
C GLY B 202 50.40 -9.34 27.98
N LEU B 203 50.07 -9.20 26.69
CA LEU B 203 48.81 -9.69 26.07
C LEU B 203 49.13 -10.45 24.78
N ALA B 204 48.53 -11.63 24.62
CA ALA B 204 48.54 -12.43 23.36
C ALA B 204 47.12 -12.91 23.06
N ILE B 205 46.47 -12.32 22.05
CA ILE B 205 45.13 -12.73 21.55
C ILE B 205 45.32 -13.71 20.39
N PHE B 206 44.53 -14.79 20.36
CA PHE B 206 44.40 -15.74 19.23
C PHE B 206 42.93 -15.81 18.83
N GLU B 207 42.64 -15.83 17.53
CA GLU B 207 41.28 -16.11 16.98
C GLU B 207 41.35 -17.44 16.22
N VAL B 208 40.67 -18.47 16.74
CA VAL B 208 40.75 -19.88 16.26
C VAL B 208 39.53 -20.16 15.38
N ARG B 209 39.74 -20.83 14.24
CA ARG B 209 38.68 -21.34 13.34
C ARG B 209 38.98 -22.82 13.05
N ALA B 210 37.95 -23.68 13.11
CA ALA B 210 38.05 -25.13 12.85
C ALA B 210 37.03 -25.54 11.78
N THR B 211 37.39 -26.51 10.93
CA THR B 211 36.50 -27.11 9.89
C THR B 211 36.28 -28.60 10.20
N LEU B 212 35.05 -29.01 10.52
CA LEU B 212 34.65 -30.42 10.80
C LEU B 212 34.07 -31.04 9.52
N HIS B 213 34.64 -32.15 9.05
CA HIS B 213 34.07 -33.02 7.97
C HIS B 213 33.38 -34.22 8.62
N LEU B 214 32.04 -34.14 8.73
CA LEU B 214 31.18 -35.18 9.37
C LEU B 214 30.45 -35.95 8.28
N PRO B 215 30.00 -37.21 8.54
CA PRO B 215 29.14 -37.94 7.60
C PRO B 215 27.78 -37.28 7.33
N THR B 216 26.98 -37.90 6.44
CA THR B 216 25.66 -37.42 5.94
C THR B 216 24.74 -37.12 7.13
N ASN B 217 24.19 -35.89 7.17
CA ASN B 217 23.38 -35.29 8.26
C ASN B 217 23.76 -35.91 9.61
N ALA B 218 25.05 -35.84 9.97
CA ALA B 218 25.63 -36.32 11.25
C ALA B 218 25.11 -35.45 12.40
N MET B 219 25.08 -36.01 13.61
CA MET B 219 24.58 -35.35 14.85
C MET B 219 25.67 -34.41 15.39
N VAL B 220 25.32 -33.14 15.59
CA VAL B 220 26.19 -32.10 16.24
C VAL B 220 25.80 -32.03 17.72
N ARG B 221 26.80 -31.90 18.60
CA ARG B 221 26.66 -32.00 20.08
C ARG B 221 27.16 -30.72 20.73
N PRO B 222 26.30 -29.68 20.86
CA PRO B 222 26.68 -28.45 21.56
C PRO B 222 26.61 -28.59 23.09
N SER B 223 26.83 -27.48 23.81
CA SER B 223 26.78 -27.40 25.29
C SER B 223 25.32 -27.20 25.74
N GLN B 224 24.91 -27.93 26.77
CA GLN B 224 23.50 -28.01 27.24
C GLN B 224 23.29 -27.05 28.42
N VAL B 225 22.04 -26.63 28.62
CA VAL B 225 21.61 -25.69 29.69
C VAL B 225 21.38 -26.49 30.98
N PHE B 226 21.79 -25.96 32.13
CA PHE B 226 21.52 -26.56 33.46
C PHE B 226 20.04 -26.36 33.80
N THR B 227 19.55 -25.12 33.73
CA THR B 227 18.30 -24.58 34.34
C THR B 227 17.33 -25.70 34.73
N GLU B 228 17.12 -25.88 36.04
CA GLU B 228 16.18 -26.87 36.64
C GLU B 228 15.10 -26.13 37.44
N LYS B 229 14.09 -26.87 37.91
CA LYS B 229 12.97 -26.35 38.75
C LYS B 229 13.52 -25.98 40.13
N GLN B 240 8.18 -32.88 29.25
CA GLN B 240 9.19 -31.83 29.54
C GLN B 240 10.45 -32.05 28.68
N ASN B 241 11.28 -31.02 28.57
CA ASN B 241 12.46 -30.97 27.66
C ASN B 241 13.71 -31.40 28.43
N SER B 242 14.10 -32.67 28.29
CA SER B 242 15.47 -33.17 28.57
C SER B 242 16.38 -32.74 27.41
N ARG B 243 17.65 -32.46 27.69
CA ARG B 243 18.66 -32.04 26.66
C ARG B 243 18.18 -30.74 26.01
N VAL B 244 18.21 -29.64 26.76
CA VAL B 244 18.02 -28.24 26.26
C VAL B 244 19.41 -27.69 25.92
N PHE B 245 19.59 -27.11 24.72
CA PHE B 245 20.89 -26.61 24.21
C PHE B 245 21.07 -25.12 24.55
N GLN B 246 22.30 -24.73 24.90
CA GLN B 246 22.69 -23.31 25.07
C GLN B 246 22.72 -22.65 23.68
N SER B 247 22.15 -21.45 23.55
CA SER B 247 21.89 -20.77 22.25
C SER B 247 22.39 -19.32 22.27
N THR B 248 22.72 -18.79 21.09
CA THR B 248 22.82 -17.33 20.78
C THR B 248 22.07 -17.04 19.48
N THR B 249 21.87 -15.76 19.18
CA THR B 249 21.23 -15.25 17.94
C THR B 249 22.32 -14.79 16.96
N ILE B 250 22.43 -15.46 15.81
CA ILE B 250 23.24 -15.02 14.63
C ILE B 250 22.26 -14.79 13.47
N ASP B 251 22.42 -13.67 12.75
CA ASP B 251 21.58 -13.27 11.57
C ASP B 251 20.09 -13.35 11.96
N GLY B 252 19.74 -12.97 13.18
CA GLY B 252 18.37 -13.02 13.74
C GLY B 252 17.78 -14.41 13.79
N GLU B 253 18.60 -15.47 13.87
CA GLU B 253 18.12 -16.87 14.04
C GLU B 253 18.97 -17.59 15.09
N ARG B 254 18.35 -18.52 15.82
CA ARG B 254 18.90 -19.23 17.01
C ARG B 254 19.98 -20.22 16.55
N SER B 255 21.09 -20.30 17.29
CA SER B 255 22.24 -21.20 16.99
C SER B 255 22.81 -21.78 18.29
N PRO B 256 23.22 -23.07 18.30
CA PRO B 256 23.95 -23.65 19.42
C PRO B 256 25.39 -23.11 19.48
N ILE B 257 26.02 -23.10 20.66
CA ILE B 257 27.18 -22.21 20.97
C ILE B 257 28.38 -22.94 21.60
N LEU B 258 28.21 -24.11 22.22
CA LEU B 258 29.27 -24.92 22.86
C LEU B 258 30.01 -24.13 23.96
N GLY B 259 29.29 -23.28 24.70
CA GLY B 259 29.71 -22.67 25.97
C GLY B 259 30.93 -21.76 25.88
N ALA B 260 31.08 -20.88 26.88
CA ALA B 260 32.28 -20.04 27.12
C ALA B 260 33.16 -20.70 28.19
N PHE B 261 32.53 -21.19 29.27
CA PHE B 261 33.19 -21.83 30.43
C PHE B 261 33.65 -23.25 30.07
N LYS B 262 32.95 -23.93 29.15
CA LYS B 262 33.30 -25.30 28.70
C LYS B 262 34.59 -25.26 27.87
N THR B 263 34.79 -24.20 27.08
CA THR B 263 35.97 -24.03 26.17
C THR B 263 37.21 -23.66 27.00
N GLY B 264 37.02 -23.00 28.15
CA GLY B 264 38.09 -22.76 29.15
C GLY B 264 38.49 -24.02 29.88
N ALA B 265 37.52 -24.92 30.11
CA ALA B 265 37.71 -26.23 30.79
C ALA B 265 38.54 -27.17 29.91
N ALA B 266 38.36 -27.10 28.58
CA ALA B 266 39.04 -27.94 27.56
C ALA B 266 40.53 -27.54 27.46
N ILE B 267 40.81 -26.24 27.31
CA ILE B 267 42.17 -25.67 27.19
C ILE B 267 42.96 -26.00 28.47
N ALA B 268 42.28 -26.02 29.63
CA ALA B 268 42.86 -26.24 30.97
C ALA B 268 42.74 -27.70 31.42
N THR B 269 42.71 -28.67 30.49
CA THR B 269 42.91 -30.12 30.78
C THR B 269 44.39 -30.43 30.61
N ILE B 270 45.23 -29.86 31.49
CA ILE B 270 46.72 -29.93 31.43
C ILE B 270 47.28 -30.68 32.66
N ASP B 271 46.41 -31.04 33.62
CA ASP B 271 46.81 -31.53 34.97
C ASP B 271 46.90 -33.06 34.95
N ASP B 272 48.11 -33.59 34.71
CA ASP B 272 48.44 -35.04 34.82
C ASP B 272 49.63 -35.20 35.78
N TRP B 273 49.64 -34.43 36.87
CA TRP B 273 50.67 -34.44 37.95
C TRP B 273 50.08 -34.98 39.27
N TYR B 274 48.78 -35.28 39.31
CA TYR B 274 48.01 -35.75 40.49
C TYR B 274 48.54 -37.12 40.94
N PRO B 275 48.39 -37.51 42.23
CA PRO B 275 49.19 -38.55 42.89
C PRO B 275 50.02 -39.53 42.03
N GLU B 276 49.41 -40.33 41.15
CA GLU B 276 50.13 -41.19 40.17
C GLU B 276 50.11 -40.46 38.81
N ALA B 277 49.40 -40.97 37.81
CA ALA B 277 48.87 -40.24 36.62
C ALA B 277 48.25 -41.25 35.64
N THR B 278 47.13 -40.87 35.01
CA THR B 278 46.44 -41.67 33.96
C THR B 278 46.19 -40.78 32.73
N GLU B 279 45.35 -39.75 32.86
CA GLU B 279 45.12 -38.72 31.80
C GLU B 279 44.88 -37.37 32.44
N PRO B 280 45.07 -36.24 31.71
CA PRO B 280 44.91 -34.90 32.28
C PRO B 280 43.48 -34.60 32.77
N LEU B 281 43.37 -33.99 33.96
CA LEU B 281 42.11 -33.46 34.54
C LEU B 281 42.00 -31.97 34.21
N ARG B 282 40.79 -31.40 34.32
CA ARG B 282 40.56 -29.94 34.37
C ARG B 282 41.16 -29.41 35.67
N VAL B 283 42.03 -28.39 35.60
CA VAL B 283 42.81 -27.90 36.78
C VAL B 283 41.82 -27.34 37.82
N GLY B 284 41.91 -27.82 39.06
CA GLY B 284 41.11 -27.36 40.21
C GLY B 284 41.94 -27.37 41.48
N ARG B 285 41.28 -27.23 42.64
CA ARG B 285 41.93 -27.28 43.97
C ARG B 285 42.03 -28.74 44.41
N PHE B 286 40.92 -29.48 44.31
CA PHE B 286 40.79 -30.89 44.74
C PHE B 286 40.72 -31.81 43.51
N GLY B 287 41.55 -31.54 42.50
CA GLY B 287 41.72 -32.32 41.25
C GLY B 287 40.57 -33.29 40.98
N VAL B 288 39.36 -32.77 40.78
CA VAL B 288 38.12 -33.57 40.61
C VAL B 288 38.18 -34.26 39.24
N HIS B 289 37.70 -35.51 39.16
CA HIS B 289 37.48 -36.25 37.89
C HIS B 289 35.96 -36.41 37.68
N ARG B 290 35.51 -36.30 36.43
CA ARG B 290 34.08 -36.23 36.03
C ARG B 290 33.54 -37.64 35.75
N GLU B 291 34.31 -38.46 35.02
CA GLU B 291 33.95 -39.87 34.68
C GLU B 291 33.63 -40.63 35.97
N ASP B 292 34.65 -41.06 36.71
CA ASP B 292 34.51 -41.55 38.11
C ASP B 292 34.41 -40.32 39.02
N VAL B 293 33.41 -40.30 39.92
CA VAL B 293 32.94 -39.09 40.64
C VAL B 293 33.77 -38.92 41.93
N THR B 294 35.04 -39.35 41.93
CA THR B 294 36.00 -39.16 43.04
C THR B 294 36.83 -37.89 42.79
N CYS B 295 37.39 -37.32 43.86
CA CYS B 295 38.45 -36.28 43.84
C CYS B 295 39.81 -36.97 44.03
N TYR B 296 40.66 -36.94 43.01
CA TYR B 296 42.13 -37.08 43.16
C TYR B 296 42.64 -35.73 43.71
N ARG B 297 43.79 -35.72 44.38
CA ARG B 297 44.31 -34.52 45.10
C ARG B 297 43.30 -34.07 46.16
N HIS B 298 42.67 -35.04 46.84
CA HIS B 298 41.77 -34.81 48.01
C HIS B 298 42.63 -34.36 49.18
N PRO B 299 42.22 -33.33 49.98
CA PRO B 299 43.06 -32.76 51.02
C PRO B 299 43.65 -33.72 52.06
N SER B 300 43.20 -34.98 52.11
CA SER B 300 43.80 -36.08 52.90
C SER B 300 45.20 -36.44 52.38
N THR B 301 45.38 -36.45 51.05
CA THR B 301 46.66 -36.80 50.37
C THR B 301 47.72 -35.73 50.61
N GLY B 302 47.30 -34.49 50.93
CA GLY B 302 48.18 -33.33 51.13
C GLY B 302 48.71 -32.80 49.80
N LYS B 303 48.00 -33.08 48.70
CA LYS B 303 48.34 -32.65 47.32
C LYS B 303 47.25 -31.72 46.74
N ASP B 304 46.24 -31.34 47.54
CA ASP B 304 45.24 -30.31 47.17
C ASP B 304 45.95 -28.95 47.16
N PHE B 305 45.26 -27.91 46.70
CA PHE B 305 45.85 -26.58 46.41
C PHE B 305 46.19 -25.83 47.71
N PHE B 306 45.33 -25.93 48.74
CA PHE B 306 45.45 -25.15 50.00
C PHE B 306 46.55 -25.72 50.90
N SER B 307 46.91 -27.00 50.74
CA SER B 307 48.05 -27.67 51.43
C SER B 307 49.38 -27.27 50.76
N ILE B 308 49.38 -27.09 49.43
CA ILE B 308 50.58 -26.74 48.62
C ILE B 308 50.83 -25.22 48.71
N LEU B 309 49.77 -24.40 48.62
CA LEU B 309 49.84 -22.91 48.67
C LEU B 309 50.39 -22.46 50.04
N GLN B 310 49.99 -23.12 51.12
CA GLN B 310 50.42 -22.82 52.51
C GLN B 310 51.88 -23.24 52.76
N GLN B 311 52.56 -23.81 51.75
CA GLN B 311 54.01 -24.16 51.77
C GLN B 311 54.79 -23.33 50.75
N ALA B 312 54.29 -22.13 50.39
CA ALA B 312 54.91 -21.23 49.37
C ALA B 312 56.38 -20.95 49.72
N GLU B 313 56.67 -20.67 51.00
CA GLU B 313 58.03 -20.31 51.51
C GLU B 313 58.99 -21.49 51.30
N HIS B 314 58.52 -22.73 51.50
CA HIS B 314 59.31 -23.97 51.27
C HIS B 314 59.82 -24.02 49.82
N TYR B 315 58.94 -23.77 48.85
CA TYR B 315 59.28 -23.76 47.39
C TYR B 315 60.16 -22.54 47.08
N ILE B 316 59.96 -21.41 47.78
CA ILE B 316 60.85 -20.21 47.68
C ILE B 316 62.27 -20.61 48.16
N GLU B 317 62.38 -21.41 49.22
CA GLU B 317 63.68 -21.94 49.72
C GLU B 317 64.33 -22.85 48.67
N VAL B 318 63.55 -23.74 48.04
CA VAL B 318 64.05 -24.78 47.09
C VAL B 318 64.39 -24.13 45.74
N LEU B 319 63.60 -23.15 45.27
CA LEU B 319 63.76 -22.52 43.92
C LEU B 319 64.94 -21.53 43.90
N SER B 320 65.54 -21.19 45.06
CA SER B 320 66.69 -20.27 45.18
C SER B 320 67.97 -20.95 44.67
N ALA B 321 68.31 -22.12 45.25
CA ALA B 321 69.57 -22.86 45.00
C ALA B 321 69.34 -23.98 43.98
N ASN B 322 70.41 -24.70 43.62
CA ASN B 322 70.43 -25.79 42.60
C ASN B 322 70.38 -27.14 43.33
N LYS B 323 69.49 -28.06 42.92
CA LYS B 323 68.54 -27.92 41.83
C LYS B 323 67.31 -28.80 42.11
N THR B 324 66.15 -28.42 41.57
CA THR B 324 64.81 -28.97 41.87
C THR B 324 64.69 -30.41 41.35
N PRO B 325 64.22 -31.38 42.16
CA PRO B 325 63.95 -32.74 41.67
C PRO B 325 62.68 -32.77 40.80
N ALA B 326 62.83 -33.14 39.51
CA ALA B 326 61.81 -32.97 38.45
C ALA B 326 60.80 -34.13 38.45
N GLN B 327 60.20 -34.43 39.61
CA GLN B 327 59.01 -35.33 39.74
C GLN B 327 58.02 -34.82 40.80
N GLU B 328 58.48 -34.12 41.84
CA GLU B 328 57.65 -33.74 43.02
C GLU B 328 57.48 -32.22 43.11
N THR B 329 58.59 -31.47 43.25
CA THR B 329 58.57 -30.00 43.49
C THR B 329 58.13 -29.25 42.23
N ILE B 330 58.70 -29.59 41.07
CA ILE B 330 58.42 -28.93 39.76
C ILE B 330 56.95 -29.20 39.38
N ASN B 331 56.46 -30.42 39.61
CA ASN B 331 55.05 -30.84 39.37
C ASN B 331 54.10 -30.03 40.26
N ASP B 332 54.45 -29.87 41.54
CA ASP B 332 53.67 -29.06 42.54
C ASP B 332 53.69 -27.58 42.13
N MET B 333 54.83 -27.07 41.67
CA MET B 333 54.98 -25.66 41.22
C MET B 333 54.19 -25.43 39.92
N HIS B 334 54.23 -26.38 38.98
CA HIS B 334 53.39 -26.39 37.75
C HIS B 334 51.91 -26.25 38.14
N PHE B 335 51.46 -27.12 39.05
CA PHE B 335 50.07 -27.17 39.59
C PHE B 335 49.69 -25.82 40.21
N LEU B 336 50.58 -25.24 41.03
CA LEU B 336 50.34 -23.96 41.74
C LEU B 336 50.12 -22.84 40.71
N MET B 337 51.02 -22.72 39.72
CA MET B 337 50.94 -21.71 38.63
C MET B 337 49.69 -21.94 37.78
N ALA B 338 49.42 -23.20 37.41
CA ALA B 338 48.22 -23.62 36.64
C ALA B 338 46.94 -23.16 37.35
N ASN B 339 46.91 -23.24 38.69
CA ASN B 339 45.77 -22.80 39.52
C ASN B 339 45.73 -21.26 39.64
N LEU B 340 46.89 -20.59 39.65
CA LEU B 340 46.97 -19.09 39.71
C LEU B 340 46.53 -18.49 38.37
N ILE B 341 46.85 -19.14 37.24
CA ILE B 341 46.42 -18.73 35.86
C ILE B 341 44.88 -18.73 35.78
N LYS B 342 44.23 -19.67 36.48
CA LYS B 342 42.76 -19.88 36.47
C LYS B 342 42.07 -19.02 37.54
N GLY B 343 42.61 -19.04 38.77
CA GLY B 343 41.85 -19.12 40.02
C GLY B 343 41.26 -17.82 40.52
N GLY B 344 41.12 -17.72 41.86
CA GLY B 344 40.15 -16.88 42.59
C GLY B 344 38.98 -17.75 43.02
N MET B 345 38.64 -17.83 44.32
CA MET B 345 39.17 -17.04 45.42
C MET B 345 39.82 -17.99 46.44
N PHE B 346 41.00 -17.62 46.96
CA PHE B 346 41.85 -18.45 47.85
C PHE B 346 41.82 -17.91 49.29
N GLN B 347 40.62 -17.69 49.83
CA GLN B 347 40.38 -17.11 51.17
C GLN B 347 39.99 -18.21 52.16
N HIS B 348 39.98 -17.89 53.46
CA HIS B 348 39.52 -18.80 54.54
C HIS B 348 39.05 -17.99 55.76
N LYS B 349 37.88 -18.34 56.30
CA LYS B 349 37.22 -17.73 57.49
C LYS B 349 37.48 -16.22 57.56
N LYS C 1 25.52 -53.48 44.53
CA LYS C 1 25.57 -53.36 43.03
C LYS C 1 24.67 -52.22 42.55
N LEU C 2 24.84 -51.80 41.30
CA LEU C 2 24.21 -50.60 40.69
C LEU C 2 24.54 -49.38 41.54
N PRO C 3 25.74 -48.77 41.36
CA PRO C 3 26.25 -47.78 42.31
C PRO C 3 25.70 -46.35 42.15
N THR C 4 24.39 -46.21 41.96
CA THR C 4 23.58 -44.95 42.06
C THR C 4 23.99 -43.89 41.03
N ASN C 5 25.10 -44.07 40.30
CA ASN C 5 25.51 -43.23 39.14
C ASN C 5 26.29 -44.10 38.15
N LEU C 6 25.58 -44.88 37.34
CA LEU C 6 26.17 -45.79 36.32
C LEU C 6 25.51 -45.50 34.96
N ALA C 7 26.21 -44.74 34.10
CA ALA C 7 25.75 -44.35 32.75
C ALA C 7 26.76 -44.85 31.70
N TYR C 8 26.24 -45.30 30.55
CA TYR C 8 27.02 -45.68 29.34
C TYR C 8 26.58 -44.79 28.18
N GLU C 9 27.52 -44.49 27.28
CA GLU C 9 27.29 -43.74 26.03
C GLU C 9 26.99 -44.76 24.92
N ARG C 10 26.17 -44.39 23.93
CA ARG C 10 25.83 -45.27 22.78
C ARG C 10 27.10 -45.51 21.95
N SER C 11 27.21 -46.69 21.34
CA SER C 11 28.36 -47.13 20.51
C SER C 11 27.94 -47.37 19.05
N ILE C 12 26.68 -47.07 18.69
CA ILE C 12 26.18 -47.00 17.28
C ILE C 12 25.40 -45.68 17.13
N ASP C 13 25.81 -44.83 16.19
CA ASP C 13 25.28 -43.46 15.99
C ASP C 13 24.77 -43.32 14.55
N PRO C 14 23.49 -43.70 14.28
CA PRO C 14 22.87 -43.45 12.97
C PRO C 14 22.22 -42.06 12.90
N SER C 15 21.82 -41.65 11.69
CA SER C 15 21.22 -40.32 11.38
C SER C 15 19.91 -40.49 10.61
N ASP C 16 19.18 -39.39 10.39
CA ASP C 16 17.89 -39.33 9.65
C ASP C 16 18.08 -39.90 8.23
N VAL C 17 17.09 -40.63 7.72
CA VAL C 17 17.11 -41.31 6.39
C VAL C 17 16.42 -40.42 5.36
N CYS C 18 17.19 -39.63 4.60
CA CYS C 18 16.68 -38.66 3.60
C CYS C 18 16.15 -39.42 2.37
N PHE C 19 14.91 -39.12 1.97
CA PHE C 19 14.22 -39.69 0.76
C PHE C 19 14.40 -38.74 -0.42
N PHE C 20 14.75 -39.28 -1.58
CA PHE C 20 14.87 -38.55 -2.87
C PHE C 20 14.13 -39.30 -3.97
N VAL C 21 13.52 -38.56 -4.90
CA VAL C 21 12.88 -39.09 -6.14
C VAL C 21 13.91 -38.98 -7.28
N VAL C 22 14.32 -40.11 -7.84
CA VAL C 22 15.24 -40.17 -9.02
C VAL C 22 14.37 -40.33 -10.28
N TRP C 23 14.60 -39.49 -11.28
CA TRP C 23 13.79 -39.42 -12.54
C TRP C 23 14.50 -40.22 -13.64
N PRO C 24 13.80 -40.61 -14.74
CA PRO C 24 14.42 -41.30 -15.88
C PRO C 24 15.66 -40.63 -16.50
N ASP C 25 15.77 -39.30 -16.43
CA ASP C 25 16.95 -38.51 -16.89
C ASP C 25 18.02 -38.46 -15.79
N ASP C 26 17.84 -39.20 -14.69
CA ASP C 26 18.86 -39.49 -13.64
C ASP C 26 19.21 -38.22 -12.86
N ARG C 27 18.24 -37.29 -12.71
CA ARG C 27 18.31 -36.16 -11.76
C ARG C 27 17.49 -36.53 -10.53
N LYS C 28 17.84 -35.97 -9.36
CA LYS C 28 17.20 -36.26 -8.06
C LYS C 28 16.55 -34.98 -7.51
N THR C 29 15.33 -35.10 -6.98
CA THR C 29 14.61 -34.03 -6.23
C THR C 29 14.19 -34.59 -4.88
N PRO C 30 14.16 -33.77 -3.80
CA PRO C 30 13.63 -34.22 -2.51
C PRO C 30 12.17 -34.68 -2.63
N LEU C 31 11.85 -35.86 -2.07
CA LEU C 31 10.46 -36.38 -1.97
C LEU C 31 9.67 -35.43 -1.07
N THR C 32 8.42 -35.13 -1.45
CA THR C 32 7.50 -34.20 -0.74
C THR C 32 6.22 -34.96 -0.36
N TYR C 33 5.33 -34.29 0.37
CA TYR C 33 3.99 -34.82 0.77
C TYR C 33 3.02 -33.65 0.96
N ASN C 34 1.72 -33.95 0.96
CA ASN C 34 0.61 -32.99 1.19
C ASN C 34 -0.21 -33.46 2.40
N SER C 35 -1.17 -32.64 2.84
CA SER C 35 -2.18 -32.95 3.89
C SER C 35 -3.57 -32.92 3.27
N ARG C 36 -4.14 -34.09 2.97
CA ARG C 36 -5.47 -34.23 2.31
C ARG C 36 -6.52 -34.64 3.35
N THR C 37 -7.74 -34.12 3.21
CA THR C 37 -8.93 -34.48 4.01
C THR C 37 -9.65 -35.63 3.31
N LEU C 38 -10.07 -36.65 4.07
CA LEU C 38 -10.74 -37.87 3.55
C LEU C 38 -11.95 -38.21 4.43
N LEU C 39 -13.02 -38.70 3.79
CA LEU C 39 -14.35 -38.96 4.40
C LEU C 39 -14.47 -40.45 4.73
N GLY C 40 -14.23 -40.82 5.99
CA GLY C 40 -14.50 -42.17 6.53
C GLY C 40 -15.92 -42.29 7.03
N GLN C 41 -16.27 -43.45 7.57
CA GLN C 41 -17.62 -43.78 8.13
C GLN C 41 -17.46 -44.18 9.60
N MET C 42 -18.55 -44.05 10.38
CA MET C 42 -18.57 -44.18 11.86
C MET C 42 -18.36 -45.66 12.22
N GLU C 43 -17.12 -46.05 12.52
CA GLU C 43 -16.68 -47.48 12.59
C GLU C 43 -16.13 -47.86 13.97
N ALA C 44 -16.02 -46.92 14.90
CA ALA C 44 -15.60 -47.19 16.30
C ALA C 44 -16.73 -47.93 17.04
N LYS C 45 -16.38 -48.98 17.78
CA LYS C 45 -17.32 -49.76 18.64
C LYS C 45 -17.93 -48.83 19.71
N SER C 46 -17.18 -47.82 20.15
CA SER C 46 -17.58 -46.77 21.11
C SER C 46 -18.85 -46.02 20.63
N LEU C 47 -19.02 -45.86 19.32
CA LEU C 47 -20.14 -45.09 18.70
C LEU C 47 -21.43 -45.92 18.64
N ALA C 48 -21.35 -47.26 18.77
CA ALA C 48 -22.49 -48.20 18.63
C ALA C 48 -22.60 -49.16 19.82
N TYR C 49 -21.79 -49.00 20.87
CA TYR C 49 -21.83 -49.82 22.11
C TYR C 49 -21.31 -48.97 23.28
N ASP C 50 -22.07 -48.87 24.37
CA ASP C 50 -21.68 -48.10 25.59
C ASP C 50 -20.72 -48.99 26.42
N VAL C 51 -21.25 -49.86 27.30
CA VAL C 51 -20.48 -50.88 28.08
C VAL C 51 -21.46 -51.99 28.46
N SER C 52 -21.35 -53.20 27.90
CA SER C 52 -20.72 -53.51 26.62
C SER C 52 -21.80 -54.02 25.68
N GLY C 53 -23.00 -53.44 25.76
CA GLY C 53 -24.27 -54.04 25.29
C GLY C 53 -24.78 -53.39 24.01
N GLN C 54 -25.38 -52.20 24.14
CA GLN C 54 -25.97 -51.39 23.03
C GLN C 54 -26.43 -50.06 23.64
N PRO C 55 -26.19 -48.89 23.01
CA PRO C 55 -26.38 -47.61 23.68
C PRO C 55 -27.85 -47.20 23.76
N ILE C 56 -28.11 -45.99 24.28
CA ILE C 56 -29.36 -45.23 23.98
C ILE C 56 -29.38 -45.07 22.45
N LYS C 57 -30.53 -45.17 21.78
CA LYS C 57 -30.58 -45.12 20.29
C LYS C 57 -30.41 -43.66 19.83
N SER C 58 -29.30 -43.03 20.25
CA SER C 58 -28.69 -41.83 19.61
C SER C 58 -27.87 -42.30 18.41
N ALA C 59 -27.44 -43.57 18.42
CA ALA C 59 -26.78 -44.28 17.30
C ALA C 59 -27.84 -45.07 16.53
N THR C 60 -28.65 -44.38 15.74
CA THR C 60 -29.67 -44.97 14.83
C THR C 60 -28.98 -45.50 13.56
N ALA C 61 -29.74 -46.19 12.71
CA ALA C 61 -29.29 -46.68 11.38
C ALA C 61 -28.96 -45.50 10.46
N GLU C 62 -29.60 -44.34 10.67
CA GLU C 62 -29.37 -43.08 9.92
C GLU C 62 -28.14 -42.34 10.48
N ALA C 63 -27.98 -42.30 11.82
CA ALA C 63 -26.92 -41.56 12.53
C ALA C 63 -25.56 -42.23 12.32
N LEU C 64 -25.51 -43.56 12.16
CA LEU C 64 -24.27 -44.34 11.95
C LEU C 64 -23.84 -44.34 10.47
N ALA C 65 -24.62 -43.70 9.58
CA ALA C 65 -24.34 -43.59 8.12
C ALA C 65 -24.06 -42.13 7.72
N GLN C 66 -23.65 -41.29 8.68
CA GLN C 66 -23.11 -39.92 8.42
C GLN C 66 -21.58 -40.02 8.39
N GLY C 67 -20.95 -39.67 7.26
CA GLY C 67 -19.50 -39.80 7.07
C GLY C 67 -18.72 -38.83 7.94
N ASN C 68 -17.76 -39.33 8.72
CA ASN C 68 -16.87 -38.50 9.58
C ASN C 68 -15.60 -38.18 8.78
N PRO C 69 -15.36 -36.89 8.44
CA PRO C 69 -14.12 -36.49 7.75
C PRO C 69 -12.93 -36.45 8.71
N HIS C 70 -11.76 -36.87 8.24
CA HIS C 70 -10.46 -36.75 8.96
C HIS C 70 -9.41 -36.18 8.00
N GLN C 71 -8.25 -35.79 8.52
CA GLN C 71 -7.12 -35.19 7.75
C GLN C 71 -5.86 -36.03 7.99
N VAL C 72 -5.18 -36.43 6.91
CA VAL C 72 -3.96 -37.29 6.94
C VAL C 72 -2.88 -36.68 6.04
N ASP C 73 -1.61 -36.76 6.47
CA ASP C 73 -0.43 -36.48 5.62
C ASP C 73 -0.28 -37.62 4.62
N PHE C 74 -0.23 -37.30 3.32
CA PHE C 74 -0.19 -38.26 2.20
C PHE C 74 1.12 -38.07 1.41
N CYS C 75 1.98 -39.09 1.44
CA CYS C 75 3.26 -39.17 0.69
C CYS C 75 3.20 -40.36 -0.26
N HIS C 76 3.41 -40.13 -1.55
CA HIS C 76 3.43 -41.15 -2.63
C HIS C 76 4.55 -40.82 -3.62
N VAL C 77 4.91 -41.76 -4.50
CA VAL C 77 5.91 -41.54 -5.58
C VAL C 77 5.22 -40.73 -6.68
N PRO C 78 5.80 -39.60 -7.15
CA PRO C 78 5.18 -38.81 -8.23
C PRO C 78 5.20 -39.58 -9.55
N TYR C 79 4.13 -39.49 -10.35
CA TYR C 79 3.93 -40.22 -11.62
C TYR C 79 5.09 -39.88 -12.58
N GLY C 80 5.75 -40.91 -13.11
CA GLY C 80 6.84 -40.79 -14.10
C GLY C 80 8.22 -40.80 -13.46
N ALA C 81 8.32 -40.99 -12.14
CA ALA C 81 9.60 -41.12 -11.39
C ALA C 81 10.19 -42.51 -11.66
N SER C 82 11.53 -42.60 -11.73
CA SER C 82 12.27 -43.86 -11.98
C SER C 82 12.23 -44.72 -10.72
N HIS C 83 12.70 -44.18 -9.59
CA HIS C 83 12.77 -44.88 -8.28
C HIS C 83 13.05 -43.89 -7.15
N ILE C 84 13.00 -44.38 -5.90
CA ILE C 84 13.26 -43.62 -4.64
C ILE C 84 14.67 -43.99 -4.14
N GLU C 85 15.46 -42.98 -3.74
CA GLU C 85 16.78 -43.15 -3.08
C GLU C 85 16.65 -42.80 -1.59
N CYS C 86 17.08 -43.70 -0.70
CA CYS C 86 17.13 -43.52 0.77
C CYS C 86 18.59 -43.51 1.22
N SER C 87 19.05 -42.35 1.72
CA SER C 87 20.47 -42.07 2.11
C SER C 87 20.55 -41.75 3.60
N PHE C 88 21.48 -42.40 4.31
CA PHE C 88 21.88 -42.06 5.70
C PHE C 88 23.29 -42.59 5.98
N SER C 89 23.81 -42.26 7.17
CA SER C 89 25.17 -42.64 7.66
C SER C 89 25.05 -43.26 9.05
N VAL C 90 25.90 -44.25 9.35
CA VAL C 90 26.00 -44.91 10.69
C VAL C 90 27.49 -45.02 11.05
N SER C 91 27.82 -44.89 12.34
CA SER C 91 29.21 -44.91 12.87
C SER C 91 29.29 -45.82 14.10
N PHE C 92 30.17 -46.83 14.04
CA PHE C 92 30.52 -47.74 15.18
C PHE C 92 31.80 -47.23 15.83
N SER C 93 31.78 -47.10 17.16
CA SER C 93 32.88 -46.61 18.03
C SER C 93 32.99 -47.49 19.28
N SER C 94 33.91 -47.17 20.21
CA SER C 94 34.29 -48.01 21.37
C SER C 94 33.94 -47.32 22.70
N GLU C 95 32.71 -46.83 22.86
CA GLU C 95 32.22 -46.19 24.12
C GLU C 95 31.84 -47.26 25.14
N LEU C 96 31.62 -48.51 24.70
CA LEU C 96 31.20 -49.66 25.56
C LEU C 96 32.36 -50.23 26.38
N ARG C 97 33.61 -49.78 26.16
CA ARG C 97 34.83 -50.37 26.75
C ARG C 97 34.94 -50.02 28.24
N GLN C 98 34.57 -48.80 28.63
CA GLN C 98 34.41 -48.41 30.07
C GLN C 98 33.17 -47.54 30.22
N PRO C 99 32.54 -47.50 31.42
CA PRO C 99 31.38 -46.64 31.67
C PRO C 99 31.66 -45.14 31.47
N TYR C 100 30.62 -44.37 31.11
CA TYR C 100 30.68 -42.90 30.93
C TYR C 100 30.76 -42.23 32.30
N LYS C 101 29.90 -42.67 33.23
CA LYS C 101 29.94 -42.38 34.68
C LYS C 101 29.86 -43.71 35.44
N CYS C 102 30.51 -43.84 36.60
CA CYS C 102 30.50 -45.09 37.42
C CYS C 102 30.30 -44.83 38.91
N ASN C 103 30.98 -43.84 39.51
CA ASN C 103 30.80 -43.43 40.93
C ASN C 103 31.34 -44.52 41.89
N SER C 104 31.98 -45.56 41.35
CA SER C 104 32.43 -46.77 42.10
C SER C 104 33.48 -47.50 41.26
N SER C 105 34.76 -47.36 41.62
CA SER C 105 35.93 -47.94 40.91
C SER C 105 36.13 -49.42 41.30
N LYS C 106 35.08 -50.08 41.81
CA LYS C 106 34.98 -51.55 42.01
C LYS C 106 34.01 -52.13 40.97
N VAL C 107 32.87 -51.47 40.72
CA VAL C 107 31.90 -51.80 39.65
C VAL C 107 32.56 -51.53 38.29
N LYS C 108 33.28 -50.41 38.16
CA LYS C 108 33.96 -49.98 36.91
C LYS C 108 34.91 -51.08 36.43
N GLN C 109 35.87 -51.49 37.27
CA GLN C 109 36.93 -52.47 36.92
C GLN C 109 36.30 -53.82 36.56
N THR C 110 35.24 -54.22 37.29
CA THR C 110 34.40 -55.43 37.01
C THR C 110 33.86 -55.34 35.59
N LEU C 111 33.15 -54.25 35.28
CA LEU C 111 32.54 -53.99 33.94
C LEU C 111 33.62 -54.00 32.86
N VAL C 112 34.69 -53.21 33.03
CA VAL C 112 35.83 -53.12 32.07
C VAL C 112 36.40 -54.53 31.85
N GLN C 113 36.69 -55.27 32.93
CA GLN C 113 37.22 -56.66 32.89
C GLN C 113 36.25 -57.57 32.11
N LEU C 114 34.95 -57.47 32.38
CA LEU C 114 33.91 -58.32 31.73
C LEU C 114 33.89 -58.09 30.20
N VAL C 115 34.02 -56.83 29.77
CA VAL C 115 34.06 -56.44 28.32
C VAL C 115 35.33 -57.03 27.68
N GLU C 116 36.46 -56.99 28.41
CA GLU C 116 37.76 -57.57 27.95
C GLU C 116 37.63 -59.09 27.83
N LEU C 117 37.07 -59.75 28.86
CA LEU C 117 36.90 -61.23 28.89
C LEU C 117 35.93 -61.67 27.78
N TYR C 118 34.83 -60.94 27.59
CA TYR C 118 33.89 -61.18 26.46
C TYR C 118 34.68 -61.14 25.15
N GLU C 119 35.28 -59.99 24.84
CA GLU C 119 36.10 -59.74 23.61
C GLU C 119 37.07 -60.91 23.40
N THR C 120 37.77 -61.34 24.46
CA THR C 120 38.81 -62.41 24.41
C THR C 120 38.16 -63.76 24.12
N LYS C 121 37.26 -64.23 24.99
CA LYS C 121 36.67 -65.60 24.93
C LYS C 121 35.74 -65.72 23.72
N ILE C 122 34.74 -64.83 23.64
CA ILE C 122 33.67 -64.81 22.59
C ILE C 122 33.86 -63.54 21.74
N GLY C 123 34.43 -63.67 20.54
CA GLY C 123 34.76 -62.56 19.62
C GLY C 123 33.55 -61.70 19.28
N TRP C 124 33.80 -60.47 18.79
CA TRP C 124 32.77 -59.46 18.40
C TRP C 124 31.98 -59.89 17.15
N THR C 125 32.47 -60.90 16.43
CA THR C 125 31.99 -61.33 15.08
C THR C 125 30.46 -61.54 15.09
N GLU C 126 29.91 -62.16 16.14
CA GLU C 126 28.46 -62.46 16.29
C GLU C 126 27.65 -61.16 16.26
N LEU C 127 27.86 -60.27 17.24
CA LEU C 127 27.13 -58.98 17.38
C LEU C 127 27.42 -58.10 16.15
N ALA C 128 28.69 -58.02 15.73
CA ALA C 128 29.12 -57.24 14.53
C ALA C 128 28.34 -57.69 13.30
N THR C 129 28.28 -59.01 13.06
CA THR C 129 27.51 -59.65 11.94
C THR C 129 26.03 -59.27 12.06
N ARG C 130 25.45 -59.41 13.26
CA ARG C 130 23.99 -59.19 13.51
C ARG C 130 23.62 -57.72 13.32
N TYR C 131 24.47 -56.78 13.76
CA TYR C 131 24.26 -55.31 13.56
C TYR C 131 24.36 -54.97 12.06
N LEU C 132 25.30 -55.57 11.34
CA LEU C 132 25.59 -55.23 9.92
C LEU C 132 24.59 -55.91 8.97
N MET C 133 24.07 -57.09 9.33
CA MET C 133 23.08 -57.85 8.50
C MET C 133 21.86 -56.97 8.21
N ASN C 134 21.29 -56.32 9.23
CA ASN C 134 20.04 -55.52 9.14
C ASN C 134 20.37 -54.04 8.90
N ILE C 135 21.60 -53.72 8.50
CA ILE C 135 22.00 -52.49 7.77
C ILE C 135 22.06 -52.80 6.28
N CYS C 136 22.44 -54.03 5.91
CA CYS C 136 22.69 -54.44 4.50
C CYS C 136 21.48 -55.18 3.91
N ASN C 137 20.38 -55.35 4.65
CA ASN C 137 19.09 -55.91 4.14
C ASN C 137 17.95 -54.88 4.19
N GLY C 138 18.23 -53.63 4.60
CA GLY C 138 17.26 -52.51 4.59
C GLY C 138 16.13 -52.68 5.58
N LYS C 139 16.41 -53.27 6.75
CA LYS C 139 15.48 -53.37 7.92
C LYS C 139 15.09 -51.97 8.41
N TRP C 140 15.95 -50.98 8.16
CA TRP C 140 15.79 -49.55 8.55
C TRP C 140 14.81 -48.80 7.63
N LEU C 141 14.25 -49.45 6.59
CA LEU C 141 13.18 -48.90 5.72
C LEU C 141 11.79 -49.28 6.28
N TRP C 142 11.74 -50.32 7.12
CA TRP C 142 10.60 -50.71 7.98
C TRP C 142 9.46 -51.32 7.15
N LYS C 143 8.67 -50.51 6.45
CA LYS C 143 7.44 -50.95 5.74
C LYS C 143 7.51 -50.72 4.22
N ASN C 144 8.50 -49.95 3.74
CA ASN C 144 8.60 -49.51 2.33
C ASN C 144 9.03 -50.70 1.45
N THR C 145 9.84 -51.61 1.99
CA THR C 145 10.35 -52.83 1.32
C THR C 145 9.20 -53.83 1.12
N ARG C 146 8.22 -53.85 2.03
CA ARG C 146 6.93 -54.57 1.83
C ARG C 146 6.15 -53.84 0.75
N LYS C 147 5.68 -54.57 -0.28
CA LYS C 147 4.94 -54.04 -1.46
C LYS C 147 5.88 -53.20 -2.34
N ALA C 148 7.12 -53.66 -2.52
CA ALA C 148 8.12 -53.11 -3.46
C ALA C 148 8.43 -54.17 -4.54
N TYR C 149 8.99 -53.75 -5.68
CA TYR C 149 9.49 -54.66 -6.74
C TYR C 149 10.89 -55.15 -6.35
N CYS C 150 11.77 -54.21 -6.03
CA CYS C 150 13.22 -54.43 -5.79
C CYS C 150 13.79 -53.30 -4.92
N TRP C 151 14.71 -53.63 -4.00
CA TRP C 151 15.57 -52.62 -3.32
C TRP C 151 17.03 -53.11 -3.30
N ASN C 152 17.93 -52.25 -3.78
CA ASN C 152 19.41 -52.47 -3.79
C ASN C 152 20.02 -51.55 -2.74
N ILE C 153 21.02 -52.04 -2.00
CA ILE C 153 21.75 -51.27 -0.94
C ILE C 153 23.24 -51.23 -1.31
N VAL C 154 23.78 -50.02 -1.50
CA VAL C 154 25.23 -49.77 -1.74
C VAL C 154 25.73 -48.93 -0.54
N LEU C 155 26.80 -49.39 0.12
CA LEU C 155 27.43 -48.63 1.24
C LEU C 155 28.92 -48.39 0.94
N THR C 156 29.42 -47.22 1.35
CA THR C 156 30.85 -46.82 1.28
C THR C 156 31.36 -46.63 2.71
N PRO C 157 32.23 -47.54 3.22
CA PRO C 157 32.80 -47.38 4.54
C PRO C 157 34.02 -46.44 4.60
N TRP C 158 34.51 -46.18 5.81
CA TRP C 158 35.72 -45.39 6.11
C TRP C 158 36.24 -45.80 7.49
N PRO C 159 37.56 -46.00 7.71
CA PRO C 159 38.60 -45.91 6.68
C PRO C 159 38.61 -47.16 5.80
N TRP C 160 38.78 -46.99 4.48
CA TRP C 160 38.54 -48.03 3.46
C TRP C 160 39.33 -47.74 2.19
N ASN C 161 40.01 -48.77 1.66
CA ASN C 161 40.74 -48.76 0.35
C ASN C 161 40.04 -49.73 -0.60
N GLY C 162 39.36 -49.21 -1.63
CA GLY C 162 38.69 -50.01 -2.67
C GLY C 162 37.49 -49.32 -3.27
N GLU C 163 36.42 -50.08 -3.54
CA GLU C 163 35.23 -49.67 -4.33
C GLU C 163 34.11 -49.27 -3.35
N LYS C 164 32.85 -49.35 -3.78
CA LYS C 164 31.66 -49.33 -2.88
C LYS C 164 31.09 -50.75 -2.78
N VAL C 165 30.77 -51.19 -1.56
CA VAL C 165 30.19 -52.54 -1.30
C VAL C 165 28.71 -52.49 -1.67
N GLY C 166 28.30 -53.34 -2.62
CA GLY C 166 26.95 -53.42 -3.20
C GLY C 166 26.22 -54.68 -2.76
N PHE C 167 24.89 -54.58 -2.64
CA PHE C 167 23.95 -55.69 -2.35
C PHE C 167 22.75 -55.53 -3.29
N GLU C 168 22.71 -56.33 -4.37
CA GLU C 168 21.64 -56.32 -5.40
C GLU C 168 20.39 -57.00 -4.84
N ASP C 169 19.28 -57.00 -5.61
CA ASP C 169 17.90 -57.39 -5.20
C ASP C 169 17.93 -58.23 -3.92
N ILE C 170 17.50 -57.65 -2.79
CA ILE C 170 17.53 -58.25 -1.42
C ILE C 170 16.16 -58.87 -1.12
N ARG C 171 15.64 -59.69 -2.03
CA ARG C 171 14.54 -60.66 -1.78
C ARG C 171 14.92 -62.04 -2.35
N THR C 172 15.72 -62.06 -3.43
CA THR C 172 16.22 -63.26 -4.13
C THR C 172 17.61 -63.64 -3.60
N ASN C 173 18.53 -62.67 -3.55
CA ASN C 173 19.99 -62.89 -3.36
C ASN C 173 20.31 -63.08 -1.88
N TYR C 174 19.93 -62.11 -1.03
CA TYR C 174 20.31 -62.02 0.41
C TYR C 174 19.09 -62.28 1.29
N THR C 175 18.95 -63.52 1.76
CA THR C 175 17.87 -64.00 2.68
C THR C 175 18.51 -64.52 3.99
N SER C 176 19.50 -65.41 3.89
CA SER C 176 20.24 -66.03 5.02
C SER C 176 21.60 -65.34 5.22
N ARG C 177 22.31 -65.72 6.29
CA ARG C 177 23.67 -65.18 6.64
C ARG C 177 24.68 -65.60 5.56
N GLN C 178 24.63 -66.87 5.15
CA GLN C 178 25.56 -67.46 4.14
C GLN C 178 25.43 -66.73 2.81
N ASP C 179 24.23 -66.23 2.47
CA ASP C 179 23.98 -65.36 1.30
C ASP C 179 24.68 -64.01 1.52
N PHE C 180 24.69 -63.51 2.76
CA PHE C 180 25.33 -62.23 3.15
C PHE C 180 26.86 -62.35 3.18
N LYS C 181 27.40 -63.57 3.31
CA LYS C 181 28.87 -63.80 3.19
C LYS C 181 29.26 -63.62 1.72
N ASN C 182 29.10 -62.38 1.23
CA ASN C 182 29.54 -61.87 -0.09
C ASN C 182 31.07 -61.92 -0.08
N ASN C 183 31.62 -63.05 -0.52
CA ASN C 183 33.06 -63.44 -0.40
C ASN C 183 33.97 -62.27 -0.82
N LYS C 184 33.48 -61.41 -1.73
CA LYS C 184 34.18 -60.19 -2.20
C LYS C 184 34.48 -59.27 -1.02
N ASN C 185 33.46 -58.82 -0.27
CA ASN C 185 33.56 -57.63 0.62
C ASN C 185 33.12 -57.90 2.07
N TRP C 186 32.33 -58.94 2.35
CA TRP C 186 31.66 -59.12 3.67
C TRP C 186 32.68 -59.18 4.83
N SER C 187 33.64 -60.10 4.76
CA SER C 187 34.66 -60.37 5.81
C SER C 187 35.50 -59.12 6.09
N ALA C 188 35.74 -58.28 5.07
CA ALA C 188 36.56 -57.05 5.16
C ALA C 188 35.80 -55.92 5.89
N ILE C 189 34.46 -55.95 5.92
CA ILE C 189 33.61 -54.89 6.54
C ILE C 189 32.96 -55.40 7.85
N VAL C 190 33.08 -56.70 8.17
CA VAL C 190 32.77 -57.24 9.53
C VAL C 190 33.96 -56.89 10.44
N GLU C 191 35.18 -57.28 10.05
CA GLU C 191 36.43 -56.60 10.48
C GLU C 191 36.29 -55.12 10.11
N MET C 192 36.73 -54.23 11.01
CA MET C 192 36.50 -52.75 10.97
C MET C 192 35.40 -52.40 11.98
N ILE C 193 34.37 -53.24 12.12
CA ILE C 193 33.35 -53.14 13.21
C ILE C 193 33.90 -53.84 14.45
N LYS C 194 34.67 -54.93 14.27
CA LYS C 194 35.35 -55.67 15.37
C LYS C 194 36.51 -54.84 15.92
N THR C 195 37.21 -54.07 15.07
CA THR C 195 38.35 -53.18 15.46
C THR C 195 37.81 -51.91 16.09
N ALA C 196 36.69 -51.37 15.58
CA ALA C 196 35.96 -50.19 16.12
C ALA C 196 35.46 -50.47 17.55
N PHE C 197 35.16 -51.74 17.86
CA PHE C 197 34.71 -52.20 19.21
C PHE C 197 35.92 -52.58 20.08
N SER C 198 36.89 -53.32 19.51
CA SER C 198 38.07 -53.88 20.24
C SER C 198 38.97 -52.75 20.74
N SER C 199 39.54 -51.96 19.83
CA SER C 199 40.55 -50.91 20.14
C SER C 199 39.86 -49.68 20.75
N THR C 200 40.48 -49.09 21.78
CA THR C 200 40.23 -47.70 22.25
C THR C 200 40.48 -46.74 21.08
N ASP C 201 39.74 -45.62 21.04
CA ASP C 201 39.72 -44.62 19.94
C ASP C 201 39.45 -45.30 18.58
N GLY C 202 38.68 -46.40 18.59
CA GLY C 202 38.28 -47.12 17.37
C GLY C 202 37.08 -46.46 16.72
N LEU C 203 37.01 -46.48 15.37
CA LEU C 203 35.93 -45.81 14.61
C LEU C 203 35.73 -46.50 13.25
N ALA C 204 34.47 -46.72 12.86
CA ALA C 204 34.05 -47.15 11.51
C ALA C 204 32.78 -46.40 11.09
N ILE C 205 32.88 -45.57 10.04
CA ILE C 205 31.74 -44.76 9.49
C ILE C 205 31.33 -45.36 8.14
N PHE C 206 30.04 -45.69 8.00
CA PHE C 206 29.39 -46.19 6.75
C PHE C 206 28.40 -45.14 6.24
N GLU C 207 28.51 -44.77 4.96
CA GLU C 207 27.48 -44.02 4.19
C GLU C 207 26.64 -45.04 3.41
N VAL C 208 25.40 -45.28 3.85
CA VAL C 208 24.50 -46.32 3.28
C VAL C 208 23.49 -45.63 2.35
N ARG C 209 23.34 -46.12 1.11
CA ARG C 209 22.34 -45.63 0.13
C ARG C 209 21.56 -46.84 -0.42
N ALA C 210 20.22 -46.80 -0.30
CA ALA C 210 19.29 -47.83 -0.83
C ALA C 210 18.45 -47.22 -1.95
N THR C 211 18.08 -48.04 -2.95
CA THR C 211 17.21 -47.65 -4.10
C THR C 211 15.96 -48.54 -4.12
N LEU C 212 14.79 -47.96 -3.83
CA LEU C 212 13.46 -48.64 -3.82
C LEU C 212 12.79 -48.47 -5.19
N HIS C 213 12.53 -49.58 -5.89
CA HIS C 213 11.66 -49.63 -7.10
C HIS C 213 10.24 -50.04 -6.65
N LEU C 214 9.31 -49.09 -6.62
CA LEU C 214 7.90 -49.30 -6.21
C LEU C 214 7.00 -49.26 -7.45
N PRO C 215 5.78 -49.84 -7.39
CA PRO C 215 4.77 -49.62 -8.44
C PRO C 215 4.32 -48.16 -8.59
N THR C 216 3.48 -47.90 -9.60
CA THR C 216 2.99 -46.54 -10.00
C THR C 216 2.21 -45.90 -8.85
N ASN C 217 2.58 -44.66 -8.47
CA ASN C 217 1.92 -43.83 -7.43
C ASN C 217 1.91 -44.57 -6.08
N ALA C 218 2.92 -45.42 -5.82
CA ALA C 218 3.04 -46.21 -4.57
C ALA C 218 3.22 -45.26 -3.38
N MET C 219 2.66 -45.64 -2.23
CA MET C 219 2.68 -44.82 -0.98
C MET C 219 3.99 -45.08 -0.23
N VAL C 220 4.68 -44.00 0.16
CA VAL C 220 5.89 -44.03 1.04
C VAL C 220 5.41 -43.87 2.49
N ARG C 221 6.03 -44.62 3.40
CA ARG C 221 5.67 -44.68 4.85
C ARG C 221 6.83 -44.16 5.68
N PRO C 222 6.93 -42.82 5.92
CA PRO C 222 7.97 -42.28 6.79
C PRO C 222 7.59 -42.38 8.28
N SER C 223 8.39 -41.75 9.14
CA SER C 223 8.15 -41.66 10.61
C SER C 223 6.97 -40.72 10.88
N GLN C 224 6.23 -40.98 11.96
CA GLN C 224 5.08 -40.15 12.40
C GLN C 224 5.48 -39.37 13.66
N VAL C 225 4.94 -38.17 13.81
CA VAL C 225 5.23 -37.23 14.94
C VAL C 225 4.41 -37.67 16.16
N PHE C 226 5.06 -37.78 17.32
CA PHE C 226 4.39 -37.80 18.64
C PHE C 226 3.84 -36.38 18.90
N THR C 227 2.54 -36.26 19.13
CA THR C 227 1.81 -34.96 19.18
C THR C 227 1.46 -34.60 20.63
N GLU C 228 1.25 -33.30 20.88
CA GLU C 228 0.96 -32.70 22.22
C GLU C 228 -0.31 -33.34 22.79
N LYS C 229 -1.49 -32.96 22.27
CA LYS C 229 -2.85 -33.35 22.73
C LYS C 229 -2.82 -33.81 24.20
N ALA C 238 -12.48 -31.28 20.49
CA ALA C 238 -11.42 -32.07 19.84
C ALA C 238 -11.56 -31.97 18.31
N THR C 239 -10.50 -31.50 17.62
CA THR C 239 -10.43 -31.34 16.16
C THR C 239 -9.88 -32.62 15.52
N GLN C 240 -9.98 -32.73 14.19
CA GLN C 240 -9.57 -33.91 13.39
C GLN C 240 -8.13 -33.71 12.89
N ASN C 241 -7.28 -34.73 13.08
CA ASN C 241 -5.96 -34.91 12.43
C ASN C 241 -5.40 -36.29 12.80
N SER C 242 -4.98 -37.07 11.80
CA SER C 242 -4.30 -38.38 11.95
C SER C 242 -3.08 -38.43 11.02
N ARG C 243 -2.04 -39.17 11.41
CA ARG C 243 -0.84 -39.39 10.56
C ARG C 243 -0.20 -38.04 10.21
N VAL C 244 0.45 -37.40 11.20
CA VAL C 244 1.38 -36.25 11.01
C VAL C 244 2.79 -36.84 10.86
N PHE C 245 3.53 -36.43 9.83
CA PHE C 245 4.86 -37.00 9.46
C PHE C 245 6.00 -36.15 10.04
N GLN C 246 7.09 -36.82 10.43
CA GLN C 246 8.40 -36.19 10.75
C GLN C 246 9.07 -35.76 9.45
N SER C 247 9.62 -34.54 9.41
CA SER C 247 10.16 -33.89 8.19
C SER C 247 11.49 -33.19 8.48
N THR C 248 12.23 -32.87 7.40
CA THR C 248 13.39 -31.92 7.41
C THR C 248 13.31 -31.02 6.17
N THR C 249 14.16 -29.98 6.14
CA THR C 249 14.29 -29.01 5.02
C THR C 249 15.46 -29.41 4.13
N ILE C 250 15.19 -29.75 2.87
CA ILE C 250 16.20 -30.04 1.81
C ILE C 250 15.91 -29.11 0.62
N ASP C 251 16.91 -28.34 0.17
CA ASP C 251 16.85 -27.39 -0.98
C ASP C 251 15.66 -26.43 -0.82
N GLY C 252 15.35 -26.04 0.43
CA GLY C 252 14.22 -25.13 0.76
C GLY C 252 12.87 -25.82 0.76
N GLU C 253 12.79 -27.12 0.43
CA GLU C 253 11.55 -27.93 0.41
C GLU C 253 11.47 -28.80 1.68
N ARG C 254 10.25 -29.12 2.11
CA ARG C 254 9.97 -29.98 3.31
C ARG C 254 9.86 -31.43 2.83
N SER C 255 10.66 -32.33 3.41
CA SER C 255 10.79 -33.76 3.00
C SER C 255 10.66 -34.68 4.22
N PRO C 256 9.95 -35.83 4.10
CA PRO C 256 9.87 -36.80 5.19
C PRO C 256 11.20 -37.54 5.39
N ILE C 257 11.47 -38.05 6.60
CA ILE C 257 12.86 -38.38 7.06
C ILE C 257 13.00 -39.80 7.66
N LEU C 258 11.94 -40.42 8.19
CA LEU C 258 11.96 -41.80 8.77
C LEU C 258 12.82 -41.86 10.05
N GLY C 259 13.12 -40.73 10.69
CA GLY C 259 13.63 -40.64 12.07
C GLY C 259 15.09 -41.05 12.20
N ALA C 260 15.75 -40.57 13.27
CA ALA C 260 17.14 -40.90 13.65
C ALA C 260 17.16 -41.96 14.76
N PHE C 261 16.15 -41.96 15.64
CA PHE C 261 15.97 -42.95 16.74
C PHE C 261 15.29 -44.21 16.21
N LYS C 262 14.40 -44.08 15.23
CA LYS C 262 13.68 -45.22 14.57
C LYS C 262 14.70 -46.07 13.79
N THR C 263 15.57 -45.45 13.00
CA THR C 263 16.64 -46.14 12.20
C THR C 263 17.61 -46.85 13.15
N GLY C 264 17.87 -46.29 14.34
CA GLY C 264 18.67 -46.92 15.41
C GLY C 264 18.00 -48.15 15.98
N ALA C 265 16.67 -48.09 16.17
CA ALA C 265 15.82 -49.19 16.68
C ALA C 265 15.82 -50.37 15.69
N ALA C 266 15.93 -50.09 14.38
CA ALA C 266 15.93 -51.09 13.28
C ALA C 266 17.22 -51.91 13.31
N ILE C 267 18.37 -51.25 13.49
CA ILE C 267 19.72 -51.88 13.48
C ILE C 267 19.89 -52.73 14.75
N ALA C 268 19.28 -52.29 15.87
CA ALA C 268 19.34 -52.94 17.20
C ALA C 268 18.16 -53.91 17.39
N THR C 269 17.59 -54.45 16.30
CA THR C 269 16.58 -55.53 16.30
C THR C 269 17.31 -56.87 16.08
N ILE C 270 18.03 -57.33 17.10
CA ILE C 270 18.92 -58.53 17.05
C ILE C 270 18.66 -59.47 18.24
N ASP C 271 17.67 -59.18 19.10
CA ASP C 271 17.48 -59.85 20.42
C ASP C 271 16.50 -61.02 20.26
N ASP C 272 17.01 -62.22 19.94
CA ASP C 272 16.23 -63.47 19.86
C ASP C 272 16.83 -64.52 20.82
N TRP C 273 17.42 -64.06 21.93
CA TRP C 273 18.01 -64.90 23.01
C TRP C 273 17.07 -64.98 24.22
N TYR C 274 15.90 -64.33 24.14
CA TYR C 274 14.88 -64.22 25.22
C TYR C 274 14.20 -65.59 25.42
N PRO C 275 13.64 -65.87 26.63
CA PRO C 275 13.23 -67.22 27.03
C PRO C 275 13.07 -68.32 25.96
N GLU C 276 12.12 -68.16 25.02
CA GLU C 276 11.88 -69.12 23.91
C GLU C 276 12.62 -68.58 22.67
N ALA C 277 11.88 -68.00 21.70
CA ALA C 277 12.38 -67.32 20.48
C ALA C 277 11.32 -67.39 19.39
N THR C 278 10.76 -66.23 19.00
CA THR C 278 9.80 -66.06 17.87
C THR C 278 10.40 -65.10 16.84
N GLU C 279 10.64 -63.84 17.25
CA GLU C 279 11.14 -62.73 16.40
C GLU C 279 12.23 -61.97 17.13
N PRO C 280 13.30 -61.48 16.45
CA PRO C 280 14.26 -60.59 17.09
C PRO C 280 13.58 -59.30 17.61
N LEU C 281 13.77 -59.00 18.90
CA LEU C 281 13.23 -57.79 19.57
C LEU C 281 14.26 -56.65 19.46
N ARG C 282 13.80 -55.41 19.64
CA ARG C 282 14.65 -54.21 19.81
C ARG C 282 15.40 -54.36 21.15
N VAL C 283 16.72 -54.22 21.16
CA VAL C 283 17.57 -54.41 22.37
C VAL C 283 17.12 -53.39 23.43
N GLY C 284 16.65 -53.89 24.59
CA GLY C 284 16.29 -53.11 25.77
C GLY C 284 16.66 -53.86 27.05
N ARG C 285 16.08 -53.47 28.19
CA ARG C 285 16.36 -54.10 29.51
C ARG C 285 15.32 -55.20 29.77
N PHE C 286 14.03 -54.89 29.59
CA PHE C 286 12.89 -55.82 29.83
C PHE C 286 12.33 -56.31 28.48
N GLY C 287 13.19 -56.70 27.55
CA GLY C 287 12.86 -57.26 26.22
C GLY C 287 11.41 -56.99 25.81
N VAL C 288 11.07 -55.72 25.58
CA VAL C 288 9.69 -55.27 25.21
C VAL C 288 9.41 -55.68 23.77
N HIS C 289 8.22 -56.23 23.52
CA HIS C 289 7.59 -56.35 22.18
C HIS C 289 6.55 -55.22 22.06
N ARG C 290 6.51 -54.52 20.93
CA ARG C 290 5.60 -53.36 20.71
C ARG C 290 4.30 -53.87 20.08
N GLU C 291 4.40 -54.79 19.10
CA GLU C 291 3.27 -55.53 18.47
C GLU C 291 2.39 -56.14 19.57
N ASP C 292 2.85 -57.23 20.21
CA ASP C 292 2.23 -57.80 21.44
C ASP C 292 2.52 -56.81 22.57
N VAL C 293 1.49 -56.24 23.21
CA VAL C 293 1.65 -55.12 24.19
C VAL C 293 2.18 -55.68 25.52
N THR C 294 2.53 -56.98 25.59
CA THR C 294 3.36 -57.60 26.66
C THR C 294 4.84 -57.25 26.44
N CYS C 295 5.66 -57.50 27.46
CA CYS C 295 7.16 -57.48 27.39
C CYS C 295 7.69 -58.81 27.94
N TYR C 296 8.57 -59.47 27.19
CA TYR C 296 9.33 -60.67 27.63
C TYR C 296 10.50 -60.20 28.51
N ARG C 297 11.37 -61.11 28.94
CA ARG C 297 12.51 -60.79 29.83
C ARG C 297 12.00 -59.99 31.03
N HIS C 298 10.85 -60.37 31.60
CA HIS C 298 10.22 -59.69 32.76
C HIS C 298 11.09 -59.95 33.99
N PRO C 299 11.26 -58.99 34.92
CA PRO C 299 11.96 -59.24 36.19
C PRO C 299 11.70 -60.59 36.87
N SER C 300 10.47 -61.12 36.77
CA SER C 300 10.05 -62.46 37.29
C SER C 300 10.83 -63.57 36.57
N THR C 301 10.95 -63.48 35.25
CA THR C 301 11.72 -64.40 34.36
C THR C 301 13.17 -64.53 34.86
N GLY C 302 13.79 -63.41 35.26
CA GLY C 302 15.19 -63.34 35.71
C GLY C 302 16.16 -63.23 34.55
N LYS C 303 15.69 -62.76 33.38
CA LYS C 303 16.50 -62.60 32.14
C LYS C 303 16.48 -61.14 31.66
N ASP C 304 16.01 -60.20 32.49
CA ASP C 304 16.15 -58.73 32.24
C ASP C 304 17.61 -58.33 32.48
N PHE C 305 17.98 -57.11 32.10
CA PHE C 305 19.40 -56.62 32.10
C PHE C 305 19.94 -56.55 33.53
N PHE C 306 19.13 -56.14 34.50
CA PHE C 306 19.55 -55.87 35.91
C PHE C 306 19.82 -57.18 36.63
N SER C 307 18.94 -58.17 36.47
CA SER C 307 19.05 -59.53 37.05
C SER C 307 20.32 -60.24 36.53
N ILE C 308 20.74 -59.93 35.29
CA ILE C 308 21.94 -60.53 34.63
C ILE C 308 23.18 -59.71 34.99
N LEU C 309 23.12 -58.37 34.97
CA LEU C 309 24.26 -57.46 35.27
C LEU C 309 24.74 -57.65 36.71
N GLN C 310 23.82 -57.95 37.63
CA GLN C 310 24.13 -58.20 39.07
C GLN C 310 24.87 -59.53 39.27
N GLN C 311 25.11 -60.30 38.19
CA GLN C 311 25.92 -61.55 38.20
C GLN C 311 27.15 -61.40 37.29
N ALA C 312 27.69 -60.18 37.17
CA ALA C 312 28.93 -59.86 36.39
C ALA C 312 30.09 -60.72 36.90
N GLU C 313 30.20 -60.88 38.22
CA GLU C 313 31.30 -61.62 38.92
C GLU C 313 31.22 -63.10 38.54
N HIS C 314 30.03 -63.69 38.61
CA HIS C 314 29.72 -65.07 38.13
C HIS C 314 30.22 -65.23 36.69
N TYR C 315 29.80 -64.33 35.79
CA TYR C 315 30.14 -64.35 34.35
C TYR C 315 31.66 -64.19 34.16
N ILE C 316 32.35 -63.40 35.01
CA ILE C 316 33.83 -63.28 34.99
C ILE C 316 34.45 -64.64 35.36
N GLU C 317 33.87 -65.36 36.33
CA GLU C 317 34.35 -66.71 36.77
C GLU C 317 34.18 -67.73 35.63
N VAL C 318 33.08 -67.65 34.88
CA VAL C 318 32.71 -68.64 33.82
C VAL C 318 33.59 -68.44 32.57
N LEU C 319 33.88 -67.19 32.19
CA LEU C 319 34.64 -66.85 30.95
C LEU C 319 36.16 -66.84 31.23
N SER C 320 36.65 -67.74 32.09
CA SER C 320 38.06 -67.82 32.54
C SER C 320 38.74 -69.08 32.00
N ALA C 321 38.11 -70.24 32.13
CA ALA C 321 38.61 -71.57 31.66
C ALA C 321 37.72 -72.10 30.54
N ASN C 322 38.12 -73.22 29.93
CA ASN C 322 37.38 -73.90 28.82
C ASN C 322 36.30 -74.80 29.43
N LYS C 323 35.10 -74.85 28.81
CA LYS C 323 34.72 -74.04 27.65
C LYS C 323 33.26 -73.60 27.84
N THR C 324 32.97 -72.33 27.52
CA THR C 324 31.69 -71.63 27.80
C THR C 324 30.56 -72.32 27.04
N PRO C 325 29.48 -72.77 27.74
CA PRO C 325 28.35 -73.42 27.08
C PRO C 325 27.43 -72.39 26.41
N ALA C 326 27.02 -72.64 25.17
CA ALA C 326 26.28 -71.70 24.29
C ALA C 326 24.77 -71.94 24.40
N GLN C 327 24.22 -71.95 25.62
CA GLN C 327 22.79 -72.21 25.90
C GLN C 327 22.19 -71.10 26.79
N GLU C 328 22.89 -70.67 27.86
CA GLU C 328 22.37 -69.66 28.84
C GLU C 328 23.46 -68.73 29.39
N THR C 329 24.72 -68.80 28.92
CA THR C 329 25.83 -67.92 29.39
C THR C 329 26.31 -67.04 28.23
N ILE C 330 26.61 -67.62 27.06
CA ILE C 330 26.99 -66.89 25.82
C ILE C 330 25.81 -65.99 25.39
N ASN C 331 24.60 -66.56 25.39
CA ASN C 331 23.33 -65.86 25.04
C ASN C 331 23.08 -64.70 26.00
N ASP C 332 23.40 -64.86 27.29
CA ASP C 332 23.30 -63.81 28.34
C ASP C 332 24.38 -62.74 28.12
N MET C 333 25.61 -63.16 27.79
CA MET C 333 26.74 -62.24 27.49
C MET C 333 26.41 -61.39 26.26
N HIS C 334 25.87 -62.01 25.20
CA HIS C 334 25.39 -61.32 23.96
C HIS C 334 24.41 -60.19 24.35
N PHE C 335 23.39 -60.52 25.15
CA PHE C 335 22.35 -59.59 25.65
C PHE C 335 23.00 -58.49 26.50
N LEU C 336 23.91 -58.86 27.42
CA LEU C 336 24.61 -57.90 28.31
C LEU C 336 25.42 -56.90 27.46
N MET C 337 26.20 -57.40 26.50
CA MET C 337 27.02 -56.56 25.59
C MET C 337 26.11 -55.68 24.74
N ALA C 338 25.12 -56.26 24.05
CA ALA C 338 24.13 -55.54 23.22
C ALA C 338 23.52 -54.36 24.00
N ASN C 339 23.27 -54.54 25.30
CA ASN C 339 22.73 -53.49 26.20
C ASN C 339 23.77 -52.40 26.48
N LEU C 340 25.06 -52.77 26.61
CA LEU C 340 26.18 -51.81 26.84
C LEU C 340 26.48 -51.01 25.57
N ILE C 341 26.06 -51.50 24.38
CA ILE C 341 26.28 -50.81 23.06
C ILE C 341 25.16 -49.76 22.86
N LYS C 342 24.20 -49.62 23.78
CA LYS C 342 23.15 -48.57 23.75
C LYS C 342 22.92 -47.97 25.14
N GLY C 343 23.89 -48.09 26.06
CA GLY C 343 23.68 -48.01 27.52
C GLY C 343 23.23 -46.65 28.02
N GLY C 344 23.09 -46.50 29.34
CA GLY C 344 22.59 -45.30 30.03
C GLY C 344 21.07 -45.37 30.22
N MET C 345 20.53 -45.24 31.44
CA MET C 345 21.25 -45.12 32.70
C MET C 345 20.83 -46.26 33.64
N PHE C 346 21.79 -46.90 34.29
CA PHE C 346 21.63 -48.09 35.17
C PHE C 346 21.77 -47.68 36.64
N GLN C 347 20.93 -46.73 37.08
CA GLN C 347 21.11 -45.96 38.35
C GLN C 347 20.96 -46.90 39.56
N HIS C 348 19.72 -47.17 40.00
CA HIS C 348 19.38 -48.13 41.10
C HIS C 348 17.86 -48.30 41.19
N LYS D 1 -13.91 -59.59 25.81
CA LYS D 1 -13.59 -59.58 24.34
C LYS D 1 -13.29 -58.15 23.89
N LEU D 2 -12.71 -58.00 22.69
CA LEU D 2 -12.16 -56.73 22.15
C LEU D 2 -11.15 -56.17 23.15
N PRO D 3 -9.88 -56.66 23.15
CA PRO D 3 -8.96 -56.45 24.26
C PRO D 3 -8.25 -55.07 24.31
N THR D 4 -8.97 -53.99 24.03
CA THR D 4 -8.57 -52.56 24.28
C THR D 4 -7.43 -52.10 23.35
N ASN D 5 -6.64 -53.02 22.79
CA ASN D 5 -5.69 -52.75 21.67
C ASN D 5 -5.73 -53.90 20.67
N LEU D 6 -6.67 -53.84 19.73
CA LEU D 6 -6.75 -54.76 18.55
C LEU D 6 -6.80 -53.91 17.27
N ALA D 7 -5.79 -54.06 16.40
CA ALA D 7 -5.66 -53.35 15.10
C ALA D 7 -5.18 -54.34 14.04
N TYR D 8 -5.66 -54.17 12.81
CA TYR D 8 -5.19 -54.89 11.59
C TYR D 8 -4.70 -53.86 10.57
N GLU D 9 -3.78 -54.27 9.71
CA GLU D 9 -3.30 -53.48 8.55
C GLU D 9 -4.08 -53.90 7.30
N ARG D 10 -4.35 -52.97 6.38
CA ARG D 10 -5.06 -53.25 5.11
C ARG D 10 -4.21 -54.21 4.27
N SER D 11 -4.85 -55.23 3.68
CA SER D 11 -4.18 -56.28 2.86
C SER D 11 -4.15 -55.87 1.38
N ILE D 12 -5.12 -55.06 0.93
CA ILE D 12 -5.19 -54.48 -0.45
C ILE D 12 -4.76 -53.01 -0.37
N ASP D 13 -3.77 -52.61 -1.17
CA ASP D 13 -3.15 -51.25 -1.16
C ASP D 13 -3.24 -50.66 -2.56
N PRO D 14 -4.35 -49.97 -2.92
CA PRO D 14 -4.48 -49.31 -4.21
C PRO D 14 -3.90 -47.88 -4.18
N SER D 15 -3.33 -47.44 -5.30
CA SER D 15 -2.79 -46.05 -5.49
C SER D 15 -3.87 -45.15 -6.09
N ASP D 16 -3.57 -43.86 -6.24
CA ASP D 16 -4.47 -42.85 -6.87
C ASP D 16 -4.33 -42.94 -8.40
N VAL D 17 -5.43 -42.76 -9.12
CA VAL D 17 -5.57 -43.02 -10.59
C VAL D 17 -5.20 -41.74 -11.35
N CYS D 18 -4.25 -41.82 -12.30
CA CYS D 18 -3.79 -40.68 -13.13
C CYS D 18 -4.47 -40.71 -14.50
N PHE D 19 -5.04 -39.58 -14.93
CA PHE D 19 -5.73 -39.40 -16.24
C PHE D 19 -4.74 -38.81 -17.26
N PHE D 20 -4.70 -39.40 -18.45
CA PHE D 20 -3.91 -38.93 -19.62
C PHE D 20 -4.83 -38.82 -20.84
N VAL D 21 -4.62 -37.80 -21.67
CA VAL D 21 -5.31 -37.64 -23.00
C VAL D 21 -4.39 -38.22 -24.07
N VAL D 22 -4.85 -39.27 -24.77
CA VAL D 22 -4.12 -39.89 -25.92
C VAL D 22 -4.68 -39.29 -27.21
N TRP D 23 -3.80 -38.71 -28.03
CA TRP D 23 -4.14 -38.04 -29.32
C TRP D 23 -4.02 -39.04 -30.46
N PRO D 24 -4.57 -38.76 -31.67
CA PRO D 24 -4.40 -39.65 -32.82
C PRO D 24 -2.96 -39.93 -33.26
N ASP D 25 -2.00 -39.11 -32.79
CA ASP D 25 -0.53 -39.33 -32.94
C ASP D 25 -0.05 -40.48 -32.05
N ASP D 26 -0.87 -40.94 -31.09
CA ASP D 26 -0.52 -41.92 -30.02
C ASP D 26 0.57 -41.31 -29.12
N ARG D 27 0.52 -39.99 -28.93
CA ARG D 27 1.29 -39.22 -27.91
C ARG D 27 0.33 -38.89 -26.76
N LYS D 28 0.81 -38.94 -25.52
CA LYS D 28 -0.01 -38.73 -24.29
C LYS D 28 0.36 -37.40 -23.64
N THR D 29 -0.64 -36.68 -23.13
CA THR D 29 -0.48 -35.46 -22.30
C THR D 29 -1.31 -35.63 -21.03
N PRO D 30 -0.93 -35.00 -19.88
CA PRO D 30 -1.78 -35.02 -18.69
C PRO D 30 -3.09 -34.27 -18.95
N LEU D 31 -4.23 -34.90 -18.67
CA LEU D 31 -5.57 -34.26 -18.67
C LEU D 31 -5.55 -33.13 -17.64
N THR D 32 -5.98 -31.93 -18.03
CA THR D 32 -6.07 -30.72 -17.17
C THR D 32 -7.53 -30.32 -17.04
N TYR D 33 -7.84 -29.44 -16.06
CA TYR D 33 -9.18 -28.85 -15.84
C TYR D 33 -9.04 -27.35 -15.58
N ASN D 34 -10.17 -26.63 -15.62
CA ASN D 34 -10.26 -25.18 -15.36
C ASN D 34 -11.46 -24.90 -14.45
N SER D 35 -11.30 -23.96 -13.52
CA SER D 35 -12.38 -23.40 -12.67
C SER D 35 -13.18 -22.39 -13.51
N ARG D 36 -14.44 -22.70 -13.83
CA ARG D 36 -15.34 -21.78 -14.58
C ARG D 36 -16.51 -21.37 -13.69
N THR D 37 -16.96 -20.12 -13.83
CA THR D 37 -18.09 -19.52 -13.10
C THR D 37 -19.33 -19.58 -14.01
N LEU D 38 -20.48 -19.97 -13.45
CA LEU D 38 -21.75 -20.19 -14.19
C LEU D 38 -22.91 -19.53 -13.45
N LEU D 39 -24.03 -19.32 -14.15
CA LEU D 39 -25.25 -18.63 -13.65
C LEU D 39 -26.42 -19.63 -13.67
N GLY D 40 -26.84 -20.10 -12.49
CA GLY D 40 -28.02 -20.95 -12.29
C GLY D 40 -29.21 -20.15 -11.79
N GLN D 41 -30.38 -20.79 -11.75
CA GLN D 41 -31.65 -20.24 -11.20
C GLN D 41 -31.70 -20.50 -9.69
N MET D 42 -32.47 -19.70 -8.96
CA MET D 42 -32.70 -19.84 -7.49
C MET D 42 -33.71 -20.98 -7.26
N GLU D 43 -33.20 -22.20 -7.11
CA GLU D 43 -33.99 -23.46 -7.19
C GLU D 43 -34.03 -24.21 -5.84
N ALA D 44 -33.44 -23.64 -4.77
CA ALA D 44 -33.51 -24.21 -3.40
C ALA D 44 -34.96 -24.06 -2.89
N LYS D 45 -35.53 -25.15 -2.38
CA LYS D 45 -36.85 -25.15 -1.66
C LYS D 45 -36.77 -24.17 -0.48
N SER D 46 -35.61 -24.10 0.17
CA SER D 46 -35.28 -23.18 1.30
C SER D 46 -35.48 -21.71 0.91
N LEU D 47 -35.32 -21.33 -0.37
CA LEU D 47 -35.38 -19.93 -0.84
C LEU D 47 -36.81 -19.43 -1.00
N ALA D 48 -37.80 -20.33 -1.18
CA ALA D 48 -39.22 -19.98 -1.41
C ALA D 48 -40.16 -20.78 -0.49
N TYR D 49 -39.67 -21.21 0.67
CA TYR D 49 -40.44 -21.93 1.73
C TYR D 49 -39.71 -21.79 3.07
N ASP D 50 -40.38 -21.25 4.09
CA ASP D 50 -39.83 -21.10 5.47
C ASP D 50 -39.76 -22.51 6.09
N VAL D 51 -40.72 -22.90 6.94
CA VAL D 51 -40.98 -24.32 7.35
C VAL D 51 -42.44 -24.42 7.81
N SER D 52 -43.30 -25.19 7.10
CA SER D 52 -43.08 -25.74 5.77
C SER D 52 -44.18 -25.24 4.84
N GLY D 53 -44.65 -24.01 5.05
CA GLY D 53 -45.86 -23.44 4.44
C GLY D 53 -45.55 -22.60 3.21
N GLN D 54 -45.30 -21.30 3.42
CA GLN D 54 -44.98 -20.30 2.36
C GLN D 54 -44.29 -19.11 3.03
N PRO D 55 -43.15 -18.61 2.51
CA PRO D 55 -42.31 -17.69 3.28
C PRO D 55 -42.86 -16.26 3.29
N ILE D 56 -42.24 -15.41 4.12
CA ILE D 56 -42.27 -13.92 4.00
C ILE D 56 -42.10 -13.57 2.52
N LYS D 57 -42.90 -12.65 1.98
CA LYS D 57 -42.92 -12.36 0.52
C LYS D 57 -41.72 -11.45 0.17
N SER D 58 -40.51 -11.87 0.56
CA SER D 58 -39.20 -11.38 0.06
C SER D 58 -38.83 -12.20 -1.18
N ALA D 59 -39.22 -13.48 -1.22
CA ALA D 59 -39.22 -14.35 -2.41
C ALA D 59 -40.43 -13.98 -3.29
N THR D 60 -40.39 -12.81 -3.91
CA THR D 60 -41.35 -12.32 -4.93
C THR D 60 -41.07 -13.03 -6.25
N ALA D 61 -42.05 -13.03 -7.16
CA ALA D 61 -41.93 -13.55 -8.55
C ALA D 61 -40.74 -12.91 -9.26
N GLU D 62 -40.44 -11.63 -8.97
CA GLU D 62 -39.27 -10.90 -9.53
C GLU D 62 -37.99 -11.37 -8.81
N ALA D 63 -38.04 -11.55 -7.49
CA ALA D 63 -36.90 -11.94 -6.62
C ALA D 63 -36.43 -13.37 -6.95
N LEU D 64 -37.38 -14.28 -7.21
CA LEU D 64 -37.07 -15.72 -7.51
C LEU D 64 -36.48 -15.88 -8.91
N ALA D 65 -36.71 -14.92 -9.82
CA ALA D 65 -36.30 -14.97 -11.25
C ALA D 65 -34.92 -14.31 -11.46
N GLN D 66 -34.26 -13.83 -10.39
CA GLN D 66 -32.85 -13.37 -10.44
C GLN D 66 -31.96 -14.61 -10.55
N GLY D 67 -30.94 -14.58 -11.40
CA GLY D 67 -29.96 -15.68 -11.57
C GLY D 67 -28.89 -15.61 -10.50
N ASN D 68 -28.62 -16.72 -9.80
CA ASN D 68 -27.56 -16.80 -8.76
C ASN D 68 -26.32 -17.45 -9.37
N PRO D 69 -25.14 -16.78 -9.32
CA PRO D 69 -23.91 -17.36 -9.87
C PRO D 69 -23.21 -18.33 -8.91
N HIS D 70 -22.67 -19.41 -9.45
CA HIS D 70 -21.76 -20.38 -8.75
C HIS D 70 -20.43 -20.45 -9.48
N GLN D 71 -19.40 -20.98 -8.82
CA GLN D 71 -18.09 -21.34 -9.42
C GLN D 71 -17.86 -22.83 -9.20
N VAL D 72 -17.59 -23.58 -10.27
CA VAL D 72 -17.27 -25.05 -10.25
C VAL D 72 -15.97 -25.28 -11.01
N ASP D 73 -15.28 -26.39 -10.68
CA ASP D 73 -14.14 -26.94 -11.47
C ASP D 73 -14.71 -27.82 -12.58
N PHE D 74 -14.32 -27.55 -13.83
CA PHE D 74 -14.86 -28.23 -15.05
C PHE D 74 -13.71 -28.94 -15.79
N CYS D 75 -13.84 -30.26 -15.95
CA CYS D 75 -12.89 -31.16 -16.66
C CYS D 75 -13.64 -31.93 -17.76
N HIS D 76 -13.24 -31.73 -19.02
CA HIS D 76 -13.78 -32.45 -20.20
C HIS D 76 -12.63 -32.98 -21.05
N VAL D 77 -12.91 -33.92 -21.96
CA VAL D 77 -11.92 -34.44 -22.95
C VAL D 77 -11.66 -33.31 -23.95
N PRO D 78 -10.38 -32.95 -24.26
CA PRO D 78 -10.13 -31.89 -25.24
C PRO D 78 -10.53 -32.33 -26.66
N TYR D 79 -10.99 -31.40 -27.49
CA TYR D 79 -11.48 -31.66 -28.87
C TYR D 79 -10.33 -32.19 -29.73
N GLY D 80 -10.60 -33.25 -30.51
CA GLY D 80 -9.62 -33.91 -31.39
C GLY D 80 -8.83 -35.00 -30.69
N ALA D 81 -9.10 -35.26 -29.40
CA ALA D 81 -8.45 -36.32 -28.60
C ALA D 81 -8.97 -37.69 -29.04
N SER D 82 -8.10 -38.69 -29.12
CA SER D 82 -8.45 -40.07 -29.56
C SER D 82 -9.22 -40.77 -28.44
N HIS D 83 -8.68 -40.76 -27.22
CA HIS D 83 -9.29 -41.39 -26.01
C HIS D 83 -8.57 -40.95 -24.74
N ILE D 84 -9.17 -41.27 -23.58
CA ILE D 84 -8.62 -41.04 -22.21
C ILE D 84 -7.97 -42.34 -21.75
N GLU D 85 -6.82 -42.24 -21.06
CA GLU D 85 -6.09 -43.38 -20.44
C GLU D 85 -6.02 -43.15 -18.92
N CYS D 86 -6.53 -44.11 -18.15
CA CYS D 86 -6.55 -44.12 -16.66
C CYS D 86 -5.59 -45.21 -16.16
N SER D 87 -4.52 -44.80 -15.45
CA SER D 87 -3.44 -45.68 -14.92
C SER D 87 -3.41 -45.61 -13.40
N PHE D 88 -3.34 -46.77 -12.74
CA PHE D 88 -3.10 -46.93 -11.29
C PHE D 88 -2.52 -48.33 -10.99
N SER D 89 -2.07 -48.52 -9.75
CA SER D 89 -1.50 -49.78 -9.21
C SER D 89 -2.30 -50.26 -8.00
N VAL D 90 -2.41 -51.58 -7.82
CA VAL D 90 -3.02 -52.23 -6.63
C VAL D 90 -2.11 -53.39 -6.18
N SER D 91 -1.93 -53.54 -4.87
CA SER D 91 -1.00 -54.49 -4.22
C SER D 91 -1.73 -55.31 -3.16
N PHE D 92 -1.83 -56.63 -3.36
CA PHE D 92 -2.37 -57.62 -2.39
C PHE D 92 -1.22 -58.22 -1.58
N SER D 93 -1.44 -58.41 -0.27
CA SER D 93 -0.46 -58.96 0.70
C SER D 93 -1.18 -59.62 1.88
N SER D 94 -0.42 -60.27 2.77
CA SER D 94 -0.91 -61.14 3.87
C SER D 94 -0.76 -60.44 5.23
N GLU D 95 -1.38 -59.27 5.40
CA GLU D 95 -1.45 -58.52 6.68
C GLU D 95 -2.66 -58.98 7.50
N LEU D 96 -3.51 -59.85 6.94
CA LEU D 96 -4.78 -60.34 7.56
C LEU D 96 -4.54 -61.59 8.42
N ARG D 97 -3.33 -62.16 8.42
CA ARG D 97 -3.02 -63.45 9.09
C ARG D 97 -2.81 -63.21 10.59
N GLN D 98 -1.99 -62.21 10.93
CA GLN D 98 -1.77 -61.71 12.31
C GLN D 98 -2.51 -60.38 12.49
N PRO D 99 -3.02 -60.06 13.70
CA PRO D 99 -3.33 -58.68 14.05
C PRO D 99 -2.05 -57.83 14.17
N TYR D 100 -2.15 -56.52 13.89
CA TYR D 100 -1.03 -55.56 13.89
C TYR D 100 -0.58 -55.29 15.33
N LYS D 101 -1.54 -54.98 16.22
CA LYS D 101 -1.36 -54.91 17.70
C LYS D 101 -2.37 -55.85 18.35
N CYS D 102 -1.93 -56.65 19.32
CA CYS D 102 -2.65 -57.82 19.89
C CYS D 102 -3.17 -57.49 21.30
N ASN D 103 -2.26 -57.19 22.24
CA ASN D 103 -2.54 -56.86 23.66
C ASN D 103 -2.96 -58.10 24.46
N SER D 104 -3.65 -59.06 23.83
CA SER D 104 -4.21 -60.29 24.45
C SER D 104 -3.76 -61.52 23.66
N SER D 105 -2.94 -62.38 24.26
CA SER D 105 -2.41 -63.64 23.67
C SER D 105 -3.57 -64.60 23.35
N LYS D 106 -4.62 -64.60 24.18
CA LYS D 106 -5.83 -65.47 24.04
C LYS D 106 -6.61 -65.09 22.78
N VAL D 107 -6.72 -63.78 22.47
CA VAL D 107 -7.49 -63.25 21.30
C VAL D 107 -6.68 -63.50 20.01
N LYS D 108 -5.39 -63.14 19.99
CA LYS D 108 -4.50 -63.32 18.81
C LYS D 108 -4.61 -64.76 18.29
N GLN D 109 -4.43 -65.74 19.19
CA GLN D 109 -4.49 -67.19 18.88
C GLN D 109 -5.83 -67.55 18.24
N THR D 110 -6.94 -67.01 18.77
CA THR D 110 -8.32 -67.18 18.23
C THR D 110 -8.34 -66.73 16.76
N LEU D 111 -7.85 -65.52 16.49
CA LEU D 111 -7.94 -64.85 15.16
C LEU D 111 -6.97 -65.51 14.16
N VAL D 112 -5.76 -65.90 14.58
CA VAL D 112 -4.80 -66.64 13.71
C VAL D 112 -5.40 -68.00 13.35
N GLN D 113 -5.93 -68.72 14.34
CA GLN D 113 -6.63 -70.03 14.18
C GLN D 113 -7.81 -69.86 13.22
N LEU D 114 -8.62 -68.82 13.41
CA LEU D 114 -9.85 -68.55 12.62
C LEU D 114 -9.50 -68.38 11.13
N VAL D 115 -8.50 -67.57 10.81
CA VAL D 115 -8.01 -67.30 9.42
C VAL D 115 -7.48 -68.61 8.81
N GLU D 116 -6.74 -69.41 9.58
CA GLU D 116 -6.20 -70.74 9.14
C GLU D 116 -7.36 -71.70 8.85
N LEU D 117 -8.34 -71.79 9.76
CA LEU D 117 -9.53 -72.68 9.63
C LEU D 117 -10.36 -72.25 8.42
N TYR D 118 -10.57 -70.93 8.25
CA TYR D 118 -11.25 -70.34 7.06
C TYR D 118 -10.53 -70.82 5.79
N GLU D 119 -9.29 -70.38 5.59
CA GLU D 119 -8.42 -70.70 4.41
C GLU D 119 -8.58 -72.18 4.01
N THR D 120 -8.46 -73.10 4.96
CA THR D 120 -8.47 -74.57 4.72
C THR D 120 -9.89 -75.04 4.36
N LYS D 121 -10.89 -74.72 5.19
CA LYS D 121 -12.29 -75.22 5.00
C LYS D 121 -12.95 -74.49 3.82
N ILE D 122 -12.87 -73.15 3.80
CA ILE D 122 -13.44 -72.27 2.74
C ILE D 122 -12.27 -71.58 2.00
N GLY D 123 -12.13 -71.84 0.70
CA GLY D 123 -11.03 -71.30 -0.14
C GLY D 123 -11.06 -69.78 -0.22
N TRP D 124 -9.95 -69.19 -0.67
CA TRP D 124 -9.79 -67.73 -0.91
C TRP D 124 -10.47 -67.32 -2.24
N THR D 125 -10.96 -68.27 -3.03
CA THR D 125 -11.52 -68.08 -4.40
C THR D 125 -12.59 -66.99 -4.40
N GLU D 126 -13.60 -67.09 -3.52
CA GLU D 126 -14.80 -66.21 -3.50
C GLU D 126 -14.38 -64.74 -3.35
N LEU D 127 -13.56 -64.43 -2.34
CA LEU D 127 -13.12 -63.04 -2.04
C LEU D 127 -12.14 -62.56 -3.12
N ALA D 128 -11.19 -63.40 -3.53
CA ALA D 128 -10.19 -63.10 -4.58
C ALA D 128 -10.90 -62.74 -5.89
N THR D 129 -11.90 -63.53 -6.30
CA THR D 129 -12.72 -63.30 -7.53
C THR D 129 -13.50 -61.99 -7.40
N ARG D 130 -14.19 -61.77 -6.27
CA ARG D 130 -15.03 -60.56 -6.00
C ARG D 130 -14.17 -59.28 -6.06
N TYR D 131 -12.95 -59.32 -5.53
CA TYR D 131 -11.98 -58.18 -5.57
C TYR D 131 -11.51 -57.96 -7.02
N LEU D 132 -11.03 -59.03 -7.67
CA LEU D 132 -10.36 -58.99 -9.00
C LEU D 132 -11.38 -58.60 -10.09
N MET D 133 -12.64 -59.04 -9.96
CA MET D 133 -13.74 -58.67 -10.89
C MET D 133 -13.94 -57.15 -10.90
N ASN D 134 -13.99 -56.53 -9.71
CA ASN D 134 -14.12 -55.06 -9.55
C ASN D 134 -12.91 -54.35 -10.16
N ILE D 135 -11.72 -54.94 -10.08
CA ILE D 135 -10.47 -54.41 -10.73
C ILE D 135 -10.57 -54.59 -12.25
N CYS D 136 -11.19 -55.67 -12.73
CA CYS D 136 -11.17 -56.11 -14.15
C CYS D 136 -12.39 -55.59 -14.94
N ASN D 137 -13.37 -54.93 -14.30
CA ASN D 137 -14.59 -54.39 -15.00
C ASN D 137 -14.72 -52.86 -14.85
N GLY D 138 -13.69 -52.18 -14.35
CA GLY D 138 -13.63 -50.70 -14.26
C GLY D 138 -14.65 -50.13 -13.28
N LYS D 139 -14.89 -50.83 -12.16
CA LYS D 139 -15.73 -50.36 -11.02
C LYS D 139 -15.09 -49.10 -10.39
N TRP D 140 -13.77 -48.99 -10.49
CA TRP D 140 -12.91 -47.93 -9.90
C TRP D 140 -12.91 -46.64 -10.74
N LEU D 141 -13.65 -46.61 -11.86
CA LEU D 141 -13.86 -45.39 -12.69
C LEU D 141 -15.17 -44.69 -12.28
N TRP D 142 -16.09 -45.43 -11.66
CA TRP D 142 -17.25 -44.92 -10.89
C TRP D 142 -18.37 -44.45 -11.83
N LYS D 143 -18.17 -43.32 -12.53
CA LYS D 143 -19.19 -42.70 -13.43
C LYS D 143 -18.65 -42.47 -14.85
N ASN D 144 -17.34 -42.61 -15.07
CA ASN D 144 -16.67 -42.31 -16.36
C ASN D 144 -17.06 -43.39 -17.39
N THR D 145 -17.22 -44.64 -16.94
CA THR D 145 -17.65 -45.80 -17.77
C THR D 145 -19.08 -45.59 -18.26
N ARG D 146 -19.93 -44.96 -17.43
CA ARG D 146 -21.32 -44.59 -17.81
C ARG D 146 -21.24 -43.46 -18.84
N LYS D 147 -22.01 -43.59 -19.94
CA LYS D 147 -22.04 -42.65 -21.10
C LYS D 147 -20.69 -42.71 -21.85
N ALA D 148 -20.04 -43.88 -21.88
CA ALA D 148 -18.82 -44.18 -22.66
C ALA D 148 -19.18 -45.15 -23.78
N TYR D 149 -18.57 -44.99 -24.96
CA TYR D 149 -18.74 -45.90 -26.13
C TYR D 149 -18.13 -47.27 -25.81
N CYS D 150 -16.89 -47.26 -25.31
CA CYS D 150 -16.05 -48.46 -25.06
C CYS D 150 -15.02 -48.16 -23.97
N TRP D 151 -14.67 -49.15 -23.14
CA TRP D 151 -13.50 -49.08 -22.23
C TRP D 151 -12.83 -50.46 -22.11
N ASN D 152 -11.52 -50.52 -22.37
CA ASN D 152 -10.66 -51.73 -22.30
C ASN D 152 -9.73 -51.59 -21.09
N ILE D 153 -9.50 -52.68 -20.36
CA ILE D 153 -8.62 -52.74 -19.15
C ILE D 153 -7.50 -53.76 -19.40
N VAL D 154 -6.25 -53.29 -19.48
CA VAL D 154 -5.02 -54.13 -19.54
C VAL D 154 -4.35 -54.05 -18.16
N LEU D 155 -4.04 -55.20 -17.56
CA LEU D 155 -3.33 -55.27 -16.25
C LEU D 155 -2.03 -56.06 -16.41
N THR D 156 -0.95 -55.56 -15.80
CA THR D 156 0.39 -56.22 -15.74
C THR D 156 0.60 -56.75 -14.32
N PRO D 157 0.37 -58.07 -14.08
CA PRO D 157 0.65 -58.68 -12.79
C PRO D 157 2.15 -58.87 -12.53
N TRP D 158 2.52 -59.05 -11.26
CA TRP D 158 3.89 -59.32 -10.76
C TRP D 158 3.81 -60.16 -9.49
N PRO D 159 4.62 -61.23 -9.30
CA PRO D 159 5.55 -61.74 -10.32
C PRO D 159 4.83 -62.58 -11.40
N TRP D 160 5.21 -62.38 -12.66
CA TRP D 160 4.50 -62.90 -13.87
C TRP D 160 5.52 -63.27 -14.95
N ASN D 161 5.22 -64.32 -15.72
CA ASN D 161 6.11 -64.90 -16.78
C ASN D 161 5.29 -65.18 -18.04
N GLY D 162 4.42 -64.24 -18.43
CA GLY D 162 3.51 -64.34 -19.59
C GLY D 162 3.28 -62.99 -20.25
N GLU D 163 2.17 -62.87 -20.99
CA GLU D 163 1.75 -61.62 -21.70
C GLU D 163 0.72 -60.88 -20.85
N LYS D 164 0.65 -59.56 -20.99
CA LYS D 164 -0.29 -58.65 -20.27
C LYS D 164 -1.73 -59.16 -20.43
N VAL D 165 -2.49 -59.20 -19.33
CA VAL D 165 -3.90 -59.70 -19.30
C VAL D 165 -4.80 -58.52 -19.72
N GLY D 166 -5.51 -58.68 -20.85
CA GLY D 166 -6.36 -57.65 -21.48
C GLY D 166 -7.83 -58.05 -21.46
N PHE D 167 -8.70 -57.12 -21.06
CA PHE D 167 -10.18 -57.24 -21.06
C PHE D 167 -10.76 -56.20 -22.02
N GLU D 168 -11.05 -56.61 -23.26
CA GLU D 168 -11.58 -55.74 -24.34
C GLU D 168 -13.07 -55.45 -24.08
N ASP D 169 -13.58 -54.37 -24.72
CA ASP D 169 -14.93 -53.75 -24.53
C ASP D 169 -15.71 -54.44 -23.41
N ILE D 170 -15.65 -53.88 -22.19
CA ILE D 170 -16.22 -54.46 -20.94
C ILE D 170 -17.62 -53.88 -20.72
N ARG D 171 -18.53 -54.13 -21.66
CA ARG D 171 -19.99 -53.86 -21.55
C ARG D 171 -20.77 -55.02 -22.19
N THR D 172 -20.35 -55.43 -23.40
CA THR D 172 -20.92 -56.56 -24.17
C THR D 172 -20.19 -57.88 -23.82
N ASN D 173 -18.88 -57.83 -23.54
CA ASN D 173 -18.02 -59.04 -23.40
C ASN D 173 -18.10 -59.59 -21.98
N TYR D 174 -17.77 -58.75 -20.97
CA TYR D 174 -17.63 -59.16 -19.54
C TYR D 174 -18.75 -58.54 -18.70
N THR D 175 -19.81 -59.31 -18.45
CA THR D 175 -20.99 -58.94 -17.61
C THR D 175 -21.12 -59.88 -16.41
N SER D 176 -20.90 -61.18 -16.60
CA SER D 176 -21.06 -62.26 -15.56
C SER D 176 -19.69 -62.73 -15.07
N ARG D 177 -19.69 -63.50 -13.97
CA ARG D 177 -18.50 -64.19 -13.41
C ARG D 177 -17.99 -65.21 -14.44
N GLN D 178 -18.90 -65.87 -15.17
CA GLN D 178 -18.59 -66.91 -16.18
C GLN D 178 -17.95 -66.28 -17.42
N ASP D 179 -18.24 -65.01 -17.71
CA ASP D 179 -17.60 -64.23 -18.82
C ASP D 179 -16.12 -63.96 -18.47
N PHE D 180 -15.82 -63.68 -17.21
CA PHE D 180 -14.44 -63.47 -16.68
C PHE D 180 -13.68 -64.81 -16.67
N LYS D 181 -14.36 -65.92 -16.37
CA LYS D 181 -13.76 -67.27 -16.19
C LYS D 181 -13.46 -67.91 -17.57
N ASN D 182 -12.79 -67.19 -18.46
CA ASN D 182 -12.37 -67.69 -19.81
C ASN D 182 -10.98 -68.33 -19.68
N ASN D 183 -10.46 -68.87 -20.78
CA ASN D 183 -9.31 -69.82 -20.84
C ASN D 183 -8.04 -69.21 -20.21
N LYS D 184 -7.42 -68.22 -20.84
CA LYS D 184 -5.97 -67.89 -20.69
C LYS D 184 -5.75 -66.66 -19.81
N ASN D 185 -6.72 -66.27 -18.98
CA ASN D 185 -6.67 -65.02 -18.17
C ASN D 185 -6.89 -65.34 -16.68
N TRP D 186 -8.07 -65.86 -16.32
CA TRP D 186 -8.67 -65.74 -14.97
C TRP D 186 -7.95 -66.59 -13.93
N SER D 187 -7.83 -67.90 -14.18
CA SER D 187 -7.37 -68.93 -13.20
C SER D 187 -5.98 -68.60 -12.66
N ALA D 188 -5.09 -68.07 -13.50
CA ALA D 188 -3.70 -67.71 -13.16
C ALA D 188 -3.66 -66.51 -12.20
N ILE D 189 -4.48 -65.48 -12.45
CA ILE D 189 -4.48 -64.18 -11.70
C ILE D 189 -5.51 -64.20 -10.56
N VAL D 190 -6.37 -65.22 -10.47
CA VAL D 190 -7.21 -65.48 -9.25
C VAL D 190 -6.34 -66.21 -8.22
N GLU D 191 -5.59 -67.24 -8.65
CA GLU D 191 -4.33 -67.68 -7.97
C GLU D 191 -3.39 -66.47 -8.00
N MET D 192 -2.28 -66.51 -7.27
CA MET D 192 -1.34 -65.36 -7.08
C MET D 192 -1.94 -64.37 -6.08
N ILE D 193 -3.28 -64.19 -6.03
CA ILE D 193 -4.02 -63.44 -4.97
C ILE D 193 -4.39 -64.39 -3.83
N LYS D 194 -4.87 -65.60 -4.14
CA LYS D 194 -5.04 -66.69 -3.14
C LYS D 194 -3.68 -67.03 -2.52
N THR D 195 -2.64 -67.09 -3.37
CA THR D 195 -1.22 -67.31 -2.99
C THR D 195 -0.72 -66.16 -2.10
N ALA D 196 -1.16 -64.92 -2.36
CA ALA D 196 -0.81 -63.72 -1.56
C ALA D 196 -1.37 -63.85 -0.14
N PHE D 197 -2.66 -64.18 0.00
CA PHE D 197 -3.36 -64.30 1.31
C PHE D 197 -2.95 -65.58 2.04
N SER D 198 -2.73 -66.68 1.32
CA SER D 198 -2.36 -68.02 1.88
C SER D 198 -1.01 -67.94 2.61
N SER D 199 0.02 -67.46 1.92
CA SER D 199 1.44 -67.43 2.39
C SER D 199 1.67 -66.22 3.30
N THR D 200 2.43 -66.42 4.38
CA THR D 200 3.13 -65.33 5.13
C THR D 200 4.15 -64.68 4.18
N ASP D 201 4.37 -63.37 4.32
CA ASP D 201 5.18 -62.51 3.41
C ASP D 201 4.78 -62.77 1.94
N GLY D 202 3.49 -62.91 1.66
CA GLY D 202 2.92 -63.07 0.30
C GLY D 202 2.65 -61.71 -0.32
N LEU D 203 2.92 -61.54 -1.61
CA LEU D 203 2.78 -60.25 -2.34
C LEU D 203 2.29 -60.50 -3.77
N ALA D 204 1.34 -59.69 -4.24
CA ALA D 204 0.85 -59.66 -5.64
C ALA D 204 0.61 -58.22 -6.07
N ILE D 205 1.41 -57.71 -7.00
CA ILE D 205 1.36 -56.30 -7.53
C ILE D 205 0.72 -56.32 -8.92
N PHE D 206 -0.39 -55.62 -9.10
CA PHE D 206 -1.06 -55.39 -10.41
C PHE D 206 -0.92 -53.91 -10.78
N GLU D 207 -0.40 -53.62 -11.98
CA GLU D 207 -0.42 -52.29 -12.64
C GLU D 207 -1.56 -52.31 -13.66
N VAL D 208 -2.65 -51.58 -13.38
CA VAL D 208 -3.92 -51.59 -14.16
C VAL D 208 -3.97 -50.32 -15.03
N ARG D 209 -4.26 -50.47 -16.31
CA ARG D 209 -4.37 -49.37 -17.30
C ARG D 209 -5.66 -49.56 -18.11
N ALA D 210 -6.59 -48.60 -18.00
CA ALA D 210 -7.88 -48.59 -18.73
C ALA D 210 -7.87 -47.50 -19.80
N THR D 211 -8.46 -47.77 -20.98
CA THR D 211 -8.63 -46.82 -22.11
C THR D 211 -10.13 -46.55 -22.31
N LEU D 212 -10.58 -45.32 -22.05
CA LEU D 212 -11.99 -44.87 -22.20
C LEU D 212 -12.18 -44.16 -23.54
N HIS D 213 -13.13 -44.63 -24.36
CA HIS D 213 -13.63 -43.94 -25.58
C HIS D 213 -14.96 -43.25 -25.24
N LEU D 214 -14.93 -41.93 -25.02
CA LEU D 214 -16.11 -41.10 -24.66
C LEU D 214 -16.55 -40.31 -25.89
N PRO D 215 -17.81 -39.79 -25.94
CA PRO D 215 -18.22 -38.85 -26.98
C PRO D 215 -17.37 -37.56 -27.01
N THR D 216 -17.54 -36.73 -28.05
CA THR D 216 -16.67 -35.55 -28.34
C THR D 216 -16.81 -34.53 -27.19
N ASN D 217 -15.66 -34.00 -26.74
CA ASN D 217 -15.45 -33.14 -25.54
C ASN D 217 -16.49 -33.46 -24.45
N ALA D 218 -16.60 -34.74 -24.07
CA ALA D 218 -17.45 -35.24 -22.97
C ALA D 218 -16.82 -34.86 -21.63
N MET D 219 -17.66 -34.70 -20.60
CA MET D 219 -17.30 -34.28 -19.23
C MET D 219 -16.67 -35.48 -18.48
N VAL D 220 -15.49 -35.28 -17.91
CA VAL D 220 -14.78 -36.27 -17.04
C VAL D 220 -15.06 -35.89 -15.58
N ARG D 221 -15.27 -36.90 -14.72
CA ARG D 221 -15.80 -36.75 -13.34
C ARG D 221 -14.81 -37.37 -12.35
N PRO D 222 -13.72 -36.66 -11.99
CA PRO D 222 -12.75 -37.16 -11.03
C PRO D 222 -13.24 -37.05 -9.58
N SER D 223 -12.35 -37.25 -8.61
CA SER D 223 -12.62 -37.15 -7.15
C SER D 223 -12.82 -35.67 -6.79
N GLN D 224 -13.48 -35.41 -5.66
CA GLN D 224 -13.73 -34.05 -5.14
C GLN D 224 -13.17 -33.94 -3.72
N VAL D 225 -12.76 -32.72 -3.34
CA VAL D 225 -12.10 -32.39 -2.04
C VAL D 225 -13.21 -32.11 -1.02
N PHE D 226 -12.95 -32.40 0.26
CA PHE D 226 -13.95 -32.23 1.37
C PHE D 226 -14.15 -30.74 1.68
N THR D 227 -13.09 -29.93 1.55
CA THR D 227 -13.12 -28.44 1.59
C THR D 227 -13.67 -27.96 2.94
N GLU D 228 -13.00 -28.33 4.03
CA GLU D 228 -13.02 -27.72 5.40
C GLU D 228 -14.45 -27.50 5.96
N LYS D 229 -15.48 -28.13 5.38
CA LYS D 229 -16.89 -27.93 5.80
C LYS D 229 -17.69 -29.22 5.54
N GLN D 240 -16.20 -18.03 -3.44
CA GLN D 240 -16.52 -19.41 -3.00
C GLN D 240 -16.51 -20.34 -4.22
N ASN D 241 -16.03 -21.58 -4.03
CA ASN D 241 -15.90 -22.62 -5.09
C ASN D 241 -16.38 -23.97 -4.52
N SER D 242 -17.64 -24.31 -4.77
CA SER D 242 -18.21 -25.67 -4.57
C SER D 242 -17.76 -26.57 -5.73
N ARG D 243 -17.60 -27.87 -5.49
CA ARG D 243 -17.13 -28.88 -6.49
C ARG D 243 -15.69 -28.54 -6.90
N VAL D 244 -14.76 -28.62 -5.94
CA VAL D 244 -13.28 -28.55 -6.15
C VAL D 244 -12.78 -29.98 -6.41
N PHE D 245 -11.79 -30.16 -7.28
CA PHE D 245 -11.26 -31.48 -7.70
C PHE D 245 -9.96 -31.82 -6.96
N GLN D 246 -9.77 -33.11 -6.65
CA GLN D 246 -8.51 -33.69 -6.12
C GLN D 246 -7.51 -33.81 -7.29
N SER D 247 -6.39 -33.09 -7.20
CA SER D 247 -5.39 -32.95 -8.28
C SER D 247 -3.99 -33.37 -7.79
N THR D 248 -3.12 -33.73 -8.73
CA THR D 248 -1.66 -33.88 -8.52
C THR D 248 -0.91 -33.15 -9.64
N THR D 249 0.42 -32.99 -9.48
CA THR D 249 1.36 -32.42 -10.48
C THR D 249 1.95 -33.56 -11.30
N ILE D 250 1.73 -33.55 -12.63
CA ILE D 250 2.42 -34.43 -13.62
C ILE D 250 3.08 -33.51 -14.67
N ASP D 251 4.39 -33.69 -14.90
CA ASP D 251 5.20 -32.89 -15.87
C ASP D 251 5.05 -31.39 -15.58
N GLY D 252 5.01 -31.02 -14.30
CA GLY D 252 4.76 -29.63 -13.84
C GLY D 252 3.42 -29.08 -14.32
N GLU D 253 2.41 -29.95 -14.46
CA GLU D 253 1.02 -29.58 -14.86
C GLU D 253 0.03 -30.20 -13.88
N ARG D 254 -0.95 -29.41 -13.43
CA ARG D 254 -2.03 -29.83 -12.50
C ARG D 254 -2.99 -30.77 -13.25
N SER D 255 -3.33 -31.92 -12.65
CA SER D 255 -4.16 -32.99 -13.25
C SER D 255 -5.10 -33.58 -12.20
N PRO D 256 -6.39 -33.88 -12.54
CA PRO D 256 -7.32 -34.51 -11.60
C PRO D 256 -6.92 -35.97 -11.34
N ILE D 257 -7.29 -36.54 -10.19
CA ILE D 257 -6.62 -37.77 -9.67
C ILE D 257 -7.58 -38.88 -9.21
N LEU D 258 -8.91 -38.68 -9.20
CA LEU D 258 -9.93 -39.70 -8.82
C LEU D 258 -9.49 -40.49 -7.56
N GLY D 259 -8.97 -39.78 -6.55
CA GLY D 259 -8.74 -40.29 -5.18
C GLY D 259 -7.80 -41.48 -5.12
N ALA D 260 -7.40 -41.89 -3.90
CA ALA D 260 -6.68 -43.15 -3.59
C ALA D 260 -7.56 -44.05 -2.71
N PHE D 261 -8.27 -43.46 -1.73
CA PHE D 261 -9.22 -44.14 -0.82
C PHE D 261 -10.53 -44.43 -1.55
N LYS D 262 -10.85 -43.67 -2.61
CA LYS D 262 -12.03 -43.91 -3.47
C LYS D 262 -11.80 -45.16 -4.33
N THR D 263 -10.56 -45.40 -4.79
CA THR D 263 -10.18 -46.62 -5.55
C THR D 263 -10.34 -47.86 -4.66
N GLY D 264 -9.90 -47.78 -3.41
CA GLY D 264 -10.07 -48.85 -2.39
C GLY D 264 -11.53 -49.09 -2.06
N ALA D 265 -12.34 -48.03 -2.01
CA ALA D 265 -13.81 -48.08 -1.78
C ALA D 265 -14.49 -48.84 -2.93
N ALA D 266 -13.97 -48.72 -4.15
CA ALA D 266 -14.56 -49.30 -5.38
C ALA D 266 -14.35 -50.82 -5.40
N ILE D 267 -13.11 -51.28 -5.21
CA ILE D 267 -12.73 -52.73 -5.35
C ILE D 267 -13.26 -53.52 -4.15
N ALA D 268 -13.58 -52.85 -3.03
CA ALA D 268 -14.10 -53.45 -1.78
C ALA D 268 -15.64 -53.39 -1.71
N THR D 269 -16.32 -53.02 -2.80
CA THR D 269 -17.81 -53.13 -2.94
C THR D 269 -18.17 -54.57 -3.33
N ILE D 270 -18.12 -55.49 -2.36
CA ILE D 270 -18.31 -56.96 -2.57
C ILE D 270 -19.37 -57.53 -1.62
N ASP D 271 -19.93 -56.72 -0.72
CA ASP D 271 -20.77 -57.17 0.41
C ASP D 271 -22.24 -57.22 -0.03
N ASP D 272 -22.69 -58.41 -0.46
CA ASP D 272 -24.10 -58.71 -0.85
C ASP D 272 -24.65 -59.83 0.04
N TRP D 273 -24.13 -59.95 1.27
CA TRP D 273 -24.47 -61.01 2.26
C TRP D 273 -25.29 -60.44 3.43
N TYR D 274 -25.62 -59.14 3.40
CA TYR D 274 -26.29 -58.39 4.50
C TYR D 274 -27.76 -58.80 4.59
N PRO D 275 -28.40 -58.69 5.78
CA PRO D 275 -29.68 -59.35 6.09
C PRO D 275 -30.53 -59.89 4.93
N GLU D 276 -31.08 -59.02 4.07
CA GLU D 276 -31.91 -59.41 2.90
C GLU D 276 -30.98 -59.57 1.68
N ALA D 277 -30.77 -58.49 0.91
CA ALA D 277 -29.86 -58.37 -0.27
C ALA D 277 -30.57 -57.59 -1.38
N THR D 278 -29.89 -56.59 -1.96
CA THR D 278 -30.32 -55.88 -3.20
C THR D 278 -29.10 -55.64 -4.11
N GLU D 279 -27.97 -55.13 -3.59
CA GLU D 279 -26.75 -54.80 -4.37
C GLU D 279 -25.53 -54.78 -3.44
N PRO D 280 -24.29 -54.96 -3.98
CA PRO D 280 -23.09 -54.99 -3.13
C PRO D 280 -22.78 -53.65 -2.45
N LEU D 281 -22.39 -53.70 -1.17
CA LEU D 281 -21.93 -52.53 -0.37
C LEU D 281 -20.41 -52.54 -0.26
N ARG D 282 -19.82 -51.36 0.00
CA ARG D 282 -18.41 -51.20 0.42
C ARG D 282 -18.26 -51.79 1.83
N VAL D 283 -17.37 -52.78 2.00
CA VAL D 283 -17.25 -53.56 3.27
C VAL D 283 -16.93 -52.60 4.42
N GLY D 284 -17.73 -52.64 5.49
CA GLY D 284 -17.55 -51.85 6.72
C GLY D 284 -18.05 -52.63 7.92
N ARG D 285 -18.15 -51.98 9.09
CA ARG D 285 -18.60 -52.63 10.35
C ARG D 285 -20.13 -52.68 10.37
N PHE D 286 -20.79 -51.55 10.11
CA PHE D 286 -22.26 -51.37 10.17
C PHE D 286 -22.83 -51.19 8.75
N GLY D 287 -22.42 -52.05 7.81
CA GLY D 287 -22.90 -52.13 6.41
C GLY D 287 -23.61 -50.87 5.95
N VAL D 288 -22.91 -49.72 6.01
CA VAL D 288 -23.45 -48.37 5.66
C VAL D 288 -23.65 -48.29 4.14
N HIS D 289 -24.89 -48.06 3.70
CA HIS D 289 -25.23 -47.68 2.30
C HIS D 289 -25.06 -46.17 2.17
N ARG D 290 -24.49 -45.71 1.05
CA ARG D 290 -24.29 -44.28 0.72
C ARG D 290 -25.57 -43.69 0.11
N GLU D 291 -26.08 -44.30 -0.97
CA GLU D 291 -27.32 -43.91 -1.69
C GLU D 291 -28.46 -43.69 -0.69
N ASP D 292 -28.94 -44.78 -0.07
CA ASP D 292 -29.87 -44.74 1.09
C ASP D 292 -29.03 -44.34 2.31
N VAL D 293 -29.45 -43.32 3.06
CA VAL D 293 -28.69 -42.77 4.23
C VAL D 293 -28.93 -43.68 5.44
N THR D 294 -29.70 -44.76 5.30
CA THR D 294 -29.76 -45.89 6.28
C THR D 294 -28.48 -46.71 6.21
N CYS D 295 -28.23 -47.50 7.25
CA CYS D 295 -27.19 -48.56 7.30
C CYS D 295 -27.86 -49.89 7.66
N TYR D 296 -27.75 -50.88 6.77
CA TYR D 296 -28.01 -52.32 7.07
C TYR D 296 -26.84 -52.79 7.93
N ARG D 297 -26.90 -54.01 8.48
CA ARG D 297 -25.88 -54.53 9.42
C ARG D 297 -25.81 -53.63 10.66
N HIS D 298 -26.95 -53.10 11.12
CA HIS D 298 -27.06 -52.27 12.34
C HIS D 298 -26.98 -53.20 13.55
N PRO D 299 -26.28 -52.82 14.66
CA PRO D 299 -26.19 -53.67 15.85
C PRO D 299 -27.47 -54.39 16.33
N SER D 300 -28.65 -53.77 16.14
CA SER D 300 -29.99 -54.34 16.48
C SER D 300 -30.22 -55.63 15.69
N THR D 301 -29.72 -55.70 14.45
CA THR D 301 -29.87 -56.85 13.51
C THR D 301 -29.03 -58.04 14.00
N GLY D 302 -27.91 -57.76 14.69
CA GLY D 302 -26.98 -58.78 15.21
C GLY D 302 -26.07 -59.35 14.14
N LYS D 303 -25.94 -58.66 13.00
CA LYS D 303 -25.13 -59.08 11.82
C LYS D 303 -23.89 -58.19 11.64
N ASP D 304 -23.78 -57.07 12.38
CA ASP D 304 -22.62 -56.13 12.31
C ASP D 304 -21.34 -56.87 12.72
N PHE D 305 -20.19 -56.31 12.37
CA PHE D 305 -18.85 -56.95 12.46
C PHE D 305 -18.53 -57.38 13.90
N PHE D 306 -18.84 -56.52 14.89
CA PHE D 306 -18.50 -56.73 16.33
C PHE D 306 -19.31 -57.91 16.89
N SER D 307 -20.59 -58.01 16.52
CA SER D 307 -21.50 -59.12 16.90
C SER D 307 -20.98 -60.47 16.36
N ILE D 308 -20.47 -60.49 15.12
CA ILE D 308 -19.93 -61.72 14.45
C ILE D 308 -18.53 -62.01 15.01
N LEU D 309 -17.74 -60.98 15.34
CA LEU D 309 -16.36 -61.13 15.89
C LEU D 309 -16.42 -61.71 17.31
N GLN D 310 -17.46 -61.38 18.09
CA GLN D 310 -17.69 -61.88 19.48
C GLN D 310 -18.38 -63.26 19.44
N GLN D 311 -18.33 -63.98 18.31
CA GLN D 311 -18.88 -65.35 18.13
C GLN D 311 -17.80 -66.27 17.51
N ALA D 312 -16.53 -65.87 17.56
CA ALA D 312 -15.39 -66.49 16.84
C ALA D 312 -15.20 -67.95 17.28
N GLU D 313 -15.30 -68.23 18.58
CA GLU D 313 -15.13 -69.59 19.16
C GLU D 313 -16.20 -70.54 18.60
N HIS D 314 -17.44 -70.05 18.48
CA HIS D 314 -18.58 -70.76 17.84
C HIS D 314 -18.23 -71.08 16.39
N TYR D 315 -17.73 -70.08 15.64
CA TYR D 315 -17.32 -70.21 14.22
C TYR D 315 -16.15 -71.21 14.08
N ILE D 316 -15.24 -71.26 15.05
CA ILE D 316 -14.07 -72.18 15.07
C ILE D 316 -14.57 -73.62 15.28
N GLU D 317 -15.52 -73.84 16.20
CA GLU D 317 -16.11 -75.19 16.46
C GLU D 317 -17.17 -75.54 15.39
N VAL D 318 -17.60 -74.57 14.57
CA VAL D 318 -18.42 -74.82 13.34
C VAL D 318 -17.50 -75.33 12.22
N LEU D 319 -16.39 -74.63 11.94
CA LEU D 319 -15.49 -74.91 10.77
C LEU D 319 -14.68 -76.19 10.98
N SER D 320 -14.70 -76.80 12.18
CA SER D 320 -13.99 -78.07 12.52
C SER D 320 -14.78 -79.30 12.06
N ALA D 321 -16.12 -79.21 11.98
CA ALA D 321 -17.04 -80.31 11.61
C ALA D 321 -17.64 -80.08 10.21
N ASN D 322 -18.38 -81.06 9.69
CA ASN D 322 -19.06 -81.03 8.37
C ASN D 322 -20.57 -80.91 8.57
N LYS D 323 -21.30 -80.27 7.63
CA LYS D 323 -20.78 -79.53 6.49
C LYS D 323 -21.39 -78.12 6.54
N THR D 324 -20.59 -77.10 6.18
CA THR D 324 -20.87 -75.66 6.43
C THR D 324 -22.05 -75.20 5.58
N PRO D 325 -23.15 -74.69 6.19
CA PRO D 325 -24.27 -74.14 5.42
C PRO D 325 -24.01 -72.71 4.92
N ALA D 326 -24.25 -72.45 3.63
CA ALA D 326 -24.02 -71.15 2.95
C ALA D 326 -25.23 -70.24 3.17
N GLN D 327 -25.55 -69.95 4.43
CA GLN D 327 -26.73 -69.13 4.85
C GLN D 327 -26.34 -68.23 6.04
N GLU D 328 -25.97 -68.84 7.18
CA GLU D 328 -25.73 -68.14 8.47
C GLU D 328 -24.29 -68.32 8.98
N THR D 329 -23.38 -68.90 8.18
CA THR D 329 -21.99 -69.22 8.61
C THR D 329 -20.96 -68.74 7.55
N ILE D 330 -21.11 -69.16 6.29
CA ILE D 330 -20.16 -68.84 5.18
C ILE D 330 -20.30 -67.33 4.85
N ASN D 331 -21.55 -66.89 4.67
CA ASN D 331 -21.92 -65.46 4.41
C ASN D 331 -21.45 -64.56 5.56
N ASP D 332 -21.42 -65.08 6.79
CA ASP D 332 -20.97 -64.35 8.02
C ASP D 332 -19.44 -64.22 8.03
N MET D 333 -18.71 -65.30 7.74
CA MET D 333 -17.23 -65.34 7.82
C MET D 333 -16.60 -64.72 6.57
N HIS D 334 -17.30 -64.75 5.42
CA HIS D 334 -16.96 -63.92 4.22
C HIS D 334 -16.85 -62.45 4.66
N PHE D 335 -17.87 -61.94 5.34
CA PHE D 335 -17.95 -60.57 5.90
C PHE D 335 -16.83 -60.34 6.91
N LEU D 336 -16.59 -61.32 7.79
CA LEU D 336 -15.55 -61.26 8.86
C LEU D 336 -14.17 -61.13 8.22
N MET D 337 -13.84 -62.00 7.25
CA MET D 337 -12.51 -62.02 6.57
C MET D 337 -12.33 -60.74 5.74
N ALA D 338 -13.36 -60.31 5.02
CA ALA D 338 -13.38 -59.05 4.23
C ALA D 338 -13.07 -57.85 5.14
N ASN D 339 -13.65 -57.83 6.36
CA ASN D 339 -13.42 -56.79 7.39
C ASN D 339 -11.96 -56.84 7.87
N LEU D 340 -11.39 -58.04 8.05
CA LEU D 340 -9.97 -58.23 8.47
C LEU D 340 -9.02 -57.82 7.33
N ILE D 341 -9.41 -58.03 6.07
CA ILE D 341 -8.64 -57.57 4.87
C ILE D 341 -8.59 -56.04 4.84
N LYS D 342 -9.64 -55.36 5.31
CA LYS D 342 -9.80 -53.88 5.29
C LYS D 342 -9.18 -53.22 6.52
N GLY D 343 -9.45 -53.77 7.70
CA GLY D 343 -9.83 -53.01 8.92
C GLY D 343 -8.69 -52.53 9.80
N GLY D 344 -9.00 -52.44 11.10
CA GLY D 344 -8.32 -51.63 12.13
C GLY D 344 -9.04 -50.28 12.26
N MET D 345 -9.26 -49.74 13.47
CA MET D 345 -9.00 -50.33 14.77
C MET D 345 -10.34 -50.75 15.39
N PHE D 346 -10.44 -51.99 15.91
CA PHE D 346 -11.67 -52.54 16.54
C PHE D 346 -11.34 -53.06 17.94
N GLN D 347 -11.42 -52.18 18.95
CA GLN D 347 -10.86 -52.39 20.31
C GLN D 347 -11.93 -52.19 21.41
N HIS D 348 -12.87 -51.26 21.23
CA HIS D 348 -13.91 -50.88 22.21
C HIS D 348 -13.25 -50.45 23.54
N LYS E 1 -43.38 -34.67 3.92
CA LYS E 1 -42.73 -34.71 2.57
C LYS E 1 -41.41 -33.93 2.60
N LEU E 2 -40.62 -34.04 1.52
CA LEU E 2 -39.26 -33.45 1.37
C LEU E 2 -38.37 -33.92 2.52
N PRO E 3 -37.80 -35.15 2.44
CA PRO E 3 -37.16 -35.79 3.59
C PRO E 3 -35.70 -35.39 3.87
N THR E 4 -35.40 -34.08 3.86
CA THR E 4 -34.14 -33.44 4.32
C THR E 4 -32.89 -33.96 3.60
N ASN E 5 -33.02 -34.82 2.58
CA ASN E 5 -31.91 -35.41 1.80
C ASN E 5 -32.48 -36.16 0.59
N LEU E 6 -32.87 -35.42 -0.45
CA LEU E 6 -33.39 -35.97 -1.73
C LEU E 6 -32.69 -35.27 -2.90
N ALA E 7 -31.92 -36.03 -3.68
CA ALA E 7 -31.21 -35.57 -4.90
C ALA E 7 -31.44 -36.58 -6.03
N TYR E 8 -31.48 -36.08 -7.27
CA TYR E 8 -31.53 -36.85 -8.53
C TYR E 8 -30.34 -36.42 -9.40
N GLU E 9 -29.78 -37.35 -10.18
CA GLU E 9 -28.79 -37.06 -11.25
C GLU E 9 -29.56 -36.72 -12.52
N ARG E 10 -29.05 -35.78 -13.33
CA ARG E 10 -29.65 -35.39 -14.63
C ARG E 10 -29.53 -36.58 -15.60
N SER E 11 -30.51 -36.72 -16.50
CA SER E 11 -30.63 -37.84 -17.46
C SER E 11 -30.17 -37.41 -18.87
N ILE E 12 -29.99 -36.11 -19.11
CA ILE E 12 -29.49 -35.52 -20.40
C ILE E 12 -28.17 -34.78 -20.11
N ASP E 13 -27.07 -35.22 -20.73
CA ASP E 13 -25.69 -34.73 -20.50
C ASP E 13 -25.11 -34.20 -21.81
N PRO E 14 -25.35 -32.91 -22.16
CA PRO E 14 -24.70 -32.30 -23.32
C PRO E 14 -23.28 -31.82 -23.00
N SER E 15 -22.61 -31.22 -24.00
CA SER E 15 -21.21 -30.74 -23.91
C SER E 15 -21.08 -29.36 -24.57
N ASP E 16 -19.86 -28.81 -24.57
CA ASP E 16 -19.49 -27.55 -25.25
C ASP E 16 -19.65 -27.72 -26.77
N VAL E 17 -20.09 -26.68 -27.47
CA VAL E 17 -20.25 -26.64 -28.96
C VAL E 17 -19.00 -25.99 -29.57
N CYS E 18 -18.15 -26.79 -30.21
CA CYS E 18 -16.88 -26.31 -30.84
C CYS E 18 -17.17 -25.72 -32.22
N PHE E 19 -16.72 -24.49 -32.46
CA PHE E 19 -16.87 -23.75 -33.75
C PHE E 19 -15.64 -23.98 -34.63
N PHE E 20 -15.86 -24.25 -35.92
CA PHE E 20 -14.81 -24.37 -36.96
C PHE E 20 -15.20 -23.55 -38.19
N VAL E 21 -14.22 -22.90 -38.81
CA VAL E 21 -14.37 -22.21 -40.13
C VAL E 21 -13.95 -23.20 -41.22
N VAL E 22 -14.87 -23.56 -42.12
CA VAL E 22 -14.57 -24.44 -43.29
C VAL E 22 -14.43 -23.56 -44.54
N TRP E 23 -13.42 -23.83 -45.35
CA TRP E 23 -12.98 -23.00 -46.50
C TRP E 23 -13.48 -23.62 -47.81
N PRO E 24 -13.52 -22.88 -48.94
CA PRO E 24 -13.93 -23.43 -50.23
C PRO E 24 -13.16 -24.67 -50.72
N ASP E 25 -11.90 -24.84 -50.30
CA ASP E 25 -11.06 -26.04 -50.59
C ASP E 25 -11.38 -27.18 -49.62
N ASP E 26 -12.30 -26.97 -48.67
CA ASP E 26 -12.85 -27.98 -47.73
C ASP E 26 -11.75 -28.42 -46.75
N ARG E 27 -10.91 -27.47 -46.32
CA ARG E 27 -10.05 -27.59 -45.10
C ARG E 27 -10.77 -26.86 -43.96
N LYS E 28 -10.48 -27.24 -42.72
CA LYS E 28 -11.14 -26.69 -41.50
C LYS E 28 -10.07 -26.12 -40.55
N THR E 29 -10.32 -24.93 -40.02
CA THR E 29 -9.50 -24.29 -38.94
C THR E 29 -10.43 -23.87 -37.80
N PRO E 30 -9.95 -23.86 -36.53
CA PRO E 30 -10.73 -23.36 -35.41
C PRO E 30 -11.04 -21.87 -35.58
N LEU E 31 -12.32 -21.49 -35.37
CA LEU E 31 -12.76 -20.07 -35.31
C LEU E 31 -12.02 -19.38 -34.16
N THR E 32 -11.51 -18.17 -34.39
CA THR E 32 -10.77 -17.33 -33.41
C THR E 32 -11.49 -15.99 -33.24
N TYR E 33 -11.38 -15.38 -32.05
CA TYR E 33 -11.89 -14.03 -31.73
C TYR E 33 -10.74 -13.15 -31.24
N ASN E 34 -10.94 -11.83 -31.27
CA ASN E 34 -9.99 -10.80 -30.76
C ASN E 34 -10.74 -9.87 -29.80
N SER E 35 -9.99 -9.17 -28.94
CA SER E 35 -10.50 -8.12 -28.01
C SER E 35 -10.21 -6.74 -28.61
N ARG E 36 -11.22 -6.07 -29.17
CA ARG E 36 -11.10 -4.71 -29.75
C ARG E 36 -11.74 -3.69 -28.80
N THR E 37 -11.10 -2.53 -28.67
CA THR E 37 -11.59 -1.36 -27.89
C THR E 37 -12.35 -0.44 -28.85
N LEU E 38 -13.61 -0.13 -28.52
CA LEU E 38 -14.53 0.69 -29.35
C LEU E 38 -14.92 1.95 -28.58
N LEU E 39 -15.30 3.00 -29.32
CA LEU E 39 -15.62 4.35 -28.79
C LEU E 39 -17.13 4.59 -28.91
N GLY E 40 -17.86 4.38 -27.82
CA GLY E 40 -19.30 4.72 -27.71
C GLY E 40 -19.50 6.15 -27.26
N GLN E 41 -20.73 6.64 -27.30
CA GLN E 41 -21.15 7.96 -26.76
C GLN E 41 -21.96 7.73 -25.47
N MET E 42 -21.93 8.69 -24.55
CA MET E 42 -22.47 8.57 -23.18
C MET E 42 -24.01 8.57 -23.23
N GLU E 43 -24.60 7.37 -23.23
CA GLU E 43 -26.02 7.11 -23.58
C GLU E 43 -26.80 6.51 -22.40
N ALA E 44 -26.13 6.20 -21.27
CA ALA E 44 -26.76 5.65 -20.05
C ALA E 44 -27.66 6.72 -19.42
N LYS E 45 -28.93 6.38 -19.14
CA LYS E 45 -29.97 7.29 -18.56
C LYS E 45 -29.49 7.85 -17.21
N SER E 46 -28.59 7.15 -16.52
CA SER E 46 -28.00 7.56 -15.21
C SER E 46 -26.95 8.68 -15.38
N LEU E 47 -26.48 8.95 -16.60
CA LEU E 47 -25.44 10.00 -16.87
C LEU E 47 -26.09 11.37 -17.11
N ALA E 48 -27.40 11.44 -17.38
CA ALA E 48 -28.13 12.68 -17.73
C ALA E 48 -29.41 12.88 -16.90
N TYR E 49 -29.67 12.04 -15.89
CA TYR E 49 -30.82 12.15 -14.95
C TYR E 49 -30.39 11.51 -13.62
N ASP E 50 -30.74 12.12 -12.48
CA ASP E 50 -30.50 11.55 -11.12
C ASP E 50 -31.66 10.58 -10.81
N VAL E 51 -32.77 11.07 -10.25
CA VAL E 51 -34.12 10.40 -10.25
C VAL E 51 -35.15 11.40 -9.73
N SER E 52 -36.19 11.75 -10.52
CA SER E 52 -36.34 11.44 -11.94
C SER E 52 -36.17 12.71 -12.78
N GLY E 53 -35.61 13.78 -12.18
CA GLY E 53 -35.29 15.06 -12.84
C GLY E 53 -33.89 15.05 -13.43
N GLN E 54 -33.33 16.25 -13.66
CA GLN E 54 -32.01 16.45 -14.32
C GLN E 54 -30.93 16.51 -13.25
N PRO E 55 -29.65 16.20 -13.58
CA PRO E 55 -28.59 16.09 -12.59
C PRO E 55 -28.00 17.47 -12.22
N ILE E 56 -26.84 17.47 -11.56
CA ILE E 56 -25.91 18.64 -11.48
C ILE E 56 -25.57 19.05 -12.92
N LYS E 57 -25.33 20.34 -13.19
CA LYS E 57 -25.01 20.84 -14.56
C LYS E 57 -23.53 20.51 -14.86
N SER E 58 -23.15 19.24 -14.65
CA SER E 58 -21.90 18.59 -15.11
C SER E 58 -22.21 17.74 -16.35
N ALA E 59 -23.45 17.24 -16.47
CA ALA E 59 -24.03 16.69 -17.71
C ALA E 59 -24.42 17.86 -18.63
N THR E 60 -23.41 18.56 -19.15
CA THR E 60 -23.52 19.66 -20.15
C THR E 60 -23.75 19.04 -21.52
N ALA E 61 -24.13 19.84 -22.52
CA ALA E 61 -24.19 19.45 -23.96
C ALA E 61 -22.79 19.05 -24.45
N GLU E 62 -21.73 19.57 -23.82
CA GLU E 62 -20.31 19.25 -24.10
C GLU E 62 -19.92 17.92 -23.45
N ALA E 63 -20.35 17.68 -22.21
CA ALA E 63 -19.94 16.51 -21.37
C ALA E 63 -20.64 15.23 -21.82
N LEU E 64 -21.90 15.32 -22.29
CA LEU E 64 -22.68 14.16 -22.82
C LEU E 64 -22.18 13.77 -24.22
N ALA E 65 -21.28 14.55 -24.84
CA ALA E 65 -20.71 14.32 -26.19
C ALA E 65 -19.24 13.88 -26.11
N GLN E 66 -18.72 13.58 -24.91
CA GLN E 66 -17.36 12.97 -24.74
C GLN E 66 -17.48 11.48 -25.04
N GLY E 67 -16.60 10.94 -25.87
CA GLY E 67 -16.58 9.52 -26.26
C GLY E 67 -16.07 8.65 -25.12
N ASN E 68 -16.92 7.76 -24.58
CA ASN E 68 -16.54 6.77 -23.55
C ASN E 68 -16.15 5.47 -24.25
N PRO E 69 -14.90 4.97 -24.04
CA PRO E 69 -14.47 3.72 -24.66
C PRO E 69 -14.83 2.48 -23.84
N HIS E 70 -15.37 1.44 -24.51
CA HIS E 70 -15.55 0.07 -23.98
C HIS E 70 -14.52 -0.85 -24.66
N GLN E 71 -14.13 -1.94 -23.99
CA GLN E 71 -13.38 -3.07 -24.61
C GLN E 71 -14.33 -4.26 -24.68
N VAL E 72 -14.48 -4.89 -25.85
CA VAL E 72 -15.37 -6.07 -26.06
C VAL E 72 -14.62 -7.12 -26.90
N ASP E 73 -14.90 -8.40 -26.65
CA ASP E 73 -14.48 -9.53 -27.52
C ASP E 73 -15.36 -9.52 -28.77
N PHE E 74 -14.73 -9.42 -29.95
CA PHE E 74 -15.39 -9.46 -31.28
C PHE E 74 -15.00 -10.77 -31.98
N CYS E 75 -16.01 -11.56 -32.35
CA CYS E 75 -15.90 -12.78 -33.19
C CYS E 75 -16.75 -12.59 -34.44
N HIS E 76 -16.17 -12.84 -35.62
CA HIS E 76 -16.87 -12.79 -36.94
C HIS E 76 -16.30 -13.89 -37.84
N VAL E 77 -17.02 -14.24 -38.91
CA VAL E 77 -16.54 -15.21 -39.95
C VAL E 77 -15.43 -14.50 -40.74
N PRO E 78 -14.25 -15.12 -40.94
CA PRO E 78 -13.19 -14.49 -41.74
C PRO E 78 -13.59 -14.42 -43.22
N TYR E 79 -13.07 -13.42 -43.94
CA TYR E 79 -13.39 -13.17 -45.38
C TYR E 79 -12.88 -14.34 -46.22
N GLY E 80 -13.75 -14.87 -47.10
CA GLY E 80 -13.42 -15.94 -48.07
C GLY E 80 -13.75 -17.33 -47.55
N ALA E 81 -14.29 -17.46 -46.34
CA ALA E 81 -14.68 -18.75 -45.71
C ALA E 81 -15.94 -19.28 -46.38
N SER E 82 -16.07 -20.61 -46.49
CA SER E 82 -17.23 -21.29 -47.12
C SER E 82 -18.42 -21.20 -46.16
N HIS E 83 -18.28 -21.76 -44.95
CA HIS E 83 -19.31 -21.71 -43.87
C HIS E 83 -18.70 -22.08 -42.51
N ILE E 84 -19.53 -22.06 -41.47
CA ILE E 84 -19.17 -22.39 -40.05
C ILE E 84 -19.71 -23.78 -39.73
N GLU E 85 -18.91 -24.61 -39.05
CA GLU E 85 -19.30 -25.96 -38.55
C GLU E 85 -19.29 -25.93 -37.01
N CYS E 86 -20.46 -26.16 -36.41
CA CYS E 86 -20.68 -26.23 -34.93
C CYS E 86 -20.99 -27.67 -34.53
N SER E 87 -20.11 -28.30 -33.74
CA SER E 87 -20.21 -29.72 -33.32
C SER E 87 -20.23 -29.84 -31.79
N PHE E 88 -21.09 -30.72 -31.27
CA PHE E 88 -21.13 -31.17 -29.85
C PHE E 88 -21.74 -32.58 -29.79
N SER E 89 -21.79 -33.15 -28.57
CA SER E 89 -22.41 -34.47 -28.27
C SER E 89 -23.38 -34.34 -27.11
N VAL E 90 -24.48 -35.11 -27.15
CA VAL E 90 -25.50 -35.21 -26.06
C VAL E 90 -25.84 -36.70 -25.86
N SER E 91 -25.99 -37.12 -24.60
CA SER E 91 -26.29 -38.52 -24.20
C SER E 91 -27.50 -38.54 -23.25
N PHE E 92 -28.49 -39.37 -23.56
CA PHE E 92 -29.70 -39.63 -22.73
C PHE E 92 -29.52 -40.94 -21.97
N SER E 93 -29.89 -40.96 -20.68
CA SER E 93 -29.76 -42.12 -19.77
C SER E 93 -30.98 -42.22 -18.84
N SER E 94 -31.00 -43.22 -17.95
CA SER E 94 -32.12 -43.52 -17.01
C SER E 94 -31.68 -43.26 -15.57
N GLU E 95 -31.31 -42.01 -15.26
CA GLU E 95 -30.98 -41.55 -13.88
C GLU E 95 -32.24 -41.10 -13.14
N LEU E 96 -33.39 -41.08 -13.83
CA LEU E 96 -34.71 -40.60 -13.30
C LEU E 96 -35.54 -41.78 -12.75
N ARG E 97 -35.17 -43.03 -13.05
CA ARG E 97 -35.87 -44.24 -12.54
C ARG E 97 -35.81 -44.27 -11.01
N GLN E 98 -34.66 -43.87 -10.45
CA GLN E 98 -34.30 -44.04 -9.02
C GLN E 98 -33.60 -42.79 -8.51
N PRO E 99 -33.98 -42.22 -7.34
CA PRO E 99 -33.28 -41.06 -6.77
C PRO E 99 -31.81 -41.38 -6.42
N TYR E 100 -30.94 -40.37 -6.52
CA TYR E 100 -29.48 -40.47 -6.30
C TYR E 100 -29.19 -40.63 -4.80
N LYS E 101 -29.76 -39.73 -3.99
CA LYS E 101 -29.87 -39.84 -2.50
C LYS E 101 -31.34 -39.66 -2.13
N CYS E 102 -31.84 -40.40 -1.13
CA CYS E 102 -33.29 -40.40 -0.76
C CYS E 102 -33.52 -40.26 0.75
N ASN E 103 -32.74 -40.95 1.60
CA ASN E 103 -32.75 -40.79 3.09
C ASN E 103 -34.00 -41.43 3.71
N SER E 104 -35.04 -41.71 2.92
CA SER E 104 -36.36 -42.21 3.38
C SER E 104 -36.96 -43.13 2.30
N SER E 105 -37.02 -44.44 2.58
CA SER E 105 -37.54 -45.49 1.66
C SER E 105 -39.08 -45.53 1.72
N LYS E 106 -39.74 -44.39 1.94
CA LYS E 106 -41.20 -44.20 1.79
C LYS E 106 -41.47 -43.25 0.61
N VAL E 107 -40.74 -42.13 0.53
CA VAL E 107 -40.79 -41.19 -0.64
C VAL E 107 -40.02 -41.81 -1.81
N LYS E 108 -39.06 -42.71 -1.55
CA LYS E 108 -38.27 -43.40 -2.62
C LYS E 108 -39.21 -44.23 -3.49
N GLN E 109 -39.87 -45.23 -2.88
CA GLN E 109 -40.76 -46.21 -3.57
C GLN E 109 -41.95 -45.47 -4.19
N THR E 110 -42.43 -44.39 -3.55
CA THR E 110 -43.46 -43.46 -4.07
C THR E 110 -42.99 -42.89 -5.42
N LEU E 111 -41.77 -42.34 -5.47
CA LEU E 111 -41.17 -41.70 -6.68
C LEU E 111 -40.85 -42.76 -7.74
N VAL E 112 -40.32 -43.93 -7.33
CA VAL E 112 -40.07 -45.08 -8.27
C VAL E 112 -41.41 -45.47 -8.90
N GLN E 113 -42.46 -45.63 -8.08
CA GLN E 113 -43.83 -46.00 -8.53
C GLN E 113 -44.38 -44.90 -9.47
N LEU E 114 -44.22 -43.63 -9.09
CA LEU E 114 -44.77 -42.45 -9.85
C LEU E 114 -44.16 -42.42 -11.26
N VAL E 115 -42.86 -42.67 -11.39
CA VAL E 115 -42.13 -42.75 -12.71
C VAL E 115 -42.68 -43.93 -13.51
N GLU E 116 -42.82 -45.11 -12.88
CA GLU E 116 -43.30 -46.37 -13.51
C GLU E 116 -44.73 -46.19 -14.02
N LEU E 117 -45.63 -45.58 -13.22
CA LEU E 117 -47.06 -45.38 -13.58
C LEU E 117 -47.17 -44.35 -14.70
N TYR E 118 -46.43 -43.24 -14.62
CA TYR E 118 -46.33 -42.23 -15.71
C TYR E 118 -45.94 -42.95 -17.00
N GLU E 119 -44.79 -43.64 -16.98
CA GLU E 119 -44.22 -44.39 -18.13
C GLU E 119 -45.28 -45.31 -18.74
N THR E 120 -45.99 -46.07 -17.89
CA THR E 120 -47.01 -47.07 -18.31
C THR E 120 -48.22 -46.35 -18.94
N LYS E 121 -48.80 -45.38 -18.23
CA LYS E 121 -50.09 -44.75 -18.61
C LYS E 121 -49.89 -43.79 -19.79
N ILE E 122 -48.93 -42.86 -19.68
CA ILE E 122 -48.60 -41.85 -20.73
C ILE E 122 -47.10 -41.94 -21.05
N GLY E 123 -46.77 -42.59 -22.18
CA GLY E 123 -45.38 -42.95 -22.57
C GLY E 123 -44.47 -41.76 -22.72
N TRP E 124 -43.16 -42.02 -22.90
CA TRP E 124 -42.07 -41.01 -22.96
C TRP E 124 -42.12 -40.20 -24.27
N THR E 125 -42.98 -40.59 -25.22
CA THR E 125 -43.10 -40.01 -26.60
C THR E 125 -43.13 -38.47 -26.57
N GLU E 126 -43.90 -37.87 -25.66
CA GLU E 126 -44.12 -36.39 -25.60
C GLU E 126 -42.80 -35.68 -25.27
N LEU E 127 -42.18 -36.01 -24.13
CA LEU E 127 -40.92 -35.39 -23.66
C LEU E 127 -39.78 -35.73 -24.63
N ALA E 128 -39.73 -36.98 -25.12
CA ALA E 128 -38.71 -37.48 -26.08
C ALA E 128 -38.72 -36.61 -27.35
N THR E 129 -39.89 -36.42 -27.96
CA THR E 129 -40.10 -35.58 -29.18
C THR E 129 -39.67 -34.14 -28.90
N ARG E 130 -40.11 -33.58 -27.77
CA ARG E 130 -39.87 -32.18 -27.36
C ARG E 130 -38.37 -31.94 -27.13
N TYR E 131 -37.66 -32.87 -26.49
CA TYR E 131 -36.19 -32.79 -26.28
C TYR E 131 -35.46 -32.87 -27.63
N LEU E 132 -35.86 -33.82 -28.49
CA LEU E 132 -35.17 -34.12 -29.78
C LEU E 132 -35.43 -33.00 -30.80
N MET E 133 -36.61 -32.37 -30.78
CA MET E 133 -36.97 -31.25 -31.69
C MET E 133 -36.01 -30.08 -31.48
N ASN E 134 -35.72 -29.72 -30.22
CA ASN E 134 -34.77 -28.65 -29.83
C ASN E 134 -33.35 -28.97 -30.33
N ILE E 135 -32.97 -30.25 -30.33
CA ILE E 135 -31.65 -30.75 -30.85
C ILE E 135 -31.66 -30.72 -32.39
N CYS E 136 -32.79 -31.04 -33.02
CA CYS E 136 -32.90 -31.22 -34.49
C CYS E 136 -33.25 -29.91 -35.22
N ASN E 137 -33.71 -28.86 -34.51
CA ASN E 137 -34.10 -27.56 -35.13
C ASN E 137 -33.04 -26.48 -34.85
N GLY E 138 -31.94 -26.80 -34.17
CA GLY E 138 -30.83 -25.86 -33.89
C GLY E 138 -31.22 -24.77 -32.91
N LYS E 139 -31.92 -25.13 -31.83
CA LYS E 139 -32.24 -24.22 -30.70
C LYS E 139 -30.97 -23.90 -29.90
N TRP E 140 -29.99 -24.82 -29.93
CA TRP E 140 -28.74 -24.80 -29.12
C TRP E 140 -27.70 -23.83 -29.69
N LEU E 141 -28.00 -23.13 -30.80
CA LEU E 141 -27.18 -22.05 -31.39
C LEU E 141 -27.65 -20.68 -30.91
N TRP E 142 -28.92 -20.58 -30.47
CA TRP E 142 -29.54 -19.44 -29.76
C TRP E 142 -29.79 -18.26 -30.72
N LYS E 143 -28.75 -17.57 -31.19
CA LYS E 143 -28.85 -16.34 -32.02
C LYS E 143 -28.05 -16.43 -33.33
N ASN E 144 -27.24 -17.49 -33.53
CA ASN E 144 -26.39 -17.65 -34.74
C ASN E 144 -27.26 -18.06 -35.94
N THR E 145 -28.51 -18.51 -35.69
CA THR E 145 -29.49 -18.94 -36.73
C THR E 145 -30.30 -17.73 -37.23
N ARG E 146 -30.52 -16.72 -36.39
CA ARG E 146 -31.03 -15.39 -36.83
C ARG E 146 -29.99 -14.76 -37.76
N LYS E 147 -30.42 -14.22 -38.91
CA LYS E 147 -29.57 -13.54 -39.93
C LYS E 147 -28.58 -14.54 -40.54
N ALA E 148 -28.96 -15.82 -40.63
CA ALA E 148 -28.27 -16.88 -41.39
C ALA E 148 -29.03 -17.11 -42.69
N TYR E 149 -28.36 -17.55 -43.76
CA TYR E 149 -29.00 -17.94 -45.05
C TYR E 149 -29.66 -19.31 -44.89
N CYS E 150 -28.95 -20.24 -44.24
CA CYS E 150 -29.25 -21.69 -44.22
C CYS E 150 -28.41 -22.37 -43.13
N TRP E 151 -29.02 -23.25 -42.33
CA TRP E 151 -28.31 -24.15 -41.39
C TRP E 151 -28.87 -25.58 -41.49
N ASN E 152 -27.98 -26.54 -41.74
CA ASN E 152 -28.27 -28.00 -41.81
C ASN E 152 -27.71 -28.65 -40.55
N ILE E 153 -28.41 -29.65 -39.99
CA ILE E 153 -28.00 -30.40 -38.77
C ILE E 153 -27.94 -31.90 -39.11
N VAL E 154 -26.75 -32.48 -39.02
CA VAL E 154 -26.50 -33.95 -39.13
C VAL E 154 -26.18 -34.48 -37.73
N LEU E 155 -26.86 -35.55 -37.30
CA LEU E 155 -26.61 -36.21 -35.99
C LEU E 155 -26.22 -37.68 -36.25
N THR E 156 -25.19 -38.15 -35.56
CA THR E 156 -24.68 -39.55 -35.60
C THR E 156 -25.12 -40.25 -34.30
N PRO E 157 -26.26 -40.98 -34.31
CA PRO E 157 -26.75 -41.64 -33.11
C PRO E 157 -25.98 -42.93 -32.77
N TRP E 158 -26.13 -43.40 -31.53
CA TRP E 158 -25.47 -44.61 -30.95
C TRP E 158 -26.28 -45.10 -29.76
N PRO E 159 -26.58 -46.42 -29.62
CA PRO E 159 -26.18 -47.45 -30.59
C PRO E 159 -27.10 -47.45 -31.82
N TRP E 160 -26.53 -47.66 -33.01
CA TRP E 160 -27.19 -47.42 -34.31
C TRP E 160 -26.57 -48.30 -35.40
N ASN E 161 -27.43 -48.90 -36.25
CA ASN E 161 -27.04 -49.76 -37.40
C ASN E 161 -27.69 -49.21 -38.67
N GLY E 162 -27.03 -48.23 -39.32
CA GLY E 162 -27.52 -47.60 -40.55
C GLY E 162 -26.72 -46.36 -40.94
N GLU E 163 -27.42 -45.27 -41.28
CA GLU E 163 -26.88 -44.04 -41.91
C GLU E 163 -27.05 -42.83 -40.98
N LYS E 164 -26.23 -41.79 -41.17
CA LYS E 164 -26.33 -40.51 -40.41
C LYS E 164 -27.66 -39.83 -40.74
N VAL E 165 -28.35 -39.33 -39.71
CA VAL E 165 -29.66 -38.61 -39.83
C VAL E 165 -29.34 -37.13 -40.08
N GLY E 166 -29.83 -36.60 -41.22
CA GLY E 166 -29.49 -35.26 -41.73
C GLY E 166 -30.75 -34.44 -42.02
N PHE E 167 -30.92 -33.33 -41.30
CA PHE E 167 -32.00 -32.33 -41.49
C PHE E 167 -31.45 -31.16 -42.31
N GLU E 168 -31.94 -31.00 -43.55
CA GLU E 168 -31.51 -29.93 -44.50
C GLU E 168 -32.17 -28.61 -44.06
N ASP E 169 -31.83 -27.50 -44.73
CA ASP E 169 -32.09 -26.10 -44.29
C ASP E 169 -33.36 -26.03 -43.42
N ILE E 170 -33.19 -25.73 -42.12
CA ILE E 170 -34.25 -25.80 -41.06
C ILE E 170 -34.85 -24.40 -40.90
N ARG E 171 -35.55 -23.92 -41.92
CA ARG E 171 -36.41 -22.70 -41.86
C ARG E 171 -37.59 -22.81 -42.84
N THR E 172 -37.39 -23.46 -43.99
CA THR E 172 -38.45 -23.78 -44.99
C THR E 172 -39.08 -25.15 -44.69
N ASN E 173 -38.25 -26.16 -44.45
CA ASN E 173 -38.67 -27.59 -44.35
C ASN E 173 -39.24 -27.87 -42.96
N TYR E 174 -38.40 -27.83 -41.92
CA TYR E 174 -38.71 -28.32 -40.54
C TYR E 174 -39.14 -27.13 -39.67
N THR E 175 -40.34 -26.62 -39.94
CA THR E 175 -41.00 -25.49 -39.22
C THR E 175 -41.98 -26.04 -38.17
N SER E 176 -42.71 -27.11 -38.50
CA SER E 176 -43.79 -27.73 -37.66
C SER E 176 -43.32 -29.06 -37.09
N ARG E 177 -44.08 -29.57 -36.10
CA ARG E 177 -43.86 -30.88 -35.42
C ARG E 177 -44.08 -32.04 -36.41
N GLN E 178 -45.05 -31.89 -37.33
CA GLN E 178 -45.39 -32.89 -38.37
C GLN E 178 -44.24 -33.01 -39.39
N ASP E 179 -43.58 -31.89 -39.73
CA ASP E 179 -42.45 -31.85 -40.70
C ASP E 179 -41.29 -32.72 -40.18
N PHE E 180 -41.07 -32.74 -38.87
CA PHE E 180 -40.09 -33.62 -38.18
C PHE E 180 -40.58 -35.08 -38.22
N LYS E 181 -41.89 -35.30 -38.03
CA LYS E 181 -42.51 -36.65 -37.91
C LYS E 181 -42.44 -37.44 -39.24
N ASN E 182 -42.12 -36.78 -40.37
CA ASN E 182 -41.89 -37.46 -41.67
C ASN E 182 -40.90 -38.60 -41.45
N ASN E 183 -41.42 -39.84 -41.52
CA ASN E 183 -40.97 -41.04 -40.77
C ASN E 183 -39.46 -41.30 -40.91
N LYS E 184 -38.91 -41.20 -42.13
CA LYS E 184 -37.66 -41.88 -42.60
C LYS E 184 -36.82 -42.36 -41.41
N ASN E 185 -36.31 -41.45 -40.59
CA ASN E 185 -35.40 -41.75 -39.44
C ASN E 185 -35.96 -41.27 -38.09
N TRP E 186 -37.02 -40.45 -38.06
CA TRP E 186 -37.54 -39.79 -36.83
C TRP E 186 -38.01 -40.83 -35.80
N SER E 187 -39.02 -41.64 -36.18
CA SER E 187 -39.66 -42.67 -35.33
C SER E 187 -38.60 -43.65 -34.76
N ALA E 188 -37.49 -43.83 -35.47
CA ALA E 188 -36.36 -44.73 -35.08
C ALA E 188 -35.39 -44.04 -34.11
N ILE E 189 -35.50 -42.73 -33.86
CA ILE E 189 -34.61 -41.99 -32.91
C ILE E 189 -35.41 -41.33 -31.76
N VAL E 190 -36.75 -41.34 -31.80
CA VAL E 190 -37.60 -41.04 -30.60
C VAL E 190 -37.71 -42.34 -29.78
N GLU E 191 -38.06 -43.46 -30.42
CA GLU E 191 -37.78 -44.84 -29.92
C GLU E 191 -36.27 -45.03 -30.00
N MET E 192 -35.61 -45.31 -28.85
CA MET E 192 -34.14 -45.24 -28.61
C MET E 192 -33.89 -44.19 -27.53
N ILE E 193 -34.69 -43.11 -27.48
CA ILE E 193 -34.72 -42.12 -26.36
C ILE E 193 -35.76 -42.57 -25.33
N LYS E 194 -36.87 -43.19 -25.77
CA LYS E 194 -37.83 -43.90 -24.87
C LYS E 194 -37.10 -45.06 -24.19
N THR E 195 -36.42 -45.89 -24.99
CA THR E 195 -35.59 -47.06 -24.57
C THR E 195 -34.64 -46.64 -23.44
N ALA E 196 -33.97 -45.49 -23.60
CA ALA E 196 -33.02 -44.91 -22.63
C ALA E 196 -33.73 -44.64 -21.29
N PHE E 197 -34.91 -44.01 -21.33
CA PHE E 197 -35.71 -43.63 -20.13
C PHE E 197 -36.51 -44.82 -19.57
N SER E 198 -36.64 -45.92 -20.33
CA SER E 198 -37.45 -47.12 -19.98
C SER E 198 -36.57 -48.24 -19.41
N SER E 199 -35.40 -48.48 -20.01
CA SER E 199 -34.43 -49.53 -19.61
C SER E 199 -33.68 -49.09 -18.34
N THR E 200 -33.30 -50.06 -17.50
CA THR E 200 -32.30 -49.90 -16.41
C THR E 200 -30.91 -50.00 -17.04
N ASP E 201 -30.05 -49.00 -16.84
CA ASP E 201 -28.77 -48.78 -17.55
C ASP E 201 -29.06 -48.60 -19.06
N GLY E 202 -30.11 -47.83 -19.39
CA GLY E 202 -30.40 -47.36 -20.75
C GLY E 202 -29.47 -46.22 -21.13
N LEU E 203 -29.01 -46.17 -22.38
CA LEU E 203 -28.08 -45.13 -22.89
C LEU E 203 -28.30 -44.91 -24.40
N ALA E 204 -28.38 -43.65 -24.82
CA ALA E 204 -28.40 -43.23 -26.24
C ALA E 204 -27.54 -41.97 -26.41
N ILE E 205 -26.46 -42.07 -27.21
CA ILE E 205 -25.50 -40.93 -27.46
C ILE E 205 -25.71 -40.43 -28.88
N PHE E 206 -25.64 -39.11 -29.08
CA PHE E 206 -25.70 -38.44 -30.41
C PHE E 206 -24.50 -37.50 -30.57
N GLU E 207 -23.70 -37.70 -31.62
CA GLU E 207 -22.70 -36.72 -32.11
C GLU E 207 -23.43 -35.77 -33.07
N VAL E 208 -23.78 -34.56 -32.61
CA VAL E 208 -24.60 -33.57 -33.38
C VAL E 208 -23.65 -32.56 -34.02
N ARG E 209 -23.90 -32.21 -35.29
CA ARG E 209 -23.04 -31.29 -36.08
C ARG E 209 -23.94 -30.45 -37.01
N ALA E 210 -23.87 -29.12 -36.86
CA ALA E 210 -24.61 -28.15 -37.70
C ALA E 210 -23.63 -27.40 -38.62
N THR E 211 -24.08 -27.06 -39.83
CA THR E 211 -23.37 -26.19 -40.80
C THR E 211 -24.16 -24.89 -40.98
N LEU E 212 -23.59 -23.75 -40.59
CA LEU E 212 -24.21 -22.38 -40.67
C LEU E 212 -23.65 -21.65 -41.89
N HIS E 213 -24.50 -21.35 -42.88
CA HIS E 213 -24.18 -20.45 -44.03
C HIS E 213 -24.61 -19.03 -43.66
N LEU E 214 -23.64 -18.18 -43.24
CA LEU E 214 -23.87 -16.77 -42.83
C LEU E 214 -23.40 -15.84 -43.96
N PRO E 215 -23.87 -14.57 -43.98
CA PRO E 215 -23.34 -13.57 -44.92
C PRO E 215 -21.86 -13.22 -44.71
N THR E 216 -21.33 -12.31 -45.55
CA THR E 216 -19.91 -11.86 -45.56
C THR E 216 -19.56 -11.19 -44.22
N ASN E 217 -18.45 -11.61 -43.61
CA ASN E 217 -17.87 -11.04 -42.35
C ASN E 217 -18.93 -11.06 -41.23
N ALA E 218 -19.85 -12.02 -41.26
CA ALA E 218 -21.02 -12.09 -40.35
C ALA E 218 -20.54 -12.29 -38.90
N MET E 219 -21.24 -11.67 -37.96
CA MET E 219 -20.93 -11.66 -36.51
C MET E 219 -21.38 -12.99 -35.88
N VAL E 220 -20.45 -13.70 -35.24
CA VAL E 220 -20.71 -14.97 -34.49
C VAL E 220 -20.87 -14.61 -33.00
N ARG E 221 -21.87 -15.22 -32.35
CA ARG E 221 -22.32 -14.88 -30.96
C ARG E 221 -22.16 -16.10 -30.06
N PRO E 222 -20.97 -16.31 -29.45
CA PRO E 222 -20.78 -17.39 -28.47
C PRO E 222 -21.23 -16.98 -27.06
N SER E 223 -21.05 -17.89 -26.10
CA SER E 223 -21.42 -17.70 -24.66
C SER E 223 -20.33 -16.89 -23.96
N GLN E 224 -20.71 -16.13 -22.94
CA GLN E 224 -19.85 -15.14 -22.24
C GLN E 224 -19.62 -15.59 -20.79
N VAL E 225 -18.41 -15.37 -20.27
CA VAL E 225 -18.03 -15.71 -18.86
C VAL E 225 -18.80 -14.76 -17.93
N PHE E 226 -18.89 -15.10 -16.64
CA PHE E 226 -19.70 -14.34 -15.65
C PHE E 226 -18.96 -13.04 -15.28
N THR E 227 -17.80 -13.13 -14.64
CA THR E 227 -17.01 -12.01 -14.07
C THR E 227 -17.85 -11.24 -13.03
N GLU E 228 -17.86 -11.71 -11.78
CA GLU E 228 -18.22 -10.90 -10.58
C GLU E 228 -17.29 -9.68 -10.56
N LYS E 229 -17.81 -8.50 -10.89
CA LYS E 229 -17.03 -7.22 -10.98
C LYS E 229 -16.38 -6.95 -9.63
N GLN E 240 -22.03 -3.91 -17.97
CA GLN E 240 -21.50 -3.34 -19.24
C GLN E 240 -19.96 -3.34 -19.24
N ASN E 241 -19.34 -4.39 -18.69
CA ASN E 241 -17.86 -4.56 -18.59
C ASN E 241 -17.38 -5.31 -19.85
N SER E 242 -16.19 -5.91 -19.81
CA SER E 242 -15.34 -6.24 -20.99
C SER E 242 -15.98 -7.24 -21.96
N ARG E 243 -17.15 -7.82 -21.65
CA ARG E 243 -17.89 -8.76 -22.54
C ARG E 243 -16.93 -9.88 -22.97
N VAL E 244 -16.45 -10.66 -22.01
CA VAL E 244 -15.40 -11.71 -22.23
C VAL E 244 -16.11 -13.01 -22.63
N PHE E 245 -15.68 -13.62 -23.74
CA PHE E 245 -16.22 -14.90 -24.27
C PHE E 245 -15.61 -16.08 -23.49
N GLN E 246 -16.44 -17.07 -23.18
CA GLN E 246 -16.00 -18.42 -22.75
C GLN E 246 -15.26 -19.05 -23.93
N SER E 247 -14.11 -19.69 -23.71
CA SER E 247 -13.20 -20.19 -24.77
C SER E 247 -12.59 -21.54 -24.40
N THR E 248 -12.03 -22.23 -25.40
CA THR E 248 -11.24 -23.48 -25.27
C THR E 248 -9.99 -23.41 -26.16
N THR E 249 -8.98 -24.24 -25.85
CA THR E 249 -7.73 -24.38 -26.64
C THR E 249 -7.88 -25.56 -27.61
N ILE E 250 -8.19 -25.26 -28.88
CA ILE E 250 -8.27 -26.26 -30.00
C ILE E 250 -7.07 -26.01 -30.92
N ASP E 251 -6.29 -27.06 -31.23
CA ASP E 251 -5.10 -27.03 -32.11
C ASP E 251 -4.06 -26.04 -31.56
N GLY E 252 -4.00 -25.89 -30.23
CA GLY E 252 -3.18 -24.88 -29.52
C GLY E 252 -3.58 -23.45 -29.88
N GLU E 253 -4.87 -23.21 -30.14
CA GLU E 253 -5.44 -21.88 -30.48
C GLU E 253 -6.73 -21.64 -29.67
N ARG E 254 -6.92 -20.40 -29.21
CA ARG E 254 -8.10 -19.97 -28.41
C ARG E 254 -9.32 -19.86 -29.33
N SER E 255 -10.40 -20.57 -28.99
CA SER E 255 -11.65 -20.67 -29.78
C SER E 255 -12.87 -20.48 -28.89
N PRO E 256 -13.91 -19.73 -29.33
CA PRO E 256 -15.13 -19.55 -28.55
C PRO E 256 -15.98 -20.83 -28.53
N ILE E 257 -16.85 -20.99 -27.52
CA ILE E 257 -17.27 -22.31 -26.96
C ILE E 257 -18.81 -22.50 -27.00
N LEU E 258 -19.60 -21.47 -26.71
CA LEU E 258 -21.10 -21.51 -26.61
C LEU E 258 -21.58 -22.32 -25.39
N GLY E 259 -20.69 -23.02 -24.66
CA GLY E 259 -20.94 -23.47 -23.28
C GLY E 259 -21.63 -24.82 -23.21
N ALA E 260 -21.40 -25.57 -22.14
CA ALA E 260 -21.94 -26.93 -21.90
C ALA E 260 -23.30 -26.84 -21.19
N PHE E 261 -23.45 -25.88 -20.27
CA PHE E 261 -24.68 -25.65 -19.46
C PHE E 261 -25.73 -24.90 -20.30
N LYS E 262 -25.30 -24.00 -21.20
CA LYS E 262 -26.19 -23.21 -22.08
C LYS E 262 -26.89 -24.14 -23.08
N THR E 263 -26.17 -25.10 -23.67
CA THR E 263 -26.71 -26.08 -24.65
C THR E 263 -27.70 -27.01 -23.94
N GLY E 264 -27.47 -27.31 -22.66
CA GLY E 264 -28.40 -28.06 -21.79
C GLY E 264 -29.70 -27.32 -21.54
N ALA E 265 -29.64 -25.98 -21.51
CA ALA E 265 -30.81 -25.09 -21.32
C ALA E 265 -31.64 -25.03 -22.62
N ALA E 266 -30.98 -25.02 -23.78
CA ALA E 266 -31.61 -24.98 -25.13
C ALA E 266 -32.45 -26.23 -25.37
N ILE E 267 -31.91 -27.41 -25.03
CA ILE E 267 -32.56 -28.73 -25.20
C ILE E 267 -33.78 -28.80 -24.26
N ALA E 268 -33.66 -28.25 -23.05
CA ALA E 268 -34.67 -28.29 -21.97
C ALA E 268 -35.57 -27.04 -21.99
N THR E 269 -35.75 -26.41 -23.16
CA THR E 269 -36.70 -25.28 -23.39
C THR E 269 -38.00 -25.88 -23.96
N ILE E 270 -38.71 -26.67 -23.14
CA ILE E 270 -39.91 -27.48 -23.55
C ILE E 270 -41.14 -27.10 -22.72
N ASP E 271 -40.98 -26.36 -21.63
CA ASP E 271 -42.03 -26.12 -20.60
C ASP E 271 -43.03 -25.07 -21.12
N ASP E 272 -44.12 -25.52 -21.75
CA ASP E 272 -45.23 -24.67 -22.28
C ASP E 272 -46.54 -25.01 -21.57
N TRP E 273 -46.47 -25.59 -20.37
CA TRP E 273 -47.62 -26.10 -19.57
C TRP E 273 -48.00 -25.14 -18.43
N TYR E 274 -47.25 -24.03 -18.27
CA TYR E 274 -47.39 -23.04 -17.18
C TYR E 274 -48.73 -22.32 -17.32
N PRO E 275 -49.36 -21.87 -16.20
CA PRO E 275 -50.79 -21.54 -16.13
C PRO E 275 -51.55 -21.27 -17.44
N GLU E 276 -51.22 -20.19 -18.17
CA GLU E 276 -51.84 -19.86 -19.49
C GLU E 276 -51.13 -20.71 -20.56
N ALA E 277 -50.24 -20.10 -21.36
CA ALA E 277 -49.24 -20.72 -22.26
C ALA E 277 -49.06 -19.83 -23.49
N THR E 278 -47.82 -19.40 -23.78
CA THR E 278 -47.47 -18.54 -24.93
C THR E 278 -46.24 -19.11 -25.66
N GLU E 279 -45.09 -19.25 -24.96
CA GLU E 279 -43.85 -19.85 -25.54
C GLU E 279 -43.18 -20.77 -24.50
N PRO E 280 -42.34 -21.74 -24.93
CA PRO E 280 -41.69 -22.67 -23.99
C PRO E 280 -40.64 -21.99 -23.11
N LEU E 281 -40.57 -22.38 -21.83
CA LEU E 281 -39.56 -21.92 -20.83
C LEU E 281 -38.50 -23.02 -20.65
N ARG E 282 -37.33 -22.61 -20.15
CA ARG E 282 -36.33 -23.51 -19.50
C ARG E 282 -37.01 -24.23 -18.34
N VAL E 283 -37.18 -25.56 -18.45
CA VAL E 283 -37.75 -26.41 -17.35
C VAL E 283 -36.97 -26.09 -16.06
N GLY E 284 -37.66 -25.59 -15.04
CA GLY E 284 -37.10 -25.28 -13.72
C GLY E 284 -38.05 -25.66 -12.60
N ARG E 285 -37.74 -25.26 -11.37
CA ARG E 285 -38.57 -25.53 -10.15
C ARG E 285 -39.75 -24.56 -10.14
N PHE E 286 -39.46 -23.27 -10.40
CA PHE E 286 -40.44 -22.15 -10.41
C PHE E 286 -40.60 -21.59 -11.83
N GLY E 287 -40.15 -22.30 -12.87
CA GLY E 287 -40.27 -21.90 -14.28
C GLY E 287 -40.14 -20.40 -14.48
N VAL E 288 -38.93 -19.87 -14.25
CA VAL E 288 -38.62 -18.41 -14.38
C VAL E 288 -38.53 -18.10 -15.88
N HIS E 289 -39.02 -16.93 -16.30
CA HIS E 289 -38.76 -16.33 -17.64
C HIS E 289 -37.54 -15.42 -17.50
N ARG E 290 -36.61 -15.47 -18.45
CA ARG E 290 -35.35 -14.70 -18.43
C ARG E 290 -35.56 -13.33 -19.10
N GLU E 291 -36.25 -13.32 -20.26
CA GLU E 291 -36.68 -12.09 -20.99
C GLU E 291 -37.61 -11.26 -20.10
N ASP E 292 -38.83 -11.75 -19.84
CA ASP E 292 -39.74 -11.21 -18.80
C ASP E 292 -39.10 -11.52 -17.45
N VAL E 293 -38.62 -10.52 -16.71
CA VAL E 293 -37.80 -10.71 -15.47
C VAL E 293 -38.69 -11.28 -14.35
N THR E 294 -40.01 -11.35 -14.55
CA THR E 294 -40.98 -12.06 -13.67
C THR E 294 -40.72 -13.58 -13.69
N CYS E 295 -41.20 -14.26 -12.65
CA CYS E 295 -41.28 -15.75 -12.54
C CYS E 295 -42.75 -16.16 -12.63
N TYR E 296 -43.10 -17.00 -13.62
CA TYR E 296 -44.39 -17.74 -13.66
C TYR E 296 -44.27 -18.90 -12.67
N ARG E 297 -45.24 -19.82 -12.64
CA ARG E 297 -45.14 -21.09 -11.89
C ARG E 297 -44.63 -20.83 -10.45
N HIS E 298 -45.05 -19.70 -9.87
CA HIS E 298 -44.59 -19.18 -8.55
C HIS E 298 -45.44 -19.85 -7.47
N PRO E 299 -44.88 -20.24 -6.30
CA PRO E 299 -45.61 -21.07 -5.31
C PRO E 299 -47.04 -20.63 -4.93
N SER E 300 -47.35 -19.33 -5.03
CA SER E 300 -48.71 -18.75 -4.81
C SER E 300 -49.72 -19.36 -5.80
N THR E 301 -49.30 -19.57 -7.05
CA THR E 301 -50.10 -20.20 -8.15
C THR E 301 -50.43 -21.66 -7.79
N GLY E 302 -49.55 -22.32 -7.03
CA GLY E 302 -49.69 -23.73 -6.62
C GLY E 302 -49.27 -24.70 -7.71
N LYS E 303 -48.51 -24.22 -8.71
CA LYS E 303 -48.05 -25.00 -9.88
C LYS E 303 -46.52 -25.15 -9.90
N ASP E 304 -45.80 -24.56 -8.94
CA ASP E 304 -44.33 -24.75 -8.77
C ASP E 304 -44.04 -26.23 -8.51
N PHE E 305 -42.78 -26.65 -8.64
CA PHE E 305 -42.35 -28.07 -8.59
C PHE E 305 -42.77 -28.74 -7.28
N PHE E 306 -42.55 -28.06 -6.14
CA PHE E 306 -42.66 -28.63 -4.78
C PHE E 306 -44.13 -28.90 -4.41
N SER E 307 -45.02 -27.95 -4.74
CA SER E 307 -46.50 -28.08 -4.55
C SER E 307 -47.04 -29.29 -5.32
N ILE E 308 -46.50 -29.55 -6.52
CA ILE E 308 -46.89 -30.71 -7.40
C ILE E 308 -46.21 -31.98 -6.87
N LEU E 309 -44.96 -31.89 -6.37
CA LEU E 309 -44.20 -33.05 -5.82
C LEU E 309 -44.85 -33.52 -4.50
N GLN E 310 -45.38 -32.60 -3.68
CA GLN E 310 -46.03 -32.92 -2.38
C GLN E 310 -47.43 -33.54 -2.59
N GLN E 311 -47.87 -33.73 -3.84
CA GLN E 311 -49.13 -34.44 -4.20
C GLN E 311 -48.83 -35.70 -5.01
N ALA E 312 -47.62 -36.26 -4.87
CA ALA E 312 -47.16 -37.51 -5.53
C ALA E 312 -48.08 -38.68 -5.14
N GLU E 313 -48.51 -38.74 -3.87
CA GLU E 313 -49.46 -39.74 -3.33
C GLU E 313 -50.78 -39.69 -4.10
N HIS E 314 -51.28 -38.47 -4.37
CA HIS E 314 -52.55 -38.21 -5.10
C HIS E 314 -52.40 -38.62 -6.58
N TYR E 315 -51.36 -38.14 -7.25
CA TYR E 315 -51.11 -38.36 -8.71
C TYR E 315 -51.07 -39.85 -9.05
N ILE E 316 -50.73 -40.72 -8.08
CA ILE E 316 -50.74 -42.21 -8.22
C ILE E 316 -52.19 -42.72 -8.33
N GLU E 317 -53.13 -42.15 -7.55
CA GLU E 317 -54.57 -42.55 -7.54
C GLU E 317 -55.19 -42.30 -8.92
N VAL E 318 -54.85 -41.16 -9.55
CA VAL E 318 -55.45 -40.66 -10.82
C VAL E 318 -54.79 -41.38 -12.01
N LEU E 319 -53.60 -41.97 -11.82
CA LEU E 319 -52.82 -42.67 -12.88
C LEU E 319 -53.10 -44.19 -12.87
N SER E 320 -53.88 -44.70 -11.90
CA SER E 320 -54.12 -46.15 -11.70
C SER E 320 -55.30 -46.62 -12.56
N ALA E 321 -56.46 -45.96 -12.42
CA ALA E 321 -57.74 -46.32 -13.09
C ALA E 321 -58.06 -45.30 -14.20
N ASN E 322 -58.85 -45.73 -15.19
CA ASN E 322 -59.25 -44.90 -16.36
C ASN E 322 -60.30 -43.87 -15.92
N LYS E 323 -60.25 -42.63 -16.44
CA LYS E 323 -59.27 -42.15 -17.42
C LYS E 323 -58.75 -40.77 -16.97
N THR E 324 -57.43 -40.57 -17.07
CA THR E 324 -56.70 -39.33 -16.66
C THR E 324 -57.08 -38.19 -17.61
N PRO E 325 -57.40 -36.98 -17.09
CA PRO E 325 -57.64 -35.81 -17.93
C PRO E 325 -56.33 -35.09 -18.33
N ALA E 326 -56.23 -34.67 -19.59
CA ALA E 326 -55.06 -33.95 -20.16
C ALA E 326 -55.27 -32.43 -20.07
N GLN E 327 -55.74 -31.95 -18.91
CA GLN E 327 -56.10 -30.53 -18.65
C GLN E 327 -55.12 -29.95 -17.61
N GLU E 328 -55.16 -30.46 -16.38
CA GLU E 328 -54.25 -30.06 -15.25
C GLU E 328 -53.88 -31.29 -14.41
N THR E 329 -53.64 -32.44 -15.07
CA THR E 329 -53.11 -33.69 -14.44
C THR E 329 -51.93 -34.20 -15.26
N ILE E 330 -52.13 -34.48 -16.55
CA ILE E 330 -51.06 -34.92 -17.50
C ILE E 330 -50.04 -33.77 -17.68
N ASN E 331 -50.53 -32.53 -17.84
CA ASN E 331 -49.69 -31.31 -18.03
C ASN E 331 -48.76 -31.09 -16.82
N ASP E 332 -49.18 -31.50 -15.61
CA ASP E 332 -48.39 -31.38 -14.36
C ASP E 332 -47.45 -32.60 -14.21
N MET E 333 -47.91 -33.79 -14.62
CA MET E 333 -47.08 -35.03 -14.64
C MET E 333 -45.91 -34.85 -15.63
N HIS E 334 -46.18 -34.22 -16.79
CA HIS E 334 -45.14 -33.81 -17.78
C HIS E 334 -44.08 -32.94 -17.08
N PHE E 335 -44.50 -31.90 -16.38
CA PHE E 335 -43.64 -30.93 -15.66
C PHE E 335 -42.82 -31.66 -14.59
N LEU E 336 -43.47 -32.48 -13.75
CA LEU E 336 -42.79 -33.25 -12.66
C LEU E 336 -41.72 -34.14 -13.27
N MET E 337 -42.06 -34.94 -14.28
CA MET E 337 -41.14 -35.86 -15.00
C MET E 337 -40.00 -35.05 -15.63
N ALA E 338 -40.30 -33.89 -16.24
CA ALA E 338 -39.30 -32.98 -16.84
C ALA E 338 -38.28 -32.54 -15.79
N ASN E 339 -38.72 -32.20 -14.57
CA ASN E 339 -37.86 -31.73 -13.46
C ASN E 339 -37.00 -32.87 -12.90
N LEU E 340 -37.44 -34.13 -12.99
CA LEU E 340 -36.65 -35.32 -12.54
C LEU E 340 -35.55 -35.65 -13.56
N ILE E 341 -35.64 -35.14 -14.79
CA ILE E 341 -34.58 -35.25 -15.86
C ILE E 341 -33.59 -34.09 -15.68
N LYS E 342 -33.82 -33.23 -14.67
CA LYS E 342 -32.97 -32.07 -14.29
C LYS E 342 -32.78 -32.13 -12.77
N GLY E 343 -32.35 -33.29 -12.26
CA GLY E 343 -32.46 -33.70 -10.85
C GLY E 343 -31.70 -32.81 -9.88
N GLY E 344 -31.98 -32.95 -8.58
CA GLY E 344 -31.17 -32.41 -7.47
C GLY E 344 -31.32 -30.89 -7.31
N MET E 345 -31.51 -30.38 -6.08
CA MET E 345 -31.69 -31.13 -4.84
C MET E 345 -33.01 -30.68 -4.19
N PHE E 346 -33.93 -31.63 -3.97
CA PHE E 346 -35.35 -31.40 -3.62
C PHE E 346 -35.60 -31.63 -2.11
N GLN E 347 -35.04 -30.78 -1.25
CA GLN E 347 -35.24 -30.89 0.22
C GLN E 347 -35.05 -29.54 0.92
N HIS E 348 -35.59 -29.43 2.14
CA HIS E 348 -35.26 -28.38 3.15
C HIS E 348 -35.67 -28.87 4.54
N LYS E 349 -35.02 -28.35 5.58
CA LYS E 349 -35.22 -28.73 7.01
C LYS E 349 -36.37 -27.89 7.60
N LYS F 1 -42.42 4.65 -15.01
CA LYS F 1 -41.67 4.88 -16.29
C LYS F 1 -40.18 4.58 -16.09
N LEU F 2 -39.52 4.11 -17.16
CA LEU F 2 -38.14 3.53 -17.14
C LEU F 2 -38.08 2.44 -16.06
N PRO F 3 -38.55 1.20 -16.35
CA PRO F 3 -38.79 0.20 -15.31
C PRO F 3 -37.55 -0.56 -14.80
N THR F 4 -36.46 0.16 -14.52
CA THR F 4 -35.24 -0.29 -13.79
C THR F 4 -34.53 -1.48 -14.45
N ASN F 5 -35.02 -1.98 -15.59
CA ASN F 5 -34.54 -3.24 -16.23
C ASN F 5 -35.27 -3.40 -17.58
N LEU F 6 -34.76 -2.75 -18.62
CA LEU F 6 -35.40 -2.62 -19.96
C LEU F 6 -34.31 -2.49 -21.02
N ALA F 7 -34.20 -3.48 -21.91
CA ALA F 7 -33.19 -3.51 -23.01
C ALA F 7 -33.88 -3.84 -24.33
N TYR F 8 -33.33 -3.33 -25.44
CA TYR F 8 -33.70 -3.69 -26.84
C TYR F 8 -32.46 -4.28 -27.54
N GLU F 9 -32.70 -5.04 -28.60
CA GLU F 9 -31.63 -5.63 -29.47
C GLU F 9 -31.68 -4.93 -30.83
N ARG F 10 -30.51 -4.66 -31.42
CA ARG F 10 -30.38 -3.88 -32.68
C ARG F 10 -31.04 -4.64 -33.84
N SER F 11 -31.70 -3.89 -34.74
CA SER F 11 -32.47 -4.42 -35.89
C SER F 11 -31.67 -4.31 -37.20
N ILE F 12 -30.67 -3.42 -37.27
CA ILE F 12 -29.67 -3.36 -38.38
C ILE F 12 -28.35 -3.97 -37.88
N ASP F 13 -27.72 -4.82 -38.70
CA ASP F 13 -26.51 -5.61 -38.34
C ASP F 13 -25.49 -5.55 -39.46
N PRO F 14 -24.65 -4.49 -39.54
CA PRO F 14 -23.57 -4.41 -40.54
C PRO F 14 -22.33 -5.21 -40.10
N SER F 15 -21.42 -5.46 -41.05
CA SER F 15 -20.14 -6.20 -40.86
C SER F 15 -18.95 -5.30 -41.21
N ASP F 16 -17.73 -5.80 -41.05
CA ASP F 16 -16.46 -5.09 -41.42
C ASP F 16 -16.40 -4.93 -42.95
N VAL F 17 -15.81 -3.83 -43.43
CA VAL F 17 -15.73 -3.46 -44.88
C VAL F 17 -14.34 -3.84 -45.41
N CYS F 18 -14.20 -5.05 -45.99
CA CYS F 18 -12.93 -5.58 -46.53
C CYS F 18 -12.59 -4.88 -47.86
N PHE F 19 -11.36 -4.36 -47.99
CA PHE F 19 -10.83 -3.64 -49.17
C PHE F 19 -9.97 -4.60 -50.02
N PHE F 20 -10.13 -4.53 -51.35
CA PHE F 20 -9.35 -5.32 -52.34
C PHE F 20 -8.83 -4.40 -53.43
N VAL F 21 -7.53 -4.54 -53.78
CA VAL F 21 -6.91 -3.94 -54.98
C VAL F 21 -7.18 -4.89 -56.14
N VAL F 22 -8.01 -4.48 -57.11
CA VAL F 22 -8.30 -5.24 -58.35
C VAL F 22 -7.41 -4.66 -59.47
N TRP F 23 -6.71 -5.55 -60.18
CA TRP F 23 -5.60 -5.20 -61.12
C TRP F 23 -6.10 -5.17 -62.56
N PRO F 24 -5.36 -4.55 -63.51
CA PRO F 24 -5.74 -4.57 -64.93
C PRO F 24 -5.91 -5.97 -65.54
N ASP F 25 -5.46 -7.02 -64.86
CA ASP F 25 -5.70 -8.45 -65.21
C ASP F 25 -6.94 -8.98 -64.46
N ASP F 26 -7.89 -8.10 -64.11
CA ASP F 26 -9.11 -8.33 -63.28
C ASP F 26 -8.90 -9.48 -62.27
N ARG F 27 -7.75 -9.50 -61.59
CA ARG F 27 -7.49 -10.33 -60.37
C ARG F 27 -7.44 -9.37 -59.19
N LYS F 28 -7.86 -9.84 -58.01
CA LYS F 28 -8.03 -9.02 -56.78
C LYS F 28 -7.07 -9.53 -55.70
N THR F 29 -6.36 -8.61 -55.04
CA THR F 29 -5.49 -8.90 -53.88
C THR F 29 -5.97 -8.09 -52.68
N PRO F 30 -5.86 -8.60 -51.43
CA PRO F 30 -6.16 -7.79 -50.24
C PRO F 30 -5.27 -6.53 -50.18
N LEU F 31 -5.88 -5.35 -50.12
CA LEU F 31 -5.19 -4.05 -49.92
C LEU F 31 -4.39 -4.14 -48.61
N THR F 32 -3.07 -3.92 -48.69
CA THR F 32 -2.15 -3.89 -47.52
C THR F 32 -1.56 -2.47 -47.41
N TYR F 33 -1.06 -2.12 -46.22
CA TYR F 33 -0.61 -0.76 -45.84
C TYR F 33 0.77 -0.82 -45.18
N ASN F 34 1.45 0.34 -45.08
CA ASN F 34 2.79 0.49 -44.46
C ASN F 34 2.61 1.04 -43.04
N SER F 35 3.44 0.59 -42.09
CA SER F 35 3.43 1.00 -40.66
C SER F 35 4.84 1.47 -40.25
N ARG F 36 5.12 2.76 -40.41
CA ARG F 36 6.43 3.38 -40.10
C ARG F 36 6.50 3.74 -38.60
N THR F 37 7.70 3.60 -38.02
CA THR F 37 8.05 4.00 -36.63
C THR F 37 9.38 4.75 -36.65
N LEU F 38 9.43 5.94 -36.05
CA LEU F 38 10.66 6.78 -35.94
C LEU F 38 11.43 6.36 -34.68
N LEU F 39 12.45 5.49 -34.85
CA LEU F 39 13.30 4.94 -33.76
C LEU F 39 14.15 6.08 -33.17
N GLY F 40 13.54 6.92 -32.35
CA GLY F 40 14.18 8.11 -31.73
C GLY F 40 15.54 7.79 -31.13
N GLN F 41 16.55 8.61 -31.42
CA GLN F 41 17.98 8.32 -31.10
C GLN F 41 18.19 8.33 -29.57
N MET F 42 19.37 7.86 -29.14
CA MET F 42 19.74 7.68 -27.71
C MET F 42 20.13 9.04 -27.12
N PRO F 69 6.04 2.48 -30.31
CA PRO F 69 5.28 3.34 -29.39
C PRO F 69 4.53 4.43 -30.17
N HIS F 70 5.27 5.31 -30.87
CA HIS F 70 4.73 6.34 -31.79
C HIS F 70 4.76 5.77 -33.22
N GLN F 71 3.91 4.78 -33.47
CA GLN F 71 3.71 4.12 -34.80
C GLN F 71 2.78 5.00 -35.63
N VAL F 72 3.04 5.12 -36.93
CA VAL F 72 2.15 5.82 -37.91
C VAL F 72 1.95 4.92 -39.14
N ASP F 73 0.71 4.82 -39.62
CA ASP F 73 0.29 3.92 -40.74
C ASP F 73 -0.05 4.77 -41.98
N PHE F 74 0.28 4.25 -43.16
CA PHE F 74 0.01 4.88 -44.49
C PHE F 74 -0.54 3.81 -45.44
N CYS F 75 -1.72 4.07 -46.00
CA CYS F 75 -2.47 3.16 -46.93
C CYS F 75 -2.83 3.92 -48.21
N HIS F 76 -2.09 3.66 -49.28
CA HIS F 76 -2.32 4.22 -50.65
C HIS F 76 -2.68 3.08 -51.61
N VAL F 77 -3.18 3.43 -52.79
CA VAL F 77 -3.47 2.46 -53.89
C VAL F 77 -2.14 2.15 -54.58
N PRO F 78 -1.72 0.87 -54.70
CA PRO F 78 -0.41 0.55 -55.27
C PRO F 78 -0.35 0.90 -56.77
N TYR F 79 0.84 1.24 -57.26
CA TYR F 79 1.07 1.74 -58.65
C TYR F 79 0.57 0.69 -59.66
N GLY F 80 -0.12 1.13 -60.71
CA GLY F 80 -0.60 0.29 -61.82
C GLY F 80 -1.78 -0.60 -61.44
N ALA F 81 -2.60 -0.17 -60.47
CA ALA F 81 -3.84 -0.87 -60.03
C ALA F 81 -5.04 -0.31 -60.79
N SER F 82 -6.00 -1.17 -61.16
CA SER F 82 -7.22 -0.80 -61.92
C SER F 82 -8.14 0.05 -61.05
N HIS F 83 -8.61 -0.52 -59.92
CA HIS F 83 -9.50 0.17 -58.95
C HIS F 83 -9.54 -0.61 -57.62
N ILE F 84 -10.33 -0.11 -56.66
CA ILE F 84 -10.54 -0.71 -55.31
C ILE F 84 -11.96 -1.31 -55.24
N GLU F 85 -12.09 -2.49 -54.62
CA GLU F 85 -13.39 -3.16 -54.33
C GLU F 85 -13.59 -3.21 -52.81
N CYS F 86 -14.67 -2.60 -52.31
CA CYS F 86 -15.07 -2.57 -50.87
C CYS F 86 -16.34 -3.39 -50.69
N SER F 87 -16.26 -4.50 -49.94
CA SER F 87 -17.36 -5.48 -49.73
C SER F 87 -17.72 -5.58 -48.24
N PHE F 88 -19.03 -5.59 -47.93
CA PHE F 88 -19.59 -5.93 -46.60
C PHE F 88 -21.04 -6.40 -46.76
N SER F 89 -21.66 -6.82 -45.66
CA SER F 89 -23.07 -7.30 -45.58
C SER F 89 -23.82 -6.55 -44.48
N VAL F 90 -25.14 -6.38 -44.66
CA VAL F 90 -26.06 -5.74 -43.67
C VAL F 90 -27.37 -6.54 -43.62
N SER F 91 -27.90 -6.74 -42.41
CA SER F 91 -29.12 -7.54 -42.11
C SER F 91 -30.15 -6.66 -41.38
N PHE F 92 -31.34 -6.51 -41.97
CA PHE F 92 -32.53 -5.85 -41.36
C PHE F 92 -33.44 -6.94 -40.78
N SER F 93 -33.72 -6.83 -39.46
CA SER F 93 -34.44 -7.84 -38.64
C SER F 93 -35.51 -7.15 -37.78
N SER F 94 -36.21 -7.91 -36.94
CA SER F 94 -37.49 -7.52 -36.28
C SER F 94 -37.38 -7.51 -34.74
N GLU F 95 -36.28 -7.00 -34.20
CA GLU F 95 -36.01 -6.95 -32.72
C GLU F 95 -36.66 -5.71 -32.09
N LEU F 96 -37.18 -4.77 -32.91
CA LEU F 96 -37.79 -3.50 -32.45
C LEU F 96 -39.27 -3.69 -32.07
N ARG F 97 -39.87 -4.85 -32.38
CA ARG F 97 -41.32 -5.12 -32.11
C ARG F 97 -41.53 -5.30 -30.61
N GLN F 98 -40.71 -6.12 -29.95
CA GLN F 98 -40.77 -6.41 -28.50
C GLN F 98 -39.40 -6.18 -27.85
N PRO F 99 -39.36 -5.63 -26.60
CA PRO F 99 -38.10 -5.48 -25.87
C PRO F 99 -37.42 -6.82 -25.57
N TYR F 100 -36.08 -6.79 -25.45
CA TYR F 100 -35.22 -7.97 -25.15
C TYR F 100 -35.49 -8.41 -23.71
N LYS F 101 -35.15 -7.56 -22.73
CA LYS F 101 -35.66 -7.61 -21.33
C LYS F 101 -36.59 -6.40 -21.13
N CYS F 102 -37.65 -6.58 -20.32
CA CYS F 102 -38.65 -5.51 -20.04
C CYS F 102 -38.94 -5.38 -18.53
N ASN F 103 -39.07 -6.49 -17.79
CA ASN F 103 -39.21 -6.53 -16.30
C ASN F 103 -40.65 -6.16 -15.87
N SER F 104 -41.38 -5.40 -16.70
CA SER F 104 -42.65 -4.71 -16.34
C SER F 104 -43.74 -5.02 -17.37
N SER F 105 -44.75 -5.79 -16.97
CA SER F 105 -45.95 -6.12 -17.79
C SER F 105 -46.94 -4.94 -17.81
N LYS F 106 -46.42 -3.72 -17.90
CA LYS F 106 -47.18 -2.45 -18.11
C LYS F 106 -46.58 -1.70 -19.30
N VAL F 107 -45.26 -1.48 -19.29
CA VAL F 107 -44.53 -0.71 -20.33
C VAL F 107 -44.26 -1.60 -21.56
N LYS F 108 -44.16 -2.94 -21.39
CA LYS F 108 -43.95 -3.87 -22.53
C LYS F 108 -45.05 -3.62 -23.57
N GLN F 109 -46.31 -3.88 -23.20
CA GLN F 109 -47.49 -3.77 -24.10
C GLN F 109 -47.65 -2.32 -24.58
N THR F 110 -47.28 -1.32 -23.76
CA THR F 110 -47.27 0.12 -24.10
C THR F 110 -46.36 0.33 -25.31
N LEU F 111 -45.13 -0.18 -25.25
CA LEU F 111 -44.09 -0.03 -26.32
C LEU F 111 -44.48 -0.86 -27.55
N VAL F 112 -44.99 -2.09 -27.37
CA VAL F 112 -45.45 -2.98 -28.49
C VAL F 112 -46.61 -2.28 -29.21
N GLN F 113 -47.56 -1.70 -28.44
CA GLN F 113 -48.72 -0.94 -28.99
C GLN F 113 -48.21 0.29 -29.75
N LEU F 114 -47.22 1.01 -29.21
CA LEU F 114 -46.64 2.24 -29.81
C LEU F 114 -46.00 1.91 -31.16
N VAL F 115 -45.30 0.77 -31.26
CA VAL F 115 -44.61 0.28 -32.50
C VAL F 115 -45.67 -0.06 -33.56
N GLU F 116 -46.70 -0.85 -33.20
CA GLU F 116 -47.75 -1.32 -34.16
C GLU F 116 -48.69 -0.16 -34.53
N LEU F 117 -48.93 0.80 -33.63
CA LEU F 117 -49.70 2.05 -33.94
C LEU F 117 -48.91 2.93 -34.91
N TYR F 118 -47.58 3.04 -34.73
CA TYR F 118 -46.67 3.72 -35.68
C TYR F 118 -46.77 3.02 -37.04
N GLU F 119 -46.51 1.71 -37.07
CA GLU F 119 -46.49 0.85 -38.30
C GLU F 119 -47.76 1.07 -39.12
N THR F 120 -48.94 1.07 -38.47
CA THR F 120 -50.26 1.18 -39.15
C THR F 120 -50.52 2.62 -39.61
N LYS F 121 -50.27 3.62 -38.74
CA LYS F 121 -50.61 5.05 -39.00
C LYS F 121 -49.62 5.63 -40.02
N ILE F 122 -48.31 5.59 -39.70
CA ILE F 122 -47.21 6.16 -40.53
C ILE F 122 -46.19 5.04 -40.80
N GLY F 123 -46.29 4.41 -41.98
CA GLY F 123 -45.56 3.18 -42.36
C GLY F 123 -44.05 3.34 -42.34
N TRP F 124 -43.33 2.23 -42.56
CA TRP F 124 -41.85 2.12 -42.43
C TRP F 124 -41.12 2.79 -43.61
N THR F 125 -41.84 3.33 -44.60
CA THR F 125 -41.31 3.90 -45.87
C THR F 125 -40.17 4.88 -45.58
N GLU F 126 -40.42 5.90 -44.73
CA GLU F 126 -39.51 7.03 -44.45
C GLU F 126 -38.16 6.51 -43.93
N LEU F 127 -38.18 5.76 -42.82
CA LEU F 127 -36.96 5.22 -42.14
C LEU F 127 -36.27 4.21 -43.06
N ALA F 128 -37.03 3.30 -43.69
CA ALA F 128 -36.52 2.30 -44.66
C ALA F 128 -35.73 3.01 -45.76
N THR F 129 -36.35 4.01 -46.41
CA THR F 129 -35.73 4.84 -47.48
C THR F 129 -34.46 5.52 -46.96
N ARG F 130 -34.56 6.20 -45.81
CA ARG F 130 -33.43 6.96 -45.18
C ARG F 130 -32.26 6.03 -44.88
N TYR F 131 -32.51 4.85 -44.30
CA TYR F 131 -31.49 3.81 -44.02
C TYR F 131 -30.89 3.32 -45.35
N LEU F 132 -31.74 2.98 -46.32
CA LEU F 132 -31.35 2.32 -47.58
C LEU F 132 -30.56 3.27 -48.50
N MET F 133 -30.84 4.58 -48.43
CA MET F 133 -30.12 5.60 -49.25
C MET F 133 -28.64 5.66 -48.86
N ASN F 134 -28.33 5.59 -47.55
CA ASN F 134 -26.94 5.64 -47.02
C ASN F 134 -26.15 4.42 -47.51
N ILE F 135 -26.80 3.28 -47.69
CA ILE F 135 -26.18 2.01 -48.22
C ILE F 135 -25.94 2.16 -49.73
N CYS F 136 -26.85 2.83 -50.44
CA CYS F 136 -26.87 2.90 -51.93
C CYS F 136 -26.07 4.10 -52.47
N ASN F 137 -25.62 5.04 -51.62
CA ASN F 137 -24.86 6.24 -52.04
C ASN F 137 -23.41 6.23 -51.52
N GLY F 138 -22.99 5.19 -50.78
CA GLY F 138 -21.62 5.04 -50.28
C GLY F 138 -21.28 6.01 -49.16
N LYS F 139 -22.27 6.36 -48.32
CA LYS F 139 -22.11 7.15 -47.07
C LYS F 139 -21.13 6.45 -46.13
N TRP F 140 -21.12 5.11 -46.16
CA TRP F 140 -20.31 4.20 -45.31
C TRP F 140 -18.84 4.13 -45.75
N LEU F 141 -18.45 4.79 -46.85
CA LEU F 141 -17.02 4.94 -47.28
C LEU F 141 -16.39 6.13 -46.56
N TRP F 142 -17.20 7.07 -46.07
CA TRP F 142 -16.82 8.16 -45.11
C TRP F 142 -15.99 9.24 -45.83
N LYS F 143 -14.76 8.93 -46.23
CA LYS F 143 -13.80 9.90 -46.85
C LYS F 143 -13.29 9.42 -48.21
N ASN F 144 -13.36 8.12 -48.52
CA ASN F 144 -12.66 7.50 -49.69
C ASN F 144 -13.28 7.98 -51.01
N THR F 145 -14.53 8.46 -50.98
CA THR F 145 -15.27 9.01 -52.16
C THR F 145 -14.77 10.42 -52.49
N ARG F 146 -14.18 11.14 -51.52
CA ARG F 146 -13.53 12.46 -51.73
C ARG F 146 -12.32 12.26 -52.66
N LYS F 147 -12.20 13.12 -53.69
CA LYS F 147 -11.17 13.02 -54.76
C LYS F 147 -11.21 11.62 -55.38
N ALA F 148 -12.40 11.19 -55.81
CA ALA F 148 -12.67 9.93 -56.57
C ALA F 148 -13.38 10.28 -57.88
N TYR F 149 -13.03 9.60 -58.97
CA TYR F 149 -13.59 9.83 -60.33
C TYR F 149 -15.00 9.23 -60.40
N CYS F 150 -15.09 7.91 -60.20
CA CYS F 150 -16.31 7.09 -60.38
C CYS F 150 -16.36 6.03 -59.28
N TRP F 151 -17.50 5.91 -58.59
CA TRP F 151 -17.77 4.81 -57.63
C TRP F 151 -19.19 4.26 -57.82
N ASN F 152 -19.28 2.95 -58.05
CA ASN F 152 -20.53 2.18 -58.31
C ASN F 152 -20.80 1.26 -57.11
N ILE F 153 -22.07 1.01 -56.79
CA ILE F 153 -22.52 0.11 -55.69
C ILE F 153 -23.45 -0.96 -56.28
N VAL F 154 -23.18 -2.23 -55.96
CA VAL F 154 -24.00 -3.41 -56.35
C VAL F 154 -24.52 -4.09 -55.06
N LEU F 155 -25.84 -4.15 -54.89
CA LEU F 155 -26.49 -4.95 -53.81
C LEU F 155 -26.82 -6.34 -54.35
N THR F 156 -26.52 -7.39 -53.56
CA THR F 156 -27.12 -8.74 -53.69
C THR F 156 -28.10 -8.92 -52.53
N PRO F 157 -29.41 -8.63 -52.74
CA PRO F 157 -30.41 -8.80 -51.69
C PRO F 157 -30.82 -10.26 -51.47
N TRP F 158 -31.45 -10.54 -50.33
CA TRP F 158 -31.95 -11.88 -49.91
C TRP F 158 -33.06 -11.69 -48.86
N PRO F 159 -34.23 -12.36 -48.97
CA PRO F 159 -34.54 -13.32 -50.02
C PRO F 159 -34.96 -12.63 -51.33
N TRP F 160 -34.43 -13.10 -52.46
CA TRP F 160 -34.51 -12.39 -53.77
C TRP F 160 -34.57 -13.41 -54.93
N ASN F 161 -35.40 -13.12 -55.94
CA ASN F 161 -35.55 -13.92 -57.19
C ASN F 161 -35.41 -12.97 -58.39
N GLY F 162 -34.19 -12.81 -58.90
CA GLY F 162 -33.88 -11.96 -60.07
C GLY F 162 -32.41 -11.57 -60.16
N GLU F 163 -32.14 -10.38 -60.70
CA GLU F 163 -30.77 -9.84 -60.98
C GLU F 163 -30.28 -9.01 -59.80
N LYS F 164 -28.95 -8.84 -59.69
CA LYS F 164 -28.29 -7.93 -58.71
C LYS F 164 -28.75 -6.48 -58.96
N VAL F 165 -28.95 -5.71 -57.89
CA VAL F 165 -29.37 -4.28 -57.95
C VAL F 165 -28.11 -3.44 -58.12
N GLY F 166 -28.04 -2.65 -59.19
CA GLY F 166 -26.86 -1.83 -59.58
C GLY F 166 -27.14 -0.34 -59.46
N PHE F 167 -26.17 0.42 -58.93
CA PHE F 167 -26.17 1.90 -58.90
C PHE F 167 -24.83 2.39 -59.47
N GLU F 168 -24.82 2.77 -60.75
CA GLU F 168 -23.62 3.24 -61.50
C GLU F 168 -23.25 4.66 -61.02
N ASP F 169 -22.02 5.10 -61.34
CA ASP F 169 -21.29 6.28 -60.78
C ASP F 169 -22.23 7.18 -59.95
N ILE F 170 -22.12 7.11 -58.62
CA ILE F 170 -23.05 7.77 -57.65
C ILE F 170 -22.50 9.16 -57.30
N ARG F 171 -22.40 10.04 -58.30
CA ARG F 171 -22.15 11.50 -58.12
C ARG F 171 -23.05 12.31 -59.08
N THR F 172 -23.33 11.78 -60.27
CA THR F 172 -24.01 12.47 -61.41
C THR F 172 -25.51 12.15 -61.40
N ASN F 173 -25.86 10.86 -61.34
CA ASN F 173 -27.22 10.32 -61.65
C ASN F 173 -27.88 9.69 -60.41
N TYR F 174 -27.27 9.80 -59.23
CA TYR F 174 -27.87 9.44 -57.92
C TYR F 174 -27.47 10.49 -56.87
N THR F 175 -28.21 11.61 -56.87
CA THR F 175 -27.93 12.84 -56.09
C THR F 175 -29.04 13.08 -55.05
N SER F 176 -30.31 13.02 -55.47
CA SER F 176 -31.52 13.24 -54.63
C SER F 176 -32.29 11.93 -54.44
N ARG F 177 -33.38 11.97 -53.67
CA ARG F 177 -34.30 10.82 -53.41
C ARG F 177 -34.87 10.28 -54.73
N GLN F 178 -35.34 11.18 -55.60
CA GLN F 178 -36.05 10.83 -56.88
C GLN F 178 -35.10 10.11 -57.83
N ASP F 179 -33.79 10.40 -57.78
CA ASP F 179 -32.75 9.72 -58.60
C ASP F 179 -32.67 8.23 -58.22
N PHE F 180 -32.93 7.89 -56.95
CA PHE F 180 -32.97 6.49 -56.44
C PHE F 180 -34.29 5.82 -56.84
N LYS F 181 -35.39 6.57 -56.84
CA LYS F 181 -36.77 6.07 -57.10
C LYS F 181 -37.00 5.77 -58.59
N ASN F 182 -35.95 5.75 -59.43
CA ASN F 182 -35.96 5.08 -60.75
C ASN F 182 -36.52 3.66 -60.53
N ASN F 183 -37.72 3.39 -61.03
CA ASN F 183 -38.66 2.33 -60.53
C ASN F 183 -38.16 0.91 -60.87
N LYS F 184 -36.93 0.76 -61.39
CA LYS F 184 -36.37 -0.51 -61.91
C LYS F 184 -36.29 -1.55 -60.80
N ASN F 185 -35.74 -1.18 -59.62
CA ASN F 185 -35.59 -2.07 -58.44
C ASN F 185 -35.98 -1.40 -57.11
N TRP F 186 -35.97 -0.06 -57.01
CA TRP F 186 -36.05 0.68 -55.71
C TRP F 186 -37.20 0.15 -54.85
N SER F 187 -38.42 0.11 -55.42
CA SER F 187 -39.67 -0.33 -54.74
C SER F 187 -39.55 -1.80 -54.28
N ALA F 188 -38.79 -2.62 -55.00
CA ALA F 188 -38.61 -4.07 -54.72
C ALA F 188 -37.67 -4.31 -53.53
N ILE F 189 -36.84 -3.32 -53.16
CA ILE F 189 -35.79 -3.47 -52.08
C ILE F 189 -36.13 -2.59 -50.86
N VAL F 190 -36.94 -1.53 -51.01
CA VAL F 190 -37.51 -0.77 -49.86
C VAL F 190 -38.50 -1.71 -49.15
N GLU F 191 -39.54 -2.15 -49.87
CA GLU F 191 -40.34 -3.33 -49.48
C GLU F 191 -39.40 -4.54 -49.44
N MET F 192 -39.46 -5.28 -48.33
CA MET F 192 -38.51 -6.33 -47.84
C MET F 192 -37.70 -5.74 -46.68
N ILE F 193 -37.55 -4.41 -46.57
CA ILE F 193 -37.10 -3.73 -45.32
C ILE F 193 -38.33 -3.36 -44.48
N LYS F 194 -39.44 -2.98 -45.13
CA LYS F 194 -40.75 -2.73 -44.46
C LYS F 194 -41.28 -4.04 -43.87
N THR F 195 -41.16 -5.15 -44.61
CA THR F 195 -41.66 -6.50 -44.20
C THR F 195 -40.76 -7.08 -43.10
N ALA F 196 -39.47 -6.77 -43.11
CA ALA F 196 -38.48 -7.14 -42.06
C ALA F 196 -38.92 -6.53 -40.72
N PHE F 197 -39.26 -5.23 -40.71
CA PHE F 197 -39.72 -4.49 -39.51
C PHE F 197 -41.19 -4.84 -39.19
N SER F 198 -42.00 -5.21 -40.20
CA SER F 198 -43.44 -5.54 -40.04
C SER F 198 -43.61 -6.94 -39.43
N SER F 199 -43.09 -7.98 -40.09
CA SER F 199 -43.30 -9.41 -39.74
C SER F 199 -42.55 -9.78 -38.46
N THR F 200 -43.06 -10.76 -37.70
CA THR F 200 -42.35 -11.46 -36.59
C THR F 200 -41.42 -12.50 -37.21
N ASP F 201 -40.15 -12.51 -36.77
CA ASP F 201 -39.03 -13.25 -37.42
C ASP F 201 -38.92 -12.82 -38.89
N GLY F 202 -38.99 -11.52 -39.15
CA GLY F 202 -38.74 -10.90 -40.47
C GLY F 202 -37.24 -10.68 -40.65
N LEU F 203 -36.74 -10.88 -41.88
CA LEU F 203 -35.29 -10.80 -42.19
C LEU F 203 -35.07 -10.35 -43.64
N ALA F 204 -34.16 -9.40 -43.85
CA ALA F 204 -33.64 -9.00 -45.19
C ALA F 204 -32.12 -8.85 -45.11
N ILE F 205 -31.38 -9.63 -45.91
CA ILE F 205 -29.88 -9.62 -45.93
C ILE F 205 -29.43 -9.01 -47.26
N PHE F 206 -28.71 -7.88 -47.21
CA PHE F 206 -28.04 -7.24 -48.38
C PHE F 206 -26.54 -7.48 -48.29
N GLU F 207 -25.93 -8.02 -49.35
CA GLU F 207 -24.46 -8.04 -49.55
C GLU F 207 -24.11 -6.88 -50.49
N VAL F 208 -23.40 -5.87 -49.95
CA VAL F 208 -23.07 -4.59 -50.62
C VAL F 208 -21.61 -4.67 -51.11
N ARG F 209 -21.37 -4.38 -52.39
CA ARG F 209 -20.02 -4.29 -53.00
C ARG F 209 -19.91 -2.97 -53.76
N ALA F 210 -18.94 -2.12 -53.41
CA ALA F 210 -18.65 -0.82 -54.04
C ALA F 210 -17.32 -0.90 -54.80
N THR F 211 -17.26 -0.28 -55.99
CA THR F 211 -16.05 -0.16 -56.84
C THR F 211 -15.60 1.30 -56.85
N LEU F 212 -14.37 1.60 -56.41
CA LEU F 212 -13.80 2.98 -56.31
C LEU F 212 -12.71 3.16 -57.37
N HIS F 213 -12.96 3.99 -58.39
CA HIS F 213 -11.94 4.45 -59.38
C HIS F 213 -11.28 5.73 -58.84
N LEU F 214 -10.20 5.57 -58.08
CA LEU F 214 -9.44 6.70 -57.46
C LEU F 214 -8.34 7.17 -58.40
N PRO F 215 -7.83 8.41 -58.25
CA PRO F 215 -6.62 8.85 -58.93
C PRO F 215 -5.40 8.02 -58.52
N THR F 216 -4.36 7.99 -59.37
CA THR F 216 -3.11 7.21 -59.19
C THR F 216 -2.49 7.54 -57.82
N ASN F 217 -2.20 6.50 -57.01
CA ASN F 217 -1.54 6.60 -55.68
C ASN F 217 -2.35 7.54 -54.78
N ALA F 218 -3.65 7.27 -54.62
CA ALA F 218 -4.60 8.03 -53.76
C ALA F 218 -4.61 7.42 -52.36
N MET F 219 -4.84 8.25 -51.34
CA MET F 219 -4.98 7.81 -49.92
C MET F 219 -6.27 7.00 -49.76
N VAL F 220 -6.18 5.83 -49.12
CA VAL F 220 -7.33 5.08 -48.55
C VAL F 220 -7.37 5.38 -47.05
N ARG F 221 -8.55 5.71 -46.52
CA ARG F 221 -8.75 6.14 -45.10
C ARG F 221 -9.59 5.09 -44.37
N PRO F 222 -8.97 4.02 -43.82
CA PRO F 222 -9.70 3.05 -43.00
C PRO F 222 -9.91 3.51 -41.56
N SER F 223 -10.49 2.64 -40.74
CA SER F 223 -10.80 2.90 -39.30
C SER F 223 -9.51 2.86 -38.50
N GLN F 224 -9.45 3.62 -37.41
CA GLN F 224 -8.25 3.76 -36.55
C GLN F 224 -8.53 3.16 -35.17
N VAL F 225 -7.56 2.39 -34.65
CA VAL F 225 -7.59 1.78 -33.28
C VAL F 225 -7.57 2.92 -32.26
N PHE F 226 -8.21 2.71 -31.10
CA PHE F 226 -8.34 3.71 -30.01
C PHE F 226 -6.94 4.12 -29.52
N THR F 227 -6.26 3.25 -28.76
CA THR F 227 -4.96 3.53 -28.10
C THR F 227 -5.10 4.76 -27.18
N GLU F 228 -5.59 4.54 -25.95
CA GLU F 228 -5.73 5.58 -24.90
C GLU F 228 -4.37 6.24 -24.66
N LYS F 229 -4.34 7.58 -24.56
CA LYS F 229 -3.12 8.41 -24.38
C LYS F 229 -3.08 8.95 -22.95
N SER F 242 0.42 7.41 -33.31
CA SER F 242 -0.52 8.31 -34.02
C SER F 242 -0.98 7.65 -35.33
N ARG F 243 -2.29 7.40 -35.47
CA ARG F 243 -2.92 6.77 -36.66
C ARG F 243 -2.43 5.32 -36.78
N VAL F 244 -2.84 4.47 -35.84
CA VAL F 244 -2.81 2.98 -35.94
C VAL F 244 -4.16 2.55 -36.54
N PHE F 245 -4.16 1.75 -37.61
CA PHE F 245 -5.38 1.32 -38.34
C PHE F 245 -5.96 0.04 -37.72
N GLN F 246 -7.29 -0.09 -37.78
CA GLN F 246 -8.02 -1.36 -37.53
C GLN F 246 -7.79 -2.27 -38.75
N SER F 247 -7.27 -3.48 -38.51
CA SER F 247 -6.88 -4.45 -39.57
C SER F 247 -7.53 -5.82 -39.31
N THR F 248 -7.58 -6.64 -40.36
CA THR F 248 -7.90 -8.10 -40.30
C THR F 248 -6.84 -8.86 -41.09
N THR F 249 -6.91 -10.20 -41.12
CA THR F 249 -6.07 -11.09 -41.96
C THR F 249 -6.91 -11.63 -43.11
N ILE F 250 -6.46 -11.44 -44.35
CA ILE F 250 -7.06 -12.06 -45.58
C ILE F 250 -5.91 -12.74 -46.36
N ASP F 251 -6.05 -14.04 -46.63
CA ASP F 251 -5.04 -14.90 -47.32
C ASP F 251 -3.66 -14.69 -46.66
N GLY F 252 -3.62 -14.65 -45.32
CA GLY F 252 -2.38 -14.61 -44.51
C GLY F 252 -1.64 -13.28 -44.58
N GLU F 253 -2.29 -12.20 -45.02
CA GLU F 253 -1.72 -10.83 -44.99
C GLU F 253 -2.76 -9.87 -44.38
N ARG F 254 -2.29 -8.93 -43.56
CA ARG F 254 -3.14 -7.95 -42.83
C ARG F 254 -3.67 -6.92 -43.82
N SER F 255 -4.92 -6.50 -43.64
CA SER F 255 -5.64 -5.50 -44.49
C SER F 255 -6.48 -4.59 -43.60
N PRO F 256 -6.61 -3.28 -43.93
CA PRO F 256 -7.47 -2.38 -43.18
C PRO F 256 -8.95 -2.72 -43.43
N ILE F 257 -9.85 -2.40 -42.49
CA ILE F 257 -11.23 -2.96 -42.44
C ILE F 257 -12.33 -1.87 -42.41
N LEU F 258 -12.02 -0.63 -42.01
CA LEU F 258 -13.01 0.48 -41.86
C LEU F 258 -14.19 0.02 -40.98
N GLY F 259 -13.87 -0.53 -39.80
CA GLY F 259 -14.77 -0.77 -38.66
C GLY F 259 -16.01 -1.61 -38.99
N ALA F 260 -16.74 -2.01 -37.94
CA ALA F 260 -18.06 -2.69 -38.01
C ALA F 260 -19.14 -1.76 -37.40
N PHE F 261 -18.86 -1.18 -36.23
CA PHE F 261 -19.73 -0.19 -35.54
C PHE F 261 -19.57 1.18 -36.22
N LYS F 262 -18.41 1.44 -36.81
CA LYS F 262 -18.11 2.61 -37.70
C LYS F 262 -19.15 2.65 -38.83
N THR F 263 -19.24 1.58 -39.60
CA THR F 263 -20.09 1.46 -40.82
C THR F 263 -21.58 1.36 -40.44
N GLY F 264 -21.88 1.06 -39.17
CA GLY F 264 -23.25 1.14 -38.60
C GLY F 264 -23.64 2.57 -38.26
N ALA F 265 -22.68 3.39 -37.79
CA ALA F 265 -22.87 4.83 -37.47
C ALA F 265 -23.21 5.61 -38.74
N ALA F 266 -22.67 5.19 -39.89
CA ALA F 266 -22.86 5.82 -41.22
C ALA F 266 -24.30 5.60 -41.73
N ILE F 267 -24.81 4.37 -41.60
CA ILE F 267 -26.18 3.97 -42.07
C ILE F 267 -27.24 4.68 -41.23
N ALA F 268 -26.96 4.91 -39.94
CA ALA F 268 -27.89 5.50 -38.95
C ALA F 268 -27.72 7.03 -38.85
N THR F 269 -26.98 7.68 -39.77
CA THR F 269 -26.96 9.16 -39.94
C THR F 269 -28.22 9.57 -40.73
N ILE F 270 -29.37 9.57 -40.06
CA ILE F 270 -30.71 9.88 -40.66
C ILE F 270 -31.46 10.94 -39.83
N ASP F 271 -30.90 11.36 -38.69
CA ASP F 271 -31.60 12.23 -37.68
C ASP F 271 -31.35 13.70 -38.04
N ASP F 272 -32.32 14.36 -38.69
CA ASP F 272 -32.32 15.82 -38.94
C ASP F 272 -33.66 16.42 -38.46
N TRP F 273 -34.21 15.90 -37.37
CA TRP F 273 -35.49 16.33 -36.73
C TRP F 273 -35.22 17.15 -35.46
N TYR F 274 -33.96 17.31 -35.06
CA TYR F 274 -33.51 18.05 -33.84
C TYR F 274 -33.87 19.53 -33.99
N PRO F 275 -34.14 20.25 -32.87
CA PRO F 275 -35.01 21.42 -32.84
C PRO F 275 -35.24 22.19 -34.15
N GLU F 276 -34.19 22.81 -34.72
CA GLU F 276 -34.28 23.62 -35.97
C GLU F 276 -33.91 22.71 -37.16
N ALA F 277 -32.61 22.43 -37.36
CA ALA F 277 -32.01 21.49 -38.33
C ALA F 277 -30.83 22.15 -39.07
N THR F 278 -29.75 21.40 -39.28
CA THR F 278 -28.59 21.75 -40.13
C THR F 278 -28.27 20.58 -41.07
N GLU F 279 -27.90 19.43 -40.50
CA GLU F 279 -27.45 18.20 -41.22
C GLU F 279 -27.99 16.97 -40.51
N PRO F 280 -27.91 15.75 -41.10
CA PRO F 280 -28.27 14.52 -40.40
C PRO F 280 -27.23 14.12 -39.34
N LEU F 281 -27.67 13.88 -38.09
CA LEU F 281 -26.84 13.29 -37.00
C LEU F 281 -26.96 11.76 -37.06
N ARG F 282 -25.98 11.08 -36.46
CA ARG F 282 -26.06 9.65 -36.08
C ARG F 282 -27.06 9.51 -34.93
N VAL F 283 -28.02 8.58 -35.06
CA VAL F 283 -29.14 8.37 -34.08
C VAL F 283 -28.53 7.99 -32.72
N GLY F 284 -28.64 8.90 -31.74
CA GLY F 284 -28.35 8.65 -30.31
C GLY F 284 -29.54 9.03 -29.45
N ARG F 285 -29.35 9.11 -28.13
CA ARG F 285 -30.38 9.55 -27.16
C ARG F 285 -30.33 11.08 -27.04
N PHE F 286 -29.12 11.66 -26.97
CA PHE F 286 -28.87 13.12 -26.82
C PHE F 286 -28.18 13.66 -28.08
N GLY F 287 -28.76 13.38 -29.26
CA GLY F 287 -28.35 13.91 -30.57
C GLY F 287 -26.95 14.50 -30.58
N VAL F 288 -25.94 13.64 -30.46
CA VAL F 288 -24.50 14.03 -30.34
C VAL F 288 -23.92 14.27 -31.75
N HIS F 289 -23.39 15.47 -31.99
CA HIS F 289 -22.44 15.77 -33.09
C HIS F 289 -21.03 15.49 -32.57
N ARG F 290 -20.21 14.79 -33.36
CA ARG F 290 -18.85 14.33 -32.98
C ARG F 290 -17.79 15.36 -33.40
N GLU F 291 -17.91 15.88 -34.63
CA GLU F 291 -16.91 16.77 -35.30
C GLU F 291 -16.68 18.02 -34.42
N ASP F 292 -17.74 18.76 -34.11
CA ASP F 292 -17.78 19.71 -32.95
C ASP F 292 -18.33 18.92 -31.76
N VAL F 293 -17.75 19.08 -30.58
CA VAL F 293 -18.00 18.18 -29.39
C VAL F 293 -19.16 18.71 -28.54
N THR F 294 -20.09 19.49 -29.11
CA THR F 294 -21.42 19.79 -28.53
C THR F 294 -22.35 18.59 -28.73
N CYS F 295 -23.60 18.71 -28.28
CA CYS F 295 -24.72 17.77 -28.60
C CYS F 295 -26.04 18.53 -28.57
N TYR F 296 -26.85 18.35 -29.62
CA TYR F 296 -28.26 18.81 -29.68
C TYR F 296 -29.12 17.73 -29.00
N ARG F 297 -30.45 17.88 -29.01
CA ARG F 297 -31.38 16.97 -28.30
C ARG F 297 -30.96 16.85 -26.82
N HIS F 298 -30.46 17.94 -26.22
CA HIS F 298 -30.00 17.97 -24.80
C HIS F 298 -31.23 17.87 -23.92
N PRO F 299 -31.21 17.13 -22.78
CA PRO F 299 -32.40 16.97 -21.92
C PRO F 299 -33.14 18.28 -21.56
N SER F 300 -32.44 19.42 -21.55
CA SER F 300 -33.01 20.78 -21.35
C SER F 300 -34.04 21.11 -22.45
N THR F 301 -33.72 20.78 -23.71
CA THR F 301 -34.58 21.04 -24.91
C THR F 301 -35.86 20.20 -24.83
N GLY F 302 -35.82 19.07 -24.12
CA GLY F 302 -36.96 18.13 -23.99
C GLY F 302 -37.18 17.33 -25.26
N LYS F 303 -36.14 17.20 -26.10
CA LYS F 303 -36.16 16.50 -27.41
C LYS F 303 -35.25 15.27 -27.40
N ASP F 304 -34.55 14.98 -26.30
CA ASP F 304 -33.78 13.73 -26.12
C ASP F 304 -34.74 12.54 -26.06
N PHE F 305 -34.21 11.32 -26.16
CA PHE F 305 -34.99 10.06 -26.23
C PHE F 305 -35.80 9.85 -24.95
N PHE F 306 -35.24 10.18 -23.78
CA PHE F 306 -35.85 9.86 -22.45
C PHE F 306 -37.01 10.80 -22.13
N SER F 307 -36.98 12.04 -22.64
CA SER F 307 -38.11 13.02 -22.54
C SER F 307 -39.25 12.59 -23.47
N ILE F 308 -38.94 12.12 -24.68
CA ILE F 308 -39.93 11.72 -25.72
C ILE F 308 -40.55 10.36 -25.33
N LEU F 309 -39.74 9.40 -24.86
CA LEU F 309 -40.18 8.02 -24.46
C LEU F 309 -41.19 8.12 -23.31
N GLN F 310 -40.89 8.95 -22.30
CA GLN F 310 -41.73 9.12 -21.08
C GLN F 310 -43.08 9.78 -21.41
N GLN F 311 -43.33 10.13 -22.68
CA GLN F 311 -44.65 10.60 -23.19
C GLN F 311 -45.28 9.55 -24.13
N ALA F 312 -44.83 8.28 -24.08
CA ALA F 312 -45.38 7.17 -24.88
C ALA F 312 -46.92 7.15 -24.75
N GLU F 313 -47.40 7.04 -23.51
CA GLU F 313 -48.85 7.06 -23.12
C GLU F 313 -49.60 8.20 -23.81
N HIS F 314 -48.96 9.37 -24.03
CA HIS F 314 -49.52 10.51 -24.79
C HIS F 314 -49.59 10.15 -26.28
N TYR F 315 -48.46 9.73 -26.87
CA TYR F 315 -48.32 9.46 -28.33
C TYR F 315 -49.28 8.35 -28.79
N ILE F 316 -49.75 7.50 -27.87
CA ILE F 316 -50.77 6.43 -28.13
C ILE F 316 -52.08 7.07 -28.61
N GLU F 317 -52.53 8.17 -27.98
CA GLU F 317 -53.87 8.77 -28.23
C GLU F 317 -53.83 9.64 -29.50
N VAL F 318 -52.73 10.35 -29.76
CA VAL F 318 -52.58 11.25 -30.95
C VAL F 318 -52.40 10.41 -32.22
N LEU F 319 -51.92 9.16 -32.12
CA LEU F 319 -51.76 8.23 -33.26
C LEU F 319 -53.07 7.46 -33.55
N SER F 320 -54.13 7.67 -32.75
CA SER F 320 -55.47 7.05 -32.93
C SER F 320 -56.39 7.96 -33.76
N ALA F 321 -56.34 9.28 -33.51
CA ALA F 321 -57.26 10.29 -34.10
C ALA F 321 -56.63 10.96 -35.33
N ASN F 322 -57.47 11.33 -36.31
CA ASN F 322 -57.10 12.00 -37.57
C ASN F 322 -57.09 13.51 -37.32
N LYS F 323 -55.98 14.23 -37.57
CA LYS F 323 -54.76 13.80 -38.25
C LYS F 323 -53.53 14.10 -37.38
N THR F 324 -52.53 13.23 -37.44
CA THR F 324 -51.17 13.44 -36.86
C THR F 324 -50.42 14.46 -37.71
N PRO F 325 -49.88 15.56 -37.13
CA PRO F 325 -49.08 16.52 -37.89
C PRO F 325 -47.61 16.11 -38.04
N ALA F 326 -47.04 16.32 -39.24
CA ALA F 326 -45.60 16.20 -39.54
C ALA F 326 -44.89 17.50 -39.16
N GLN F 327 -45.06 17.92 -37.89
CA GLN F 327 -44.61 19.22 -37.35
C GLN F 327 -43.52 18.95 -36.29
N GLU F 328 -43.89 18.25 -35.21
CA GLU F 328 -42.94 17.73 -34.19
C GLU F 328 -43.34 16.31 -33.73
N THR F 329 -44.57 15.85 -33.97
CA THR F 329 -45.14 14.61 -33.38
C THR F 329 -44.71 13.40 -34.22
N ILE F 330 -44.95 13.43 -35.54
CA ILE F 330 -44.47 12.40 -36.52
C ILE F 330 -42.93 12.35 -36.45
N ASN F 331 -42.28 13.53 -36.48
CA ASN F 331 -40.81 13.69 -36.47
C ASN F 331 -40.22 13.21 -35.14
N ASP F 332 -41.00 13.17 -34.06
CA ASP F 332 -40.61 12.57 -32.75
C ASP F 332 -40.81 11.05 -32.78
N MET F 333 -41.91 10.58 -33.39
CA MET F 333 -42.19 9.12 -33.56
C MET F 333 -41.08 8.50 -34.42
N HIS F 334 -40.68 9.17 -35.51
CA HIS F 334 -39.51 8.79 -36.36
C HIS F 334 -38.27 8.59 -35.49
N PHE F 335 -37.95 9.57 -34.64
CA PHE F 335 -36.78 9.59 -33.72
C PHE F 335 -36.89 8.45 -32.69
N LEU F 336 -38.08 8.26 -32.10
CA LEU F 336 -38.32 7.19 -31.09
C LEU F 336 -38.08 5.82 -31.73
N MET F 337 -38.66 5.59 -32.93
CA MET F 337 -38.48 4.33 -33.69
C MET F 337 -37.00 4.16 -34.06
N ALA F 338 -36.39 5.17 -34.68
CA ALA F 338 -34.95 5.22 -35.04
C ALA F 338 -34.09 4.74 -33.87
N ASN F 339 -34.41 5.16 -32.64
CA ASN F 339 -33.71 4.75 -31.39
C ASN F 339 -33.99 3.28 -31.07
N LEU F 340 -35.19 2.76 -31.40
CA LEU F 340 -35.58 1.35 -31.14
C LEU F 340 -35.02 0.41 -32.23
N ILE F 341 -34.73 0.89 -33.45
CA ILE F 341 -33.99 0.11 -34.49
C ILE F 341 -32.55 -0.07 -34.01
N LYS F 342 -31.97 0.98 -33.41
CA LYS F 342 -30.76 0.90 -32.53
C LYS F 342 -31.20 0.18 -31.25
N GLY F 343 -30.65 0.53 -30.08
CA GLY F 343 -31.31 0.32 -28.77
C GLY F 343 -30.51 -0.60 -27.88
N GLY F 344 -29.91 -0.05 -26.83
CA GLY F 344 -29.34 -0.79 -25.69
C GLY F 344 -30.32 -0.85 -24.53
N MET F 345 -29.96 -0.24 -23.40
CA MET F 345 -30.68 -0.35 -22.11
C MET F 345 -31.24 1.02 -21.71
N PHE F 346 -32.57 1.15 -21.73
CA PHE F 346 -33.34 2.39 -21.37
C PHE F 346 -33.88 2.21 -19.95
N GLN F 347 -32.97 2.02 -18.98
CA GLN F 347 -33.32 1.57 -17.60
C GLN F 347 -32.66 2.49 -16.56
N HIS F 348 -33.25 2.52 -15.36
CA HIS F 348 -32.76 3.28 -14.19
C HIS F 348 -33.26 2.64 -12.89
N LEU G 1 -7.87 -9.45 66.54
CA LEU G 1 -8.23 -9.72 67.97
C LEU G 1 -8.30 -11.24 68.22
N LYS G 2 -7.26 -11.98 67.82
CA LYS G 2 -7.19 -13.46 67.96
C LYS G 2 -6.63 -13.77 69.36
N GLU G 3 -7.51 -14.08 70.32
CA GLU G 3 -7.13 -14.42 71.71
C GLU G 3 -7.11 -15.95 71.88
N ILE G 4 -7.90 -16.54 72.78
CA ILE G 4 -7.58 -17.84 73.44
C ILE G 4 -7.38 -18.93 72.36
N ILE G 5 -8.15 -18.89 71.27
CA ILE G 5 -7.96 -19.76 70.07
C ILE G 5 -6.53 -19.60 69.51
N ALA G 6 -5.92 -18.42 69.68
CA ALA G 6 -4.50 -18.11 69.36
C ALA G 6 -3.67 -17.95 70.64
N SER G 7 -4.03 -18.68 71.72
CA SER G 7 -3.25 -18.80 72.99
C SER G 7 -2.92 -20.28 73.25
N ASN G 8 -3.86 -21.18 72.99
CA ASN G 8 -3.63 -22.65 72.86
C ASN G 8 -4.19 -23.12 71.52
N PRO G 9 -3.52 -22.80 70.38
CA PRO G 9 -3.82 -23.43 69.09
C PRO G 9 -2.95 -24.66 68.77
N ASP G 10 -2.04 -25.03 69.67
CA ASP G 10 -1.02 -26.11 69.50
C ASP G 10 -0.05 -25.72 68.37
N ASP G 11 0.25 -24.42 68.22
CA ASP G 11 1.13 -23.88 67.16
C ASP G 11 2.59 -23.84 67.68
N LEU G 12 2.96 -22.79 68.41
CA LEU G 12 4.38 -22.50 68.79
C LEU G 12 4.45 -21.48 69.94
N THR G 13 5.67 -21.14 70.36
CA THR G 13 6.02 -20.04 71.30
C THR G 13 6.40 -18.76 70.55
N THR G 14 6.55 -18.83 69.22
CA THR G 14 7.00 -17.72 68.35
C THR G 14 5.81 -16.82 67.98
N GLU G 15 4.64 -17.42 67.71
CA GLU G 15 3.43 -16.72 67.21
C GLU G 15 2.93 -15.72 68.28
N LEU G 16 2.90 -16.14 69.54
CA LEU G 16 2.54 -15.26 70.70
C LEU G 16 3.56 -14.10 70.81
N LYS G 17 4.83 -14.33 70.45
CA LYS G 17 5.89 -13.27 70.41
C LYS G 17 5.59 -12.31 69.26
N ARG G 18 5.33 -12.85 68.06
CA ARG G 18 5.00 -12.07 66.84
C ARG G 18 3.74 -11.22 67.08
N ALA G 19 2.74 -11.79 67.77
CA ALA G 19 1.43 -11.15 68.06
C ALA G 19 1.61 -9.84 68.85
N PHE G 20 2.61 -9.76 69.74
CA PHE G 20 2.84 -8.60 70.65
C PHE G 20 3.78 -7.57 70.02
N ARG G 21 4.62 -7.97 69.05
CA ARG G 21 5.49 -7.04 68.26
C ARG G 21 4.61 -6.24 67.31
N PRO G 22 5.03 -5.02 66.88
CA PRO G 22 4.13 -4.09 66.18
C PRO G 22 3.96 -4.31 64.66
N LEU G 23 4.01 -5.58 64.20
CA LEU G 23 3.78 -5.97 62.78
C LEU G 23 2.59 -6.94 62.64
N THR G 24 1.99 -7.42 63.74
CA THR G 24 0.73 -8.21 63.74
C THR G 24 -0.19 -7.64 64.83
N PRO G 25 -1.48 -7.40 64.54
CA PRO G 25 -2.29 -6.48 65.34
C PRO G 25 -2.93 -7.06 66.61
N HIS G 26 -2.59 -6.46 67.76
CA HIS G 26 -3.48 -6.26 68.94
C HIS G 26 -4.32 -7.51 69.23
N ILE G 27 -3.81 -8.42 70.08
CA ILE G 27 -4.49 -9.69 70.45
C ILE G 27 -5.16 -9.54 71.82
N ALA G 28 -6.21 -8.70 71.86
CA ALA G 28 -7.36 -8.71 72.80
C ALA G 28 -7.12 -9.58 74.04
N ILE G 29 -6.31 -9.13 75.01
CA ILE G 29 -6.22 -9.75 76.37
C ILE G 29 -7.16 -8.98 77.30
N ASP G 30 -8.24 -9.62 77.76
CA ASP G 30 -9.29 -9.00 78.62
C ASP G 30 -9.60 -9.94 79.80
N GLY G 31 -10.00 -11.18 79.51
CA GLY G 31 -10.24 -12.24 80.51
C GLY G 31 -8.95 -12.87 80.99
N ASN G 32 -8.12 -13.37 80.05
CA ASN G 32 -6.85 -14.09 80.32
C ASN G 32 -5.72 -13.07 80.52
N GLU G 33 -5.48 -12.65 81.77
CA GLU G 33 -4.51 -11.58 82.15
C GLU G 33 -3.28 -12.18 82.82
N ILE G 34 -3.48 -12.97 83.88
CA ILE G 34 -2.41 -13.62 84.70
C ILE G 34 -1.49 -14.40 83.73
N ASP G 35 -2.08 -15.10 82.77
CA ASP G 35 -1.37 -15.95 81.76
C ASP G 35 -0.96 -15.14 80.52
N ALA G 36 -1.27 -13.83 80.46
CA ALA G 36 -0.82 -12.90 79.40
C ALA G 36 0.41 -12.11 79.90
N LEU G 37 0.32 -11.47 81.07
CA LEU G 37 1.44 -10.67 81.63
C LEU G 37 2.67 -11.55 81.90
N THR G 38 2.46 -12.84 82.22
CA THR G 38 3.54 -13.85 82.38
C THR G 38 4.26 -14.07 81.03
N ILE G 39 3.60 -13.78 79.91
CA ILE G 39 4.24 -13.75 78.56
C ILE G 39 5.03 -12.45 78.42
N LEU G 40 4.35 -11.30 78.53
CA LEU G 40 4.94 -9.94 78.31
C LEU G 40 6.17 -9.73 79.20
N VAL G 41 6.07 -10.05 80.50
CA VAL G 41 7.16 -9.85 81.50
C VAL G 41 8.31 -10.84 81.24
N ASN G 42 8.02 -12.01 80.64
CA ASN G 42 9.00 -13.08 80.35
C ASN G 42 9.47 -13.00 78.88
N LEU G 43 9.15 -11.92 78.15
CA LEU G 43 9.66 -11.62 76.79
C LEU G 43 10.81 -10.60 76.88
N THR G 44 11.59 -10.62 77.96
CA THR G 44 12.54 -9.54 78.36
C THR G 44 13.94 -10.11 78.61
N ASP G 45 14.28 -11.27 78.05
CA ASP G 45 15.59 -11.97 78.27
C ASP G 45 16.14 -12.46 76.93
N LYS G 46 15.51 -13.47 76.34
CA LYS G 46 16.00 -14.27 75.17
C LYS G 46 17.44 -14.73 75.42
N ALA G 47 7.38 -19.26 83.09
CA ALA G 47 5.91 -19.08 83.06
C ALA G 47 5.35 -19.13 84.49
N LYS G 48 5.18 -17.95 85.12
CA LYS G 48 4.72 -17.73 86.52
C LYS G 48 5.86 -17.94 87.52
N CYS G 49 6.90 -18.73 87.17
CA CYS G 49 7.95 -19.24 88.09
C CYS G 49 9.36 -18.80 87.66
N LYS G 50 9.62 -18.59 86.36
CA LYS G 50 10.87 -17.97 85.83
C LYS G 50 10.81 -16.45 86.02
N GLN G 51 9.69 -15.93 86.56
CA GLN G 51 9.64 -14.63 87.30
C GLN G 51 10.36 -14.82 88.65
N LYS G 52 10.55 -13.73 89.40
CA LYS G 52 11.63 -13.49 90.41
C LYS G 52 12.68 -12.59 89.74
N LEU G 53 12.42 -12.15 88.51
CA LEU G 53 13.16 -11.06 87.82
C LEU G 53 12.56 -9.70 88.20
N ARG G 54 11.39 -9.66 88.84
CA ARG G 54 10.62 -8.42 89.16
C ARG G 54 11.06 -7.80 90.49
N ASP G 55 11.90 -8.47 91.29
CA ASP G 55 12.37 -7.94 92.60
C ASP G 55 13.87 -7.64 92.52
N GLU G 56 14.27 -6.84 91.51
CA GLU G 56 15.64 -6.29 91.37
C GLU G 56 15.62 -5.11 90.37
N LYS G 57 16.80 -4.60 90.01
CA LYS G 57 17.01 -3.43 89.10
C LYS G 57 16.69 -3.76 87.64
N TRP G 58 16.25 -4.99 87.34
CA TRP G 58 15.52 -5.37 86.09
C TRP G 58 14.47 -4.28 85.75
N TRP G 59 13.78 -3.75 86.76
CA TRP G 59 12.85 -2.59 86.65
C TRP G 59 13.62 -1.35 86.18
N ALA G 60 14.77 -1.04 86.80
CA ALA G 60 15.65 0.10 86.45
C ALA G 60 16.16 0.00 85.01
N SER G 61 16.24 -1.21 84.45
CA SER G 61 16.57 -1.47 83.02
C SER G 61 15.33 -1.26 82.15
N CYS G 62 14.25 -2.01 82.41
CA CYS G 62 13.01 -2.01 81.60
C CYS G 62 12.35 -0.62 81.58
N ILE G 63 12.54 0.18 82.65
CA ILE G 63 12.03 1.59 82.74
C ILE G 63 12.90 2.52 81.87
N ASN G 64 14.13 2.12 81.54
CA ASN G 64 15.07 2.93 80.71
C ASN G 64 14.58 3.01 79.25
N CYS G 65 13.80 2.01 78.80
CA CYS G 65 13.37 1.84 77.39
C CYS G 65 12.13 2.68 77.06
N VAL G 66 11.23 2.92 78.03
CA VAL G 66 9.92 3.61 77.81
C VAL G 66 10.15 5.07 77.38
N ASN G 67 11.31 5.66 77.72
CA ASN G 67 11.70 7.04 77.32
C ASN G 67 11.75 7.16 75.79
N TYR G 68 12.30 6.15 75.11
CA TYR G 68 12.46 6.09 73.63
C TYR G 68 11.33 5.24 73.04
N ARG G 69 10.10 5.78 72.97
CA ARG G 69 8.92 5.08 72.40
C ARG G 69 8.66 5.56 70.96
N GLN G 70 9.42 6.56 70.47
CA GLN G 70 9.66 6.83 69.02
C GLN G 70 8.37 6.67 68.20
N SER G 71 7.58 7.74 68.09
CA SER G 71 6.42 7.85 67.16
C SER G 71 6.93 7.75 65.71
N HIS G 72 8.04 8.43 65.42
CA HIS G 72 8.79 8.39 64.13
C HIS G 72 10.21 7.87 64.40
N ASN G 73 10.74 7.01 63.52
CA ASN G 73 12.10 6.44 63.60
C ASN G 73 13.07 7.38 62.86
N PRO G 74 13.95 8.12 63.57
CA PRO G 74 14.98 8.93 62.92
C PRO G 74 16.21 8.10 62.50
N LYS G 75 16.30 6.86 62.99
CA LYS G 75 17.38 5.88 62.62
C LYS G 75 17.01 5.14 61.32
N PHE G 76 16.11 5.70 60.50
CA PHE G 76 15.74 5.18 59.16
C PHE G 76 16.11 6.20 58.09
N PRO G 77 16.90 5.85 57.04
CA PRO G 77 17.59 4.56 56.92
C PRO G 77 18.99 4.51 57.56
N ASP G 78 19.51 5.65 58.04
CA ASP G 78 20.87 5.78 58.64
C ASP G 78 20.82 5.35 60.11
N ILE G 79 21.72 4.46 60.51
CA ILE G 79 21.70 3.75 61.83
C ILE G 79 22.19 4.69 62.96
N ARG G 80 23.08 5.63 62.65
CA ARG G 80 23.72 6.56 63.62
C ARG G 80 23.03 7.93 63.53
N SER G 81 21.93 8.16 64.28
CA SER G 81 20.96 9.26 63.98
C SER G 81 20.41 10.03 65.19
N GLU G 82 20.83 9.75 66.44
CA GLU G 82 20.57 10.62 67.63
C GLU G 82 19.06 10.94 67.73
N GLY G 83 18.29 10.10 68.42
CA GLY G 83 16.87 9.83 68.08
C GLY G 83 15.82 10.62 68.85
N VAL G 84 15.21 9.96 69.84
CA VAL G 84 13.77 10.02 70.30
C VAL G 84 12.97 11.20 69.72
N ILE G 85 11.87 10.87 69.02
CA ILE G 85 10.76 11.78 68.59
C ILE G 85 9.43 11.07 68.86
N ARG G 86 8.55 11.63 69.71
CA ARG G 86 7.25 11.00 70.10
C ARG G 86 6.15 12.07 70.12
N THR G 87 5.46 12.25 68.98
CA THR G 87 4.36 13.24 68.78
C THR G 87 3.37 12.74 67.70
N GLN G 88 2.32 13.53 67.45
CA GLN G 88 1.30 13.31 66.39
C GLN G 88 1.59 14.25 65.20
N ALA G 89 0.77 14.17 64.15
CA ALA G 89 1.02 14.77 62.81
C ALA G 89 0.75 16.28 62.81
N LEU G 90 0.04 16.83 63.80
CA LEU G 90 -0.25 18.29 63.97
C LEU G 90 -1.12 18.77 62.79
N GLY G 91 -2.44 18.57 62.89
CA GLY G 91 -3.45 19.02 61.91
C GLY G 91 -4.00 17.86 61.08
N GLU G 92 -5.05 18.14 60.29
CA GLU G 92 -5.77 17.17 59.42
C GLU G 92 -5.61 17.60 57.96
N LEU G 93 -5.41 16.63 57.05
CA LEU G 93 -5.08 16.87 55.62
C LEU G 93 -6.35 16.82 54.76
N PRO G 94 -6.29 17.31 53.51
CA PRO G 94 -7.35 17.05 52.52
C PRO G 94 -7.57 15.55 52.25
N SER G 95 -8.71 15.21 51.63
CA SER G 95 -9.23 13.83 51.47
C SER G 95 -8.36 12.99 50.51
N PHE G 96 -7.53 13.63 49.68
CA PHE G 96 -6.78 13.00 48.56
C PHE G 96 -5.26 12.95 48.83
N LEU G 97 -4.82 13.41 50.02
CA LEU G 97 -3.39 13.37 50.46
C LEU G 97 -3.27 12.43 51.66
N LEU G 98 -2.37 11.44 51.59
CA LEU G 98 -2.20 10.36 52.59
C LEU G 98 -0.95 10.61 53.44
N SER G 99 -1.11 10.62 54.77
CA SER G 99 -0.04 10.61 55.80
C SER G 99 -0.52 9.83 57.03
N SER G 100 0.30 9.76 58.09
CA SER G 100 0.01 9.03 59.35
C SER G 100 -1.25 9.57 60.03
N SER G 101 -1.64 10.82 59.74
CA SER G 101 -2.89 11.48 60.22
C SER G 101 -4.13 10.66 59.85
N LYS G 102 -4.13 9.99 58.68
CA LYS G 102 -5.31 9.29 58.11
C LYS G 102 -5.53 7.91 58.74
N ILE G 103 -4.58 7.39 59.51
CA ILE G 103 -4.63 6.02 60.10
C ILE G 103 -4.42 6.10 61.61
N PRO G 104 -4.87 5.09 62.40
CA PRO G 104 -4.69 5.09 63.86
C PRO G 104 -3.22 5.01 64.28
N PRO G 105 -2.75 5.88 65.22
CA PRO G 105 -1.36 5.85 65.67
C PRO G 105 -1.14 4.80 66.78
N TYR G 106 -1.02 3.52 66.39
CA TYR G 106 -0.99 2.36 67.32
C TYR G 106 0.03 1.30 66.86
N HIS G 107 1.23 1.72 66.43
CA HIS G 107 2.37 0.81 66.13
C HIS G 107 3.70 1.50 66.47
N TRP G 108 3.77 2.16 67.63
CA TRP G 108 4.98 2.87 68.13
C TRP G 108 5.90 1.87 68.83
N SER G 109 7.21 2.07 68.67
CA SER G 109 8.28 1.07 68.91
C SER G 109 9.46 1.71 69.65
N TYR G 110 10.28 0.89 70.31
CA TYR G 110 11.54 1.33 70.97
C TYR G 110 12.67 1.31 69.94
N SER G 111 13.46 2.38 69.88
CA SER G 111 14.65 2.53 69.00
C SER G 111 15.70 3.43 69.68
N HIS G 112 16.57 2.83 70.49
CA HIS G 112 17.78 3.48 71.06
C HIS G 112 19.02 2.64 70.78
N ASP G 113 19.06 1.38 71.22
CA ASP G 113 20.23 0.47 71.02
C ASP G 113 19.83 -1.00 71.14
N SER G 114 20.79 -1.89 70.86
CA SER G 114 20.62 -3.35 70.71
C SER G 114 20.57 -4.06 72.07
N LYS G 115 21.22 -3.52 73.11
CA LYS G 115 21.31 -4.12 74.47
C LYS G 115 19.91 -4.35 75.04
N TYR G 116 19.12 -3.27 75.16
CA TYR G 116 17.82 -3.23 75.88
C TYR G 116 16.65 -3.36 74.89
N VAL G 117 16.87 -4.10 73.78
CA VAL G 117 15.89 -4.27 72.67
C VAL G 117 14.81 -5.27 73.09
N ASN G 118 15.17 -6.30 73.87
CA ASN G 118 14.22 -7.29 74.45
C ASN G 118 13.55 -6.69 75.69
N LYS G 119 14.35 -6.04 76.56
CA LYS G 119 13.89 -5.45 77.85
C LYS G 119 12.94 -4.27 77.60
N SER G 120 12.93 -3.73 76.38
CA SER G 120 11.96 -2.70 75.91
C SER G 120 10.54 -3.28 75.79
N ALA G 121 10.40 -4.61 75.73
CA ALA G 121 9.10 -5.32 75.86
C ALA G 121 8.54 -5.11 77.27
N PHE G 122 7.28 -5.48 77.48
CA PHE G 122 6.53 -5.42 78.77
C PHE G 122 6.03 -3.99 79.05
N LEU G 123 6.63 -2.95 78.46
CA LEU G 123 6.21 -1.53 78.64
C LEU G 123 6.04 -0.79 77.28
N THR G 124 6.17 -1.47 76.14
CA THR G 124 5.97 -0.88 74.78
C THR G 124 5.01 -1.73 73.93
N ASN G 125 5.02 -3.07 74.07
CA ASN G 125 4.10 -4.00 73.37
C ASN G 125 2.66 -3.65 73.73
N GLU G 126 1.77 -3.56 72.71
CA GLU G 126 0.36 -3.12 72.82
C GLU G 126 -0.55 -4.35 72.77
N PHE G 127 -1.69 -4.31 73.48
CA PHE G 127 -2.56 -5.48 73.73
C PHE G 127 -4.07 -5.21 73.54
N CYS G 128 -4.53 -3.94 73.59
CA CYS G 128 -5.96 -3.54 73.57
C CYS G 128 -6.74 -4.32 74.65
N TRP G 129 -6.59 -3.89 75.90
CA TRP G 129 -7.06 -4.63 77.12
C TRP G 129 -8.59 -4.55 77.25
N ASP G 130 -9.18 -3.37 77.04
CA ASP G 130 -10.65 -3.13 77.16
C ASP G 130 -11.15 -2.29 75.98
N GLY G 131 -10.50 -2.41 74.82
CA GLY G 131 -10.46 -1.37 73.78
C GLY G 131 -9.43 -0.31 74.16
N GLU G 132 -9.43 0.84 73.48
CA GLU G 132 -8.39 1.90 73.64
C GLU G 132 -7.01 1.24 73.51
N ILE G 133 -6.70 0.78 72.29
CA ILE G 133 -5.49 -0.05 71.97
C ILE G 133 -4.25 0.69 72.48
N SER G 134 -3.53 0.11 73.43
CA SER G 134 -2.43 0.77 74.19
C SER G 134 -1.45 -0.26 74.78
N CYS G 135 -0.29 0.23 75.21
CA CYS G 135 0.80 -0.55 75.86
C CYS G 135 0.74 -0.38 77.37
N LEU G 136 1.44 -1.25 78.11
CA LEU G 136 1.46 -1.29 79.60
C LEU G 136 2.21 -0.06 80.15
N GLY G 137 3.10 0.53 79.34
CA GLY G 137 3.91 1.73 79.70
C GLY G 137 3.07 2.92 80.14
N GLU G 138 1.92 3.15 79.50
CA GLU G 138 1.13 4.41 79.65
C GLU G 138 -0.19 4.19 80.43
N LEU G 139 -0.57 2.94 80.72
CA LEU G 139 -1.76 2.62 81.58
C LEU G 139 -1.34 2.55 83.05
N LEU G 140 -0.05 2.28 83.33
CA LEU G 140 0.52 2.16 84.71
C LEU G 140 1.21 3.48 85.08
N LYS G 141 0.43 4.55 85.26
CA LYS G 141 0.88 5.87 85.80
C LYS G 141 -0.28 6.55 86.53
N ASP G 142 -0.97 5.80 87.39
CA ASP G 142 -2.05 6.30 88.30
C ASP G 142 -2.33 5.23 89.36
N ALA G 143 -2.71 5.66 90.56
CA ALA G 143 -2.81 4.82 91.78
C ALA G 143 -3.90 3.76 91.64
N ASP G 144 -5.16 4.19 91.58
CA ASP G 144 -6.36 3.31 91.49
C ASP G 144 -6.70 3.07 90.01
N HIS G 145 -5.85 2.30 89.32
CA HIS G 145 -6.08 1.79 87.95
C HIS G 145 -6.32 0.29 88.02
N PRO G 146 -7.22 -0.29 87.19
CA PRO G 146 -7.34 -1.75 87.08
C PRO G 146 -6.09 -2.36 86.43
N LEU G 147 -6.10 -3.69 86.23
CA LEU G 147 -4.93 -4.55 85.84
C LEU G 147 -3.65 -4.10 86.55
N TRP G 148 -3.76 -3.62 87.81
CA TRP G 148 -2.69 -3.56 88.84
C TRP G 148 -2.81 -4.81 89.72
N ASN G 149 -4.05 -5.29 89.94
CA ASN G 149 -4.37 -6.57 90.64
C ASN G 149 -3.46 -7.69 90.14
N THR G 150 -3.20 -7.75 88.83
CA THR G 150 -2.30 -8.75 88.19
C THR G 150 -0.85 -8.51 88.65
N LEU G 151 -0.38 -7.26 88.71
CA LEU G 151 1.02 -6.91 89.10
C LEU G 151 1.25 -7.41 90.54
N LYS G 152 0.34 -7.09 91.47
CA LYS G 152 0.42 -7.49 92.90
C LYS G 152 0.19 -9.01 93.05
N LYS G 153 -0.72 -9.59 92.25
CA LYS G 153 -1.05 -11.05 92.29
C LYS G 153 0.21 -11.88 91.96
N LEU G 154 1.01 -11.43 90.99
CA LEU G 154 2.32 -12.04 90.66
C LEU G 154 3.31 -11.75 91.80
N GLY G 155 3.69 -12.79 92.54
CA GLY G 155 4.37 -12.70 93.85
C GLY G 155 5.78 -12.15 93.75
N CYS G 156 5.90 -10.85 93.48
CA CYS G 156 7.18 -10.08 93.43
C CYS G 156 6.95 -8.60 93.74
N SER G 157 5.89 -7.98 93.19
CA SER G 157 5.48 -6.58 93.50
C SER G 157 4.88 -6.50 94.90
N GLN G 158 5.51 -5.70 95.78
CA GLN G 158 5.01 -5.30 97.12
C GLN G 158 4.24 -3.97 96.96
N LYS G 159 3.66 -3.44 98.04
CA LYS G 159 3.01 -2.09 98.05
C LYS G 159 4.09 -1.01 98.24
N THR G 160 5.23 -1.16 97.55
CA THR G 160 6.31 -0.16 97.37
C THR G 160 6.68 -0.04 95.88
N CYS G 161 6.59 -1.15 95.11
CA CYS G 161 6.89 -1.22 93.64
C CYS G 161 5.87 -0.41 92.84
N LYS G 162 4.60 -0.41 93.25
CA LYS G 162 3.50 0.36 92.59
C LYS G 162 3.89 1.83 92.59
N ALA G 163 4.02 2.42 93.79
CA ALA G 163 4.43 3.82 94.04
C ALA G 163 5.68 4.16 93.21
N MET G 164 6.72 3.32 93.32
CA MET G 164 7.98 3.42 92.54
C MET G 164 7.66 3.54 91.05
N ALA G 165 6.94 2.56 90.49
CA ALA G 165 6.66 2.41 89.04
C ALA G 165 5.80 3.58 88.53
N LYS G 166 4.70 3.91 89.21
CA LYS G 166 3.73 4.96 88.78
C LYS G 166 4.28 6.37 89.07
N GLN G 167 5.40 6.49 89.81
CA GLN G 167 6.11 7.77 90.05
C GLN G 167 7.31 7.90 89.09
N LEU G 168 7.99 6.79 88.75
CA LEU G 168 9.14 6.77 87.80
C LEU G 168 8.63 6.83 86.35
N ALA G 169 7.47 6.23 86.08
CA ALA G 169 6.83 6.13 84.75
C ALA G 169 5.55 6.97 84.72
N ASP G 170 5.69 8.30 84.77
CA ASP G 170 4.54 9.26 84.76
C ASP G 170 4.76 10.36 83.72
N ILE G 171 5.93 11.03 83.74
CA ILE G 171 6.20 12.29 82.99
C ILE G 171 7.02 11.97 81.73
N THR G 172 6.33 11.73 80.61
CA THR G 172 6.96 11.35 79.31
C THR G 172 6.20 11.93 78.10
N LEU G 173 4.86 11.88 78.07
CA LEU G 173 4.03 11.81 76.83
C LEU G 173 4.07 13.15 76.07
N THR G 174 5.16 13.45 75.35
CA THR G 174 5.28 14.63 74.44
C THR G 174 6.61 14.69 73.66
N THR G 175 7.73 14.25 74.24
CA THR G 175 9.13 14.58 73.83
C THR G 175 9.30 14.61 72.30
N ILE G 176 9.84 15.74 71.79
CA ILE G 176 10.66 15.83 70.56
C ILE G 176 12.04 16.35 70.98
N ASN G 177 13.07 15.52 70.89
CA ASN G 177 14.46 15.85 71.33
C ASN G 177 15.44 15.40 70.24
N VAL G 178 15.81 16.32 69.34
CA VAL G 178 16.89 16.15 68.32
C VAL G 178 17.90 17.30 68.47
N THR G 179 19.16 17.03 68.12
CA THR G 179 20.24 18.03 67.92
C THR G 179 20.66 17.96 66.45
N LEU G 180 20.62 19.09 65.73
CA LEU G 180 20.83 19.14 64.26
C LEU G 180 22.32 19.04 63.89
N ALA G 181 23.24 19.25 64.85
CA ALA G 181 24.70 19.14 64.64
C ALA G 181 25.43 18.88 65.96
N PRO G 182 26.35 17.89 66.06
CA PRO G 182 26.63 16.94 64.98
C PRO G 182 25.60 15.79 64.96
N ASN G 183 25.08 15.48 63.77
CA ASN G 183 24.01 14.45 63.58
C ASN G 183 24.09 13.92 62.14
N TYR G 184 23.23 12.95 61.80
CA TYR G 184 23.10 12.34 60.45
C TYR G 184 21.65 12.46 59.98
N LEU G 185 21.03 13.63 60.21
CA LEU G 185 19.65 13.94 59.74
C LEU G 185 19.72 14.49 58.32
N THR G 186 18.71 14.15 57.51
CA THR G 186 18.39 14.82 56.23
C THR G 186 17.60 16.09 56.55
N GLN G 187 18.09 17.26 56.13
CA GLN G 187 17.36 18.56 56.22
C GLN G 187 17.44 19.28 54.88
N ILE G 188 16.28 19.72 54.37
CA ILE G 188 16.11 20.45 53.08
C ILE G 188 15.52 21.83 53.38
N SER G 189 15.67 22.78 52.46
CA SER G 189 15.07 24.15 52.51
C SER G 189 14.04 24.30 51.39
N LEU G 190 12.84 24.80 51.71
CA LEU G 190 11.77 25.09 50.72
C LEU G 190 11.15 26.46 51.01
N PRO G 191 10.81 27.25 49.97
CA PRO G 191 10.20 28.57 50.16
C PRO G 191 8.75 28.50 50.65
N ASP G 192 8.50 29.03 51.86
CA ASP G 192 7.16 28.99 52.53
C ASP G 192 6.27 30.12 51.96
N SER G 193 6.85 31.29 51.67
CA SER G 193 6.15 32.50 51.19
C SER G 193 6.70 32.92 49.82
N ASP G 194 6.36 34.14 49.37
CA ASP G 194 6.87 34.81 48.14
C ASP G 194 8.40 34.70 48.07
N THR G 195 9.10 35.06 49.15
CA THR G 195 10.58 35.10 49.25
C THR G 195 11.08 34.19 50.37
N SER G 196 10.55 34.37 51.60
CA SER G 196 10.99 33.67 52.84
C SER G 196 11.01 32.15 52.63
N TYR G 197 11.90 31.46 53.36
CA TYR G 197 12.15 30.00 53.26
C TYR G 197 11.93 29.32 54.61
N ILE G 198 11.82 28.00 54.58
CA ILE G 198 11.73 27.10 55.78
C ILE G 198 12.61 25.86 55.50
N SER G 199 13.57 25.59 56.39
CA SER G 199 14.30 24.30 56.45
C SER G 199 13.43 23.30 57.24
N LEU G 200 13.46 22.02 56.84
CA LEU G 200 12.71 20.94 57.54
C LEU G 200 13.41 19.59 57.32
N SER G 201 13.44 18.76 58.37
CA SER G 201 14.00 17.38 58.37
C SER G 201 12.85 16.38 58.26
N PRO G 202 12.70 15.63 57.13
CA PRO G 202 11.73 14.54 57.07
C PRO G 202 12.17 13.34 57.91
N VAL G 203 11.26 12.76 58.70
CA VAL G 203 11.48 11.52 59.51
C VAL G 203 10.45 10.47 59.10
N ALA G 204 10.77 9.19 59.31
CA ALA G 204 9.96 8.02 58.92
C ALA G 204 8.92 7.73 60.00
N SER G 205 7.63 7.87 59.67
CA SER G 205 6.48 7.56 60.56
C SER G 205 6.29 6.04 60.63
N LEU G 206 6.86 5.39 61.64
CA LEU G 206 6.88 3.90 61.78
C LEU G 206 5.46 3.35 62.04
N SER G 207 4.49 4.22 62.34
CA SER G 207 3.03 3.89 62.40
C SER G 207 2.49 3.62 60.98
N MET G 208 3.09 4.23 59.94
CA MET G 208 2.75 3.99 58.51
C MET G 208 3.55 2.80 57.96
N GLN G 209 4.83 2.67 58.35
CA GLN G 209 5.73 1.56 57.92
C GLN G 209 5.02 0.22 58.13
N SER G 210 4.53 0.00 59.36
CA SER G 210 3.83 -1.25 59.80
C SER G 210 2.50 -1.41 59.05
N HIS G 211 1.75 -0.32 58.87
CA HIS G 211 0.48 -0.28 58.09
C HIS G 211 0.73 -0.81 56.68
N PHE G 212 1.76 -0.29 56.01
CA PHE G 212 2.17 -0.72 54.63
C PHE G 212 2.66 -2.17 54.69
N HIS G 213 3.57 -2.48 55.63
CA HIS G 213 4.19 -3.84 55.78
C HIS G 213 3.10 -4.90 56.01
N GLN G 214 2.04 -4.56 56.74
CA GLN G 214 0.91 -5.47 57.05
C GLN G 214 0.01 -5.64 55.83
N ARG G 215 -0.58 -4.53 55.34
CA ARG G 215 -1.55 -4.52 54.21
C ARG G 215 -0.88 -5.01 52.92
N LEU G 216 0.43 -4.86 52.76
CA LEU G 216 1.18 -5.44 51.60
C LEU G 216 1.38 -6.95 51.84
N GLN G 217 2.48 -7.54 51.33
CA GLN G 217 2.48 -8.87 50.64
C GLN G 217 1.52 -9.87 51.27
N ASP G 218 0.24 -9.75 50.90
CA ASP G 218 -0.65 -10.87 50.48
C ASP G 218 -0.96 -10.62 49.00
N GLU G 219 0.04 -10.05 48.29
CA GLU G 219 -0.12 -9.20 47.08
C GLU G 219 1.26 -8.71 46.66
N ASN G 220 1.85 -9.32 45.62
CA ASN G 220 3.30 -9.25 45.30
C ASN G 220 3.59 -8.21 44.20
N ARG G 221 2.63 -7.94 43.31
CA ARG G 221 2.80 -7.05 42.13
C ARG G 221 3.19 -5.64 42.56
N HIS G 222 2.45 -5.07 43.52
CA HIS G 222 2.65 -3.69 44.05
C HIS G 222 3.45 -3.75 45.35
N SER G 223 4.60 -4.42 45.34
CA SER G 223 5.49 -4.63 46.52
C SER G 223 6.97 -4.65 46.11
N ALA G 224 7.81 -4.02 46.92
CA ALA G 224 9.29 -3.95 46.78
C ALA G 224 9.93 -4.13 48.16
N ILE G 225 10.89 -5.06 48.27
CA ILE G 225 11.61 -5.41 49.53
C ILE G 225 12.96 -4.66 49.55
N THR G 226 13.27 -4.03 50.69
CA THR G 226 14.47 -3.18 50.93
C THR G 226 15.10 -3.57 52.28
N ARG G 227 16.27 -4.23 52.25
CA ARG G 227 16.95 -4.81 53.45
C ARG G 227 18.01 -3.82 53.96
N PHE G 228 18.33 -3.89 55.26
CA PHE G 228 19.11 -2.86 56.00
C PHE G 228 20.24 -3.45 56.86
N SER G 229 20.31 -4.77 57.08
CA SER G 229 21.53 -5.53 57.49
C SER G 229 21.80 -5.40 59.00
N ARG G 230 21.67 -4.20 59.58
CA ARG G 230 21.79 -3.95 61.05
C ARG G 230 20.42 -3.53 61.58
N THR G 231 19.59 -4.51 61.98
CA THR G 231 18.14 -4.36 62.24
C THR G 231 17.90 -4.00 63.72
N THR G 232 18.62 -4.61 64.65
CA THR G 232 18.51 -4.37 66.12
C THR G 232 18.93 -2.92 66.43
N ASN G 233 19.94 -2.41 65.71
CA ASN G 233 20.45 -1.02 65.83
C ASN G 233 19.40 -0.02 65.35
N MET G 234 18.60 -0.38 64.34
CA MET G 234 17.56 0.49 63.72
C MET G 234 16.36 0.66 64.66
N GLY G 235 15.98 -0.40 65.39
CA GLY G 235 14.82 -0.44 66.30
C GLY G 235 14.28 -1.85 66.46
N VAL G 236 13.01 -1.99 66.88
CA VAL G 236 12.31 -3.30 66.99
C VAL G 236 11.39 -3.53 65.77
N THR G 237 10.83 -2.45 65.18
CA THR G 237 10.00 -2.50 63.95
C THR G 237 10.80 -3.14 62.81
N ALA G 238 12.03 -2.67 62.59
CA ALA G 238 12.98 -3.19 61.58
C ALA G 238 13.45 -4.60 61.97
N MET G 239 13.52 -4.89 63.28
CA MET G 239 13.98 -6.18 63.86
C MET G 239 12.91 -7.27 63.65
N THR G 240 11.62 -6.93 63.75
CA THR G 240 10.47 -7.89 63.68
C THR G 240 10.34 -8.47 62.28
N CYS G 241 10.65 -7.70 61.23
CA CYS G 241 10.73 -8.14 59.81
C CYS G 241 12.16 -7.97 59.31
N GLY G 242 13.12 -8.54 60.05
CA GLY G 242 14.58 -8.39 59.90
C GLY G 242 14.99 -8.00 58.48
N GLY G 243 14.97 -6.69 58.18
CA GLY G 243 15.36 -6.12 56.89
C GLY G 243 14.15 -5.83 56.00
N ALA G 244 13.37 -6.86 55.68
CA ALA G 244 12.41 -6.93 54.56
C ALA G 244 11.89 -5.54 54.15
N PHE G 245 10.99 -4.95 54.94
CA PHE G 245 10.31 -3.64 54.66
C PHE G 245 9.71 -3.64 53.24
N ARG G 246 8.49 -4.18 53.11
CA ARG G 246 7.66 -4.08 51.87
C ARG G 246 7.28 -2.61 51.69
N MET G 247 7.45 -2.03 50.48
CA MET G 247 7.14 -0.60 50.25
C MET G 247 6.67 -0.34 48.81
N LEU G 248 5.39 -0.64 48.57
CA LEU G 248 4.50 -0.15 47.48
C LEU G 248 5.29 0.16 46.21
N LYS G 249 5.58 -0.89 45.43
CA LYS G 249 6.06 -0.79 44.02
C LYS G 249 4.90 -0.38 43.12
N SER G 250 5.19 0.19 41.95
CA SER G 250 4.20 0.75 40.98
C SER G 250 3.13 -0.29 40.64
N GLY G 251 3.53 -1.45 40.09
CA GLY G 251 2.63 -2.54 39.67
C GLY G 251 3.04 -3.12 38.33
N ALA G 252 3.28 -2.24 37.34
CA ALA G 252 3.77 -2.59 35.98
C ALA G 252 4.86 -1.60 35.56
N LYS G 253 5.59 -1.92 34.49
CA LYS G 253 6.70 -1.09 33.92
C LYS G 253 6.11 0.11 33.19
N PHE G 254 6.96 1.11 32.91
CA PHE G 254 6.59 2.38 32.23
C PHE G 254 6.34 2.11 30.74
N SER G 255 5.11 2.38 30.29
CA SER G 255 4.68 2.36 28.86
C SER G 255 4.58 3.81 28.35
N SER G 256 4.56 3.99 27.02
CA SER G 256 4.63 5.30 26.33
C SER G 256 3.55 5.41 25.25
N PRO G 257 2.51 6.26 25.44
CA PRO G 257 1.59 6.61 24.34
C PRO G 257 2.19 7.68 23.42
N PRO G 258 1.55 8.02 22.28
CA PRO G 258 2.06 9.07 21.40
C PRO G 258 1.98 10.51 21.94
N HIS G 259 1.71 10.69 23.24
CA HIS G 259 2.15 11.85 24.07
C HIS G 259 1.19 13.04 23.96
N HIS G 260 0.60 13.27 22.78
CA HIS G 260 -0.41 14.34 22.53
C HIS G 260 -1.24 14.00 21.26
N ARG G 261 -2.26 14.80 20.97
CA ARG G 261 -3.16 14.65 19.79
C ARG G 261 -3.47 16.03 19.20
N LEU G 262 -2.59 16.55 18.35
CA LEU G 262 -2.71 17.87 17.66
C LEU G 262 -2.61 17.65 16.15
N ASN G 263 -2.80 18.72 15.36
CA ASN G 263 -2.70 18.73 13.88
C ASN G 263 -1.35 18.17 13.43
N ASN G 264 -0.39 36.40 27.96
CA ASN G 264 1.08 36.60 27.96
C ASN G 264 1.78 35.33 27.45
N GLY G 265 1.55 34.21 28.13
CA GLY G 265 2.17 32.90 27.82
C GLY G 265 3.49 32.73 28.56
N SER G 266 4.61 32.94 27.86
CA SER G 266 6.00 32.86 28.38
C SER G 266 6.29 31.44 28.90
N PHE G 267 6.11 30.44 28.03
CA PHE G 267 6.34 29.00 28.31
C PHE G 267 7.75 28.61 27.85
N LEU G 268 8.68 28.42 28.80
CA LEU G 268 10.08 28.01 28.52
C LEU G 268 10.19 26.48 28.59
N VAL G 269 10.58 25.84 27.49
CA VAL G 269 10.72 24.36 27.37
C VAL G 269 12.17 23.98 27.71
N LEU G 270 12.34 23.02 28.62
CA LEU G 270 13.61 22.29 28.88
C LEU G 270 13.40 20.83 28.48
N PRO G 271 13.78 20.44 27.23
CA PRO G 271 13.53 19.09 26.73
C PRO G 271 14.67 18.10 26.99
N ASN G 272 14.33 16.80 27.06
CA ASN G 272 15.29 15.66 27.11
C ASN G 272 16.30 15.86 28.26
N ILE G 273 15.80 15.99 29.50
CA ILE G 273 16.65 15.98 30.73
C ILE G 273 16.79 14.52 31.17
N ARG G 274 17.94 13.90 30.88
CA ARG G 274 18.24 12.48 31.20
C ARG G 274 18.98 12.43 32.53
N VAL G 275 18.46 11.64 33.48
CA VAL G 275 18.96 11.55 34.89
C VAL G 275 19.56 10.17 35.12
N CYS G 276 20.66 10.11 35.88
CA CYS G 276 21.51 8.92 36.12
C CYS G 276 21.68 8.68 37.63
N GLY G 277 20.86 7.80 38.19
CA GLY G 277 20.94 7.36 39.59
C GLY G 277 20.28 8.33 40.55
N ALA G 278 19.09 8.83 40.19
CA ALA G 278 18.19 9.58 41.11
C ALA G 278 17.52 8.60 42.05
N THR G 279 17.47 8.91 43.36
CA THR G 279 16.90 8.05 44.42
C THR G 279 15.42 7.76 44.10
N ALA G 280 15.14 6.53 43.65
CA ALA G 280 13.78 6.04 43.34
C ALA G 280 13.00 5.79 44.63
N LEU G 281 13.71 5.48 45.73
CA LEU G 281 13.13 5.44 47.10
C LEU G 281 12.77 6.88 47.50
N SER G 282 11.51 7.27 47.33
CA SER G 282 10.96 8.59 47.72
C SER G 282 10.69 8.59 49.24
N SER G 283 9.42 8.66 49.66
CA SER G 283 8.99 8.50 51.08
C SER G 283 9.22 7.06 51.50
N PRO G 284 9.51 6.79 52.79
CA PRO G 284 10.02 5.48 53.23
C PRO G 284 9.10 4.28 53.02
N VAL G 285 7.92 4.47 52.42
CA VAL G 285 6.92 3.40 52.10
C VAL G 285 6.62 3.36 50.59
N THR G 286 7.31 4.15 49.75
CA THR G 286 7.05 4.20 48.28
C THR G 286 8.36 4.05 47.49
N VAL G 287 8.31 3.30 46.38
CA VAL G 287 9.42 3.08 45.41
C VAL G 287 8.85 3.23 44.00
N GLY G 288 9.32 4.21 43.23
CA GLY G 288 8.87 4.48 41.85
C GLY G 288 9.48 5.75 41.28
N ILE G 289 8.65 6.69 40.84
CA ILE G 289 9.08 8.02 40.30
C ILE G 289 9.47 8.88 41.51
N PRO G 290 10.58 9.65 41.45
CA PRO G 290 11.11 10.34 42.63
C PRO G 290 10.34 11.61 43.02
N SER G 291 9.71 11.56 44.21
CA SER G 291 9.35 12.70 45.09
C SER G 291 9.12 14.00 44.31
N LEU G 292 7.85 14.33 44.01
CA LEU G 292 7.47 15.53 43.20
C LEU G 292 8.10 16.81 43.76
N THR G 293 8.46 16.84 45.05
CA THR G 293 9.20 17.95 45.72
C THR G 293 10.62 18.09 45.12
N ALA G 294 11.24 16.97 44.70
CA ALA G 294 12.58 16.95 44.06
C ALA G 294 12.55 17.75 42.76
N PHE G 295 11.57 17.47 41.89
CA PHE G 295 11.31 18.18 40.61
C PHE G 295 11.11 19.68 40.88
N PHE G 296 10.36 20.03 41.93
CA PHE G 296 10.16 21.44 42.37
C PHE G 296 11.52 22.07 42.72
N GLY G 297 12.28 21.40 43.59
CA GLY G 297 13.63 21.82 44.01
C GLY G 297 14.55 22.04 42.82
N PHE G 298 14.52 21.12 41.85
CA PHE G 298 15.22 21.23 40.54
C PHE G 298 14.85 22.56 39.87
N VAL G 299 13.56 22.79 39.67
CA VAL G 299 13.01 23.99 38.96
C VAL G 299 13.37 25.27 39.73
N HIS G 300 13.34 25.23 41.07
CA HIS G 300 13.61 26.42 41.93
C HIS G 300 15.10 26.77 41.92
N ALA G 301 15.98 25.76 42.04
CA ALA G 301 17.44 25.91 41.90
C ALA G 301 17.77 26.55 40.55
N PHE G 302 17.12 26.09 39.47
CA PHE G 302 17.19 26.64 38.10
C PHE G 302 16.83 28.13 38.10
N GLU G 303 15.68 28.48 38.71
CA GLU G 303 15.19 29.88 38.84
C GLU G 303 16.25 30.71 39.57
N ARG G 304 16.64 30.29 40.78
CA ARG G 304 17.65 30.97 41.63
C ARG G 304 18.97 31.13 40.87
N ASN G 305 19.33 30.16 40.02
CA ASN G 305 20.54 30.21 39.16
C ASN G 305 20.40 31.27 38.06
N ILE G 306 19.16 31.61 37.65
CA ILE G 306 18.89 32.72 36.67
C ILE G 306 18.81 34.06 37.42
N ASN G 307 18.16 34.09 38.59
CA ASN G 307 17.85 35.35 39.35
C ASN G 307 19.13 36.11 39.74
N ARG G 308 20.31 35.47 39.70
CA ARG G 308 21.63 36.13 39.93
C ARG G 308 22.05 36.98 38.71
N THR G 309 21.34 36.87 37.57
CA THR G 309 21.51 37.70 36.35
C THR G 309 20.30 38.64 36.21
N THR G 310 19.09 38.08 36.13
CA THR G 310 17.80 38.81 35.95
C THR G 310 16.91 38.52 37.19
N SER G 311 16.98 39.39 38.20
CA SER G 311 16.41 39.17 39.56
C SER G 311 14.90 39.50 39.58
N SER G 312 14.11 38.85 38.72
CA SER G 312 12.64 38.99 38.63
C SER G 312 12.03 37.86 37.79
N PHE G 313 12.52 36.62 37.95
CA PHE G 313 12.17 35.48 37.08
C PHE G 313 10.81 34.90 37.51
N ARG G 314 10.73 34.34 38.72
CA ARG G 314 9.50 33.81 39.36
C ARG G 314 8.78 32.87 38.37
N VAL G 315 9.32 31.66 38.21
CA VAL G 315 8.81 30.60 37.29
C VAL G 315 7.36 30.25 37.66
N GLU G 316 7.03 30.21 38.96
CA GLU G 316 5.65 30.15 39.53
C GLU G 316 5.01 28.76 39.35
N SER G 317 5.44 27.95 38.36
CA SER G 317 4.81 26.65 37.99
C SER G 317 5.63 25.94 36.90
N PHE G 318 5.43 24.62 36.75
CA PHE G 318 6.15 23.74 35.79
C PHE G 318 5.29 22.52 35.41
N ALA G 319 5.37 22.07 34.15
CA ALA G 319 4.75 20.82 33.66
C ALA G 319 5.84 19.78 33.40
N ILE G 320 5.55 18.50 33.69
CA ILE G 320 6.50 17.35 33.58
C ILE G 320 5.93 16.35 32.57
N CYS G 321 6.73 15.99 31.55
CA CYS G 321 6.43 14.95 30.52
C CYS G 321 7.51 13.85 30.59
N VAL G 322 7.29 12.85 31.45
CA VAL G 322 8.25 11.73 31.70
C VAL G 322 8.25 10.81 30.47
N HIS G 323 9.26 10.93 29.61
CA HIS G 323 9.44 10.11 28.37
C HIS G 323 9.76 8.67 28.75
N GLN G 324 10.70 8.46 29.68
CA GLN G 324 11.15 7.12 30.14
C GLN G 324 11.43 7.13 31.65
N LEU G 325 11.03 6.05 32.33
CA LEU G 325 11.36 5.73 33.75
C LEU G 325 11.86 4.29 33.82
N HIS G 326 12.92 4.05 34.60
CA HIS G 326 13.53 2.71 34.83
C HIS G 326 14.10 2.67 36.26
N VAL G 327 13.37 2.03 37.18
CA VAL G 327 13.75 1.88 38.62
C VAL G 327 14.25 0.45 38.84
N GLU G 328 15.48 0.29 39.32
CA GLU G 328 16.05 -1.04 39.67
C GLU G 328 17.18 -0.88 40.71
N LYS G 329 16.87 -1.24 41.95
CA LYS G 329 17.74 -1.94 42.93
C LYS G 329 19.19 -2.00 42.42
N ARG G 330 19.95 -0.93 42.63
CA ARG G 330 21.37 -0.82 42.20
C ARG G 330 22.30 -1.02 43.40
N GLY G 331 21.95 -0.46 44.57
CA GLY G 331 22.83 -0.46 45.75
C GLY G 331 23.89 0.62 45.64
N LEU G 332 24.21 1.27 46.76
CA LEU G 332 25.09 2.48 46.83
C LEU G 332 26.31 2.15 47.69
N THR G 333 27.51 2.43 47.17
CA THR G 333 28.81 2.24 47.87
C THR G 333 29.08 3.46 48.75
N ALA G 334 29.14 3.27 50.08
CA ALA G 334 29.61 4.28 51.06
C ALA G 334 31.15 4.28 51.06
N GLU G 335 31.74 5.40 51.50
CA GLU G 335 33.17 5.74 51.26
C GLU G 335 33.95 5.77 52.58
N PHE G 336 34.13 4.61 53.21
CA PHE G 336 35.09 4.31 54.31
C PHE G 336 35.12 5.47 55.33
N VAL G 337 34.12 5.50 56.23
CA VAL G 337 34.02 6.48 57.35
C VAL G 337 35.00 6.05 58.47
N GLU G 338 35.42 6.98 59.32
CA GLU G 338 36.18 6.71 60.57
C GLU G 338 35.25 5.98 61.54
N LYS G 339 35.63 4.77 62.00
CA LYS G 339 34.72 3.93 62.84
C LYS G 339 34.61 4.50 64.25
N GLY G 340 35.72 4.97 64.82
CA GLY G 340 35.74 5.67 66.13
C GLY G 340 36.66 4.98 67.12
N ASP G 341 36.65 3.65 67.17
CA ASP G 341 37.50 2.83 68.09
C ASP G 341 38.99 3.08 67.73
N GLY G 342 39.46 2.55 66.60
CA GLY G 342 40.78 2.90 66.02
C GLY G 342 40.94 2.42 64.58
N THR G 343 39.84 2.32 63.82
CA THR G 343 39.80 1.74 62.45
C THR G 343 38.95 2.61 61.52
N ILE G 344 39.15 2.42 60.21
CA ILE G 344 38.44 3.13 59.11
C ILE G 344 37.92 2.07 58.11
N SER G 345 36.61 1.98 57.98
CA SER G 345 35.90 0.99 57.12
C SER G 345 34.49 1.50 56.79
N ALA G 346 33.78 0.83 55.87
CA ALA G 346 32.49 1.26 55.31
C ALA G 346 31.41 1.24 56.39
N PRO G 347 30.46 2.21 56.40
CA PRO G 347 29.32 2.16 57.31
C PRO G 347 28.30 1.06 56.96
N ALA G 348 27.29 0.88 57.83
CA ALA G 348 26.27 -0.19 57.79
C ALA G 348 25.70 -0.31 56.37
N THR G 349 25.75 -1.52 55.79
CA THR G 349 25.22 -1.85 54.45
C THR G 349 23.69 -1.69 54.46
N ARG G 350 23.12 -1.21 53.36
CA ARG G 350 21.64 -1.09 53.16
C ARG G 350 21.33 -0.91 51.67
N ASP G 351 20.23 -1.51 51.21
CA ASP G 351 19.76 -1.41 49.80
C ASP G 351 19.22 -0.01 49.54
N ASP G 352 19.36 0.46 48.29
CA ASP G 352 18.67 1.67 47.78
C ASP G 352 18.28 1.43 46.31
N TRP G 353 17.07 1.86 45.93
CA TRP G 353 16.56 1.86 44.54
C TRP G 353 16.99 3.15 43.87
N GLN G 354 17.37 3.08 42.58
CA GLN G 354 17.75 4.24 41.74
C GLN G 354 16.98 4.18 40.41
N CYS G 355 16.36 5.30 40.02
CA CYS G 355 15.55 5.44 38.78
C CYS G 355 16.35 6.20 37.72
N ASP G 356 16.12 5.87 36.44
CA ASP G 356 16.75 6.54 35.27
C ASP G 356 15.65 7.25 34.48
N VAL G 357 15.34 8.49 34.87
CA VAL G 357 14.22 9.30 34.27
C VAL G 357 14.77 10.09 33.08
N VAL G 358 14.10 9.99 31.93
CA VAL G 358 14.17 10.98 30.81
C VAL G 358 12.82 11.72 30.81
N PHE G 359 12.84 13.06 30.91
CA PHE G 359 11.64 13.93 30.99
C PHE G 359 11.92 15.29 30.36
N SER G 360 10.86 16.12 30.25
CA SER G 360 10.90 17.50 29.74
C SER G 360 10.10 18.42 30.68
N LEU G 361 10.61 19.63 30.96
CA LEU G 361 9.91 20.64 31.79
C LEU G 361 9.33 21.75 30.90
N ILE G 362 8.10 22.18 31.19
CA ILE G 362 7.44 23.38 30.61
C ILE G 362 7.26 24.40 31.73
N LEU G 363 8.07 25.46 31.74
CA LEU G 363 8.15 26.50 32.80
C LEU G 363 7.27 27.69 32.41
N ASN G 364 6.19 27.94 33.16
CA ASN G 364 5.21 29.02 32.90
C ASN G 364 5.71 30.31 33.55
N THR G 365 6.77 30.90 32.97
CA THR G 365 7.51 32.08 33.51
C THR G 365 6.63 33.33 33.35
N ASN G 366 6.94 34.41 34.08
CA ASN G 366 6.32 35.75 33.90
C ASN G 366 7.26 36.64 33.07
N PHE G 367 8.45 36.14 32.72
CA PHE G 367 9.47 36.86 31.90
C PHE G 367 8.93 36.94 30.46
N ALA G 368 8.16 37.98 30.17
CA ALA G 368 7.46 38.21 28.87
C ALA G 368 8.46 38.79 27.85
N GLN G 369 9.54 38.05 27.59
CA GLN G 369 10.62 38.38 26.61
C GLN G 369 11.65 37.24 26.60
N HIS G 370 12.54 37.24 25.61
CA HIS G 370 13.68 36.30 25.47
C HIS G 370 14.75 36.61 26.53
N ILE G 371 15.42 35.58 27.04
CA ILE G 371 16.52 35.68 28.06
C ILE G 371 17.87 35.59 27.34
N ASP G 372 18.30 34.37 26.99
CA ASP G 372 19.69 34.05 26.57
C ASP G 372 19.78 32.56 26.22
N GLN G 373 20.97 32.09 25.80
CA GLN G 373 21.34 30.65 25.68
C GLN G 373 22.60 30.35 26.50
N ASP G 374 23.62 31.23 26.47
CA ASP G 374 24.88 31.10 27.25
C ASP G 374 24.54 31.03 28.75
N THR G 375 23.70 31.95 29.24
CA THR G 375 23.17 31.98 30.63
C THR G 375 22.24 30.78 30.85
N LEU G 376 21.33 30.52 29.92
CA LEU G 376 20.20 29.57 30.07
C LEU G 376 20.70 28.12 30.17
N VAL G 377 21.87 27.81 29.59
CA VAL G 377 22.54 26.48 29.70
C VAL G 377 23.35 26.42 31.00
N THR G 378 24.21 27.43 31.23
CA THR G 378 25.17 27.47 32.38
C THR G 378 24.42 27.55 33.71
N SER G 379 23.23 28.17 33.73
CA SER G 379 22.34 28.30 34.91
C SER G 379 21.35 27.14 34.97
N LEU G 380 21.81 25.90 34.72
CA LEU G 380 21.01 24.65 34.88
C LEU G 380 21.47 23.93 36.15
N PRO G 381 20.52 23.41 36.97
CA PRO G 381 20.87 22.55 38.10
C PRO G 381 21.37 21.19 37.60
N LYS G 382 22.50 20.73 38.13
CA LYS G 382 23.27 19.56 37.62
C LYS G 382 22.88 18.27 38.36
N ARG G 383 21.75 18.27 39.07
CA ARG G 383 21.26 17.09 39.83
C ARG G 383 19.73 17.16 39.94
N LEU G 384 19.04 16.05 39.67
CA LEU G 384 17.68 15.76 40.19
C LEU G 384 17.87 15.08 41.57
N ALA G 385 16.81 14.56 42.18
CA ALA G 385 16.77 13.97 43.55
C ALA G 385 18.19 13.74 44.10
N ARG G 386 18.99 12.88 43.46
CA ARG G 386 20.43 12.69 43.77
C ARG G 386 21.31 12.47 42.52
N GLY G 387 20.73 12.22 41.34
CA GLY G 387 21.47 11.84 40.13
C GLY G 387 22.15 13.02 39.46
N SER G 388 22.53 12.87 38.19
CA SER G 388 23.04 13.94 37.29
C SER G 388 21.93 14.38 36.34
N ALA G 389 21.97 15.62 35.86
CA ALA G 389 21.00 16.18 34.89
C ALA G 389 21.76 16.81 33.71
N LYS G 390 21.74 16.13 32.55
CA LYS G 390 22.41 16.56 31.30
C LYS G 390 21.40 16.48 30.14
N ILE G 391 21.18 17.59 29.43
CA ILE G 391 20.26 17.66 28.26
C ILE G 391 20.98 17.01 27.06
N ALA G 392 21.98 17.70 26.51
CA ALA G 392 22.87 17.26 25.40
C ALA G 392 23.55 18.49 24.78
N ILE G 393 24.43 18.28 23.80
CA ILE G 393 25.06 19.36 22.98
C ILE G 393 24.21 19.60 21.72
N ASP G 394 23.68 18.55 21.10
CA ASP G 394 22.85 18.63 19.86
C ASP G 394 21.41 19.02 20.21
N ASP G 395 20.98 18.87 21.47
CA ASP G 395 19.69 19.40 22.00
C ASP G 395 19.92 20.80 22.62
N PHE G 396 20.99 21.50 22.23
CA PHE G 396 21.22 22.95 22.53
C PHE G 396 20.89 23.79 21.29
N LYS G 397 19.71 23.54 20.71
CA LYS G 397 18.81 24.59 20.15
C LYS G 397 17.57 24.53 21.06
N HIS G 398 16.45 23.96 20.59
CA HIS G 398 15.45 23.15 21.35
C HIS G 398 14.98 23.81 22.67
N ILE G 399 15.66 24.83 23.20
CA ILE G 399 15.37 25.51 24.49
C ILE G 399 14.81 26.90 24.16
N ASN G 400 13.53 26.94 23.77
CA ASN G 400 12.82 28.13 23.22
C ASN G 400 11.69 28.54 24.16
N SER G 401 11.63 29.83 24.54
CA SER G 401 10.54 30.45 25.32
C SER G 401 9.39 30.82 24.37
N PHE G 402 8.29 30.04 24.40
CA PHE G 402 7.11 30.20 23.52
C PHE G 402 6.09 31.16 24.16
N SER G 403 5.06 31.53 23.40
CA SER G 403 4.03 32.54 23.76
C SER G 403 2.63 31.92 23.92
N THR G 404 2.44 30.63 23.59
CA THR G 404 1.18 29.88 23.81
C THR G 404 1.53 28.42 24.17
N LEU G 405 0.76 27.83 25.10
CA LEU G 405 0.95 26.44 25.60
C LEU G 405 0.87 25.44 24.44
N GLU G 406 -0.05 25.65 23.50
CA GLU G 406 -0.38 24.70 22.39
C GLU G 406 0.83 24.48 21.47
N THR G 407 1.73 25.47 21.32
CA THR G 407 2.91 25.40 20.40
C THR G 407 4.12 24.81 21.14
N ALA G 408 4.26 25.06 22.44
CA ALA G 408 5.36 24.57 23.30
C ALA G 408 5.38 23.04 23.34
N ILE G 409 4.22 22.41 23.51
CA ILE G 409 4.04 20.93 23.63
C ILE G 409 4.55 20.27 22.34
N GLU G 410 4.14 20.79 21.18
CA GLU G 410 4.45 20.21 19.84
C GLU G 410 5.93 20.35 19.49
N SER G 411 6.70 21.18 20.21
CA SER G 411 8.15 21.43 19.96
C SER G 411 9.03 20.35 20.58
N LEU G 412 8.53 19.54 21.52
CA LEU G 412 9.31 18.48 22.21
C LEU G 412 9.58 17.34 21.22
N PRO G 413 10.86 17.02 20.89
CA PRO G 413 11.17 16.06 19.82
C PRO G 413 11.26 14.60 20.26
N ILE G 414 10.19 14.08 20.88
CA ILE G 414 10.12 12.67 21.40
C ILE G 414 8.78 12.05 20.97
N GLU G 415 7.66 12.62 21.42
CA GLU G 415 6.27 12.09 21.29
C GLU G 415 6.20 10.73 22.02
N ALA G 416 6.49 10.76 23.33
CA ALA G 416 6.28 9.65 24.31
C ALA G 416 6.03 10.28 25.68
N GLY G 417 4.77 10.31 26.12
CA GLY G 417 4.26 11.34 27.05
C GLY G 417 4.05 10.83 28.47
N ARG G 418 2.78 10.67 28.87
CA ARG G 418 2.33 10.51 30.27
C ARG G 418 2.62 11.81 31.03
N TRP G 419 1.88 12.89 30.71
CA TRP G 419 1.91 14.17 31.46
C TRP G 419 1.37 13.91 32.87
N LEU G 420 2.12 14.29 33.90
CA LEU G 420 1.83 13.94 35.33
C LEU G 420 0.76 14.91 35.87
N SER G 421 -0.31 14.37 36.47
CA SER G 421 -1.26 15.11 37.35
C SER G 421 -1.41 14.38 38.69
N LEU G 422 -2.17 14.97 39.62
CA LEU G 422 -2.53 14.37 40.93
C LEU G 422 -3.96 13.81 40.84
N TYR G 423 -4.17 12.60 41.36
CA TYR G 423 -5.48 11.90 41.41
C TYR G 423 -6.21 12.28 42.70
N ALA G 424 -7.38 12.92 42.57
CA ALA G 424 -8.20 13.43 43.69
C ALA G 424 -9.37 12.48 43.97
N GLN G 425 -9.26 11.67 45.04
CA GLN G 425 -10.38 10.87 45.62
C GLN G 425 -10.18 10.75 47.14
N SER G 426 -10.85 9.79 47.78
CA SER G 426 -10.61 9.36 49.18
C SER G 426 -9.50 8.30 49.20
N ASN G 427 -8.36 8.61 49.86
CA ASN G 427 -7.17 7.73 49.97
C ASN G 427 -6.76 7.61 51.45
N ASN G 428 -7.72 7.28 52.31
CA ASN G 428 -7.57 7.29 53.80
C ASN G 428 -6.73 6.11 54.30
N ASN G 429 -6.35 5.17 53.42
CA ASN G 429 -5.41 4.05 53.74
C ASN G 429 -4.80 3.49 52.46
N LEU G 430 -3.85 2.56 52.60
CA LEU G 430 -3.18 1.83 51.48
C LEU G 430 -4.22 1.03 50.68
N SER G 431 -5.25 0.50 51.34
CA SER G 431 -6.37 -0.25 50.73
C SER G 431 -7.03 0.59 49.62
N ASP G 432 -7.27 1.88 49.89
CA ASP G 432 -7.87 2.84 48.93
C ASP G 432 -6.95 3.04 47.71
N LEU G 433 -5.63 3.14 47.93
CA LEU G 433 -4.61 3.24 46.85
C LEU G 433 -4.64 1.94 46.02
N LEU G 434 -4.46 0.79 46.66
CA LEU G 434 -4.39 -0.55 45.99
C LEU G 434 -5.72 -0.86 45.28
N ALA G 435 -6.85 -0.35 45.77
CA ALA G 435 -8.17 -0.41 45.10
C ALA G 435 -8.15 0.47 43.84
N ALA G 436 -7.49 1.65 43.91
CA ALA G 436 -7.45 2.68 42.85
C ALA G 436 -6.44 2.33 41.76
N MET G 437 -5.35 1.61 42.07
CA MET G 437 -4.17 1.43 41.15
C MET G 437 -4.11 0.03 40.54
N THR G 438 -5.01 -0.90 40.91
CA THR G 438 -5.09 -2.27 40.33
C THR G 438 -6.09 -2.29 39.15
N GLU G 439 -6.61 -1.13 38.74
CA GLU G 439 -7.55 -0.97 37.58
C GLU G 439 -6.77 -0.63 36.31
N ASP G 440 -5.66 0.12 36.40
CA ASP G 440 -4.82 0.53 35.24
C ASP G 440 -3.39 -0.04 35.35
N HIS G 441 -2.86 -0.25 36.56
CA HIS G 441 -1.44 -0.60 36.89
C HIS G 441 -0.47 0.34 36.16
N GLN G 442 -0.86 1.61 35.97
CA GLN G 442 -0.01 2.70 35.40
C GLN G 442 -0.10 3.96 36.27
N LEU G 443 -0.68 3.87 37.48
CA LEU G 443 -0.79 4.99 38.45
C LEU G 443 0.41 4.93 39.40
N MET G 444 1.20 6.01 39.46
CA MET G 444 2.43 6.10 40.30
C MET G 444 2.04 6.69 41.67
N ALA G 445 2.56 6.09 42.75
CA ALA G 445 2.42 6.57 44.14
C ALA G 445 3.77 7.12 44.61
N SER G 446 3.91 8.45 44.68
CA SER G 446 5.14 9.19 45.07
C SER G 446 4.84 10.18 46.18
N CYS G 447 5.89 10.70 46.82
CA CYS G 447 5.84 11.78 47.83
C CYS G 447 5.56 13.11 47.14
N VAL G 448 4.44 13.76 47.47
CA VAL G 448 3.98 15.03 46.81
C VAL G 448 4.37 16.24 47.68
N GLY G 449 4.40 16.08 49.01
CA GLY G 449 4.75 17.16 49.95
C GLY G 449 5.15 16.63 51.32
N TYR G 450 5.20 17.52 52.31
CA TYR G 450 5.59 17.22 53.72
C TYR G 450 4.52 17.70 54.69
N HIS G 451 4.56 17.18 55.91
CA HIS G 451 3.58 17.43 57.02
C HIS G 451 4.35 17.68 58.31
N LEU G 452 4.33 18.94 58.78
CA LEU G 452 5.14 19.42 59.94
C LEU G 452 4.59 18.83 61.24
N LEU G 453 5.49 18.43 62.15
CA LEU G 453 5.16 18.04 63.55
C LEU G 453 5.45 19.21 64.51
N GLU G 454 6.31 20.16 64.11
CA GLU G 454 6.71 21.36 64.90
C GLU G 454 6.10 22.61 64.24
N GLU G 455 6.46 23.81 64.73
CA GLU G 455 5.68 25.07 64.50
C GLU G 455 5.82 25.59 63.06
N PRO G 456 7.02 25.90 62.48
CA PRO G 456 8.35 25.62 63.06
C PRO G 456 8.96 26.67 63.99
N LYS G 457 10.00 26.27 64.74
CA LYS G 457 10.77 27.11 65.69
C LYS G 457 12.18 27.36 65.13
N ASP G 458 12.92 28.29 65.74
CA ASP G 458 14.29 28.71 65.33
C ASP G 458 15.30 27.80 66.04
N LYS G 459 15.89 26.85 65.31
CA LYS G 459 16.87 25.85 65.82
C LYS G 459 18.29 26.42 65.71
N PRO G 460 19.26 25.95 66.53
CA PRO G 460 20.65 26.41 66.45
C PRO G 460 21.32 26.21 65.08
N ASN G 461 21.19 25.01 64.49
CA ASN G 461 21.87 24.61 63.22
C ASN G 461 20.83 24.15 62.19
N SER G 462 19.82 25.00 61.94
CA SER G 462 18.84 24.85 60.82
C SER G 462 19.56 25.19 59.51
N LEU G 463 19.62 24.23 58.56
CA LEU G 463 20.62 24.23 57.45
C LEU G 463 20.11 25.03 56.25
N ARG G 464 19.98 26.34 56.45
CA ARG G 464 20.53 27.42 55.58
C ARG G 464 20.96 28.54 56.54
N GLY G 465 19.96 29.20 57.15
CA GLY G 465 20.02 29.84 58.47
C GLY G 465 18.63 30.33 58.88
N TYR G 466 17.59 29.57 58.54
CA TYR G 466 16.18 30.04 58.45
C TYR G 466 15.39 29.63 59.70
N LYS G 467 14.96 28.37 59.75
CA LYS G 467 13.90 27.87 60.68
C LYS G 467 13.78 26.36 60.48
N HIS G 468 13.36 25.62 61.51
CA HIS G 468 13.30 24.13 61.47
C HIS G 468 12.03 23.60 62.15
N ALA G 469 11.27 22.78 61.41
CA ALA G 469 10.30 21.80 61.93
C ALA G 469 10.65 20.41 61.39
N ILE G 470 10.57 19.38 62.22
CA ILE G 470 10.62 17.95 61.77
C ILE G 470 9.24 17.61 61.19
N ALA G 471 9.23 16.99 60.01
CA ALA G 471 8.01 16.66 59.22
C ALA G 471 8.03 15.19 58.82
N GLU G 472 6.88 14.71 58.31
CA GLU G 472 6.74 13.39 57.64
C GLU G 472 6.31 13.64 56.19
N CYS G 473 6.26 12.59 55.37
CA CYS G 473 5.99 12.63 53.91
C CYS G 473 4.48 12.59 53.64
N ILE G 474 4.06 13.05 52.46
CA ILE G 474 2.66 12.95 51.94
C ILE G 474 2.67 12.04 50.70
N ILE G 475 2.05 10.86 50.80
CA ILE G 475 1.86 9.91 49.66
C ILE G 475 0.74 10.50 48.77
N GLY G 476 1.07 10.82 47.52
CA GLY G 476 0.08 11.19 46.49
C GLY G 476 0.01 10.14 45.40
N LEU G 477 -1.10 10.11 44.65
CA LEU G 477 -1.30 9.22 43.47
C LEU G 477 -1.23 10.08 42.21
N ILE G 478 -0.39 9.69 41.25
CA ILE G 478 0.03 10.50 40.06
C ILE G 478 -0.59 9.87 38.80
N ASN G 479 -1.41 10.64 38.07
CA ASN G 479 -2.09 10.21 36.82
C ASN G 479 -1.25 10.60 35.60
N SER G 480 -1.46 9.87 34.50
CA SER G 480 -0.84 10.09 33.17
C SER G 480 -1.88 10.62 32.19
N ILE G 481 -1.65 11.80 31.63
CA ILE G 481 -2.55 12.51 30.68
C ILE G 481 -1.83 12.66 29.34
N THR G 482 -2.60 12.60 28.24
CA THR G 482 -2.12 12.73 26.84
C THR G 482 -2.08 14.22 26.46
N PHE G 483 -3.09 15.00 26.87
CA PHE G 483 -3.27 16.43 26.52
C PHE G 483 -3.52 16.50 25.01
N SER G 484 -4.76 16.20 24.61
CA SER G 484 -5.23 16.22 23.20
C SER G 484 -5.36 17.68 22.74
N SER G 485 -6.48 18.34 23.09
CA SER G 485 -6.67 19.81 22.93
C SER G 485 -7.63 20.39 24.00
N GLU G 486 -8.19 19.56 24.88
CA GLU G 486 -9.40 19.89 25.70
C GLU G 486 -9.05 19.97 27.19
N THR G 487 -8.07 19.20 27.67
CA THR G 487 -7.48 19.34 29.03
C THR G 487 -6.90 20.75 29.16
N ASP G 488 -7.33 21.48 30.19
CA ASP G 488 -7.02 22.93 30.41
C ASP G 488 -5.52 23.12 30.68
N PRO G 489 -5.02 24.38 30.70
CA PRO G 489 -3.74 24.70 31.34
C PRO G 489 -3.82 24.77 32.87
N ASN G 490 -4.95 25.24 33.41
CA ASN G 490 -5.16 25.45 34.88
C ASN G 490 -5.04 24.12 35.64
N THR G 491 -5.00 22.98 34.95
CA THR G 491 -4.59 21.66 35.50
C THR G 491 -3.05 21.62 35.60
N ILE G 492 -2.46 20.45 35.32
CA ILE G 492 -1.02 20.07 35.49
C ILE G 492 -0.06 21.25 35.31
N PHE G 493 0.27 21.96 36.40
CA PHE G 493 1.39 22.95 36.42
C PHE G 493 2.10 23.03 37.79
N TRP G 494 1.78 22.15 38.75
CA TRP G 494 2.63 21.81 39.93
C TRP G 494 3.21 23.06 40.59
N SER G 495 2.47 23.68 41.51
CA SER G 495 2.91 24.85 42.32
C SER G 495 3.04 24.45 43.79
N LEU G 496 4.02 25.03 44.50
CA LEU G 496 4.20 24.87 45.97
C LEU G 496 3.29 25.87 46.69
N LYS G 497 2.55 25.41 47.70
CA LYS G 497 1.31 26.07 48.22
C LYS G 497 1.55 26.68 49.61
N ASN G 498 2.04 25.89 50.57
CA ASN G 498 2.17 26.28 52.01
C ASN G 498 0.76 26.45 52.59
N TYR G 499 0.16 25.35 53.07
CA TYR G 499 -1.17 25.32 53.76
C TYR G 499 -0.98 25.43 55.27
N GLN G 500 0.25 25.73 55.74
CA GLN G 500 0.59 26.24 57.10
C GLN G 500 1.01 25.09 58.02
N ASN G 501 0.51 23.86 57.80
CA ASN G 501 0.93 22.62 58.53
C ASN G 501 1.44 21.55 57.55
N TYR G 502 1.39 21.80 56.24
CA TYR G 502 1.82 20.89 55.14
C TYR G 502 1.93 21.70 53.85
N LEU G 503 3.08 21.65 53.15
CA LEU G 503 3.43 22.61 52.07
C LEU G 503 2.66 22.26 50.79
N VAL G 504 2.95 21.09 50.21
CA VAL G 504 2.25 20.43 49.07
C VAL G 504 2.77 20.96 47.73
N VAL G 505 3.02 20.04 46.79
CA VAL G 505 3.25 20.29 45.33
C VAL G 505 2.04 19.74 44.58
N GLN G 506 1.03 20.59 44.37
CA GLN G 506 -0.28 20.28 43.71
C GLN G 506 -0.31 20.89 42.32
N PRO G 507 -1.09 20.31 41.37
CA PRO G 507 -1.52 21.04 40.17
C PRO G 507 -2.65 22.02 40.53
N ARG G 508 -2.80 23.08 39.72
CA ARG G 508 -3.66 24.26 40.03
C ARG G 508 -5.15 23.95 39.82
N SER G 509 -5.51 22.79 39.26
CA SER G 509 -6.91 22.31 39.09
C SER G 509 -7.61 22.18 40.45
N ILE G 510 -6.83 21.91 41.52
CA ILE G 510 -7.34 21.71 42.91
C ILE G 510 -7.28 23.05 43.65
N ASN G 511 -8.40 23.46 44.28
CA ASN G 511 -8.59 24.76 44.97
C ASN G 511 -8.73 24.50 46.48
N LYS H 1 42.42 25.62 -39.62
CA LYS H 1 42.38 27.10 -39.85
C LYS H 1 40.93 27.57 -40.03
N TRP H 2 39.98 26.97 -39.29
CA TRP H 2 38.52 27.19 -39.45
C TRP H 2 38.03 28.22 -38.43
N TYR H 3 37.13 29.10 -38.87
CA TYR H 3 36.44 30.13 -38.04
C TYR H 3 34.94 29.84 -38.07
N TYR H 4 34.16 30.53 -37.23
CA TYR H 4 32.72 30.26 -37.01
C TYR H 4 31.99 31.56 -36.62
N LYS H 5 30.81 31.79 -37.19
CA LYS H 5 29.87 32.86 -36.77
C LYS H 5 28.50 32.23 -36.47
N THR H 6 28.31 31.82 -35.22
CA THR H 6 27.05 31.19 -34.71
C THR H 6 25.98 32.28 -34.59
N ILE H 7 24.85 32.10 -35.29
CA ILE H 7 23.65 32.99 -35.27
C ILE H 7 22.60 32.32 -34.37
N THR H 8 22.35 32.86 -33.17
CA THR H 8 21.36 32.32 -32.20
C THR H 8 19.99 32.99 -32.41
N PHE H 9 18.91 32.24 -32.18
CA PHE H 9 17.50 32.68 -32.30
C PHE H 9 16.99 33.06 -30.90
N LEU H 10 16.76 34.37 -30.71
CA LEU H 10 16.50 35.02 -29.39
C LEU H 10 15.02 35.01 -28.97
N PRO H 11 14.01 35.05 -29.88
CA PRO H 11 12.67 35.53 -29.49
C PRO H 11 11.86 34.63 -28.55
N GLU H 12 12.48 33.58 -27.98
CA GLU H 12 12.02 32.83 -26.77
C GLU H 12 11.03 31.73 -27.17
N LEU H 13 10.20 31.96 -28.20
CA LEU H 13 9.28 30.94 -28.79
C LEU H 13 9.29 31.11 -30.32
N CYS H 14 9.70 30.05 -31.04
CA CYS H 14 9.85 29.99 -32.51
C CYS H 14 10.19 28.56 -32.96
N ASN H 15 9.82 28.21 -34.19
CA ASN H 15 10.22 26.92 -34.85
C ASN H 15 11.66 27.07 -35.34
N ASN H 16 12.55 26.17 -34.91
CA ASN H 16 14.01 26.23 -35.21
C ASN H 16 14.27 25.74 -36.64
N GLU H 17 13.53 24.72 -37.09
CA GLU H 17 13.62 24.16 -38.47
C GLU H 17 13.18 25.22 -39.50
N SER H 18 12.15 26.02 -39.18
CA SER H 18 11.62 27.12 -40.02
C SER H 18 12.70 28.19 -40.25
N LEU H 19 13.61 28.38 -39.29
CA LEU H 19 14.74 29.34 -39.36
C LEU H 19 15.95 28.68 -40.04
N ALA H 20 16.32 27.47 -39.62
CA ALA H 20 17.48 26.71 -40.17
C ALA H 20 17.32 26.52 -41.68
N ALA H 21 16.12 26.15 -42.14
CA ALA H 21 15.76 25.97 -43.57
C ALA H 21 15.95 27.29 -44.33
N LYS H 22 15.42 28.40 -43.77
CA LYS H 22 15.52 29.77 -44.35
C LYS H 22 16.99 30.19 -44.43
N CYS H 23 17.79 29.95 -43.38
CA CYS H 23 19.25 30.24 -43.32
C CYS H 23 19.97 29.50 -44.46
N LEU H 24 19.64 28.22 -44.68
CA LEU H 24 20.23 27.37 -45.75
C LEU H 24 19.70 27.78 -47.13
N ARG H 25 18.46 28.30 -47.20
CA ARG H 25 17.88 28.90 -48.44
C ARG H 25 18.72 30.11 -48.88
N VAL H 26 19.09 30.96 -47.93
CA VAL H 26 19.89 32.21 -48.19
C VAL H 26 21.35 31.82 -48.47
N LEU H 27 21.87 30.77 -47.81
CA LEU H 27 23.17 30.14 -48.17
C LEU H 27 23.10 29.63 -49.61
N HIS H 28 21.98 28.99 -49.98
CA HIS H 28 21.73 28.41 -51.33
C HIS H 28 21.54 29.52 -52.38
N GLY H 29 20.98 30.67 -52.00
CA GLY H 29 20.89 31.88 -52.86
C GLY H 29 22.27 32.41 -53.19
N PHE H 30 23.14 32.49 -52.19
CA PHE H 30 24.63 32.60 -52.30
C PHE H 30 25.15 31.27 -52.88
N ASN H 31 26.42 31.24 -53.30
CA ASN H 31 27.09 30.06 -53.93
C ASN H 31 26.56 29.86 -55.36
N TYR H 32 25.85 30.85 -55.92
CA TYR H 32 25.35 30.89 -57.32
C TYR H 32 25.81 32.19 -57.99
N GLN H 33 25.78 33.31 -57.26
CA GLN H 33 26.47 34.59 -57.63
C GLN H 33 27.98 34.41 -57.45
N TYR H 34 28.40 33.54 -56.51
CA TYR H 34 29.81 33.19 -56.21
C TYR H 34 29.94 31.65 -56.18
N GLU H 35 30.09 31.03 -57.35
CA GLU H 35 30.03 29.55 -57.55
C GLU H 35 31.10 28.88 -56.69
N THR H 36 30.79 28.67 -55.41
CA THR H 36 31.69 28.13 -54.35
C THR H 36 30.96 27.03 -53.55
N ARG H 37 31.71 26.10 -52.97
CA ARG H 37 31.19 24.94 -52.20
C ARG H 37 32.03 24.79 -50.91
N ASN H 38 32.35 25.91 -50.24
CA ASN H 38 33.39 26.00 -49.18
C ASN H 38 32.77 25.98 -47.77
N ILE H 39 31.48 26.31 -47.62
CA ILE H 39 30.85 26.68 -46.32
C ILE H 39 29.99 25.51 -45.82
N GLY H 40 30.10 25.18 -44.53
CA GLY H 40 29.37 24.09 -43.86
C GLY H 40 28.09 24.57 -43.20
N VAL H 41 27.53 23.74 -42.31
CA VAL H 41 26.21 23.98 -41.63
C VAL H 41 26.41 24.15 -40.12
N SER H 42 27.19 23.26 -39.47
CA SER H 42 27.57 23.32 -38.03
C SER H 42 26.37 23.66 -37.14
N PHE H 43 25.48 22.68 -36.90
CA PHE H 43 24.39 22.72 -35.88
C PHE H 43 24.96 22.33 -34.52
N PRO H 44 25.37 23.29 -33.65
CA PRO H 44 26.10 22.96 -32.43
C PRO H 44 25.21 22.33 -31.34
N LEU H 45 23.93 22.74 -31.26
CA LEU H 45 22.95 22.30 -30.24
C LEU H 45 21.92 21.34 -30.87
N TRP H 46 22.37 20.45 -31.76
CA TRP H 46 21.54 19.36 -32.35
C TRP H 46 21.25 18.33 -31.27
N CYS H 47 20.06 18.39 -30.67
CA CYS H 47 19.47 17.35 -29.78
C CYS H 47 18.50 16.49 -30.59
N ASP H 48 17.87 15.49 -29.97
CA ASP H 48 16.96 14.53 -30.63
C ASP H 48 15.68 15.23 -31.11
N ALA H 49 15.19 16.23 -30.37
CA ALA H 49 13.97 17.00 -30.70
C ALA H 49 14.24 18.50 -30.52
N THR H 50 13.85 19.31 -31.51
CA THR H 50 14.06 20.79 -31.57
C THR H 50 15.57 21.06 -31.63
N VAL H 51 16.17 20.91 -32.82
CA VAL H 51 17.57 21.36 -33.13
C VAL H 51 17.75 22.77 -32.57
N GLY H 52 18.85 23.02 -31.88
CA GLY H 52 19.04 24.16 -30.95
C GLY H 52 18.94 25.51 -31.62
N LYS H 53 18.97 26.58 -30.80
CA LYS H 53 18.60 27.95 -31.19
C LYS H 53 19.65 28.61 -32.08
N LYS H 54 20.84 28.02 -32.28
CA LYS H 54 21.91 28.67 -33.08
C LYS H 54 22.48 27.73 -34.15
N ILE H 55 22.99 28.34 -35.22
CA ILE H 55 23.68 27.70 -36.39
C ILE H 55 24.86 28.59 -36.78
N SER H 56 26.05 28.00 -36.98
CA SER H 56 27.27 28.69 -37.48
C SER H 56 27.49 28.39 -38.96
N PHE H 57 28.55 28.93 -39.56
CA PHE H 57 28.91 28.76 -40.98
C PHE H 57 30.42 28.53 -41.11
N VAL H 58 30.92 27.50 -40.41
CA VAL H 58 32.36 27.11 -40.34
C VAL H 58 32.93 26.99 -41.77
N SER H 59 34.06 27.64 -42.03
CA SER H 59 34.79 27.60 -43.33
C SER H 59 36.25 28.04 -43.11
N LYS H 60 37.09 27.89 -44.16
CA LYS H 60 38.55 28.16 -44.13
C LYS H 60 38.81 29.64 -44.37
N ASN H 61 38.22 30.18 -45.45
CA ASN H 61 38.59 31.47 -46.09
C ASN H 61 38.40 32.61 -45.08
N LYS H 62 37.23 32.67 -44.43
CA LYS H 62 36.81 33.73 -43.47
C LYS H 62 36.55 35.06 -44.20
N ILE H 63 36.79 35.11 -45.52
CA ILE H 63 36.51 36.27 -46.41
C ILE H 63 35.18 36.02 -47.13
N GLU H 64 34.85 34.76 -47.44
CA GLU H 64 33.53 34.32 -47.97
C GLU H 64 32.58 34.07 -46.78
N LEU H 65 33.07 33.45 -45.70
CA LEU H 65 32.33 33.22 -44.43
C LEU H 65 31.58 34.49 -44.03
N ASP H 66 32.24 35.66 -44.11
CA ASP H 66 31.66 36.98 -43.72
C ASP H 66 31.14 37.75 -44.93
N LEU H 67 31.46 37.33 -46.17
CA LEU H 67 30.84 37.88 -47.42
C LEU H 67 29.34 37.52 -47.44
N LEU H 68 29.00 36.26 -47.14
CA LEU H 68 27.61 35.73 -47.28
C LEU H 68 26.75 36.13 -46.06
N LEU H 69 27.36 36.33 -44.88
CA LEU H 69 26.62 36.72 -43.63
C LEU H 69 26.28 38.22 -43.65
N LYS H 70 26.69 38.97 -44.68
CA LYS H 70 26.14 40.31 -45.04
C LYS H 70 25.47 40.20 -46.42
N GLN H 71 24.19 39.82 -46.44
CA GLN H 71 23.35 39.68 -47.66
C GLN H 71 21.92 40.18 -47.37
N HIS H 72 21.80 41.26 -46.60
CA HIS H 72 20.57 42.06 -46.34
C HIS H 72 19.39 41.21 -45.81
N TYR H 73 19.58 39.92 -45.49
CA TYR H 73 18.59 39.05 -44.82
C TYR H 73 19.02 38.86 -43.36
N PHE H 74 20.23 38.33 -43.15
CA PHE H 74 20.89 38.18 -41.84
C PHE H 74 21.02 39.55 -41.17
N VAL H 75 21.28 40.58 -41.99
CA VAL H 75 21.40 42.01 -41.57
C VAL H 75 20.02 42.52 -41.17
N GLN H 76 18.97 42.19 -41.94
CA GLN H 76 17.58 42.69 -41.72
C GLN H 76 16.95 42.00 -40.50
N MET H 77 17.41 40.79 -40.13
CA MET H 77 16.98 40.10 -38.88
C MET H 77 17.92 40.44 -37.72
N GLU H 78 18.71 41.51 -37.84
CA GLU H 78 19.67 42.00 -36.80
C GLU H 78 19.11 43.24 -36.08
N GLN H 79 18.52 44.20 -36.82
CA GLN H 79 17.97 45.46 -36.24
C GLN H 79 16.74 45.09 -35.40
N LEU H 80 15.76 44.41 -36.00
CA LEU H 80 14.74 43.60 -35.27
C LEU H 80 15.44 42.33 -34.77
N GLN H 81 15.66 42.24 -33.45
CA GLN H 81 16.64 41.33 -32.81
C GLN H 81 16.04 39.92 -32.68
N TYR H 82 16.02 39.17 -33.79
CA TYR H 82 15.71 37.71 -33.82
C TYR H 82 17.00 36.90 -34.05
N PHE H 83 18.04 37.53 -34.60
CA PHE H 83 19.39 36.93 -34.82
C PHE H 83 20.42 37.61 -33.91
N HIS H 84 21.50 36.90 -33.58
CA HIS H 84 22.70 37.41 -32.87
C HIS H 84 23.96 36.80 -33.52
N ILE H 85 24.54 37.49 -34.50
CA ILE H 85 25.73 37.03 -35.26
C ILE H 85 26.97 37.21 -34.38
N SER H 86 27.93 36.28 -34.46
CA SER H 86 29.20 36.28 -33.68
C SER H 86 30.25 37.17 -34.37
N ASN H 87 31.52 37.10 -33.95
CA ASN H 87 32.64 37.93 -34.46
C ASN H 87 33.77 37.05 -35.00
N THR H 88 33.41 35.98 -35.71
CA THR H 88 34.28 35.11 -36.57
C THR H 88 35.54 34.68 -35.79
N VAL H 89 35.32 34.03 -34.64
CA VAL H 89 36.39 33.48 -33.76
C VAL H 89 36.90 32.17 -34.39
N LEU H 90 38.17 31.81 -34.17
CA LEU H 90 38.82 30.58 -34.68
C LEU H 90 38.34 29.38 -33.85
N VAL H 91 38.26 28.20 -34.48
CA VAL H 91 37.98 26.89 -33.82
C VAL H 91 39.19 26.51 -32.97
N PRO H 92 39.00 26.08 -31.70
CA PRO H 92 40.10 25.51 -30.92
C PRO H 92 40.55 24.13 -31.45
N GLU H 93 41.64 23.60 -30.90
CA GLU H 93 42.36 22.39 -31.41
C GLU H 93 41.51 21.14 -31.14
N ASP H 94 41.31 20.79 -29.87
CA ASP H 94 40.53 19.60 -29.43
C ASP H 94 39.05 19.98 -29.33
N CYS H 95 38.29 19.81 -30.42
CA CYS H 95 36.82 20.01 -30.52
C CYS H 95 36.12 18.68 -30.80
N THR H 96 34.80 18.66 -30.69
CA THR H 96 33.90 17.56 -31.12
C THR H 96 33.61 17.75 -32.62
N TYR H 97 33.94 16.76 -33.45
CA TYR H 97 33.82 16.80 -34.93
C TYR H 97 32.64 15.93 -35.38
N VAL H 98 31.52 16.59 -35.71
CA VAL H 98 30.24 15.95 -36.14
C VAL H 98 30.15 16.01 -37.68
N SER H 99 29.09 15.46 -38.26
CA SER H 99 28.86 15.35 -39.72
C SER H 99 27.35 15.36 -40.02
N PHE H 100 26.85 16.45 -40.62
CA PHE H 100 25.42 16.66 -40.96
C PHE H 100 25.17 16.24 -42.40
N ARG H 101 24.60 15.04 -42.58
CA ARG H 101 24.51 14.32 -43.87
C ARG H 101 23.05 14.32 -44.35
N ARG H 102 22.79 14.93 -45.52
CA ARG H 102 21.52 14.78 -46.28
C ARG H 102 21.47 13.37 -46.87
N CYS H 103 20.48 12.57 -46.45
CA CYS H 103 20.37 11.12 -46.77
C CYS H 103 19.66 10.94 -48.12
N GLN H 104 18.45 11.51 -48.26
CA GLN H 104 17.62 11.47 -49.49
C GLN H 104 17.01 10.08 -49.72
N SER H 105 17.40 9.08 -48.91
CA SER H 105 16.82 7.71 -48.90
C SER H 105 15.45 7.73 -48.22
N ILE H 106 15.21 8.71 -47.33
CA ILE H 106 13.96 8.89 -46.53
C ILE H 106 12.85 9.43 -47.44
N ASP H 107 13.20 10.28 -48.40
CA ASP H 107 12.27 10.89 -49.39
C ASP H 107 11.63 9.80 -50.26
N LYS H 108 12.38 8.72 -50.57
CA LYS H 108 11.95 7.61 -51.46
C LYS H 108 11.41 6.43 -50.64
N LEU H 109 11.07 6.63 -49.35
CA LEU H 109 10.30 5.67 -48.51
C LEU H 109 8.82 6.08 -48.43
N THR H 110 8.53 7.39 -48.55
CA THR H 110 7.14 7.92 -48.65
C THR H 110 6.43 7.25 -49.82
N ALA H 111 5.11 7.02 -49.69
CA ALA H 111 4.26 6.28 -50.65
C ALA H 111 4.38 6.91 -52.05
N ALA H 112 4.39 8.25 -52.12
CA ALA H 112 4.67 9.04 -53.35
C ALA H 112 6.04 8.66 -53.91
N GLY H 113 7.06 8.63 -53.04
CA GLY H 113 8.45 8.21 -53.34
C GLY H 113 8.52 6.83 -53.95
N LEU H 114 7.85 5.84 -53.33
CA LEU H 114 7.78 4.44 -53.82
C LEU H 114 7.16 4.43 -55.23
N ALA H 115 5.99 5.07 -55.39
CA ALA H 115 5.27 5.22 -56.68
C ALA H 115 6.22 5.82 -57.73
N ARG H 116 6.91 6.90 -57.38
CA ARG H 116 7.90 7.60 -58.25
C ARG H 116 9.01 6.62 -58.66
N LYS H 117 9.52 5.84 -57.70
CA LYS H 117 10.61 4.84 -57.92
C LYS H 117 10.11 3.75 -58.89
N ILE H 118 8.95 3.15 -58.62
CA ILE H 118 8.36 2.06 -59.47
C ILE H 118 8.13 2.62 -60.89
N ARG H 119 7.63 3.86 -61.00
CA ARG H 119 7.33 4.53 -62.30
C ARG H 119 8.61 4.68 -63.12
N ARG H 120 9.73 5.07 -62.48
CA ARG H 120 11.06 5.20 -63.14
C ARG H 120 11.52 3.82 -63.63
N LEU H 121 11.57 2.84 -62.72
CA LEU H 121 11.95 1.43 -63.03
C LEU H 121 11.08 0.88 -64.17
N GLU H 122 9.80 1.28 -64.24
CA GLU H 122 8.85 0.91 -65.34
C GLU H 122 9.29 1.59 -66.65
N LYS H 123 9.76 2.83 -66.58
CA LYS H 123 10.18 3.63 -67.77
C LYS H 123 11.46 3.03 -68.36
N ARG H 124 12.49 2.82 -67.54
CA ARG H 124 13.82 2.30 -67.96
C ARG H 124 13.91 0.78 -67.70
N ALA H 125 12.83 0.05 -67.97
CA ALA H 125 12.82 -1.39 -68.31
C ALA H 125 12.69 -1.53 -69.84
N LEU H 126 13.19 -0.56 -70.60
CA LEU H 126 13.19 -0.53 -72.08
C LEU H 126 14.28 -1.46 -72.63
N SER H 127 15.06 -2.11 -71.76
CA SER H 127 15.69 -3.43 -72.03
C SER H 127 14.56 -4.45 -72.23
N ARG H 128 13.97 -4.43 -73.42
CA ARG H 128 12.55 -4.84 -73.70
C ARG H 128 12.34 -6.35 -73.50
N GLY H 129 11.06 -6.75 -73.46
CA GLY H 129 10.60 -8.14 -73.27
C GLY H 129 9.33 -8.18 -72.44
N GLU H 130 9.44 -8.68 -71.21
CA GLU H 130 8.32 -8.76 -70.21
C GLU H 130 8.10 -7.38 -69.58
N ALA H 131 6.88 -6.85 -69.71
CA ALA H 131 6.40 -5.62 -69.00
C ALA H 131 6.15 -6.00 -67.54
N PHE H 132 7.23 -6.06 -66.75
CA PHE H 132 7.30 -6.61 -65.37
C PHE H 132 6.12 -6.12 -64.53
N ASP H 133 5.53 -7.04 -63.75
CA ASP H 133 4.31 -6.81 -62.93
C ASP H 133 4.58 -5.70 -61.91
N PRO H 134 3.79 -4.59 -61.90
CA PRO H 134 3.76 -3.69 -60.76
C PRO H 134 3.10 -4.33 -59.52
N SER H 135 2.41 -5.46 -59.70
CA SER H 135 1.82 -6.32 -58.63
C SER H 135 2.89 -6.78 -57.64
N SER H 136 4.09 -7.11 -58.12
CA SER H 136 5.22 -7.67 -57.31
C SER H 136 6.12 -6.53 -56.78
N PHE H 137 5.52 -5.45 -56.28
CA PHE H 137 6.21 -4.30 -55.61
C PHE H 137 5.31 -3.75 -54.49
N ALA H 138 5.41 -4.36 -53.32
CA ALA H 138 4.65 -4.01 -52.10
C ALA H 138 5.61 -3.53 -51.02
N GLN H 139 5.33 -2.35 -50.45
CA GLN H 139 5.85 -1.90 -49.13
C GLN H 139 5.72 -3.06 -48.14
N LYS H 140 6.80 -3.38 -47.43
CA LYS H 140 7.00 -4.65 -46.67
C LYS H 140 5.80 -4.86 -45.72
N GLU H 141 5.92 -4.41 -44.47
CA GLU H 141 4.78 -4.04 -43.58
C GLU H 141 5.22 -3.01 -42.52
N HIS H 142 6.53 -2.85 -42.29
CA HIS H 142 7.12 -2.15 -41.11
C HIS H 142 8.49 -1.58 -41.48
N THR H 143 8.74 -0.30 -41.14
CA THR H 143 10.03 0.41 -41.35
C THR H 143 10.40 1.16 -40.07
N ALA H 144 11.54 0.83 -39.45
CA ALA H 144 12.13 1.52 -38.28
C ALA H 144 13.16 2.54 -38.78
N ILE H 145 12.85 3.83 -38.68
CA ILE H 145 13.63 4.97 -39.27
C ILE H 145 14.17 5.84 -38.13
N ALA H 146 15.32 6.49 -38.34
CA ALA H 146 15.94 7.47 -37.41
C ALA H 146 17.07 8.20 -38.11
N HIS H 147 17.19 9.53 -38.00
CA HIS H 147 16.44 10.40 -37.10
C HIS H 147 15.95 11.62 -37.89
N TYR H 148 16.89 12.30 -38.56
CA TYR H 148 16.77 12.95 -39.90
C TYR H 148 16.13 14.35 -39.85
N HIS H 149 15.61 14.83 -38.72
CA HIS H 149 15.12 16.22 -38.50
C HIS H 149 14.96 16.97 -39.84
N SER H 150 13.82 16.76 -40.52
CA SER H 150 13.53 17.29 -41.88
C SER H 150 13.32 18.81 -41.82
N LEU H 151 13.99 19.56 -42.71
CA LEU H 151 13.93 21.05 -42.79
C LEU H 151 13.03 21.48 -43.95
N GLY H 152 12.12 22.43 -43.69
CA GLY H 152 11.15 22.95 -44.68
C GLY H 152 11.81 23.77 -45.76
N GLU H 153 12.48 23.10 -46.72
CA GLU H 153 13.12 23.72 -47.90
C GLU H 153 12.12 23.70 -49.07
N SER H 154 12.40 24.47 -50.13
CA SER H 154 11.54 24.60 -51.34
C SER H 154 12.38 25.05 -52.54
N SER H 155 11.95 24.65 -53.75
CA SER H 155 12.63 24.97 -55.04
C SER H 155 12.31 26.41 -55.46
N LYS H 156 13.24 27.03 -56.20
CA LYS H 156 13.15 28.43 -56.71
C LYS H 156 12.54 28.41 -58.11
N GLN H 157 13.18 27.70 -59.04
CA GLN H 157 12.87 27.70 -60.50
C GLN H 157 11.51 27.04 -60.74
N THR H 158 11.18 25.99 -59.98
CA THR H 158 9.84 25.34 -59.92
C THR H 158 9.27 25.55 -58.51
N ASN H 159 7.94 25.73 -58.40
CA ASN H 159 7.25 26.00 -57.12
C ASN H 159 6.87 24.67 -56.47
N ARG H 160 7.88 23.90 -56.05
CA ARG H 160 7.63 22.56 -55.45
C ARG H 160 8.15 22.54 -54.02
N ASN H 161 7.36 21.99 -53.09
CA ASN H 161 7.81 21.93 -51.68
C ASN H 161 8.46 20.56 -51.42
N PHE H 162 9.80 20.57 -51.33
CA PHE H 162 10.61 19.36 -51.03
C PHE H 162 10.91 19.36 -49.53
N ARG H 163 11.88 18.55 -49.09
CA ARG H 163 12.24 18.55 -47.64
C ARG H 163 13.63 17.94 -47.41
N LEU H 164 14.70 18.73 -47.48
CA LEU H 164 16.00 18.09 -47.12
C LEU H 164 15.94 17.64 -45.65
N ASN H 165 16.32 16.38 -45.42
CA ASN H 165 16.28 15.67 -44.11
C ASN H 165 17.68 15.14 -43.83
N ILE H 166 18.26 15.56 -42.70
CA ILE H 166 19.73 15.57 -42.44
C ILE H 166 20.02 14.85 -41.11
N ARG H 167 21.10 14.06 -41.07
CA ARG H 167 21.49 13.22 -39.90
C ARG H 167 22.84 13.69 -39.34
N MET H 168 22.96 13.71 -38.00
CA MET H 168 24.21 13.99 -37.25
C MET H 168 24.91 12.67 -36.93
N LEU H 169 26.26 12.64 -37.05
CA LEU H 169 27.13 11.51 -36.63
C LEU H 169 28.59 11.99 -36.61
N SER H 170 29.39 11.53 -35.64
CA SER H 170 30.70 12.14 -35.26
C SER H 170 31.83 11.10 -35.27
N GLU H 171 32.76 11.20 -36.24
CA GLU H 171 34.08 10.51 -36.25
C GLU H 171 34.98 11.09 -37.35
N GLN H 172 36.29 10.76 -37.29
CA GLN H 172 37.29 10.94 -38.38
C GLN H 172 37.47 12.43 -38.69
N PRO H 173 38.08 13.23 -37.79
CA PRO H 173 38.01 14.70 -37.85
C PRO H 173 38.67 15.48 -39.01
N ARG H 174 39.13 14.83 -40.08
CA ARG H 174 39.90 15.48 -41.17
C ARG H 174 39.65 14.79 -42.52
N GLU H 175 39.15 15.55 -43.52
CA GLU H 175 39.17 15.18 -44.98
C GLU H 175 38.73 16.38 -45.83
N GLY H 176 39.39 16.59 -46.98
CA GLY H 176 38.98 17.53 -48.05
C GLY H 176 39.45 18.95 -47.79
N ASN H 177 39.03 19.91 -48.63
CA ASN H 177 39.36 21.35 -48.48
C ASN H 177 38.41 22.27 -49.26
N SER H 178 37.23 22.59 -48.71
CA SER H 178 36.55 21.79 -47.70
C SER H 178 35.97 20.57 -48.42
N ILE H 179 34.72 20.65 -48.87
CA ILE H 179 34.18 19.92 -50.07
C ILE H 179 32.91 20.64 -50.54
N PHE H 180 32.19 21.26 -49.61
CA PHE H 180 30.75 21.01 -49.29
C PHE H 180 29.88 21.07 -50.57
N SER H 181 28.90 21.97 -50.62
CA SER H 181 27.73 21.85 -51.53
C SER H 181 26.95 23.17 -51.62
N SER H 182 25.71 23.08 -52.09
CA SER H 182 24.77 24.22 -52.31
C SER H 182 24.05 24.57 -50.99
N TYR H 183 23.56 23.56 -50.27
CA TYR H 183 22.73 23.70 -49.03
C TYR H 183 23.57 23.41 -47.77
N GLY H 184 24.88 23.64 -47.82
CA GLY H 184 25.84 23.04 -46.87
C GLY H 184 25.80 21.52 -46.99
N LEU H 185 26.60 20.77 -46.22
CA LEU H 185 26.84 19.35 -46.60
C LEU H 185 27.54 18.50 -45.52
N ALA H 186 27.42 17.17 -45.69
CA ALA H 186 28.42 16.14 -45.33
C ALA H 186 28.19 14.82 -46.10
N ASN H 187 27.84 14.86 -47.40
CA ASN H 187 27.42 13.67 -48.21
C ASN H 187 27.84 13.75 -49.68
N SER H 188 27.54 14.87 -50.37
CA SER H 188 27.33 15.01 -51.84
C SER H 188 28.38 14.26 -52.67
N GLU H 189 28.12 12.95 -52.90
CA GLU H 189 28.65 12.12 -54.02
C GLU H 189 30.18 11.94 -53.96
N ASN H 190 30.88 12.52 -52.98
CA ASN H 190 32.37 12.47 -52.87
C ASN H 190 32.80 12.26 -51.41
N SER H 191 32.24 13.01 -50.46
CA SER H 191 32.80 13.23 -49.10
C SER H 191 31.86 12.76 -48.01
N PHE H 192 32.44 12.38 -46.87
CA PHE H 192 31.82 12.40 -45.52
C PHE H 192 32.64 13.38 -44.66
N GLN H 193 32.68 14.64 -45.08
CA GLN H 193 33.47 15.72 -44.41
C GLN H 193 32.87 15.99 -43.04
N PRO H 194 33.67 15.94 -41.94
CA PRO H 194 33.20 16.36 -40.63
C PRO H 194 33.00 17.88 -40.51
N VAL H 195 32.46 18.31 -39.38
CA VAL H 195 32.25 19.75 -39.02
C VAL H 195 32.57 19.89 -37.53
N PRO H 196 33.42 20.87 -37.12
CA PRO H 196 33.85 21.00 -35.72
C PRO H 196 32.78 21.42 -34.69
N LEU H 197 31.48 21.32 -35.04
CA LEU H 197 30.31 21.54 -34.15
C LEU H 197 30.23 23.02 -33.75
N ALA I 1 -28.60 88.78 -11.49
CA ALA I 1 -27.58 89.84 -11.18
C ALA I 1 -26.76 90.16 -12.43
N MET I 2 -26.53 91.46 -12.69
CA MET I 2 -25.77 91.98 -13.87
C MET I 2 -26.45 91.45 -15.16
N PHE I 3 -27.65 91.95 -15.46
CA PHE I 3 -28.38 91.70 -16.73
C PHE I 3 -27.75 92.55 -17.84
N LEU I 4 -27.11 91.88 -18.80
CA LEU I 4 -26.56 92.45 -20.06
C LEU I 4 -27.29 91.82 -21.24
N GLN I 5 -27.21 92.41 -22.44
CA GLN I 5 -27.80 91.85 -23.69
C GLN I 5 -26.78 90.92 -24.36
N ARG I 6 -27.23 89.78 -24.90
CA ARG I 6 -26.37 88.81 -25.65
C ARG I 6 -25.71 89.51 -26.83
N PRO I 7 -24.47 89.14 -27.19
CA PRO I 7 -23.85 89.61 -28.43
C PRO I 7 -24.32 88.78 -29.65
N LYS I 8 -23.71 88.99 -30.82
CA LYS I 8 -24.14 88.42 -32.12
C LYS I 8 -23.47 87.08 -32.43
N PRO I 9 -22.30 86.72 -31.84
CA PRO I 9 -21.21 86.13 -32.61
C PRO I 9 -21.57 84.79 -33.27
N TYR I 10 -21.09 84.59 -34.50
CA TYR I 10 -21.30 83.39 -35.34
C TYR I 10 -20.53 82.19 -34.74
N SER I 11 -20.54 81.05 -35.44
CA SER I 11 -19.92 79.77 -35.00
C SER I 11 -18.38 79.87 -35.01
N ASP I 12 -17.69 78.75 -34.78
CA ASP I 12 -16.21 78.57 -34.87
C ASP I 12 -15.48 79.65 -34.05
N GLU I 13 -15.69 79.67 -32.73
CA GLU I 13 -14.88 80.43 -31.74
C GLU I 13 -14.87 79.66 -30.41
N SER I 14 -13.72 79.59 -29.73
CA SER I 14 -13.43 78.66 -28.60
C SER I 14 -13.76 79.29 -27.24
N LEU I 15 -14.85 80.08 -27.14
CA LEU I 15 -15.34 80.79 -25.92
C LEU I 15 -14.27 81.74 -25.34
N GLU I 16 -13.17 82.01 -26.05
CA GLU I 16 -12.23 83.12 -25.73
C GLU I 16 -12.76 84.37 -26.45
N SER I 17 -12.97 84.26 -27.76
CA SER I 17 -13.47 85.32 -28.67
C SER I 17 -14.95 85.64 -28.41
N PHE I 18 -15.71 84.70 -27.85
CA PHE I 18 -17.13 84.89 -27.42
C PHE I 18 -17.17 85.86 -26.23
N PHE I 19 -16.40 85.56 -25.18
CA PHE I 19 -16.30 86.35 -23.93
C PHE I 19 -15.77 87.77 -24.24
N ILE I 20 -14.91 87.92 -25.26
CA ILE I 20 -14.34 89.23 -25.70
C ILE I 20 -15.49 90.24 -25.87
N ARG I 21 -16.55 89.86 -26.57
CA ARG I 21 -17.74 90.73 -26.84
C ARG I 21 -18.84 90.47 -25.80
N VAL I 22 -18.46 89.99 -24.60
CA VAL I 22 -19.30 90.01 -23.36
C VAL I 22 -18.53 90.78 -22.26
N ALA I 23 -17.20 90.69 -22.24
CA ALA I 23 -16.29 91.32 -21.24
C ALA I 23 -15.85 92.72 -21.68
N ASN I 24 -16.36 93.25 -22.80
CA ASN I 24 -16.21 94.68 -23.19
C ASN I 24 -17.56 95.28 -23.63
N LYS I 25 -18.68 94.66 -23.25
CA LYS I 25 -20.06 95.19 -23.45
C LYS I 25 -20.47 96.02 -22.21
N ASN I 26 -20.10 95.55 -21.02
CA ASN I 26 -20.34 96.25 -19.72
C ASN I 26 -19.21 97.27 -19.47
N GLY I 27 -17.96 96.88 -19.70
CA GLY I 27 -16.77 97.71 -19.44
C GLY I 27 -15.50 96.87 -19.43
N TYR I 28 -14.77 96.85 -18.31
CA TYR I 28 -13.59 95.97 -18.06
C TYR I 28 -13.15 96.07 -16.60
N GLY I 29 -12.68 94.96 -16.03
CA GLY I 29 -12.10 94.86 -14.68
C GLY I 29 -10.58 94.75 -14.69
N ASP I 30 -10.01 94.31 -15.82
CA ASP I 30 -8.59 93.93 -15.98
C ASP I 30 -8.23 92.81 -15.00
N VAL I 31 -8.79 91.59 -15.19
CA VAL I 31 -9.86 91.25 -16.11
C VAL I 31 -10.96 90.50 -15.33
N HIS I 32 -10.94 90.54 -14.00
CA HIS I 32 -11.60 89.57 -13.08
C HIS I 32 -12.92 90.11 -12.49
N ARG I 33 -13.22 91.41 -12.66
CA ARG I 33 -14.46 92.07 -12.16
C ARG I 33 -15.68 91.25 -12.59
N PHE I 34 -15.85 91.06 -13.91
CA PHE I 34 -17.02 90.37 -14.53
C PHE I 34 -16.97 88.87 -14.21
N LEU I 35 -15.77 88.28 -14.12
CA LEU I 35 -15.56 86.84 -13.81
C LEU I 35 -16.02 86.55 -12.37
N GLU I 36 -15.65 87.41 -11.41
CA GLU I 36 -16.10 87.32 -10.00
C GLU I 36 -17.60 87.66 -9.92
N ALA I 37 -18.04 88.67 -10.68
CA ALA I 37 -19.46 89.11 -10.77
C ALA I 37 -20.36 87.95 -11.26
N THR I 38 -19.88 87.16 -12.23
CA THR I 38 -20.61 85.98 -12.79
C THR I 38 -20.62 84.83 -11.77
N LYS I 39 -19.49 84.61 -11.06
CA LYS I 39 -19.38 83.60 -9.97
C LYS I 39 -20.36 83.95 -8.85
N ARG I 40 -20.36 85.21 -8.39
CA ARG I 40 -21.25 85.68 -7.29
C ARG I 40 -22.69 85.85 -7.80
N PHE I 41 -22.88 86.04 -9.11
CA PHE I 41 -24.21 85.98 -9.77
C PHE I 41 -24.79 84.57 -9.58
N LEU I 42 -23.99 83.55 -9.87
CA LEU I 42 -24.37 82.12 -9.69
C LEU I 42 -24.58 81.81 -8.20
N GLN I 43 -23.80 82.44 -7.30
CA GLN I 43 -23.85 82.18 -5.84
C GLN I 43 -25.06 82.88 -5.19
N ASP I 44 -25.66 83.89 -5.84
CA ASP I 44 -26.91 84.52 -5.35
C ASP I 44 -28.09 83.56 -5.62
N ILE I 45 -27.97 82.68 -6.62
CA ILE I 45 -28.86 81.49 -6.82
C ILE I 45 -28.38 80.37 -5.89
N ASP I 46 -27.06 80.24 -5.71
CA ASP I 46 -26.38 79.24 -4.85
C ASP I 46 -26.66 77.84 -5.40
N HIS I 47 -25.92 77.45 -6.45
CA HIS I 47 -25.88 76.05 -6.98
C HIS I 47 -25.04 75.20 -6.04
N ASN I 48 -25.25 73.88 -6.07
CA ASN I 48 -24.49 72.88 -5.26
C ASN I 48 -23.04 72.85 -5.74
N GLY I 49 -22.11 73.35 -4.92
CA GLY I 49 -20.69 73.56 -5.28
C GLY I 49 -20.56 74.71 -6.27
N TYR I 50 -20.99 75.91 -5.85
CA TYR I 50 -21.17 77.12 -6.72
C TYR I 50 -19.80 77.69 -7.14
N GLN I 51 -18.78 77.61 -6.27
CA GLN I 51 -17.48 78.31 -6.43
C GLN I 51 -16.60 77.61 -7.47
N THR I 52 -17.02 76.45 -8.00
CA THR I 52 -16.31 75.67 -9.05
C THR I 52 -16.27 76.49 -10.36
N PHE I 53 -15.34 77.46 -10.43
CA PHE I 53 -15.04 78.30 -11.62
C PHE I 53 -13.63 78.88 -11.47
N PRO I 54 -12.78 78.85 -12.52
CA PRO I 54 -11.41 79.35 -12.43
C PRO I 54 -11.37 80.89 -12.46
N THR I 55 -10.51 81.49 -11.64
CA THR I 55 -10.34 82.95 -11.48
C THR I 55 -9.69 83.52 -12.75
N ASP I 56 -8.65 82.85 -13.25
CA ASP I 56 -7.91 83.18 -14.51
C ASP I 56 -8.67 82.56 -15.69
N ILE I 57 -8.25 82.90 -16.92
CA ILE I 57 -8.79 82.34 -18.20
C ILE I 57 -8.23 80.93 -18.45
N THR I 58 -7.39 80.39 -17.54
CA THR I 58 -6.98 78.96 -17.53
C THR I 58 -8.21 78.10 -17.19
N ARG I 59 -8.41 76.99 -17.90
CA ARG I 59 -9.46 75.95 -17.64
C ARG I 59 -10.85 76.54 -17.89
N ILE I 60 -11.01 77.38 -18.91
CA ILE I 60 -12.31 78.07 -19.23
C ILE I 60 -13.31 77.06 -19.83
N ASN I 61 -12.82 75.96 -20.42
CA ASN I 61 -13.66 74.85 -20.95
C ASN I 61 -13.40 73.59 -20.14
N PRO I 62 -14.41 72.71 -19.97
CA PRO I 62 -14.25 71.47 -19.21
C PRO I 62 -13.51 70.37 -20.00
N TYR I 63 -12.21 70.57 -20.25
CA TYR I 63 -11.28 69.60 -20.91
C TYR I 63 -10.02 69.40 -20.05
N SER I 64 -9.49 70.46 -19.43
CA SER I 64 -8.32 70.44 -18.51
C SER I 64 -8.76 70.43 -17.04
N ALA I 65 -10.07 70.43 -16.76
CA ALA I 65 -10.64 70.33 -15.40
C ALA I 65 -10.53 68.88 -14.91
N LYS I 66 -10.41 68.69 -13.58
CA LYS I 66 -10.04 67.39 -12.95
C LYS I 66 -11.26 66.45 -12.95
N ASN I 67 -12.30 66.77 -12.16
CA ASN I 67 -13.44 65.86 -11.88
C ASN I 67 -14.77 66.58 -12.20
N SER I 68 -15.12 67.62 -11.44
CA SER I 68 -16.46 68.27 -11.48
C SER I 68 -16.56 69.18 -12.71
N SER I 69 -16.51 68.58 -13.90
CA SER I 69 -16.68 69.23 -15.23
C SER I 69 -18.17 69.33 -15.57
N SER I 70 -19.03 68.58 -14.87
CA SER I 70 -20.50 68.55 -15.03
C SER I 70 -21.13 69.82 -14.43
N ALA I 71 -20.79 70.13 -13.18
CA ALA I 71 -21.24 71.33 -12.43
C ALA I 71 -20.96 72.60 -13.26
N ARG I 72 -19.86 72.63 -14.00
CA ARG I 72 -19.49 73.72 -14.95
C ARG I 72 -20.55 73.85 -16.04
N THR I 73 -21.03 72.73 -16.59
CA THR I 73 -22.09 72.71 -17.63
C THR I 73 -23.47 72.97 -16.99
N ALA I 74 -23.66 72.60 -15.71
CA ALA I 74 -24.85 72.95 -14.91
C ALA I 74 -24.86 74.47 -14.64
N SER I 75 -23.68 75.11 -14.57
CA SER I 75 -23.53 76.59 -14.60
C SER I 75 -23.99 77.09 -15.99
N PHE I 76 -23.24 76.74 -17.05
CA PHE I 76 -23.46 77.18 -18.45
C PHE I 76 -24.93 77.00 -18.84
N LEU I 77 -25.57 75.92 -18.37
CA LEU I 77 -27.03 75.65 -18.51
C LEU I 77 -27.83 76.89 -18.09
N LYS I 78 -27.72 77.29 -16.81
CA LYS I 78 -28.51 78.42 -16.23
C LYS I 78 -27.98 79.75 -16.76
N LEU I 79 -26.64 79.86 -16.92
CA LEU I 79 -25.95 81.03 -17.53
C LEU I 79 -26.48 81.29 -18.95
N ALA I 80 -26.94 80.25 -19.67
CA ALA I 80 -27.42 80.33 -21.06
C ALA I 80 -28.90 79.95 -21.21
N GLN I 81 -29.67 79.84 -20.11
CA GLN I 81 -31.12 79.52 -20.15
C GLN I 81 -31.93 80.82 -20.26
N LEU I 82 -31.80 81.72 -19.27
CA LEU I 82 -32.63 82.94 -19.12
C LEU I 82 -31.86 83.98 -18.29
N THR I 83 -30.82 84.58 -18.88
CA THR I 83 -29.95 85.61 -18.23
C THR I 83 -29.76 86.82 -19.16
N PHE I 84 -29.23 86.62 -20.38
CA PHE I 84 -28.59 87.68 -21.21
C PHE I 84 -29.41 87.96 -22.48
N ASN I 85 -30.68 88.32 -22.33
CA ASN I 85 -31.59 88.92 -23.35
C ASN I 85 -31.65 88.11 -24.65
N GLU I 86 -32.13 86.87 -24.64
CA GLU I 86 -32.30 86.03 -23.46
C GLU I 86 -31.38 84.82 -23.54
N PRO I 87 -31.39 83.97 -24.61
CA PRO I 87 -30.50 82.82 -24.69
C PRO I 87 -29.23 83.08 -25.51
N PRO I 88 -28.03 83.09 -24.87
CA PRO I 88 -26.76 83.20 -25.59
C PRO I 88 -26.29 81.87 -26.22
N GLU I 89 -25.12 81.89 -26.88
CA GLU I 89 -24.54 80.74 -27.63
C GLU I 89 -23.48 80.05 -26.76
N LEU I 90 -23.94 79.25 -25.78
CA LEU I 90 -23.09 78.35 -24.93
C LEU I 90 -23.24 76.91 -25.44
N LEU I 91 -22.65 75.95 -24.73
CA LEU I 91 -22.78 74.47 -24.92
C LEU I 91 -22.99 74.13 -26.41
N GLY I 92 -21.92 74.20 -27.20
CA GLY I 92 -21.95 74.14 -28.67
C GLY I 92 -20.64 74.52 -29.30
N LEU I 93 -19.92 75.49 -28.72
CA LEU I 93 -18.51 75.82 -29.06
C LEU I 93 -17.62 75.74 -27.81
N ALA I 94 -18.04 75.00 -26.79
CA ALA I 94 -17.27 74.70 -25.56
C ALA I 94 -16.67 73.30 -25.69
N ILE I 95 -15.33 73.20 -25.61
CA ILE I 95 -14.58 71.93 -25.77
C ILE I 95 -14.72 71.10 -24.49
N ASN I 96 -15.55 70.05 -24.54
CA ASN I 96 -15.72 69.04 -23.47
C ASN I 96 -14.93 67.78 -23.85
N ARG I 97 -15.07 66.69 -23.09
CA ARG I 97 -14.45 65.38 -23.38
C ARG I 97 -15.55 64.34 -23.65
N THR I 98 -15.17 63.22 -24.28
CA THR I 98 -16.00 62.02 -24.58
C THR I 98 -15.29 60.78 -24.01
N ASN I 99 -15.76 59.57 -24.36
CA ASN I 99 -15.22 58.27 -23.89
C ASN I 99 -14.53 57.51 -25.04
N MET I 100 -14.56 58.02 -26.27
CA MET I 100 -14.00 57.34 -27.47
C MET I 100 -12.48 57.55 -27.49
N LYS I 101 -11.78 56.83 -26.59
CA LYS I 101 -10.38 57.11 -26.20
C LYS I 101 -9.42 56.21 -27.00
N TYR I 102 -8.80 56.77 -28.04
CA TYR I 102 -7.69 56.20 -28.84
C TYR I 102 -6.52 57.19 -28.80
N SER I 103 -6.79 58.46 -29.14
CA SER I 103 -6.07 59.69 -28.74
C SER I 103 -7.06 60.49 -27.90
N PRO I 104 -7.06 60.31 -26.55
CA PRO I 104 -8.30 60.23 -25.78
C PRO I 104 -9.22 61.46 -25.78
N SER I 105 -10.17 61.47 -26.72
CA SER I 105 -11.50 62.12 -26.62
C SER I 105 -11.38 63.64 -26.46
N THR I 106 -10.95 64.33 -27.54
CA THR I 106 -10.98 65.81 -27.67
C THR I 106 -12.24 66.18 -28.46
N SER I 107 -13.32 66.54 -27.75
CA SER I 107 -14.66 66.85 -28.31
C SER I 107 -14.93 68.35 -28.23
N ALA I 108 -14.48 69.10 -29.24
CA ALA I 108 -14.63 70.57 -29.36
C ALA I 108 -16.10 70.92 -29.61
N VAL I 109 -16.67 70.39 -30.70
CA VAL I 109 -18.06 70.68 -31.18
C VAL I 109 -18.77 69.35 -31.48
N VAL I 110 -18.28 68.61 -32.49
CA VAL I 110 -18.85 67.32 -32.99
C VAL I 110 -17.72 66.27 -33.01
N ARG I 111 -16.90 66.23 -31.96
CA ARG I 111 -15.71 65.34 -31.81
C ARG I 111 -14.77 65.57 -33.01
N GLY I 112 -14.37 66.83 -33.23
CA GLY I 112 -13.46 67.24 -34.31
C GLY I 112 -12.11 67.67 -33.79
N ALA I 113 -11.33 66.73 -33.24
CA ALA I 113 -9.95 66.95 -32.72
C ALA I 113 -9.37 65.67 -32.11
N GLU I 114 -8.04 65.67 -31.90
CA GLU I 114 -7.27 64.66 -31.11
C GLU I 114 -6.55 65.37 -29.96
N VAL I 115 -5.87 64.60 -29.09
CA VAL I 115 -5.18 65.10 -27.87
C VAL I 115 -3.73 65.43 -28.22
N PHE I 116 -3.36 66.70 -28.08
CA PHE I 116 -1.96 67.22 -28.04
C PHE I 116 -2.02 68.67 -27.52
N PRO I 117 -1.10 69.08 -26.61
CA PRO I 117 -1.27 70.32 -25.86
C PRO I 117 -1.21 71.61 -26.69
N ARG I 118 -1.90 72.65 -26.23
CA ARG I 118 -2.06 73.97 -26.90
C ARG I 118 -1.65 75.09 -25.95
N SER I 119 -0.39 75.53 -26.03
CA SER I 119 0.20 76.65 -25.25
C SER I 119 0.26 77.91 -26.12
N LEU I 120 0.96 77.83 -27.25
CA LEU I 120 1.22 78.94 -28.21
C LEU I 120 0.41 78.71 -29.48
N LEU I 121 -0.58 79.58 -29.74
CA LEU I 121 -1.37 79.61 -31.01
C LEU I 121 -0.97 80.88 -31.78
N ARG I 122 -1.05 82.06 -31.14
CA ARG I 122 -0.43 83.35 -31.54
C ARG I 122 -0.31 83.49 -33.06
N THR I 123 -1.34 83.09 -33.82
CA THR I 123 -1.30 83.00 -35.31
C THR I 123 -1.74 84.35 -35.90
N HIS I 124 -3.04 84.63 -35.92
CA HIS I 124 -3.63 85.83 -36.59
C HIS I 124 -5.10 86.00 -36.24
N SER I 125 -5.59 87.23 -36.35
CA SER I 125 -7.02 87.63 -36.38
C SER I 125 -7.10 89.09 -36.84
N ILE I 126 -7.32 89.31 -38.14
CA ILE I 126 -7.49 90.66 -38.78
C ILE I 126 -8.55 91.42 -38.00
N PRO I 127 -9.79 91.67 -38.50
CA PRO I 127 -10.99 91.48 -37.68
C PRO I 127 -11.99 90.43 -38.17
N CYS I 128 -12.30 89.45 -37.31
CA CYS I 128 -13.53 88.61 -37.38
C CYS I 128 -13.77 87.96 -36.00
N CYS I 129 -12.86 87.08 -35.57
CA CYS I 129 -12.80 86.40 -34.24
C CYS I 129 -12.16 85.01 -34.41
N PRO I 130 -10.98 84.74 -33.79
CA PRO I 130 -10.27 83.48 -34.01
C PRO I 130 -10.73 82.30 -33.13
N LEU I 131 -10.88 81.11 -33.73
CA LEU I 131 -10.82 79.79 -33.05
C LEU I 131 -9.36 79.33 -33.09
N CYS I 132 -8.85 79.04 -34.29
CA CYS I 132 -7.41 78.86 -34.64
C CYS I 132 -6.64 78.05 -33.58
N LEU I 133 -7.30 77.06 -32.94
CA LEU I 133 -6.77 76.38 -31.73
C LEU I 133 -6.00 75.12 -32.13
N ARG I 134 -6.70 74.02 -32.46
CA ARG I 134 -6.20 72.62 -32.31
C ARG I 134 -5.01 72.35 -33.25
N GLU I 135 -5.25 71.98 -34.52
CA GLU I 135 -4.18 71.57 -35.48
C GLU I 135 -4.27 72.43 -36.75
N ASN I 136 -4.93 73.59 -36.69
CA ASN I 136 -5.16 74.47 -37.86
C ASN I 136 -3.80 75.01 -38.33
N GLY I 137 -2.98 75.52 -37.40
CA GLY I 137 -1.64 76.07 -37.65
C GLY I 137 -1.61 77.01 -38.85
N TYR I 138 -1.51 76.43 -40.06
CA TYR I 138 -1.60 77.13 -41.37
C TYR I 138 -2.98 76.81 -41.99
N ALA I 139 -4.06 77.05 -41.22
CA ALA I 139 -5.46 76.79 -41.64
C ALA I 139 -6.43 77.80 -41.01
N SER I 140 -6.36 79.05 -41.48
CA SER I 140 -7.45 80.06 -41.39
C SER I 140 -7.56 80.74 -42.75
N TYR I 141 -8.72 80.59 -43.41
CA TYR I 141 -8.93 80.59 -44.89
C TYR I 141 -7.67 81.07 -45.65
N LEU I 142 -7.22 82.31 -45.45
CA LEU I 142 -5.90 82.80 -45.96
C LEU I 142 -5.02 83.19 -44.76
N TRP I 143 -5.27 84.35 -44.13
CA TRP I 143 -4.61 84.81 -42.87
C TRP I 143 -3.13 84.43 -42.90
N HIS I 144 -2.36 85.15 -43.72
CA HIS I 144 -1.21 84.63 -44.51
C HIS I 144 -0.09 84.06 -43.64
N PHE I 145 -0.12 82.74 -43.46
CA PHE I 145 1.04 81.79 -43.45
C PHE I 145 1.90 81.89 -42.18
N GLN I 146 1.37 82.46 -41.09
CA GLN I 146 1.63 82.06 -39.67
C GLN I 146 2.11 83.23 -38.81
N GLY I 147 1.74 83.17 -37.53
CA GLY I 147 2.53 83.65 -36.39
C GLY I 147 2.46 85.15 -36.17
N TYR I 148 3.02 85.59 -35.05
CA TYR I 148 3.11 87.00 -34.59
C TYR I 148 4.49 87.22 -33.95
N GLU I 149 5.20 88.26 -34.39
CA GLU I 149 6.66 88.45 -34.16
C GLU I 149 6.89 89.04 -32.75
N TYR I 150 6.56 90.32 -32.57
CA TYR I 150 6.96 91.16 -31.40
C TYR I 150 5.84 92.14 -31.04
N CYS I 151 5.97 92.79 -29.87
CA CYS I 151 5.03 93.82 -29.34
C CYS I 151 5.05 95.09 -30.21
N HIS I 152 4.30 96.12 -29.78
CA HIS I 152 4.12 97.46 -30.43
C HIS I 152 2.96 97.43 -31.45
N SER I 153 2.38 96.26 -31.73
CA SER I 153 0.98 96.09 -32.20
C SER I 153 0.14 95.64 -30.99
N HIS I 154 0.37 94.42 -30.52
CA HIS I 154 0.24 93.96 -29.11
C HIS I 154 -0.91 94.65 -28.37
N ASN I 155 -2.17 94.28 -28.66
CA ASN I 155 -2.66 93.74 -29.93
C ASN I 155 -4.05 94.36 -30.13
N VAL I 156 -4.86 93.88 -31.07
CA VAL I 156 -6.28 94.32 -31.21
C VAL I 156 -7.10 93.68 -30.09
N PRO I 157 -7.20 92.33 -29.97
CA PRO I 157 -8.03 91.71 -28.94
C PRO I 157 -7.26 91.14 -27.73
N LEU I 158 -7.44 91.78 -26.56
CA LEU I 158 -7.16 91.24 -25.20
C LEU I 158 -5.88 90.40 -25.18
N ILE I 159 -4.75 91.07 -24.94
CA ILE I 159 -3.35 90.50 -24.93
C ILE I 159 -3.30 89.27 -24.02
N THR I 160 -4.03 89.29 -22.90
CA THR I 160 -4.06 88.22 -21.86
C THR I 160 -4.41 86.85 -22.45
N THR I 161 -5.31 86.81 -23.46
CA THR I 161 -5.84 85.55 -24.04
C THR I 161 -4.76 84.89 -24.91
N CYS I 162 -4.42 85.53 -26.04
CA CYS I 162 -3.51 84.99 -27.10
C CYS I 162 -2.39 85.98 -27.42
N SER I 163 -2.75 87.21 -27.81
CA SER I 163 -1.85 88.28 -28.34
C SER I 163 -1.19 87.77 -29.63
N GLY I 164 8.55 73.73 -50.86
CA GLY I 164 7.08 73.60 -50.78
C GLY I 164 6.37 74.93 -50.97
N HIS I 165 5.09 74.89 -51.36
CA HIS I 165 4.23 76.09 -51.61
C HIS I 165 2.75 75.70 -51.50
N GLU I 166 2.00 76.38 -50.62
CA GLU I 166 0.56 76.12 -50.32
C GLU I 166 0.36 74.65 -49.96
N ALA I 167 1.35 74.06 -49.28
CA ALA I 167 1.47 72.60 -49.02
C ALA I 167 0.65 72.22 -47.78
N ALA I 168 0.81 72.97 -46.69
CA ALA I 168 0.23 72.68 -45.36
C ALA I 168 -1.13 73.37 -45.17
N CYS I 169 -1.54 74.26 -46.08
CA CYS I 169 -2.88 74.93 -46.07
C CYS I 169 -3.90 74.17 -46.93
N THR I 170 -3.47 73.12 -47.66
CA THR I 170 -4.34 72.28 -48.53
C THR I 170 -4.63 70.94 -47.84
N VAL I 171 -3.68 70.39 -47.06
CA VAL I 171 -3.90 69.20 -46.18
C VAL I 171 -4.90 69.59 -45.07
N SER I 172 -4.73 70.78 -44.48
CA SER I 172 -5.75 71.49 -43.68
C SER I 172 -6.62 72.28 -44.66
N ASN I 173 -7.67 72.99 -44.18
CA ASN I 173 -8.77 73.48 -45.06
C ASN I 173 -9.39 72.23 -45.70
N TRP I 174 -10.21 71.54 -44.89
CA TRP I 174 -10.53 70.08 -44.90
C TRP I 174 -10.19 69.55 -43.49
N LEU I 175 -9.48 70.34 -42.68
CA LEU I 175 -9.47 70.18 -41.20
C LEU I 175 -10.72 70.86 -40.63
N ALA I 176 -11.15 71.98 -41.23
CA ALA I 176 -12.43 72.67 -40.96
C ALA I 176 -12.83 73.55 -42.16
N GLY I 177 -12.75 72.99 -43.37
CA GLY I 177 -12.77 73.73 -44.65
C GLY I 177 -13.89 73.26 -45.58
N HIS I 178 -13.75 73.55 -46.87
CA HIS I 178 -14.85 73.44 -47.88
C HIS I 178 -14.77 72.11 -48.64
N GLU I 179 -13.81 71.96 -49.57
CA GLU I 179 -13.75 70.80 -50.51
C GLU I 179 -12.34 70.17 -50.52
N SER I 180 -11.28 70.96 -50.71
CA SER I 180 -9.87 70.50 -50.83
C SER I 180 -9.75 69.41 -51.90
N LYS I 181 -9.65 69.83 -53.16
CA LYS I 181 -9.78 69.00 -54.39
C LYS I 181 -9.27 67.57 -54.18
N PRO I 182 -7.99 67.34 -53.78
CA PRO I 182 -7.44 65.97 -53.76
C PRO I 182 -7.89 65.07 -52.59
N LEU I 183 -8.64 65.60 -51.62
CA LEU I 183 -8.95 64.91 -50.33
C LEU I 183 -10.36 64.31 -50.37
N PRO I 184 -10.64 63.24 -49.58
CA PRO I 184 -11.83 62.40 -49.79
C PRO I 184 -13.22 62.98 -49.46
N ASN I 185 -13.31 64.24 -49.01
CA ASN I 185 -14.59 64.98 -48.77
C ASN I 185 -15.46 64.23 -47.74
N LEU I 186 -14.85 63.64 -46.72
CA LEU I 186 -15.56 62.84 -45.66
C LEU I 186 -15.76 63.71 -44.42
N PRO I 187 -16.73 63.40 -43.52
CA PRO I 187 -17.03 64.26 -42.36
C PRO I 187 -15.80 64.71 -41.54
N LYS I 188 -15.75 66.01 -41.21
CA LYS I 188 -14.60 66.71 -40.56
C LYS I 188 -14.05 65.86 -39.41
N SER I 189 -14.92 65.34 -38.54
CA SER I 189 -14.58 64.53 -37.33
C SER I 189 -13.67 63.34 -37.70
N TYR I 190 -13.85 62.77 -38.90
CA TYR I 190 -13.05 61.63 -39.43
C TYR I 190 -11.79 62.15 -40.13
N ARG I 191 -11.83 63.37 -40.69
CA ARG I 191 -10.66 64.04 -41.35
C ARG I 191 -9.55 64.22 -40.31
N TRP I 192 -9.93 64.50 -39.05
CA TRP I 192 -9.06 64.53 -37.85
C TRP I 192 -8.43 63.14 -37.63
N GLY I 193 -9.25 62.08 -37.66
CA GLY I 193 -8.83 60.67 -37.56
C GLY I 193 -7.82 60.31 -38.65
N LEU I 194 -8.07 60.77 -39.89
CA LEU I 194 -7.19 60.53 -41.07
C LEU I 194 -5.82 61.18 -40.86
N VAL I 195 -5.78 62.46 -40.42
CA VAL I 195 -4.51 63.19 -40.17
C VAL I 195 -3.82 62.58 -38.93
N HIS I 196 -4.58 62.14 -37.93
CA HIS I 196 -4.05 61.41 -36.74
C HIS I 196 -3.42 60.07 -37.18
N TRP I 197 -4.06 59.35 -38.11
CA TRP I 197 -3.56 58.03 -38.62
C TRP I 197 -2.13 58.17 -39.14
N TRP I 198 -1.77 59.33 -39.71
CA TRP I 198 -0.40 59.64 -40.22
C TRP I 198 0.62 59.60 -39.07
N MET I 199 0.18 59.84 -37.83
CA MET I 199 0.95 59.52 -36.59
C MET I 199 0.79 58.03 -36.30
N GLY I 200 1.87 57.26 -36.42
CA GLY I 200 1.88 55.78 -36.54
C GLY I 200 2.55 55.35 -37.83
N ILE I 201 2.46 56.18 -38.88
CA ILE I 201 3.25 56.05 -40.13
C ILE I 201 4.61 56.72 -39.89
N LYS I 202 5.67 56.20 -40.54
CA LYS I 202 7.11 56.61 -40.43
C LYS I 202 7.31 57.71 -39.39
N ASP I 203 6.85 58.95 -39.67
CA ASP I 203 7.02 60.13 -38.79
C ASP I 203 6.04 60.05 -37.60
N SER I 204 6.35 59.21 -36.62
CA SER I 204 5.56 59.01 -35.38
C SER I 204 5.78 60.19 -34.43
N ASP I 205 3.66 64.51 -41.40
CA ASP I 205 2.54 65.12 -40.63
C ASP I 205 1.58 65.86 -41.59
N HIS I 206 2.11 66.49 -42.63
CA HIS I 206 1.37 67.25 -43.68
C HIS I 206 1.87 66.81 -45.06
N PHE I 207 1.69 67.65 -46.10
CA PHE I 207 2.02 67.42 -47.54
C PHE I 207 3.08 66.33 -47.74
N SER I 208 2.85 65.48 -48.76
CA SER I 208 3.34 64.08 -48.88
C SER I 208 2.67 63.26 -47.78
N PHE I 209 1.47 62.75 -48.09
CA PHE I 209 0.29 62.54 -47.22
C PHE I 209 -0.93 63.17 -47.91
N VAL I 210 -0.71 64.11 -48.85
CA VAL I 210 -1.70 64.55 -49.86
C VAL I 210 -1.48 63.75 -51.15
N GLN I 211 -0.23 63.49 -51.53
CA GLN I 211 0.17 62.65 -52.70
C GLN I 211 -0.19 61.18 -52.44
N PHE I 212 -0.37 60.78 -51.17
CA PHE I 212 -0.88 59.45 -50.76
C PHE I 212 -2.35 59.31 -51.16
N PHE I 213 -3.16 60.34 -50.90
CA PHE I 213 -4.61 60.39 -51.23
C PHE I 213 -4.80 60.54 -52.74
N SER I 214 -3.86 61.20 -53.43
CA SER I 214 -3.67 61.09 -54.89
C SER I 214 -3.18 59.67 -55.20
N ASN I 215 -3.77 58.99 -56.17
CA ASN I 215 -3.51 57.55 -56.48
C ASN I 215 -4.00 56.72 -55.28
N TRP I 216 -5.21 57.01 -54.78
CA TRP I 216 -5.77 56.52 -53.49
C TRP I 216 -5.82 55.00 -53.44
N PRO I 217 -6.62 54.32 -54.31
CA PRO I 217 -6.91 52.89 -54.12
C PRO I 217 -5.74 51.94 -54.45
N ARG I 218 -4.57 52.47 -54.79
CA ARG I 218 -3.31 51.70 -55.05
C ARG I 218 -2.26 52.00 -53.97
N SER I 219 -2.22 53.25 -53.46
CA SER I 219 -1.24 53.72 -52.44
C SER I 219 -1.34 52.89 -51.17
N PHE I 220 -2.56 52.75 -50.61
CA PHE I 220 -2.83 51.97 -49.37
C PHE I 220 -2.59 50.48 -49.65
N HIS I 221 -3.05 49.98 -50.80
CA HIS I 221 -2.85 48.58 -51.27
C HIS I 221 -1.35 48.25 -51.30
N SER I 222 -0.52 49.17 -51.83
CA SER I 222 0.96 49.07 -51.87
C SER I 222 1.52 48.96 -50.44
N ILE I 223 1.08 49.83 -49.54
CA ILE I 223 1.50 49.83 -48.09
C ILE I 223 1.13 48.48 -47.47
N ILE I 224 -0.13 48.05 -47.64
CA ILE I 224 -0.65 46.77 -47.07
C ILE I 224 0.20 45.61 -47.61
N GLU I 225 0.30 45.50 -48.94
CA GLU I 225 0.97 44.37 -49.64
C GLU I 225 2.43 44.25 -49.19
N ASP I 226 3.19 45.35 -49.25
CA ASP I 226 4.64 45.38 -48.94
C ASP I 226 4.86 45.10 -47.44
N GLU I 227 3.96 45.57 -46.57
CA GLU I 227 4.05 45.37 -45.10
C GLU I 227 3.84 43.89 -44.74
N VAL I 228 2.82 43.24 -45.33
CA VAL I 228 2.55 41.78 -45.11
C VAL I 228 3.66 40.97 -45.79
N GLU I 229 4.14 41.40 -46.97
CA GLU I 229 5.29 40.77 -47.68
C GLU I 229 6.51 40.75 -46.75
N PHE I 230 6.81 41.89 -46.10
CA PHE I 230 7.96 42.05 -45.16
C PHE I 230 7.78 41.13 -43.94
N ASN I 231 6.64 41.24 -43.27
CA ASN I 231 6.26 40.44 -42.07
C ASN I 231 6.31 38.94 -42.39
N LEU I 232 5.92 38.55 -43.62
CA LEU I 232 5.91 37.13 -44.07
C LEU I 232 7.34 36.67 -44.39
N GLU I 233 8.12 37.47 -45.13
CA GLU I 233 9.51 37.12 -45.53
C GLU I 233 10.42 37.06 -44.28
N HIS I 234 10.24 38.01 -43.35
CA HIS I 234 10.98 38.06 -42.05
C HIS I 234 10.12 37.46 -40.92
N ALA I 235 9.28 36.47 -41.23
CA ALA I 235 8.49 35.69 -40.24
C ALA I 235 9.42 34.70 -39.54
N VAL I 236 9.19 34.48 -38.24
CA VAL I 236 10.05 33.66 -37.33
C VAL I 236 9.37 32.33 -37.00
N VAL I 237 8.03 32.28 -36.97
CA VAL I 237 7.27 31.07 -36.49
C VAL I 237 7.27 30.02 -37.61
N SER I 238 6.40 30.16 -38.62
CA SER I 238 6.20 29.17 -39.71
C SER I 238 5.36 29.77 -40.85
N THR I 239 5.08 28.97 -41.89
CA THR I 239 4.13 29.29 -42.99
C THR I 239 2.70 29.30 -42.44
N SER I 240 2.36 28.32 -41.60
CA SER I 240 1.17 28.30 -40.71
C SER I 240 1.59 28.86 -39.35
N GLU I 241 0.76 28.73 -38.31
CA GLU I 241 1.08 29.09 -36.90
C GLU I 241 1.22 30.61 -36.72
N LEU I 242 1.14 31.39 -37.81
CA LEU I 242 1.23 32.88 -37.77
C LEU I 242 -0.07 33.43 -37.19
N ARG I 243 0.03 34.40 -36.28
CA ARG I 243 -1.12 35.06 -35.63
C ARG I 243 -1.61 36.21 -36.52
N LEU I 244 -2.68 36.90 -36.09
CA LEU I 244 -3.16 38.15 -36.75
C LEU I 244 -2.14 39.27 -36.51
N LYS I 245 -1.46 39.24 -35.36
CA LYS I 245 -0.20 40.00 -35.11
C LYS I 245 0.98 39.23 -35.71
N ASP I 246 2.13 39.88 -35.86
CA ASP I 246 3.37 39.35 -36.51
C ASP I 246 3.21 39.33 -38.04
N LEU I 247 2.02 39.70 -38.57
CA LEU I 247 1.70 39.77 -40.01
C LEU I 247 0.34 40.47 -40.18
N LEU I 248 0.35 41.72 -40.64
CA LEU I 248 -0.84 42.62 -40.70
C LEU I 248 -1.39 42.80 -39.29
N GLY I 249 -0.51 43.13 -38.33
CA GLY I 249 -0.83 43.24 -36.90
C GLY I 249 -1.00 44.68 -36.47
N ARG I 250 0.04 45.49 -36.66
CA ARG I 250 0.15 46.88 -36.11
C ARG I 250 -0.84 47.83 -36.81
N LEU I 251 -0.97 47.74 -38.14
CA LEU I 251 -1.77 48.69 -38.97
C LEU I 251 -3.21 48.20 -39.13
N PHE I 252 -3.56 47.01 -38.61
CA PHE I 252 -4.95 46.48 -38.60
C PHE I 252 -5.68 46.99 -37.35
N PHE I 253 -5.12 46.72 -36.16
CA PHE I 253 -5.71 47.08 -34.84
C PHE I 253 -5.60 48.60 -34.60
N GLY I 254 -4.49 49.21 -35.06
CA GLY I 254 -4.28 50.67 -35.02
C GLY I 254 -5.23 51.43 -35.93
N SER I 255 -5.75 50.78 -36.98
CA SER I 255 -6.67 51.36 -38.00
C SER I 255 -8.13 51.37 -37.51
N ILE I 256 -8.42 50.80 -36.34
CA ILE I 256 -9.82 50.66 -35.80
C ILE I 256 -10.10 51.87 -34.91
N ARG I 257 -11.34 52.39 -34.97
CA ARG I 257 -11.86 53.52 -34.16
C ARG I 257 -11.05 54.78 -34.45
N LEU I 258 -11.19 55.30 -35.68
CA LEU I 258 -10.59 56.57 -36.18
C LEU I 258 -11.71 57.51 -36.65
N PRO I 259 -12.49 58.14 -35.74
CA PRO I 259 -12.45 57.88 -34.30
C PRO I 259 -13.43 56.82 -33.77
N GLU I 260 -14.14 56.11 -34.65
CA GLU I 260 -15.16 55.08 -34.28
C GLU I 260 -15.26 54.03 -35.40
N ARG I 261 -15.74 52.82 -35.08
CA ARG I 261 -15.97 51.71 -36.05
C ARG I 261 -17.16 52.05 -36.96
N ASN I 262 -16.98 53.03 -37.83
CA ASN I 262 -17.82 53.29 -39.04
C ASN I 262 -17.03 52.75 -40.23
N LEU I 263 -17.67 52.54 -41.38
CA LEU I 263 -17.00 52.09 -42.64
C LEU I 263 -17.34 53.00 -43.83
N GLN I 264 -18.51 53.67 -43.83
CA GLN I 264 -18.84 54.70 -44.85
C GLN I 264 -18.02 55.98 -44.62
N HIS I 265 -17.46 56.15 -43.41
CA HIS I 265 -16.61 57.32 -43.02
C HIS I 265 -15.14 56.89 -42.88
N ASN I 266 -14.85 55.90 -42.03
CA ASN I 266 -13.47 55.37 -41.80
C ASN I 266 -13.01 54.68 -43.09
N ILE I 267 -12.39 55.46 -43.99
CA ILE I 267 -11.95 55.03 -45.35
C ILE I 267 -10.79 54.03 -45.23
N ILE I 268 -9.95 54.14 -44.21
CA ILE I 268 -8.72 53.29 -44.02
C ILE I 268 -9.15 51.85 -43.74
N LEU I 269 -10.08 51.63 -42.80
CA LEU I 269 -10.51 50.25 -42.39
C LEU I 269 -11.31 49.59 -43.53
N GLY I 270 -12.19 50.35 -44.18
CA GLY I 270 -13.03 49.91 -45.30
C GLY I 270 -12.24 49.24 -46.41
N GLU I 271 -11.16 49.89 -46.88
CA GLU I 271 -10.33 49.41 -48.01
C GLU I 271 -9.45 48.23 -47.55
N LEU I 272 -8.93 48.27 -46.32
CA LEU I 272 -8.17 47.16 -45.69
C LEU I 272 -9.06 45.91 -45.64
N LEU I 273 -10.27 46.04 -45.10
CA LEU I 273 -11.23 44.91 -44.95
C LEU I 273 -11.62 44.35 -46.33
N CYS I 274 -11.87 45.21 -47.32
CA CYS I 274 -12.21 44.81 -48.71
C CYS I 274 -11.01 44.11 -49.36
N TYR I 275 -9.81 44.65 -49.17
CA TYR I 275 -8.52 44.05 -49.64
C TYR I 275 -8.35 42.66 -49.03
N LEU I 276 -8.55 42.53 -47.71
CA LEU I 276 -8.41 41.24 -46.98
C LEU I 276 -9.49 40.25 -47.43
N GLU I 277 -10.73 40.72 -47.60
CA GLU I 277 -11.87 39.91 -48.10
C GLU I 277 -11.50 39.26 -49.45
N ASN I 278 -10.90 40.03 -50.36
CA ASN I 278 -10.54 39.58 -51.73
C ASN I 278 -9.39 38.56 -51.67
N ARG I 279 -8.36 38.81 -50.86
CA ARG I 279 -7.18 37.92 -50.71
C ARG I 279 -7.34 37.05 -49.45
N LEU I 280 -8.49 36.38 -49.29
CA LEU I 280 -8.81 35.55 -48.09
C LEU I 280 -8.36 34.11 -48.35
N TRP I 281 -8.68 33.55 -49.52
CA TRP I 281 -8.17 32.24 -50.01
C TRP I 281 -7.48 32.45 -51.37
N GLN I 282 -6.19 32.80 -51.35
CA GLN I 282 -5.35 33.06 -52.56
C GLN I 282 -4.23 32.01 -52.64
N ASP I 283 -3.27 32.08 -51.71
CA ASP I 283 -2.05 31.22 -51.72
C ASP I 283 -2.45 29.80 -51.30
N LYS I 284 -2.80 29.62 -50.02
CA LYS I 284 -3.24 28.32 -49.42
C LYS I 284 -4.25 28.60 -48.30
N GLY I 285 -5.03 29.68 -48.42
CA GLY I 285 -5.78 30.28 -47.30
C GLY I 285 -4.84 30.80 -46.23
N LEU I 286 -3.72 31.42 -46.63
CA LEU I 286 -2.69 32.01 -45.74
C LEU I 286 -3.35 33.03 -44.80
N ILE I 287 -4.13 33.97 -45.36
CA ILE I 287 -4.80 35.07 -44.62
C ILE I 287 -5.92 34.47 -43.76
N ALA I 288 -6.75 33.59 -44.32
CA ALA I 288 -7.90 32.94 -43.66
C ALA I 288 -7.42 32.10 -42.46
N ASN I 289 -6.26 31.43 -42.60
CA ASN I 289 -5.61 30.60 -41.54
C ASN I 289 -4.58 31.46 -40.80
N LEU I 290 -5.05 32.55 -40.17
CA LEU I 290 -4.26 33.40 -39.24
C LEU I 290 -4.84 33.25 -37.82
N LYS I 291 -4.05 32.70 -36.90
CA LYS I 291 -4.49 32.29 -35.53
C LYS I 291 -4.77 33.56 -34.71
N MET I 292 -6.01 33.71 -34.25
CA MET I 292 -6.49 34.89 -33.49
C MET I 292 -6.72 34.51 -32.03
N ASN I 293 -6.40 35.42 -31.11
CA ASN I 293 -6.70 35.33 -29.65
C ASN I 293 -8.21 35.45 -29.45
N ALA I 294 -8.71 34.98 -28.30
CA ALA I 294 -10.10 35.22 -27.83
C ALA I 294 -10.27 36.69 -27.43
N LEU I 295 -9.16 37.40 -27.19
CA LEU I 295 -9.11 38.84 -26.81
C LEU I 295 -9.10 39.73 -28.05
N GLU I 296 -8.79 39.20 -29.24
CA GLU I 296 -8.71 39.94 -30.53
C GLU I 296 -10.07 39.89 -31.24
N ALA I 297 -10.83 38.81 -31.06
CA ALA I 297 -12.19 38.60 -31.63
C ALA I 297 -13.13 39.71 -31.14
N THR I 298 -13.18 39.91 -29.82
CA THR I 298 -14.02 40.94 -29.13
C THR I 298 -13.70 42.34 -29.70
N VAL I 299 -12.45 42.58 -30.10
CA VAL I 299 -12.01 43.82 -30.81
C VAL I 299 -12.66 43.80 -32.20
N MET I 300 -12.30 42.83 -33.05
CA MET I 300 -12.70 42.77 -34.48
C MET I 300 -14.23 42.86 -34.63
N LEU I 301 -14.99 42.19 -33.74
CA LEU I 301 -16.48 42.11 -33.82
C LEU I 301 -17.15 43.23 -33.02
N ASN I 302 -16.44 43.82 -32.04
CA ASN I 302 -17.00 44.74 -31.01
C ASN I 302 -17.95 43.93 -30.11
N CYS I 303 -17.43 42.84 -29.50
CA CYS I 303 -18.16 41.98 -28.55
C CYS I 303 -17.98 42.49 -27.11
N SER I 304 -18.56 41.79 -26.13
CA SER I 304 -18.45 42.08 -24.68
C SER I 304 -17.43 41.15 -24.00
N LEU I 305 -16.93 40.13 -24.72
CA LEU I 305 -16.06 39.02 -24.23
C LEU I 305 -16.89 38.01 -23.40
N ASP I 306 -18.15 38.31 -23.09
CA ASP I 306 -19.10 37.42 -22.36
C ASP I 306 -19.88 36.60 -23.40
N GLN I 307 -20.40 37.25 -24.43
CA GLN I 307 -21.13 36.61 -25.56
C GLN I 307 -20.18 35.74 -26.40
N ILE I 308 -18.87 36.04 -26.42
CA ILE I 308 -17.81 35.23 -27.10
C ILE I 308 -17.86 33.79 -26.55
N ALA I 309 -17.69 33.63 -25.23
CA ALA I 309 -17.70 32.32 -24.53
C ALA I 309 -19.06 31.62 -24.74
N SER I 310 -20.15 32.37 -24.70
CA SER I 310 -21.54 31.89 -24.96
C SER I 310 -21.70 31.43 -26.42
N MET I 311 -20.92 32.00 -27.34
CA MET I 311 -20.84 31.58 -28.77
C MET I 311 -19.89 30.40 -28.93
N VAL I 312 -18.86 30.27 -28.08
CA VAL I 312 -17.97 29.08 -28.03
C VAL I 312 -18.77 27.88 -27.48
N GLU I 313 -19.63 28.11 -26.49
CA GLU I 313 -20.49 27.05 -25.86
C GLU I 313 -21.53 26.55 -26.88
N GLN I 314 -22.10 27.43 -27.70
CA GLN I 314 -23.14 27.11 -28.72
C GLN I 314 -22.52 26.58 -30.01
N ARG I 315 -21.17 26.58 -30.12
CA ARG I 315 -20.39 26.15 -31.31
C ARG I 315 -20.74 27.05 -32.51
N ILE I 316 -20.86 28.35 -32.28
CA ILE I 316 -20.89 29.41 -33.33
C ILE I 316 -19.44 29.83 -33.59
N LEU I 317 -18.60 29.79 -32.54
CA LEU I 317 -17.11 29.71 -32.65
C LEU I 317 -16.66 28.30 -32.24
N LYS I 318 -15.67 27.75 -32.95
CA LYS I 318 -15.16 26.37 -32.77
C LYS I 318 -13.64 26.42 -32.56
N PRO I 319 -13.15 26.24 -31.31
CA PRO I 319 -11.71 26.20 -31.06
C PRO I 319 -11.04 24.90 -31.55
N ASN I 320 -9.71 24.84 -31.47
CA ASN I 320 -8.87 23.71 -31.97
C ASN I 320 -8.43 22.85 -30.78
N ARG I 321 -8.86 21.58 -30.75
CA ARG I 321 -8.60 20.60 -29.66
C ARG I 321 -9.15 21.16 -28.34
N LYS I 322 -10.44 20.94 -28.06
CA LYS I 322 -11.18 21.47 -26.88
C LYS I 322 -10.48 21.02 -25.60
N SER I 323 -10.47 21.89 -24.58
CA SER I 323 -9.67 21.74 -23.32
C SER I 323 -9.95 20.39 -22.65
N LYS I 324 -11.20 20.16 -22.20
CA LYS I 324 -11.62 18.92 -21.50
C LYS I 324 -11.88 17.82 -22.54
N ASP I 325 -10.19 29.51 -21.30
CA ASP I 325 -9.02 30.42 -21.51
C ASP I 325 -9.43 31.56 -22.46
N VAL I 326 -8.92 32.77 -22.19
CA VAL I 326 -9.28 34.04 -22.89
C VAL I 326 -8.05 34.65 -23.57
N THR I 327 -6.83 34.14 -23.32
CA THR I 327 -5.55 34.73 -23.80
C THR I 327 -4.81 33.78 -24.76
N ASP I 328 -5.42 32.65 -25.15
CA ASP I 328 -4.82 31.66 -26.09
C ASP I 328 -5.40 31.87 -27.49
N TYR I 329 -4.64 31.51 -28.53
CA TYR I 329 -4.96 31.73 -29.96
C TYR I 329 -5.59 30.45 -30.52
N LEU I 330 -6.90 30.27 -30.28
CA LEU I 330 -7.68 29.06 -30.64
C LEU I 330 -8.34 29.25 -32.02
N PHE I 331 -8.79 30.46 -32.34
CA PHE I 331 -9.62 30.78 -33.53
C PHE I 331 -8.74 31.22 -34.70
N HIS I 332 -9.23 31.05 -35.92
CA HIS I 332 -8.59 31.54 -37.18
C HIS I 332 -9.27 32.86 -37.60
N PHE I 333 -8.65 33.59 -38.54
CA PHE I 333 -9.09 34.93 -39.01
C PHE I 333 -10.34 34.80 -39.88
N GLY I 334 -10.34 33.86 -40.84
CA GLY I 334 -11.44 33.64 -41.80
C GLY I 334 -12.77 33.37 -41.10
N ASP I 335 -12.76 32.43 -40.14
CA ASP I 335 -13.94 32.03 -39.33
C ASP I 335 -14.52 33.26 -38.62
N ILE I 336 -13.65 34.05 -37.98
CA ILE I 336 -14.01 35.29 -37.21
C ILE I 336 -14.57 36.34 -38.19
N PHE I 337 -13.88 36.57 -39.31
CA PHE I 337 -14.29 37.52 -40.38
C PHE I 337 -15.69 37.15 -40.91
N CYS I 338 -15.89 35.87 -41.24
CA CYS I 338 -17.18 35.32 -41.73
C CYS I 338 -18.24 35.41 -40.63
N LEU I 339 -17.85 35.20 -39.36
CA LEU I 339 -18.74 35.36 -38.18
C LEU I 339 -19.18 36.83 -38.05
N TRP I 340 -18.27 37.79 -38.33
CA TRP I 340 -18.62 39.23 -38.36
C TRP I 340 -19.65 39.48 -39.47
N LEU I 341 -19.42 38.98 -40.68
CA LEU I 341 -20.36 39.11 -41.84
C LEU I 341 -21.68 38.40 -41.53
N ALA I 342 -21.66 37.35 -40.69
CA ALA I 342 -22.83 36.51 -40.36
C ALA I 342 -23.74 37.19 -39.33
N GLU I 343 -23.22 37.57 -38.15
CA GLU I 343 -24.06 37.88 -36.94
C GLU I 343 -23.68 39.17 -36.22
N PHE I 344 -22.60 39.88 -36.59
CA PHE I 344 -22.07 41.06 -35.84
C PHE I 344 -21.92 42.28 -36.75
N GLN I 345 -22.77 42.39 -37.78
CA GLN I 345 -22.85 43.58 -38.66
C GLN I 345 -23.85 44.59 -38.08
N SER I 346 -23.49 45.87 -38.09
CA SER I 346 -24.36 47.02 -37.74
C SER I 346 -24.66 47.84 -39.01
N ASP I 347 -25.50 48.85 -38.89
CA ASP I 347 -25.78 49.86 -39.96
C ASP I 347 -24.49 50.61 -40.31
N GLU I 348 -23.59 50.79 -39.33
CA GLU I 348 -22.31 51.54 -39.46
C GLU I 348 -21.17 50.59 -39.86
N PHE I 349 -21.08 49.41 -39.23
CA PHE I 349 -20.01 48.40 -39.45
C PHE I 349 -20.55 47.35 -40.42
N ASN I 350 -20.79 47.78 -41.67
CA ASN I 350 -21.49 47.00 -42.73
C ASN I 350 -20.52 46.77 -43.90
N ARG I 351 -20.68 45.62 -44.58
CA ARG I 351 -19.90 45.21 -45.79
C ARG I 351 -20.26 46.13 -46.97
N SER I 352 -21.49 46.61 -47.03
CA SER I 352 -22.09 47.40 -48.14
C SER I 352 -21.24 48.65 -48.47
N PHE I 353 -20.54 49.22 -47.48
CA PHE I 353 -19.84 50.52 -47.59
C PHE I 353 -18.55 50.38 -48.41
N TYR I 354 -17.72 49.36 -48.15
CA TYR I 354 -16.54 49.04 -49.01
C TYR I 354 -17.03 48.34 -50.28
N VAL I 355 -16.10 47.82 -51.10
CA VAL I 355 -16.25 47.43 -52.53
C VAL I 355 -17.69 46.94 -52.80
N SER I 356 -18.38 47.52 -53.80
CA SER I 356 -17.85 48.47 -54.76
C SER I 356 -18.00 49.91 -54.21
N ARG I 357 -16.87 50.60 -53.99
CA ARG I 357 -16.82 52.03 -53.56
C ARG I 357 -15.67 52.74 -54.30
N TRP I 358 -14.43 52.30 -54.08
CA TRP I 358 -13.19 52.86 -54.68
C TRP I 358 -12.60 51.86 -55.68
N ALA J 1 -22.60 25.03 -58.95
CA ALA J 1 -21.67 24.36 -59.91
C ALA J 1 -20.49 25.29 -60.23
N MET J 2 -19.62 24.89 -61.18
CA MET J 2 -18.42 25.64 -61.61
C MET J 2 -18.69 26.36 -62.94
N PHE J 3 -18.16 27.58 -63.10
CA PHE J 3 -18.21 28.42 -64.33
C PHE J 3 -19.65 28.49 -64.85
N LEU J 4 -20.46 29.37 -64.25
CA LEU J 4 -21.90 29.53 -64.63
C LEU J 4 -22.23 31.00 -64.88
N GLN J 5 -21.83 31.48 -66.07
CA GLN J 5 -22.55 32.44 -66.96
C GLN J 5 -22.48 33.90 -66.48
N ARG J 6 -22.55 34.17 -65.16
CA ARG J 6 -22.86 35.50 -64.56
C ARG J 6 -24.27 35.91 -65.00
N PRO J 7 -25.30 35.79 -64.12
CA PRO J 7 -26.66 36.22 -64.48
C PRO J 7 -26.76 37.75 -64.61
N LYS J 8 -27.96 38.27 -64.89
CA LYS J 8 -28.22 39.69 -65.22
C LYS J 8 -28.41 40.56 -63.99
N PRO J 9 -28.93 40.05 -62.84
CA PRO J 9 -29.87 40.82 -62.02
C PRO J 9 -29.46 42.24 -61.60
N TYR J 10 -30.39 43.18 -61.77
CA TYR J 10 -30.50 44.45 -61.01
C TYR J 10 -30.45 44.17 -59.50
N SER J 11 -30.17 45.22 -58.71
CA SER J 11 -30.11 45.18 -57.21
C SER J 11 -31.50 44.91 -56.64
N ASP J 12 -31.67 45.03 -55.32
CA ASP J 12 -32.99 45.00 -54.62
C ASP J 12 -33.68 43.64 -54.84
N GLU J 13 -32.89 42.55 -54.84
CA GLU J 13 -33.37 41.15 -55.00
C GLU J 13 -33.32 40.44 -53.64
N SER J 14 -33.89 39.23 -53.53
CA SER J 14 -34.18 38.54 -52.24
C SER J 14 -33.21 37.38 -51.97
N LEU J 15 -32.29 37.07 -52.89
CA LEU J 15 -31.32 35.94 -52.84
C LEU J 15 -32.02 34.60 -53.15
N GLU J 16 -33.24 34.37 -52.66
CA GLU J 16 -34.11 33.24 -53.09
C GLU J 16 -34.35 33.34 -54.60
N SER J 17 -34.92 34.47 -55.05
CA SER J 17 -35.16 34.81 -56.48
C SER J 17 -33.85 34.74 -57.27
N PHE J 18 -32.78 35.34 -56.72
CA PHE J 18 -31.40 35.29 -57.29
C PHE J 18 -31.06 33.83 -57.63
N PHE J 19 -30.99 32.95 -56.62
CA PHE J 19 -30.59 31.52 -56.76
C PHE J 19 -31.53 30.78 -57.73
N ILE J 20 -32.84 31.06 -57.67
CA ILE J 20 -33.86 30.52 -58.62
C ILE J 20 -33.48 30.92 -60.06
N ARG J 21 -33.10 32.19 -60.26
CA ARG J 21 -32.80 32.75 -61.62
C ARG J 21 -31.40 32.34 -62.09
N VAL J 22 -30.44 32.13 -61.17
CA VAL J 22 -29.09 31.57 -61.47
C VAL J 22 -29.27 30.10 -61.89
N ALA J 23 -30.30 29.43 -61.37
CA ALA J 23 -30.61 28.01 -61.66
C ALA J 23 -31.42 27.89 -62.98
N ASN J 24 -32.42 28.76 -63.17
CA ASN J 24 -33.31 28.79 -64.37
C ASN J 24 -32.47 28.75 -65.66
N LYS J 25 -31.37 29.51 -65.71
CA LYS J 25 -30.35 29.47 -66.79
C LYS J 25 -29.15 28.65 -66.28
N ASN J 26 -28.48 27.92 -67.18
CA ASN J 26 -27.61 26.74 -66.93
C ASN J 26 -28.44 25.45 -66.92
N GLY J 27 -29.76 25.54 -66.76
CA GLY J 27 -30.71 24.41 -66.82
C GLY J 27 -30.65 23.56 -65.56
N TYR J 28 -31.62 23.73 -64.65
CA TYR J 28 -31.76 22.97 -63.38
C TYR J 28 -33.25 22.75 -63.07
N GLY J 29 -33.54 22.01 -61.99
CA GLY J 29 -34.90 21.58 -61.60
C GLY J 29 -35.66 22.68 -60.85
N ASP J 30 -36.16 22.36 -59.66
CA ASP J 30 -36.87 23.30 -58.73
C ASP J 30 -35.92 24.46 -58.42
N VAL J 31 -35.03 24.30 -57.44
CA VAL J 31 -33.63 24.83 -57.46
C VAL J 31 -32.73 23.60 -57.32
N HIS J 32 -32.78 22.93 -56.16
CA HIS J 32 -32.85 21.45 -55.94
C HIS J 32 -31.88 20.60 -56.78
N ARG J 33 -31.29 21.13 -57.86
CA ARG J 33 -30.16 20.53 -58.59
C ARG J 33 -28.96 21.49 -58.56
N PHE J 34 -29.25 22.80 -58.53
CA PHE J 34 -28.25 23.89 -58.35
C PHE J 34 -27.71 23.84 -56.91
N LEU J 35 -28.60 23.81 -55.91
CA LEU J 35 -28.23 23.73 -54.47
C LEU J 35 -27.42 22.44 -54.22
N GLU J 36 -27.79 21.34 -54.87
CA GLU J 36 -27.03 20.05 -54.83
C GLU J 36 -25.68 20.25 -55.55
N ALA J 37 -25.66 20.88 -56.72
CA ALA J 37 -24.42 21.17 -57.49
C ALA J 37 -23.44 22.00 -56.63
N THR J 38 -23.94 23.02 -55.92
CA THR J 38 -23.13 23.94 -55.07
C THR J 38 -22.60 23.18 -53.84
N LYS J 39 -23.47 22.43 -53.15
CA LYS J 39 -23.10 21.54 -52.01
C LYS J 39 -22.00 20.57 -52.46
N ARG J 40 -22.19 19.95 -53.63
CA ARG J 40 -21.19 19.04 -54.28
C ARG J 40 -19.89 19.82 -54.55
N PHE J 41 -19.99 21.03 -55.10
CA PHE J 41 -18.83 21.92 -55.43
C PHE J 41 -18.07 22.32 -54.15
N LEU J 42 -18.77 22.50 -53.02
CA LEU J 42 -18.14 22.83 -51.71
C LEU J 42 -17.62 21.57 -51.03
N GLN J 43 -18.23 20.40 -51.29
CA GLN J 43 -17.69 19.07 -50.88
C GLN J 43 -16.36 18.81 -51.62
N ASP J 44 -16.14 19.47 -52.76
CA ASP J 44 -14.84 19.51 -53.48
C ASP J 44 -13.90 20.50 -52.75
N ILE J 45 -13.18 21.35 -53.49
CA ILE J 45 -11.99 22.14 -53.01
C ILE J 45 -12.26 22.80 -51.65
N ASP J 46 -11.41 22.47 -50.66
CA ASP J 46 -11.13 23.22 -49.41
C ASP J 46 -12.37 23.97 -48.91
N HIS J 47 -13.37 23.24 -48.41
CA HIS J 47 -14.47 23.79 -47.55
C HIS J 47 -14.90 22.72 -46.54
N ASN J 48 -15.35 23.17 -45.36
CA ASN J 48 -15.70 22.33 -44.18
C ASN J 48 -17.19 22.40 -43.86
N GLY J 49 -17.85 23.54 -44.12
CA GLY J 49 -19.27 23.78 -43.84
C GLY J 49 -20.20 23.42 -45.00
N TYR J 50 -19.74 22.56 -45.93
CA TYR J 50 -20.58 21.98 -47.02
C TYR J 50 -21.68 21.11 -46.42
N GLN J 51 -21.34 20.37 -45.35
CA GLN J 51 -22.25 19.47 -44.58
C GLN J 51 -23.55 20.21 -44.19
N THR J 52 -23.44 21.49 -43.84
CA THR J 52 -24.54 22.33 -43.28
C THR J 52 -25.07 23.32 -44.34
N PHE J 53 -24.80 23.08 -45.64
CA PHE J 53 -25.38 23.87 -46.76
C PHE J 53 -26.77 23.35 -47.06
N PRO J 54 -27.80 24.21 -47.22
CA PRO J 54 -29.19 23.76 -47.38
C PRO J 54 -29.51 23.25 -48.78
N THR J 55 -30.61 22.49 -48.90
CA THR J 55 -31.17 21.94 -50.17
C THR J 55 -32.59 22.47 -50.45
N ASP J 56 -33.26 23.06 -49.44
CA ASP J 56 -34.52 23.83 -49.60
C ASP J 56 -34.15 25.26 -50.00
N ILE J 57 -34.90 25.89 -50.92
CA ILE J 57 -34.67 27.30 -51.34
C ILE J 57 -35.09 28.22 -50.19
N THR J 58 -36.18 27.88 -49.49
CA THR J 58 -36.51 28.39 -48.13
C THR J 58 -35.42 27.90 -47.17
N ARG J 59 -35.09 28.68 -46.14
CA ARG J 59 -34.06 28.35 -45.12
C ARG J 59 -32.65 28.42 -45.73
N ILE J 60 -32.41 29.36 -46.65
CA ILE J 60 -31.08 29.58 -47.29
C ILE J 60 -30.39 30.83 -46.70
N ASN J 61 -31.16 31.85 -46.29
CA ASN J 61 -30.64 33.09 -45.66
C ASN J 61 -29.93 32.72 -44.36
N PRO J 62 -28.79 33.36 -44.02
CA PRO J 62 -27.98 32.96 -42.86
C PRO J 62 -28.52 33.40 -41.50
N TYR J 63 -29.86 33.41 -41.33
CA TYR J 63 -30.57 33.42 -40.03
C TYR J 63 -31.28 32.06 -39.80
N SER J 64 -31.37 31.21 -40.83
CA SER J 64 -31.99 29.85 -40.76
C SER J 64 -30.93 28.80 -40.40
N ALA J 65 -29.64 29.11 -40.57
CA ALA J 65 -28.51 28.31 -40.06
C ALA J 65 -28.50 28.36 -38.53
N LYS J 66 -28.61 27.20 -37.87
CA LYS J 66 -28.77 27.06 -36.40
C LYS J 66 -27.54 27.65 -35.69
N ASN J 67 -26.35 27.11 -35.98
CA ASN J 67 -25.06 27.53 -35.37
C ASN J 67 -23.95 27.56 -36.44
N SER J 68 -24.32 27.76 -37.72
CA SER J 68 -23.41 27.64 -38.89
C SER J 68 -23.64 28.78 -39.88
N SER J 69 -23.96 29.98 -39.38
CA SER J 69 -24.12 31.23 -40.18
C SER J 69 -22.76 31.64 -40.76
N SER J 70 -21.70 31.53 -39.96
CA SER J 70 -20.29 31.84 -40.33
C SER J 70 -19.79 30.91 -41.44
N ALA J 71 -20.35 29.70 -41.55
CA ALA J 71 -20.06 28.73 -42.64
C ALA J 71 -20.87 29.10 -43.89
N ARG J 72 -22.12 29.53 -43.72
CA ARG J 72 -23.06 29.89 -44.82
C ARG J 72 -22.52 31.12 -45.57
N THR J 73 -22.05 32.14 -44.85
CA THR J 73 -21.46 33.38 -45.42
C THR J 73 -20.12 33.03 -46.08
N ALA J 74 -19.30 32.19 -45.44
CA ALA J 74 -18.02 31.66 -45.96
C ALA J 74 -18.26 30.96 -47.31
N SER J 75 -19.26 30.08 -47.37
CA SER J 75 -19.66 29.33 -48.60
C SER J 75 -20.13 30.31 -49.69
N PHE J 76 -20.89 31.34 -49.31
CA PHE J 76 -21.38 32.41 -50.23
C PHE J 76 -20.18 33.17 -50.80
N LEU J 77 -19.26 33.64 -49.94
CA LEU J 77 -17.99 34.31 -50.36
C LEU J 77 -17.24 33.41 -51.34
N LYS J 78 -17.05 32.14 -50.99
CA LYS J 78 -16.32 31.13 -51.82
C LYS J 78 -17.02 30.99 -53.18
N LEU J 79 -18.27 30.50 -53.22
CA LEU J 79 -18.99 30.22 -54.49
C LEU J 79 -19.34 31.53 -55.23
N ALA J 80 -19.19 32.70 -54.60
CA ALA J 80 -19.21 34.01 -55.29
C ALA J 80 -17.87 34.25 -55.99
N GLN J 81 -16.76 34.18 -55.23
CA GLN J 81 -15.43 34.70 -55.67
C GLN J 81 -14.86 33.89 -56.84
N LEU J 82 -14.85 32.54 -56.78
CA LEU J 82 -14.05 31.70 -57.73
C LEU J 82 -14.94 30.73 -58.52
N THR J 83 -16.03 31.22 -59.13
CA THR J 83 -16.83 30.44 -60.12
C THR J 83 -17.53 31.32 -61.17
N PHE J 84 -18.03 32.52 -60.82
CA PHE J 84 -19.12 33.22 -61.55
C PHE J 84 -18.60 34.12 -62.69
N ASN J 85 -17.33 34.00 -63.10
CA ASN J 85 -16.74 34.67 -64.31
C ASN J 85 -17.31 36.09 -64.46
N GLU J 86 -16.76 37.04 -63.70
CA GLU J 86 -17.39 38.33 -63.27
C GLU J 86 -18.32 38.00 -62.11
N PRO J 87 -17.81 37.86 -60.86
CA PRO J 87 -18.64 37.51 -59.71
C PRO J 87 -19.79 38.49 -59.46
N PRO J 88 -20.99 38.01 -59.07
CA PRO J 88 -22.12 38.89 -58.76
C PRO J 88 -22.09 39.30 -57.28
N GLU J 89 -23.16 39.94 -56.80
CA GLU J 89 -23.33 40.38 -55.39
C GLU J 89 -24.19 39.33 -54.68
N LEU J 90 -23.57 38.28 -54.13
CA LEU J 90 -24.24 37.21 -53.33
C LEU J 90 -24.72 37.82 -52.01
N LEU J 91 -23.80 38.36 -51.21
CA LEU J 91 -24.11 39.08 -49.94
C LEU J 91 -24.81 40.41 -50.27
N GLY J 92 -25.38 41.07 -49.26
CA GLY J 92 -26.23 42.27 -49.44
C GLY J 92 -27.66 41.90 -49.78
N LEU J 93 -27.87 40.77 -50.48
CA LEU J 93 -29.20 40.17 -50.79
C LEU J 93 -29.62 39.25 -49.63
N ALA J 94 -28.65 38.54 -49.03
CA ALA J 94 -28.83 37.63 -47.88
C ALA J 94 -29.33 38.42 -46.67
N ILE J 95 -30.39 37.94 -46.02
CA ILE J 95 -30.92 38.51 -44.74
C ILE J 95 -30.07 37.90 -43.61
N ASN J 96 -28.94 38.54 -43.28
CA ASN J 96 -28.10 38.19 -42.11
C ASN J 96 -28.85 38.55 -40.84
N ARG J 97 -28.42 38.07 -39.66
CA ARG J 97 -28.92 38.54 -38.35
C ARG J 97 -27.86 39.46 -37.73
N THR J 98 -28.24 40.20 -36.68
CA THR J 98 -27.34 41.15 -35.96
C THR J 98 -27.70 41.16 -34.47
N ASN J 99 -26.78 41.66 -33.63
CA ASN J 99 -26.89 41.70 -32.15
C ASN J 99 -27.36 43.10 -31.69
N MET J 100 -27.67 44.00 -32.63
CA MET J 100 -28.26 45.34 -32.34
C MET J 100 -29.69 45.15 -31.80
N LYS J 101 -30.27 46.21 -31.25
CA LYS J 101 -31.57 46.17 -30.51
C LYS J 101 -32.45 47.37 -30.87
N TYR J 102 -33.74 47.25 -30.53
CA TYR J 102 -34.72 48.36 -30.37
C TYR J 102 -35.09 48.38 -28.88
N SER J 103 -36.25 48.96 -28.50
CA SER J 103 -36.68 49.04 -27.07
C SER J 103 -37.14 47.67 -26.57
N PRO J 104 -38.21 47.07 -27.13
CA PRO J 104 -38.79 45.85 -26.55
C PRO J 104 -38.10 44.55 -27.00
N SER J 105 -36.80 44.43 -26.73
CA SER J 105 -35.97 43.19 -26.74
C SER J 105 -35.61 42.76 -28.17
N THR J 106 -36.52 42.95 -29.14
CA THR J 106 -36.25 43.14 -30.59
C THR J 106 -34.84 42.68 -31.00
N SER J 107 -34.67 41.38 -31.28
CA SER J 107 -33.43 40.79 -31.84
C SER J 107 -33.29 41.21 -33.31
N ALA J 108 -32.46 42.21 -33.58
CA ALA J 108 -32.35 42.90 -34.90
C ALA J 108 -31.89 41.93 -35.99
N VAL J 109 -32.27 42.20 -37.24
CA VAL J 109 -31.94 41.38 -38.45
C VAL J 109 -31.62 42.32 -39.62
N VAL J 110 -30.44 42.16 -40.25
CA VAL J 110 -29.86 43.10 -41.25
C VAL J 110 -29.72 42.37 -42.60
N ARG J 111 -30.17 42.98 -43.70
CA ARG J 111 -30.04 42.46 -45.08
C ARG J 111 -28.83 43.12 -45.76
N GLY J 112 -29.01 44.30 -46.35
CA GLY J 112 -27.96 45.07 -47.06
C GLY J 112 -27.32 46.08 -46.12
N ALA J 113 -28.02 47.19 -45.87
CA ALA J 113 -27.67 48.23 -44.88
C ALA J 113 -28.92 48.69 -44.12
N GLU J 114 -29.91 47.80 -43.95
CA GLU J 114 -31.24 48.07 -43.34
C GLU J 114 -31.47 47.05 -42.23
N VAL J 115 -32.39 47.34 -41.30
CA VAL J 115 -32.77 46.43 -40.17
C VAL J 115 -34.29 46.44 -40.02
N PHE J 116 -34.89 45.23 -39.98
CA PHE J 116 -36.36 44.99 -39.89
C PHE J 116 -36.63 44.18 -38.63
N PRO J 117 -36.90 44.83 -37.47
CA PRO J 117 -36.36 44.39 -36.18
C PRO J 117 -36.28 42.86 -36.03
N ARG J 118 -37.43 42.19 -35.88
CA ARG J 118 -37.56 40.72 -35.75
C ARG J 118 -38.95 40.27 -36.25
N SER J 119 -40.01 41.01 -35.87
CA SER J 119 -41.44 40.65 -36.02
C SER J 119 -41.92 40.77 -37.48
N LEU J 120 -41.23 41.53 -38.33
CA LEU J 120 -41.59 41.68 -39.78
C LEU J 120 -40.83 40.64 -40.62
N LEU J 121 -40.93 39.37 -40.22
CA LEU J 121 -40.69 38.16 -41.03
C LEU J 121 -41.85 37.20 -40.78
N ARG J 122 -42.80 37.09 -41.72
CA ARG J 122 -44.05 36.29 -41.57
C ARG J 122 -43.70 34.81 -41.31
N THR J 123 -42.51 34.36 -41.72
CA THR J 123 -41.91 33.02 -41.43
C THR J 123 -42.43 31.98 -42.45
N HIS J 124 -43.62 32.22 -43.03
CA HIS J 124 -44.30 31.32 -44.00
C HIS J 124 -45.47 32.06 -44.66
N SER J 125 -45.93 31.57 -45.82
CA SER J 125 -47.05 32.12 -46.63
C SER J 125 -46.89 33.64 -46.82
N ILE J 126 -45.70 34.10 -47.22
CA ILE J 126 -45.40 35.53 -47.49
C ILE J 126 -46.10 35.94 -48.78
N PRO J 127 -46.43 37.25 -48.98
CA PRO J 127 -47.18 37.68 -50.15
C PRO J 127 -46.28 37.90 -51.39
N CYS J 128 -46.93 38.06 -52.56
CA CYS J 128 -46.28 38.31 -53.88
C CYS J 128 -47.13 39.30 -54.68
N CYS J 129 -46.56 39.88 -55.74
CA CYS J 129 -47.25 40.79 -56.69
C CYS J 129 -46.87 40.38 -58.12
N PRO J 130 -47.82 39.96 -59.00
CA PRO J 130 -47.48 39.29 -60.25
C PRO J 130 -46.64 40.11 -61.24
N LEU J 131 -45.92 39.40 -62.12
CA LEU J 131 -45.05 39.92 -63.21
C LEU J 131 -43.96 40.85 -62.64
N CYS J 132 -43.02 40.24 -61.90
CA CYS J 132 -41.65 40.75 -61.59
C CYS J 132 -40.74 39.54 -61.39
N LEU J 133 -39.44 39.74 -61.12
CA LEU J 133 -38.51 38.62 -60.80
C LEU J 133 -37.42 39.08 -59.82
N ARG J 134 -37.74 39.10 -58.52
CA ARG J 134 -39.09 38.98 -57.96
C ARG J 134 -39.36 40.27 -57.18
N GLU J 135 -38.84 40.39 -55.95
CA GLU J 135 -38.66 41.66 -55.18
C GLU J 135 -38.24 41.33 -53.73
N ASN J 136 -37.48 42.23 -53.09
CA ASN J 136 -37.03 42.10 -51.68
C ASN J 136 -38.22 42.41 -50.75
N GLY J 137 -38.84 43.58 -50.93
CA GLY J 137 -39.87 44.19 -50.06
C GLY J 137 -40.83 43.23 -49.39
N TYR J 138 -41.14 42.09 -50.02
CA TYR J 138 -41.98 41.00 -49.43
C TYR J 138 -41.22 40.38 -48.24
N ALA J 139 -41.86 39.45 -47.52
CA ALA J 139 -41.40 38.88 -46.23
C ALA J 139 -41.26 40.00 -45.20
N SER J 140 -42.07 41.06 -45.32
CA SER J 140 -42.19 42.21 -44.38
C SER J 140 -43.69 42.44 -44.09
N TYR J 141 -44.05 42.53 -42.80
CA TYR J 141 -45.42 42.33 -42.26
C TYR J 141 -46.44 43.26 -42.93
N LEU J 142 -46.23 44.58 -42.87
CA LEU J 142 -47.09 45.59 -43.55
C LEU J 142 -46.28 46.26 -44.68
N TRP J 143 -46.37 45.67 -45.87
CA TRP J 143 -45.83 46.21 -47.15
C TRP J 143 -46.63 45.57 -48.29
N HIS J 144 -47.34 46.38 -49.08
CA HIS J 144 -48.47 45.94 -49.94
C HIS J 144 -48.20 46.24 -51.42
N PHE J 145 -48.08 47.52 -51.78
CA PHE J 145 -48.37 48.02 -53.15
C PHE J 145 -47.06 48.37 -53.88
N GLN J 146 -46.53 49.59 -53.73
CA GLN J 146 -45.32 50.10 -54.43
C GLN J 146 -45.55 50.09 -55.95
N GLY J 147 -46.25 51.11 -56.46
CA GLY J 147 -46.37 51.40 -57.90
C GLY J 147 -47.56 50.72 -58.57
N TYR J 148 -47.67 49.40 -58.40
CA TYR J 148 -48.76 48.55 -58.95
C TYR J 148 -49.48 47.86 -57.77
N GLU J 149 -50.75 48.22 -57.56
CA GLU J 149 -51.47 48.18 -56.25
C GLU J 149 -52.53 47.08 -56.23
N TYR J 150 -53.18 46.91 -55.07
CA TYR J 150 -54.37 46.07 -54.78
C TYR J 150 -54.09 44.59 -55.10
N CYS J 151 -52.94 44.05 -54.71
CA CYS J 151 -52.54 42.64 -54.97
C CYS J 151 -51.55 42.12 -53.91
N HIS J 152 -51.90 41.02 -53.24
CA HIS J 152 -51.02 40.21 -52.35
C HIS J 152 -50.89 38.77 -52.86
N SER J 153 -51.88 38.28 -53.63
CA SER J 153 -51.79 37.08 -54.51
C SER J 153 -51.46 35.83 -53.70
N HIS J 154 -52.44 35.33 -52.95
CA HIS J 154 -52.51 33.93 -52.41
C HIS J 154 -53.57 33.19 -53.22
N ASN J 155 -53.34 33.09 -54.54
CA ASN J 155 -54.35 32.74 -55.57
C ASN J 155 -54.68 31.25 -55.48
N VAL J 156 -55.86 30.93 -54.92
CA VAL J 156 -56.36 29.55 -54.64
C VAL J 156 -56.65 28.77 -55.93
N PRO J 157 -57.16 29.39 -57.04
CA PRO J 157 -57.30 28.67 -58.31
C PRO J 157 -55.99 28.08 -58.87
N LEU J 158 -56.07 27.45 -60.06
CA LEU J 158 -55.10 26.46 -60.62
C LEU J 158 -53.64 26.88 -60.45
N ILE J 159 -52.74 25.89 -60.54
CA ILE J 159 -51.26 26.06 -60.45
C ILE J 159 -50.79 26.87 -61.66
N THR J 160 -50.05 27.96 -61.40
CA THR J 160 -49.38 28.84 -62.40
C THR J 160 -50.42 29.76 -63.04
N THR J 161 -50.96 30.68 -62.24
CA THR J 161 -51.60 31.94 -62.67
C THR J 161 -50.48 32.95 -63.03
N CYS J 162 -49.43 32.99 -62.21
CA CYS J 162 -48.18 33.77 -62.43
C CYS J 162 -47.07 32.84 -62.95
N SER J 163 -46.14 33.39 -63.74
CA SER J 163 -45.05 32.64 -64.44
C SER J 163 -43.76 32.70 -63.62
N CYS J 164 -43.73 32.05 -62.45
CA CYS J 164 -42.58 31.97 -61.51
C CYS J 164 -42.32 30.50 -61.13
N GLY J 165 -43.17 29.88 -60.31
CA GLY J 165 -43.41 28.41 -60.31
C GLY J 165 -43.18 27.72 -58.97
N LYS J 166 -44.03 27.98 -57.97
CA LYS J 166 -44.40 27.05 -56.85
C LYS J 166 -43.26 26.69 -55.89
N GLU J 167 -41.98 26.97 -56.20
CA GLU J 167 -40.83 26.52 -55.35
C GLU J 167 -40.75 27.41 -54.10
N PHE J 168 -40.34 28.67 -54.26
CA PHE J 168 -40.50 29.76 -53.25
C PHE J 168 -41.74 30.57 -53.68
N ASP J 169 -41.60 31.35 -54.76
CA ASP J 169 -42.69 31.74 -55.72
C ASP J 169 -44.05 31.74 -54.99
N TYR J 170 -44.19 32.58 -53.98
CA TYR J 170 -45.23 32.46 -52.92
C TYR J 170 -46.62 32.78 -53.49
N ARG J 171 -47.30 31.71 -53.94
CA ARG J 171 -48.77 31.66 -54.18
C ARG J 171 -49.24 30.24 -53.83
N VAL J 172 -50.25 30.14 -52.95
CA VAL J 172 -50.78 28.84 -52.42
C VAL J 172 -52.14 28.56 -53.07
N SER J 173 -52.41 27.29 -53.38
CA SER J 173 -53.65 26.80 -54.05
C SER J 173 -54.17 25.56 -53.33
N GLU J 174 -55.84 57.39 -48.79
CA GLU J 174 -55.02 56.21 -49.15
C GLU J 174 -53.61 56.36 -48.56
N ALA J 175 -53.39 55.79 -47.37
CA ALA J 175 -52.14 55.89 -46.57
C ALA J 175 -51.27 54.63 -46.75
N ALA J 176 -51.89 53.50 -47.12
CA ALA J 176 -51.23 52.19 -47.36
C ALA J 176 -50.11 52.35 -48.41
N CYS J 177 -50.42 53.02 -49.52
CA CYS J 177 -49.45 53.37 -50.61
C CYS J 177 -48.35 54.28 -50.05
N THR J 178 -48.72 55.29 -49.27
CA THR J 178 -47.80 56.30 -48.66
C THR J 178 -46.77 55.58 -47.77
N VAL J 179 -47.24 54.79 -46.80
CA VAL J 179 -46.35 54.05 -45.84
C VAL J 179 -45.49 53.03 -46.61
N SER J 180 -46.06 52.34 -47.60
CA SER J 180 -45.35 51.33 -48.45
C SER J 180 -44.23 52.02 -49.25
N ASN J 181 -44.53 53.16 -49.90
CA ASN J 181 -43.56 53.97 -50.67
C ASN J 181 -42.54 54.59 -49.72
N TRP J 182 -42.92 54.90 -48.47
CA TRP J 182 -41.98 55.33 -47.40
C TRP J 182 -41.02 54.19 -47.06
N LEU J 183 -41.54 52.99 -46.78
CA LEU J 183 -40.71 51.79 -46.42
C LEU J 183 -39.75 51.44 -47.57
N ALA J 184 -40.21 51.50 -48.82
CA ALA J 184 -39.40 51.23 -50.03
C ALA J 184 -38.31 52.29 -50.22
N GLY J 185 -38.53 53.52 -49.74
CA GLY J 185 -37.53 54.61 -49.71
C GLY J 185 -37.75 55.59 -50.85
N HIS J 186 -38.67 56.53 -50.67
CA HIS J 186 -39.07 57.58 -51.67
C HIS J 186 -39.45 58.88 -50.95
N GLU J 187 -40.01 59.85 -51.70
CA GLU J 187 -40.46 61.19 -51.20
C GLU J 187 -41.26 61.02 -49.90
N SER J 188 -42.46 60.41 -49.98
CA SER J 188 -43.40 60.17 -48.86
C SER J 188 -43.67 61.46 -48.07
N LYS J 189 -44.46 62.36 -48.68
CA LYS J 189 -44.65 63.78 -48.28
C LYS J 189 -44.97 63.90 -46.79
N PRO J 190 -45.89 63.10 -46.21
CA PRO J 190 -46.21 63.21 -44.79
C PRO J 190 -45.09 62.78 -43.82
N LEU J 191 -44.14 61.94 -44.26
CA LEU J 191 -43.24 61.19 -43.35
C LEU J 191 -41.82 61.76 -43.39
N PRO J 192 -41.07 61.69 -42.25
CA PRO J 192 -39.98 62.64 -41.97
C PRO J 192 -38.68 62.49 -42.77
N ASN J 193 -38.57 61.49 -43.65
CA ASN J 193 -37.44 61.28 -44.58
C ASN J 193 -36.18 60.95 -43.76
N LEU J 194 -36.18 59.79 -43.10
CA LEU J 194 -35.04 59.24 -42.31
C LEU J 194 -34.67 57.87 -42.88
N PRO J 195 -33.44 57.34 -42.63
CA PRO J 195 -33.02 56.07 -43.21
C PRO J 195 -33.86 54.85 -42.80
N LYS J 196 -33.90 53.84 -43.68
CA LYS J 196 -34.74 52.63 -43.58
C LYS J 196 -34.51 51.93 -42.25
N SER J 197 -33.26 51.90 -41.76
CA SER J 197 -32.85 51.43 -40.41
C SER J 197 -33.84 51.92 -39.33
N TYR J 198 -34.32 53.17 -39.45
CA TYR J 198 -35.21 53.85 -38.47
C TYR J 198 -36.68 53.76 -38.89
N ARG J 199 -36.98 53.74 -40.20
CA ARG J 199 -38.37 53.70 -40.75
C ARG J 199 -39.11 52.52 -40.13
N TRP J 200 -38.55 51.32 -40.27
CA TRP J 200 -39.09 50.04 -39.72
C TRP J 200 -39.13 50.11 -38.19
N GLY J 201 -38.16 50.77 -37.56
CA GLY J 201 -38.12 51.10 -36.13
C GLY J 201 -39.35 51.86 -35.67
N LEU J 202 -39.73 52.91 -36.40
CA LEU J 202 -40.93 53.75 -36.09
C LEU J 202 -42.22 52.95 -36.33
N VAL J 203 -42.26 52.11 -37.38
CA VAL J 203 -43.41 51.21 -37.69
C VAL J 203 -43.65 50.29 -36.48
N HIS J 204 -42.58 49.63 -35.99
CA HIS J 204 -42.60 48.75 -34.81
C HIS J 204 -42.98 49.56 -33.55
N TRP J 205 -42.34 50.72 -33.36
CA TRP J 205 -42.57 51.63 -32.21
C TRP J 205 -44.06 51.99 -32.13
N TRP J 206 -44.66 52.44 -33.25
CA TRP J 206 -46.09 52.85 -33.29
C TRP J 206 -47.00 51.66 -32.95
N MET J 207 -46.77 50.50 -33.58
CA MET J 207 -47.56 49.25 -33.34
C MET J 207 -47.37 48.79 -31.88
N GLY J 208 -46.22 49.09 -31.27
CA GLY J 208 -45.95 48.84 -29.85
C GLY J 208 -46.76 49.74 -28.94
N ILE J 209 -46.63 51.08 -29.10
CA ILE J 209 -47.28 52.10 -28.21
C ILE J 209 -48.79 52.13 -28.45
N LYS J 210 -49.26 51.78 -29.65
CA LYS J 210 -50.70 51.59 -29.98
C LYS J 210 -50.96 50.08 -30.15
N ASP J 211 -51.33 49.41 -29.06
CA ASP J 211 -51.62 47.95 -29.01
C ASP J 211 -52.99 47.72 -28.35
N ASP J 212 -52.77 49.22 -39.17
CA ASP J 212 -52.41 50.21 -38.12
C ASP J 212 -51.82 51.50 -38.73
N HIS J 213 -51.79 51.64 -40.07
CA HIS J 213 -51.02 52.69 -40.79
C HIS J 213 -51.78 54.03 -40.78
N PHE J 214 -53.11 54.01 -40.74
CA PHE J 214 -53.96 55.24 -40.77
C PHE J 214 -53.67 56.11 -39.53
N SER J 215 -53.74 55.50 -38.34
CA SER J 215 -53.47 56.16 -37.03
C SER J 215 -51.98 56.53 -36.93
N PHE J 216 -51.11 55.84 -37.67
CA PHE J 216 -49.66 56.15 -37.82
C PHE J 216 -49.46 57.41 -38.67
N VAL J 217 -50.17 57.54 -39.80
CA VAL J 217 -49.91 58.62 -40.81
C VAL J 217 -50.59 59.94 -40.38
N GLN J 218 -51.82 59.89 -39.86
CA GLN J 218 -52.57 61.10 -39.41
C GLN J 218 -51.90 61.67 -38.16
N PHE J 219 -51.14 60.83 -37.44
CA PHE J 219 -50.19 61.23 -36.37
C PHE J 219 -49.06 62.10 -36.97
N PHE J 220 -48.65 61.87 -38.22
CA PHE J 220 -47.54 62.57 -38.91
C PHE J 220 -48.05 63.77 -39.74
N SER J 221 -49.37 63.98 -39.86
CA SER J 221 -49.99 65.17 -40.49
C SER J 221 -49.62 66.43 -39.68
N ASN J 222 -49.70 66.33 -38.35
CA ASN J 222 -49.35 67.40 -37.38
C ASN J 222 -47.99 67.06 -36.74
N TRP J 223 -46.99 66.69 -37.56
CA TRP J 223 -45.75 66.00 -37.11
C TRP J 223 -45.02 66.82 -36.04
N PRO J 224 -44.47 68.02 -36.33
CA PRO J 224 -43.51 68.66 -35.42
C PRO J 224 -44.11 69.10 -34.07
N ARG J 225 -45.39 68.78 -33.83
CA ARG J 225 -46.12 68.98 -32.54
C ARG J 225 -46.86 67.71 -32.08
N SER J 226 -46.96 66.65 -32.91
CA SER J 226 -47.72 65.41 -32.57
C SER J 226 -47.10 64.68 -31.39
N PHE J 227 -45.76 64.56 -31.36
CA PHE J 227 -44.99 63.92 -30.27
C PHE J 227 -45.03 64.81 -29.01
N HIS J 228 -44.99 66.13 -29.21
CA HIS J 228 -45.20 67.16 -28.16
C HIS J 228 -46.59 66.97 -27.52
N SER J 229 -47.61 66.72 -28.35
CA SER J 229 -49.02 66.45 -27.94
C SER J 229 -49.06 65.24 -26.99
N ILE J 230 -48.51 64.11 -27.42
CA ILE J 230 -48.55 62.83 -26.65
C ILE J 230 -47.65 62.96 -25.42
N ILE J 231 -46.45 63.54 -25.53
CA ILE J 231 -45.52 63.69 -24.37
C ILE J 231 -46.13 64.65 -23.34
N GLU J 232 -46.81 65.73 -23.77
CA GLU J 232 -47.43 66.72 -22.84
C GLU J 232 -48.75 66.16 -22.28
N ASP J 233 -49.53 65.41 -23.08
CA ASP J 233 -50.81 64.79 -22.61
C ASP J 233 -50.53 63.52 -21.80
N GLU J 234 -49.27 63.05 -21.74
CA GLU J 234 -48.83 61.95 -20.85
C GLU J 234 -48.06 62.49 -19.63
N VAL J 235 -47.26 63.56 -19.77
CA VAL J 235 -46.57 64.20 -18.61
C VAL J 235 -47.62 64.77 -17.65
N GLU J 236 -48.78 65.22 -18.17
CA GLU J 236 -49.95 65.63 -17.35
C GLU J 236 -50.59 64.39 -16.71
N PHE J 237 -50.47 63.21 -17.34
CA PHE J 237 -51.03 61.92 -16.84
C PHE J 237 -50.03 61.25 -15.88
N ASN J 238 -50.56 60.47 -14.92
CA ASN J 238 -49.81 59.68 -13.91
C ASN J 238 -48.97 60.61 -13.01
N LEU J 239 -49.42 61.86 -12.83
CA LEU J 239 -49.00 62.77 -11.73
C LEU J 239 -49.87 62.49 -10.49
N GLU J 240 -51.13 62.09 -10.73
CA GLU J 240 -52.18 61.90 -9.70
C GLU J 240 -51.91 60.65 -8.86
N HIS J 241 -51.36 59.59 -9.47
CA HIS J 241 -51.04 58.28 -8.81
C HIS J 241 -49.54 58.19 -8.50
N ALA J 242 -48.95 59.24 -7.94
CA ALA J 242 -47.53 59.30 -7.52
C ALA J 242 -47.38 58.57 -6.18
N VAL J 243 -46.51 57.55 -6.12
CA VAL J 243 -46.47 56.50 -5.06
C VAL J 243 -45.25 56.66 -4.13
N VAL J 244 -44.19 57.38 -4.55
CA VAL J 244 -42.98 57.62 -3.70
C VAL J 244 -43.45 58.31 -2.42
N SER J 245 -43.94 59.54 -2.54
CA SER J 245 -44.96 60.16 -1.65
C SER J 245 -45.98 60.87 -2.56
N THR J 246 -45.58 61.98 -3.17
CA THR J 246 -46.21 62.61 -4.37
C THR J 246 -45.14 63.18 -5.32
N SER J 247 -44.02 63.68 -4.78
CA SER J 247 -42.81 64.14 -5.53
C SER J 247 -41.60 63.28 -5.13
N GLU J 248 -40.39 63.68 -5.54
CA GLU J 248 -39.14 62.85 -5.54
C GLU J 248 -39.44 61.55 -6.31
N LEU J 249 -40.24 61.65 -7.39
CA LEU J 249 -40.80 60.51 -8.15
C LEU J 249 -39.68 59.89 -8.97
N ARG J 250 -39.50 58.56 -8.88
CA ARG J 250 -38.39 57.82 -9.55
C ARG J 250 -38.66 57.79 -11.07
N LEU J 251 -37.67 57.46 -11.88
CA LEU J 251 -37.88 57.10 -13.32
C LEU J 251 -38.44 55.68 -13.36
N LYS J 252 -39.26 55.38 -14.38
CA LYS J 252 -40.13 54.18 -14.49
C LYS J 252 -41.48 54.46 -13.81
N ASP J 253 -41.57 55.49 -12.96
CA ASP J 253 -42.82 55.99 -12.32
C ASP J 253 -43.43 57.11 -13.17
N LEU J 254 -42.60 58.04 -13.69
CA LEU J 254 -43.02 59.12 -14.63
C LEU J 254 -42.27 58.96 -15.97
N LEU J 255 -42.95 59.30 -17.07
CA LEU J 255 -42.52 59.16 -18.50
C LEU J 255 -41.48 58.04 -18.67
N GLY J 256 -41.77 56.86 -18.11
CA GLY J 256 -40.87 55.70 -18.11
C GLY J 256 -40.94 54.90 -19.40
N ARG J 257 -42.14 54.72 -19.96
CA ARG J 257 -42.41 53.78 -21.08
C ARG J 257 -41.97 54.40 -22.42
N LEU J 258 -42.22 55.69 -22.65
CA LEU J 258 -41.92 56.38 -23.95
C LEU J 258 -40.52 57.03 -23.93
N PHE J 259 -39.84 57.04 -22.78
CA PHE J 259 -38.39 57.40 -22.69
C PHE J 259 -37.55 56.15 -22.98
N PHE J 260 -37.74 55.08 -22.19
CA PHE J 260 -37.07 53.76 -22.38
C PHE J 260 -37.89 52.87 -23.33
N GLY J 261 -38.78 53.47 -24.14
CA GLY J 261 -39.40 52.87 -25.33
C GLY J 261 -38.87 53.45 -26.63
N SER J 262 -38.02 54.49 -26.55
CA SER J 262 -37.51 55.29 -27.70
C SER J 262 -35.99 55.13 -27.88
N ILE J 263 -35.24 54.85 -26.82
CA ILE J 263 -33.75 54.75 -26.82
C ILE J 263 -33.30 53.54 -27.66
N ARG J 264 -32.17 53.68 -28.35
CA ARG J 264 -31.41 52.64 -29.11
C ARG J 264 -32.35 51.79 -29.96
N LEU J 265 -33.20 52.43 -30.78
CA LEU J 265 -33.99 51.73 -31.83
C LEU J 265 -33.76 52.41 -33.18
N PRO J 266 -32.88 51.86 -34.06
CA PRO J 266 -31.88 50.86 -33.69
C PRO J 266 -30.67 51.45 -32.93
N GLU J 267 -30.25 52.67 -33.28
CA GLU J 267 -29.09 53.40 -32.69
C GLU J 267 -29.56 54.79 -32.24
N ARG J 268 -28.79 55.44 -31.36
CA ARG J 268 -29.06 56.77 -30.77
C ARG J 268 -28.44 57.89 -31.64
N ASN J 269 -28.57 57.83 -32.96
CA ASN J 269 -28.01 58.85 -33.90
C ASN J 269 -28.97 60.04 -33.97
N LEU J 270 -28.57 61.20 -33.43
CA LEU J 270 -29.45 62.39 -33.26
C LEU J 270 -29.83 63.02 -34.60
N GLN J 271 -29.11 62.70 -35.69
CA GLN J 271 -29.50 63.09 -37.07
C GLN J 271 -30.78 62.33 -37.47
N HIS J 272 -30.88 61.04 -37.12
CA HIS J 272 -31.91 60.09 -37.64
C HIS J 272 -32.82 59.58 -36.52
N ASN J 273 -32.31 59.36 -35.30
CA ASN J 273 -33.14 59.08 -34.10
C ASN J 273 -33.86 60.37 -33.69
N ILE J 274 -35.05 60.58 -34.23
CA ILE J 274 -35.85 61.84 -34.09
C ILE J 274 -36.71 61.79 -32.83
N ILE J 275 -37.25 60.60 -32.49
CA ILE J 275 -38.22 60.41 -31.37
C ILE J 275 -37.53 60.78 -30.05
N LEU J 276 -36.42 60.11 -29.70
CA LEU J 276 -35.68 60.38 -28.43
C LEU J 276 -34.94 61.74 -28.53
N GLY J 277 -34.48 62.11 -29.72
CA GLY J 277 -33.93 63.45 -30.00
C GLY J 277 -34.90 64.56 -29.62
N GLU J 278 -36.20 64.36 -29.89
CA GLU J 278 -37.27 65.37 -29.65
C GLU J 278 -37.81 65.28 -28.21
N LEU J 279 -37.78 64.09 -27.57
CA LEU J 279 -38.14 63.98 -26.12
C LEU J 279 -36.99 64.58 -25.29
N LEU J 280 -35.74 64.43 -25.75
CA LEU J 280 -34.56 65.13 -25.15
C LEU J 280 -34.76 66.64 -25.30
N CYS J 281 -35.17 67.10 -26.50
CA CYS J 281 -35.57 68.51 -26.78
C CYS J 281 -36.66 68.95 -25.80
N TYR J 282 -37.72 68.14 -25.64
CA TYR J 282 -38.87 68.42 -24.74
C TYR J 282 -38.38 68.54 -23.29
N LEU J 283 -37.57 67.58 -22.81
CA LEU J 283 -37.10 67.53 -21.40
C LEU J 283 -35.94 68.51 -21.16
N GLU J 284 -35.30 69.04 -22.21
CA GLU J 284 -34.24 70.08 -22.12
C GLU J 284 -34.84 71.48 -22.26
N ASN J 285 -35.97 71.63 -22.97
CA ASN J 285 -36.67 72.93 -23.15
C ASN J 285 -37.33 73.36 -21.83
N ARG J 286 -37.92 72.41 -21.08
CA ARG J 286 -38.62 72.65 -19.79
C ARG J 286 -37.95 71.82 -18.68
N LEU J 287 -36.61 71.83 -18.62
CA LEU J 287 -35.80 71.07 -17.62
C LEU J 287 -36.07 71.56 -16.20
N TRP J 288 -36.47 72.83 -16.02
CA TRP J 288 -36.87 73.43 -14.73
C TRP J 288 -38.20 74.19 -14.87
N GLN J 289 -39.31 73.55 -14.49
CA GLN J 289 -40.66 74.15 -14.35
C GLN J 289 -41.02 74.21 -12.86
N ASP J 290 -41.04 73.05 -12.19
CA ASP J 290 -41.20 72.92 -10.71
C ASP J 290 -39.80 72.98 -10.07
N LYS J 291 -39.70 72.77 -8.75
CA LYS J 291 -38.40 72.57 -8.06
C LYS J 291 -38.12 71.05 -8.01
N GLY J 292 -37.98 70.45 -9.19
CA GLY J 292 -37.41 69.11 -9.38
C GLY J 292 -38.43 67.99 -9.38
N LEU J 293 -39.66 68.25 -9.85
CA LEU J 293 -40.65 67.20 -10.22
C LEU J 293 -40.31 66.68 -11.63
N ILE J 294 -39.30 67.26 -12.30
CA ILE J 294 -38.74 66.78 -13.59
C ILE J 294 -37.22 66.54 -13.46
N ALA J 295 -36.48 67.45 -12.80
CA ALA J 295 -34.99 67.43 -12.69
C ALA J 295 -34.54 66.61 -11.47
N ASN J 296 -35.10 66.87 -10.29
CA ASN J 296 -34.78 66.18 -9.01
C ASN J 296 -35.65 64.91 -8.89
N LEU J 297 -35.77 64.15 -9.98
CA LEU J 297 -36.43 62.81 -10.01
C LEU J 297 -35.35 61.76 -9.77
N LYS J 298 -35.65 60.76 -8.93
CA LYS J 298 -34.69 59.69 -8.52
C LYS J 298 -34.30 58.88 -9.75
N MET J 299 -33.01 58.54 -9.85
CA MET J 299 -32.43 57.79 -11.01
C MET J 299 -31.57 56.63 -10.48
N ASN J 300 -31.61 55.52 -11.22
CA ASN J 300 -31.00 54.20 -10.86
C ASN J 300 -29.68 54.05 -11.60
N ALA J 301 -28.81 53.16 -11.10
CA ALA J 301 -27.52 52.77 -11.72
C ALA J 301 -27.79 52.07 -13.06
N LEU J 302 -28.71 51.09 -13.09
CA LEU J 302 -29.04 50.26 -14.28
C LEU J 302 -29.64 51.15 -15.39
N GLU J 303 -30.42 52.17 -15.02
CA GLU J 303 -31.19 53.05 -15.95
C GLU J 303 -30.37 54.29 -16.35
N ALA J 304 -29.10 54.40 -15.94
CA ALA J 304 -28.22 55.56 -16.22
C ALA J 304 -27.25 55.25 -17.37
N THR J 305 -26.60 54.08 -17.29
CA THR J 305 -25.47 53.66 -18.18
C THR J 305 -25.96 53.43 -19.61
N VAL J 306 -27.29 53.35 -19.82
CA VAL J 306 -27.91 53.44 -21.17
C VAL J 306 -27.60 54.83 -21.76
N MET J 307 -27.86 55.92 -21.01
CA MET J 307 -27.65 57.32 -21.49
C MET J 307 -26.15 57.64 -21.46
N LEU J 308 -25.47 57.32 -20.36
CA LEU J 308 -23.99 57.51 -20.17
C LEU J 308 -23.23 56.69 -21.22
N ASN J 309 -23.81 55.57 -21.68
CA ASN J 309 -23.24 54.64 -22.70
C ASN J 309 -22.05 53.91 -22.05
N CYS J 310 -22.35 53.19 -20.96
CA CYS J 310 -21.42 52.34 -20.18
C CYS J 310 -22.11 51.00 -19.89
N SER J 311 -21.47 50.13 -19.09
CA SER J 311 -22.05 48.87 -18.57
C SER J 311 -21.75 48.75 -17.06
N LEU J 312 -22.08 49.81 -16.31
CA LEU J 312 -21.88 50.04 -14.85
C LEU J 312 -20.51 49.54 -14.35
N ASP J 313 -19.48 49.53 -15.22
CA ASP J 313 -18.09 49.12 -14.89
C ASP J 313 -17.24 50.37 -14.59
N GLN J 314 -17.63 51.53 -15.14
CA GLN J 314 -16.92 52.83 -14.99
C GLN J 314 -17.57 53.67 -13.88
N ILE J 315 -18.78 53.32 -13.41
CA ILE J 315 -19.55 54.09 -12.40
C ILE J 315 -18.74 54.18 -11.10
N ALA J 316 -17.97 53.13 -10.78
CA ALA J 316 -16.93 53.12 -9.72
C ALA J 316 -16.01 54.33 -9.90
N SER J 317 -15.40 54.45 -11.09
CA SER J 317 -14.48 55.56 -11.47
C SER J 317 -15.24 56.88 -11.68
N MET J 318 -16.58 56.87 -11.76
CA MET J 318 -17.43 58.09 -11.84
C MET J 318 -17.76 58.62 -10.42
N VAL J 319 -17.99 57.74 -9.44
CA VAL J 319 -18.47 58.13 -8.08
C VAL J 319 -17.30 58.14 -7.07
N GLU J 320 -16.24 57.35 -7.29
CA GLU J 320 -15.04 57.32 -6.39
C GLU J 320 -13.95 58.28 -6.90
N GLN J 321 -14.11 58.89 -8.08
CA GLN J 321 -13.25 60.02 -8.56
C GLN J 321 -13.98 61.36 -8.38
N ARG J 322 -15.21 61.34 -7.85
CA ARG J 322 -16.00 62.53 -7.41
C ARG J 322 -16.42 63.36 -8.63
N ILE J 323 -16.87 62.72 -9.71
CA ILE J 323 -17.60 63.36 -10.85
C ILE J 323 -19.10 63.27 -10.55
N LEU J 324 -19.58 62.05 -10.30
CA LEU J 324 -20.97 61.79 -9.80
C LEU J 324 -20.92 61.75 -8.26
N LYS J 325 -21.89 62.41 -7.61
CA LYS J 325 -21.99 62.48 -6.12
C LYS J 325 -23.24 61.71 -5.68
N PRO J 326 -23.12 60.73 -4.76
CA PRO J 326 -24.26 59.92 -4.33
C PRO J 326 -25.13 60.63 -3.27
N ASN J 327 -26.45 60.43 -3.33
CA ASN J 327 -27.47 61.17 -2.54
C ASN J 327 -28.30 60.19 -1.71
N ALA J 328 -28.66 60.57 -0.48
CA ALA J 328 -29.42 59.76 0.51
C ALA J 328 -28.67 58.47 0.82
N ALA J 329 -27.53 58.55 1.53
CA ALA J 329 -26.96 59.77 2.10
C ALA J 329 -25.66 60.12 1.37
N ALA J 330 -24.61 59.30 1.55
CA ALA J 330 -23.22 59.56 1.09
C ALA J 330 -22.43 58.25 1.01
N ALA J 331 -21.14 58.33 0.70
CA ALA J 331 -20.19 57.20 0.60
C ALA J 331 -19.07 57.34 1.64
N ALA J 332 -18.39 56.23 1.95
CA ALA J 332 -17.20 56.15 2.83
C ALA J 332 -16.09 55.36 2.11
N ALA J 333 -15.93 55.61 0.80
CA ALA J 333 -15.06 54.85 -0.14
C ALA J 333 -15.49 53.38 -0.18
N ALA J 334 -16.78 53.10 0.01
CA ALA J 334 -17.36 51.73 0.07
C ALA J 334 -18.79 51.68 -0.50
N ALA J 335 -19.18 52.65 -1.34
CA ALA J 335 -20.52 52.75 -1.96
C ALA J 335 -20.44 52.41 -3.44
N ALA J 336 -20.57 51.11 -3.77
CA ALA J 336 -20.63 50.56 -5.14
C ALA J 336 -22.02 49.95 -5.37
N ASP J 337 -23.00 50.80 -5.70
CA ASP J 337 -24.44 50.44 -5.79
C ASP J 337 -24.74 49.89 -7.19
N VAL J 338 -25.75 49.03 -7.29
CA VAL J 338 -26.14 48.30 -8.55
C VAL J 338 -27.62 48.54 -8.90
N THR J 339 -28.52 48.63 -7.90
CA THR J 339 -30.00 48.47 -8.09
C THR J 339 -30.80 49.68 -7.56
N ASP J 340 -30.28 50.46 -6.60
CA ASP J 340 -31.05 51.54 -5.91
C ASP J 340 -31.18 52.76 -6.83
N TYR J 341 -32.30 53.49 -6.72
CA TYR J 341 -32.54 54.79 -7.39
C TYR J 341 -31.86 55.89 -6.56
N LEU J 342 -30.55 56.04 -6.75
CA LEU J 342 -29.64 56.78 -5.81
C LEU J 342 -29.48 58.23 -6.27
N PHE J 343 -29.19 58.45 -7.56
CA PHE J 343 -28.74 59.75 -8.13
C PHE J 343 -29.95 60.55 -8.62
N HIS J 344 -29.70 61.76 -9.13
CA HIS J 344 -30.72 62.70 -9.69
C HIS J 344 -30.44 62.93 -11.17
N PHE J 345 -31.49 63.11 -11.98
CA PHE J 345 -31.46 63.24 -13.46
C PHE J 345 -30.58 64.43 -13.89
N GLY J 346 -30.62 65.53 -13.13
CA GLY J 346 -29.83 66.75 -13.36
C GLY J 346 -28.35 66.45 -13.54
N ASP J 347 -27.78 65.68 -12.62
CA ASP J 347 -26.35 65.24 -12.67
C ASP J 347 -26.12 64.35 -13.89
N ILE J 348 -26.99 63.34 -14.11
CA ILE J 348 -26.88 62.35 -15.23
C ILE J 348 -26.84 63.11 -16.57
N PHE J 349 -27.89 63.90 -16.83
CA PHE J 349 -28.07 64.66 -18.10
C PHE J 349 -26.91 65.64 -18.32
N CYS J 350 -26.52 66.36 -17.26
CA CYS J 350 -25.47 67.41 -17.31
C CYS J 350 -24.10 66.77 -17.55
N LEU J 351 -23.73 65.76 -16.76
CA LEU J 351 -22.43 65.04 -16.90
C LEU J 351 -22.40 64.24 -18.21
N TRP J 352 -23.56 63.82 -18.73
CA TRP J 352 -23.65 63.22 -20.09
C TRP J 352 -23.16 64.24 -21.13
N LEU J 353 -23.84 65.40 -21.22
CA LEU J 353 -23.56 66.46 -22.23
C LEU J 353 -22.13 67.02 -22.02
N ALA J 354 -21.59 66.91 -20.80
CA ALA J 354 -20.27 67.47 -20.40
C ALA J 354 -19.13 66.46 -20.55
N ALA J 355 -19.39 65.14 -20.47
CA ALA J 355 -18.31 64.11 -20.37
C ALA J 355 -18.52 62.89 -21.29
N PHE J 356 -19.75 62.54 -21.69
CA PHE J 356 -20.04 61.29 -22.45
C PHE J 356 -20.93 61.58 -23.67
N GLN J 357 -20.58 62.61 -24.45
CA GLN J 357 -21.20 62.91 -25.76
C GLN J 357 -20.53 62.02 -26.84
N SER J 358 -20.91 62.22 -28.11
CA SER J 358 -20.29 61.57 -29.29
C SER J 358 -20.31 62.53 -30.49
N ASP J 359 -19.89 62.06 -31.67
CA ASP J 359 -19.93 62.81 -32.96
C ASP J 359 -21.32 62.63 -33.60
N GLU J 360 -22.04 61.56 -33.20
CA GLU J 360 -23.39 61.19 -33.70
C GLU J 360 -24.43 61.40 -32.58
N PHE J 361 -24.08 61.03 -31.33
CA PHE J 361 -24.87 61.27 -30.09
C PHE J 361 -24.45 62.61 -29.48
N ASN J 362 -24.50 63.68 -30.28
CA ASN J 362 -24.02 65.05 -29.94
C ASN J 362 -25.24 65.98 -29.75
N ARG J 363 -25.00 67.22 -29.34
CA ARG J 363 -26.05 68.25 -29.05
C ARG J 363 -26.39 69.06 -30.32
N SER J 364 -25.54 69.02 -31.35
CA SER J 364 -25.59 69.90 -32.55
C SER J 364 -26.48 69.31 -33.66
N PHE J 365 -27.57 68.62 -33.29
CA PHE J 365 -28.48 67.89 -34.23
C PHE J 365 -29.95 68.18 -33.89
N TYR J 366 -30.33 68.13 -32.61
CA TYR J 366 -31.65 68.63 -32.10
C TYR J 366 -31.58 70.16 -31.99
N VAL J 367 -32.57 70.80 -31.36
CA VAL J 367 -32.90 72.26 -31.47
C VAL J 367 -31.64 73.13 -31.58
N SER J 368 -31.68 74.17 -32.44
CA SER J 368 -32.82 74.57 -33.24
C SER J 368 -32.78 73.85 -34.60
N ARG J 369 -33.78 73.01 -34.89
CA ARG J 369 -33.89 72.24 -36.16
C ARG J 369 -34.19 73.20 -37.31
#